data_5URN
#
_entry.id   5URN
#
_cell.length_a   1.000
_cell.length_b   1.000
_cell.length_c   1.000
_cell.angle_alpha   90.00
_cell.angle_beta   90.00
_cell.angle_gamma   90.00
#
_symmetry.space_group_name_H-M   'P 1'
#
loop_
_entity.id
_entity.type
_entity.pdbx_description
1 polymer 'RNA polymerase II transcription factor B subunit 1'
2 polymer 'Transcription factor p65'
#
loop_
_entity_poly.entity_id
_entity_poly.type
_entity_poly.pdbx_seq_one_letter_code
_entity_poly.pdbx_strand_id
1 'polypeptide(L)'
;PSHSGAAIFEKVSGIIAINEDVSPAELTWRSTDGDKVHTVVLSTIDKLQATPASSEKMMLRLIGKVDESKKRKDNEGNEV
VPKPQRHMFSFNNRTVMDNIKMTLQQIISRYKDAD
;
A
2 'polypeptide(L)' GSPGYPNGLLSGDEDFSSIADMDFSALLSQISS B
#
# COMPACT_ATOMS: atom_id res chain seq x y z
N PRO A 1 3.24 5.90 -19.57
CA PRO A 1 2.02 5.45 -18.85
C PRO A 1 1.55 4.08 -19.35
N SER A 2 1.35 3.17 -18.40
CA SER A 2 0.88 1.80 -18.72
C SER A 2 -0.36 1.44 -17.90
N HIS A 3 -0.43 1.93 -16.63
CA HIS A 3 -1.55 1.71 -15.69
C HIS A 3 -1.64 0.27 -15.18
N SER A 4 -1.24 -0.69 -16.02
CA SER A 4 -1.30 -2.10 -15.67
C SER A 4 0.04 -2.78 -15.90
N GLY A 5 0.37 -3.72 -15.02
CA GLY A 5 1.62 -4.45 -15.09
C GLY A 5 1.50 -5.84 -14.52
N ALA A 6 2.30 -6.12 -13.48
CA ALA A 6 2.25 -7.39 -12.75
C ALA A 6 2.60 -7.18 -11.28
N ALA A 7 1.70 -7.59 -10.39
CA ALA A 7 1.89 -7.38 -8.95
C ALA A 7 1.42 -8.58 -8.12
N ILE A 8 2.03 -8.76 -6.94
CA ILE A 8 1.64 -9.81 -5.98
C ILE A 8 1.04 -9.15 -4.73
N PHE A 9 -0.05 -9.75 -4.23
CA PHE A 9 -0.75 -9.25 -3.04
C PHE A 9 -1.20 -10.42 -2.18
N GLU A 10 -0.75 -10.43 -0.91
CA GLU A 10 -1.05 -11.52 0.07
C GLU A 10 -0.52 -12.89 -0.41
N LYS A 11 0.68 -12.86 -1.01
CA LYS A 11 1.42 -14.07 -1.48
C LYS A 11 0.78 -14.75 -2.71
N VAL A 12 -0.39 -14.27 -3.13
CA VAL A 12 -1.04 -14.73 -4.36
C VAL A 12 -0.64 -13.77 -5.51
N SER A 13 0.00 -14.34 -6.54
CA SER A 13 0.51 -13.55 -7.66
C SER A 13 -0.58 -13.22 -8.66
N GLY A 14 -0.58 -11.97 -9.12
CA GLY A 14 -1.59 -11.51 -10.04
C GLY A 14 -1.11 -10.38 -10.92
N ILE A 15 -2.07 -9.63 -11.46
CA ILE A 15 -1.80 -8.49 -12.34
C ILE A 15 -2.50 -7.24 -11.78
N ILE A 16 -1.80 -6.10 -11.82
CA ILE A 16 -2.33 -4.83 -11.30
C ILE A 16 -2.87 -3.95 -12.45
N ALA A 17 -4.00 -3.30 -12.20
CA ALA A 17 -4.60 -2.38 -13.16
C ALA A 17 -5.09 -1.11 -12.49
N ILE A 18 -4.89 0.04 -13.16
CA ILE A 18 -5.40 1.32 -12.67
C ILE A 18 -6.72 1.67 -13.37
N ASN A 19 -7.63 2.22 -12.57
CA ASN A 19 -9.00 2.52 -12.99
C ASN A 19 -9.22 4.03 -13.08
N GLU A 20 -9.16 4.58 -14.29
CA GLU A 20 -9.45 6.00 -14.53
C GLU A 20 -10.59 6.13 -15.54
N ASP A 21 -11.16 7.36 -15.67
CA ASP A 21 -12.40 7.62 -16.48
C ASP A 21 -13.64 7.05 -15.77
N VAL A 22 -13.40 6.48 -14.59
CA VAL A 22 -14.43 5.86 -13.75
C VAL A 22 -14.79 6.79 -12.58
N SER A 23 -15.62 6.28 -11.65
CA SER A 23 -15.88 6.99 -10.38
C SER A 23 -14.62 6.79 -9.54
N PRO A 24 -14.31 7.61 -8.48
CA PRO A 24 -12.91 8.04 -8.24
C PRO A 24 -11.88 6.93 -8.43
N ALA A 25 -10.85 7.26 -9.22
CA ALA A 25 -9.90 6.29 -9.79
C ALA A 25 -9.36 5.32 -8.75
N GLU A 26 -9.38 4.04 -9.11
CA GLU A 26 -9.05 2.96 -8.19
C GLU A 26 -8.01 2.00 -8.74
N LEU A 27 -7.13 1.55 -7.87
CA LEU A 27 -6.02 0.67 -8.23
C LEU A 27 -6.47 -0.76 -7.93
N THR A 28 -6.78 -1.48 -8.99
CA THR A 28 -7.41 -2.78 -8.89
C THR A 28 -6.43 -3.91 -9.17
N TRP A 29 -6.04 -4.63 -8.11
CA TRP A 29 -5.26 -5.86 -8.24
C TRP A 29 -6.19 -7.04 -8.49
N ARG A 30 -5.85 -7.84 -9.49
CA ARG A 30 -6.56 -9.08 -9.78
C ARG A 30 -5.58 -10.23 -9.82
N SER A 31 -6.08 -11.46 -9.60
CA SER A 31 -5.25 -12.66 -9.64
C SER A 31 -4.76 -12.92 -11.08
N THR A 32 -3.80 -13.82 -11.28
CA THR A 32 -3.26 -14.10 -12.63
C THR A 32 -4.37 -14.47 -13.65
N ASP A 33 -5.44 -15.08 -13.14
CA ASP A 33 -6.67 -15.31 -13.93
C ASP A 33 -7.71 -14.23 -13.61
N GLY A 34 -7.69 -13.76 -12.35
CA GLY A 34 -8.55 -12.67 -11.90
C GLY A 34 -9.72 -13.13 -11.05
N ASP A 35 -9.64 -14.36 -10.51
CA ASP A 35 -10.64 -14.89 -9.58
C ASP A 35 -10.62 -14.14 -8.23
N LYS A 36 -9.44 -13.64 -7.86
CA LYS A 36 -9.27 -12.80 -6.68
C LYS A 36 -9.04 -11.35 -7.12
N VAL A 37 -9.68 -10.40 -6.41
CA VAL A 37 -9.57 -8.99 -6.78
C VAL A 37 -9.59 -8.06 -5.54
N HIS A 38 -8.64 -7.11 -5.51
CA HIS A 38 -8.56 -6.09 -4.45
C HIS A 38 -8.55 -4.70 -5.10
N THR A 39 -9.20 -3.72 -4.44
CA THR A 39 -9.39 -2.39 -5.03
C THR A 39 -8.93 -1.27 -4.08
N VAL A 40 -8.09 -0.36 -4.62
CA VAL A 40 -7.63 0.82 -3.90
C VAL A 40 -8.16 2.12 -4.57
N VAL A 41 -9.13 2.78 -3.92
CA VAL A 41 -9.65 4.08 -4.39
C VAL A 41 -8.67 5.19 -3.95
N LEU A 42 -8.08 5.89 -4.92
CA LEU A 42 -6.99 6.85 -4.62
C LEU A 42 -7.49 8.16 -4.01
N SER A 43 -8.80 8.45 -4.14
CA SER A 43 -9.41 9.62 -3.50
C SER A 43 -9.47 9.42 -1.97
N THR A 44 -9.07 8.21 -1.55
CA THR A 44 -9.02 7.83 -0.13
C THR A 44 -7.56 7.58 0.32
N ILE A 45 -6.63 7.71 -0.63
CA ILE A 45 -5.20 7.48 -0.41
C ILE A 45 -4.46 8.82 -0.28
N ASP A 46 -3.48 8.86 0.64
CA ASP A 46 -2.72 10.08 0.89
C ASP A 46 -1.27 9.96 0.38
N LYS A 47 -0.64 8.79 0.60
CA LYS A 47 0.77 8.58 0.20
C LYS A 47 1.00 7.26 -0.53
N LEU A 48 2.23 7.09 -1.06
CA LEU A 48 2.67 5.85 -1.75
C LEU A 48 4.18 5.68 -1.57
N GLN A 49 4.63 4.49 -1.14
CA GLN A 49 6.08 4.22 -0.97
C GLN A 49 6.48 2.94 -1.71
N ALA A 50 7.49 3.03 -2.61
CA ALA A 50 7.98 1.87 -3.39
C ALA A 50 9.43 1.52 -3.05
N THR A 51 9.79 0.22 -3.22
CA THR A 51 11.17 -0.27 -2.99
C THR A 51 12.15 0.29 -4.04
N PRO A 52 13.23 1.04 -3.63
CA PRO A 52 14.28 1.52 -4.55
C PRO A 52 14.96 0.38 -5.32
N ALA A 53 15.68 0.74 -6.40
CA ALA A 53 16.44 -0.21 -7.22
C ALA A 53 17.73 -0.66 -6.51
N SER A 54 18.03 -0.01 -5.37
CA SER A 54 19.12 -0.40 -4.50
C SER A 54 18.63 -1.33 -3.38
N SER A 55 17.31 -1.33 -3.16
CA SER A 55 16.66 -2.17 -2.16
C SER A 55 16.60 -3.64 -2.57
N GLU A 56 16.85 -4.52 -1.59
CA GLU A 56 16.78 -5.98 -1.77
C GLU A 56 15.37 -6.46 -2.09
N LYS A 57 14.42 -5.57 -1.85
CA LYS A 57 13.01 -5.87 -1.89
C LYS A 57 12.35 -5.49 -3.21
N MET A 58 11.31 -6.24 -3.56
CA MET A 58 10.41 -5.87 -4.67
C MET A 58 9.00 -5.72 -4.12
N MET A 59 8.61 -4.46 -3.85
CA MET A 59 7.31 -4.14 -3.22
C MET A 59 6.88 -2.71 -3.52
N LEU A 60 5.58 -2.45 -3.35
CA LEU A 60 4.98 -1.13 -3.54
C LEU A 60 3.91 -0.88 -2.48
N ARG A 61 4.09 0.15 -1.67
CA ARG A 61 3.17 0.47 -0.57
C ARG A 61 2.21 1.59 -0.95
N LEU A 62 0.98 1.50 -0.45
CA LEU A 62 -0.06 2.49 -0.68
C LEU A 62 -0.66 2.95 0.66
N ILE A 63 -0.44 4.22 0.99
CA ILE A 63 -0.76 4.77 2.31
C ILE A 63 -2.16 5.39 2.31
N GLY A 64 -2.99 4.92 3.24
CA GLY A 64 -4.38 5.38 3.33
C GLY A 64 -4.55 6.66 4.11
N LYS A 65 -5.74 7.26 3.98
CA LYS A 65 -6.07 8.52 4.63
C LYS A 65 -6.63 8.32 6.04
N VAL A 66 -5.90 8.87 7.01
CA VAL A 66 -6.28 8.83 8.43
C VAL A 66 -6.43 10.24 9.00
N ASP A 67 -7.35 10.37 9.95
CA ASP A 67 -7.57 11.64 10.66
C ASP A 67 -6.66 11.67 11.90
N GLU A 68 -5.56 12.41 11.80
CA GLU A 68 -4.57 12.51 12.88
C GLU A 68 -4.91 13.61 13.90
N SER A 69 -6.01 14.34 13.66
CA SER A 69 -6.47 15.39 14.59
C SER A 69 -7.22 14.80 15.79
N LYS A 70 -7.37 13.47 15.79
CA LYS A 70 -8.02 12.73 16.89
C LYS A 70 -6.97 12.15 17.86
N LYS A 71 -5.88 12.91 18.04
CA LYS A 71 -4.72 12.52 18.87
C LYS A 71 -5.14 11.93 20.23
N ARG A 72 -4.72 10.69 20.48
CA ARG A 72 -5.08 9.98 21.70
C ARG A 72 -3.92 9.99 22.69
N LYS A 73 -4.24 9.91 23.98
CA LYS A 73 -3.23 9.90 25.04
C LYS A 73 -3.47 8.72 25.98
N ASP A 74 -2.37 8.19 26.53
CA ASP A 74 -2.40 7.00 27.39
C ASP A 74 -2.73 7.39 28.86
N ASN A 75 -2.71 6.41 29.79
CA ASN A 75 -3.10 6.64 31.20
C ASN A 75 -2.30 7.75 31.89
N GLU A 76 -1.03 7.91 31.49
CA GLU A 76 -0.14 8.90 32.11
C GLU A 76 -0.18 10.25 31.39
N GLY A 77 -0.81 10.26 30.20
CA GLY A 77 -0.91 11.48 29.41
C GLY A 77 0.13 11.56 28.30
N ASN A 78 0.58 10.38 27.85
CA ASN A 78 1.57 10.28 26.77
C ASN A 78 0.86 10.26 25.41
N GLU A 79 1.46 10.96 24.43
CA GLU A 79 0.85 11.10 23.10
C GLU A 79 0.94 9.79 22.31
N VAL A 80 -0.22 9.21 22.04
CA VAL A 80 -0.32 7.99 21.24
C VAL A 80 -1.24 8.25 20.05
N VAL A 81 -0.62 8.48 18.90
CA VAL A 81 -1.33 8.93 17.72
C VAL A 81 -1.66 7.76 16.76
N PRO A 82 -2.96 7.59 16.35
CA PRO A 82 -3.37 6.52 15.40
C PRO A 82 -2.78 6.71 14.00
N LYS A 83 -2.15 5.65 13.50
CA LYS A 83 -1.40 5.71 12.23
C LYS A 83 -2.25 5.25 11.03
N PRO A 84 -1.96 5.77 9.78
CA PRO A 84 -2.63 5.33 8.55
C PRO A 84 -2.23 3.91 8.11
N GLN A 85 -3.14 3.25 7.39
CA GLN A 85 -2.93 1.89 6.90
C GLN A 85 -2.32 1.88 5.50
N ARG A 86 -1.32 1.02 5.31
CA ARG A 86 -0.53 0.99 4.08
C ARG A 86 -0.76 -0.34 3.33
N HIS A 87 -0.88 -0.26 1.99
CA HIS A 87 -1.15 -1.43 1.14
C HIS A 87 0.08 -1.78 0.29
N MET A 88 0.66 -2.96 0.53
CA MET A 88 1.89 -3.38 -0.16
C MET A 88 1.57 -4.28 -1.37
N PHE A 89 2.39 -4.16 -2.42
CA PHE A 89 2.30 -5.02 -3.61
C PHE A 89 3.71 -5.45 -4.05
N SER A 90 3.93 -6.76 -4.19
CA SER A 90 5.24 -7.28 -4.62
C SER A 90 5.37 -7.26 -6.14
N PHE A 91 6.60 -6.98 -6.60
CA PHE A 91 6.89 -6.77 -8.02
C PHE A 91 8.07 -7.63 -8.50
N ASN A 92 8.35 -7.55 -9.81
CA ASN A 92 9.49 -8.24 -10.41
C ASN A 92 10.44 -7.26 -11.12
N ASN A 93 9.95 -6.03 -11.37
CA ASN A 93 10.73 -4.98 -12.06
C ASN A 93 10.45 -3.61 -11.45
N ARG A 94 11.50 -2.77 -11.38
CA ARG A 94 11.40 -1.40 -10.84
C ARG A 94 10.81 -0.42 -11.86
N THR A 95 10.83 -0.81 -13.13
CA THR A 95 10.33 0.04 -14.22
C THR A 95 8.79 0.03 -14.27
N VAL A 96 8.17 -0.98 -13.66
CA VAL A 96 6.70 -1.04 -13.54
C VAL A 96 6.25 -0.21 -12.33
N MET A 97 6.69 -0.60 -11.12
CA MET A 97 6.32 0.10 -9.85
C MET A 97 6.45 1.63 -9.96
N ASP A 98 7.51 2.09 -10.63
CA ASP A 98 7.74 3.53 -10.84
C ASP A 98 6.74 4.12 -11.85
N ASN A 99 6.21 3.28 -12.74
CA ASN A 99 5.20 3.69 -13.73
C ASN A 99 3.78 3.60 -13.17
N ILE A 100 3.52 2.63 -12.27
CA ILE A 100 2.22 2.54 -11.55
C ILE A 100 2.12 3.70 -10.54
N LYS A 101 3.15 3.83 -9.69
CA LYS A 101 3.27 4.93 -8.72
C LYS A 101 3.17 6.31 -9.38
N MET A 102 3.82 6.46 -10.55
CA MET A 102 3.76 7.69 -11.36
C MET A 102 2.30 8.08 -11.66
N THR A 103 1.51 7.14 -12.21
CA THR A 103 0.08 7.37 -12.47
C THR A 103 -0.66 7.66 -11.15
N LEU A 104 -0.57 6.73 -10.17
CA LEU A 104 -1.14 6.89 -8.82
C LEU A 104 -0.87 8.29 -8.28
N GLN A 105 0.42 8.63 -8.18
CA GLN A 105 0.89 9.95 -7.73
C GLN A 105 0.22 11.13 -8.45
N GLN A 106 -0.14 10.91 -9.72
CA GLN A 106 -0.81 11.93 -10.54
C GLN A 106 -2.33 11.94 -10.29
N ILE A 107 -2.84 10.82 -9.74
CA ILE A 107 -4.24 10.68 -9.36
C ILE A 107 -4.52 11.31 -7.97
N ILE A 108 -3.63 11.05 -6.99
CA ILE A 108 -3.82 11.56 -5.60
C ILE A 108 -3.64 13.08 -5.55
N SER A 109 -2.74 13.60 -6.41
CA SER A 109 -2.49 15.04 -6.53
C SER A 109 -3.73 15.79 -7.07
N ARG A 110 -4.65 15.06 -7.70
CA ARG A 110 -5.95 15.60 -8.15
C ARG A 110 -6.92 15.71 -6.98
N TYR A 111 -6.91 14.67 -6.12
CA TYR A 111 -7.71 14.65 -4.88
C TYR A 111 -6.99 15.37 -3.74
N LYS A 112 -5.77 15.85 -4.03
CA LYS A 112 -4.94 16.60 -3.09
C LYS A 112 -5.25 18.10 -3.17
N ASP A 113 -5.64 18.54 -4.38
CA ASP A 113 -6.04 19.92 -4.63
C ASP A 113 -7.53 20.11 -4.41
N ALA A 114 -8.33 19.07 -4.71
CA ALA A 114 -9.80 19.07 -4.53
C ALA A 114 -10.47 20.26 -5.25
N ASP A 115 -10.77 20.05 -6.53
CA ASP A 115 -11.41 21.06 -7.36
C ASP A 115 -12.80 20.57 -7.83
N GLY B 1 23.60 -24.34 -3.99
CA GLY B 1 23.47 -25.61 -3.22
C GLY B 1 22.24 -26.40 -3.59
N SER B 2 21.23 -26.36 -2.71
CA SER B 2 19.98 -27.08 -2.93
C SER B 2 18.76 -26.16 -2.71
N PRO B 3 17.77 -26.13 -3.65
CA PRO B 3 16.55 -25.29 -3.50
C PRO B 3 15.56 -25.83 -2.46
N GLY B 4 14.88 -24.92 -1.75
CA GLY B 4 13.92 -25.31 -0.73
C GLY B 4 12.68 -24.44 -0.72
N TYR B 5 11.68 -24.86 0.07
CA TYR B 5 10.41 -24.13 0.20
C TYR B 5 10.35 -23.34 1.52
N PRO B 6 10.46 -21.97 1.49
CA PRO B 6 10.34 -21.15 2.73
C PRO B 6 8.92 -21.17 3.32
N ASN B 7 8.85 -21.33 4.65
CA ASN B 7 7.57 -21.37 5.37
C ASN B 7 7.46 -20.22 6.36
N GLY B 8 6.32 -19.55 6.35
CA GLY B 8 6.08 -18.42 7.25
C GLY B 8 4.63 -18.28 7.65
N LEU B 9 4.15 -19.23 8.45
CA LEU B 9 2.77 -19.25 8.94
C LEU B 9 2.71 -19.26 10.46
N LEU B 10 3.62 -18.51 11.10
CA LEU B 10 3.73 -18.48 12.56
C LEU B 10 2.63 -17.62 13.20
N SER B 11 1.82 -16.98 12.36
CA SER B 11 0.70 -16.14 12.81
C SER B 11 -0.44 -16.16 11.79
N GLY B 12 -0.24 -15.51 10.63
CA GLY B 12 -1.22 -15.51 9.57
C GLY B 12 -0.64 -15.06 8.26
N ASP B 13 -0.87 -13.79 7.96
CA ASP B 13 -0.40 -13.16 6.72
C ASP B 13 -0.20 -11.65 6.90
N GLU B 14 -0.95 -11.07 7.84
CA GLU B 14 -0.94 -9.63 8.10
C GLU B 14 -0.01 -9.24 9.25
N ASP B 15 0.70 -10.23 9.76
CA ASP B 15 1.63 -10.06 10.87
C ASP B 15 3.06 -9.76 10.37
N PHE B 16 3.28 -9.93 9.06
CA PHE B 16 4.59 -9.71 8.46
C PHE B 16 4.73 -8.31 7.85
N SER B 17 3.59 -7.66 7.62
CA SER B 17 3.55 -6.30 7.07
C SER B 17 3.66 -5.23 8.17
N SER B 18 3.57 -5.68 9.43
CA SER B 18 3.73 -4.80 10.59
C SER B 18 5.21 -4.61 10.97
N ILE B 19 5.99 -5.69 10.77
CA ILE B 19 7.43 -5.65 10.97
C ILE B 19 8.16 -5.21 9.69
N ALA B 20 7.51 -5.42 8.54
CA ALA B 20 8.06 -4.98 7.27
C ALA B 20 7.69 -3.52 6.97
N ASP B 21 7.09 -2.86 7.98
CA ASP B 21 6.81 -1.43 7.95
C ASP B 21 8.01 -0.66 8.54
N MET B 22 8.72 -1.33 9.46
CA MET B 22 10.00 -0.85 9.97
C MET B 22 11.12 -1.06 8.94
N ASP B 23 10.84 -1.95 7.98
CA ASP B 23 11.75 -2.27 6.89
C ASP B 23 11.76 -1.21 5.78
N PHE B 24 10.61 -0.54 5.58
CA PHE B 24 10.42 0.35 4.42
C PHE B 24 10.99 1.75 4.65
N SER B 25 11.08 2.19 5.93
CA SER B 25 11.55 3.53 6.27
C SER B 25 13.08 3.62 6.26
N ALA B 26 13.75 2.45 6.30
CA ALA B 26 15.21 2.38 6.29
C ALA B 26 15.75 2.26 4.85
N LEU B 27 14.87 2.00 3.89
CA LEU B 27 15.25 1.82 2.49
C LEU B 27 15.29 3.14 1.70
N LEU B 28 14.35 4.05 2.00
CA LEU B 28 14.25 5.34 1.28
C LEU B 28 15.29 6.33 1.78
N SER B 29 15.67 6.16 3.05
CA SER B 29 16.70 6.99 3.69
C SER B 29 18.07 6.29 3.68
N GLN B 30 18.09 5.01 4.13
CA GLN B 30 19.32 4.18 4.19
C GLN B 30 20.47 4.85 4.95
N ILE B 31 20.63 4.45 6.22
CA ILE B 31 21.68 4.99 7.09
C ILE B 31 22.55 3.87 7.66
N SER B 32 23.86 4.07 7.64
CA SER B 32 24.83 3.10 8.15
C SER B 32 25.36 3.53 9.52
N SER B 33 25.43 2.57 10.44
CA SER B 33 25.93 2.83 11.81
C SER B 33 27.26 2.11 12.05
N PRO A 1 4.02 5.19 -20.26
CA PRO A 1 2.94 5.11 -19.24
C PRO A 1 2.29 3.73 -19.23
N SER A 2 2.16 3.16 -18.02
CA SER A 2 1.55 1.85 -17.84
C SER A 2 0.63 1.85 -16.62
N HIS A 3 -0.68 1.74 -16.89
CA HIS A 3 -1.70 1.65 -15.84
C HIS A 3 -1.83 0.20 -15.33
N SER A 4 -1.10 -0.71 -15.99
CA SER A 4 -1.15 -2.13 -15.65
C SER A 4 0.21 -2.80 -15.87
N GLY A 5 0.50 -3.78 -15.02
CA GLY A 5 1.74 -4.52 -15.11
C GLY A 5 1.62 -5.90 -14.50
N ALA A 6 2.42 -6.16 -13.46
CA ALA A 6 2.35 -7.42 -12.71
C ALA A 6 2.69 -7.17 -11.24
N ALA A 7 1.80 -7.61 -10.34
CA ALA A 7 1.97 -7.38 -8.90
C ALA A 7 1.50 -8.56 -8.05
N ILE A 8 2.11 -8.71 -6.87
CA ILE A 8 1.71 -9.74 -5.89
C ILE A 8 1.07 -9.06 -4.67
N PHE A 9 -0.04 -9.66 -4.19
CA PHE A 9 -0.77 -9.12 -3.05
C PHE A 9 -1.27 -10.28 -2.18
N GLU A 10 -0.81 -10.30 -0.92
CA GLU A 10 -1.13 -11.37 0.07
C GLU A 10 -0.59 -12.75 -0.38
N LYS A 11 0.64 -12.73 -0.93
CA LYS A 11 1.41 -13.93 -1.35
C LYS A 11 0.83 -14.63 -2.59
N VAL A 12 -0.36 -14.19 -3.04
CA VAL A 12 -0.96 -14.66 -4.29
C VAL A 12 -0.55 -13.73 -5.43
N SER A 13 0.14 -14.28 -6.44
CA SER A 13 0.67 -13.50 -7.55
C SER A 13 -0.41 -13.19 -8.57
N GLY A 14 -0.43 -11.93 -9.02
CA GLY A 14 -1.45 -11.47 -9.94
C GLY A 14 -0.99 -10.34 -10.84
N ILE A 15 -1.96 -9.61 -11.36
CA ILE A 15 -1.70 -8.49 -12.26
C ILE A 15 -2.42 -7.23 -11.72
N ILE A 16 -1.74 -6.08 -11.77
CA ILE A 16 -2.27 -4.82 -11.26
C ILE A 16 -2.79 -3.94 -12.42
N ALA A 17 -3.96 -3.33 -12.23
CA ALA A 17 -4.56 -2.43 -13.23
C ALA A 17 -5.13 -1.17 -12.57
N ILE A 18 -5.06 -0.04 -13.29
CA ILE A 18 -5.59 1.23 -12.78
C ILE A 18 -6.93 1.58 -13.46
N ASN A 19 -7.91 1.93 -12.62
CA ASN A 19 -9.23 2.36 -13.06
C ASN A 19 -9.35 3.89 -13.05
N GLU A 20 -9.31 4.49 -14.25
CA GLU A 20 -9.54 5.94 -14.42
C GLU A 20 -10.70 6.16 -15.39
N ASP A 21 -11.21 7.42 -15.47
CA ASP A 21 -12.45 7.76 -16.23
C ASP A 21 -13.71 7.18 -15.56
N VAL A 22 -13.49 6.60 -14.39
CA VAL A 22 -14.54 6.03 -13.53
C VAL A 22 -14.86 6.99 -12.38
N SER A 23 -15.69 6.53 -11.43
CA SER A 23 -15.93 7.27 -10.19
C SER A 23 -14.64 7.07 -9.34
N PRO A 24 -14.31 7.91 -8.31
CA PRO A 24 -12.90 8.33 -8.11
C PRO A 24 -11.88 7.21 -8.32
N ALA A 25 -10.87 7.55 -9.14
CA ALA A 25 -9.93 6.58 -9.73
C ALA A 25 -9.32 5.66 -8.71
N GLU A 26 -9.23 4.40 -9.11
CA GLU A 26 -8.87 3.31 -8.23
C GLU A 26 -7.65 2.55 -8.77
N LEU A 27 -7.13 1.64 -7.95
CA LEU A 27 -6.16 0.64 -8.39
C LEU A 27 -6.71 -0.74 -8.08
N THR A 28 -6.86 -1.56 -9.11
CA THR A 28 -7.49 -2.87 -8.98
C THR A 28 -6.46 -3.98 -9.23
N TRP A 29 -6.09 -4.67 -8.15
CA TRP A 29 -5.26 -5.87 -8.26
C TRP A 29 -6.14 -7.07 -8.53
N ARG A 30 -5.73 -7.89 -9.48
CA ARG A 30 -6.39 -9.15 -9.77
C ARG A 30 -5.39 -10.28 -9.70
N SER A 31 -5.91 -11.52 -9.59
CA SER A 31 -5.05 -12.72 -9.64
C SER A 31 -4.53 -12.92 -11.07
N THR A 32 -3.57 -13.83 -11.26
CA THR A 32 -3.00 -14.07 -12.61
C THR A 32 -4.07 -14.42 -13.66
N ASP A 33 -5.16 -15.05 -13.20
CA ASP A 33 -6.35 -15.27 -14.04
C ASP A 33 -7.43 -14.23 -13.71
N GLY A 34 -7.46 -13.80 -12.45
CA GLY A 34 -8.37 -12.75 -11.99
C GLY A 34 -9.55 -13.27 -11.17
N ASP A 35 -9.41 -14.51 -10.65
CA ASP A 35 -10.41 -15.08 -9.74
C ASP A 35 -10.45 -14.34 -8.40
N LYS A 36 -9.29 -13.79 -8.01
CA LYS A 36 -9.18 -12.93 -6.82
C LYS A 36 -8.99 -11.48 -7.27
N VAL A 37 -9.67 -10.54 -6.60
CA VAL A 37 -9.61 -9.14 -6.99
C VAL A 37 -9.70 -8.19 -5.77
N HIS A 38 -8.80 -7.20 -5.73
CA HIS A 38 -8.78 -6.17 -4.68
C HIS A 38 -8.77 -4.77 -5.32
N THR A 39 -9.37 -3.79 -4.63
CA THR A 39 -9.50 -2.43 -5.18
C THR A 39 -8.99 -1.36 -4.19
N VAL A 40 -8.36 -0.33 -4.74
CA VAL A 40 -7.82 0.82 -3.98
C VAL A 40 -8.30 2.13 -4.62
N VAL A 41 -9.23 2.83 -3.97
CA VAL A 41 -9.70 4.14 -4.44
C VAL A 41 -8.70 5.21 -3.96
N LEU A 42 -8.10 5.95 -4.91
CA LEU A 42 -7.01 6.89 -4.58
C LEU A 42 -7.48 8.16 -3.89
N SER A 43 -8.77 8.51 -4.05
CA SER A 43 -9.36 9.67 -3.35
C SER A 43 -9.46 9.40 -1.83
N THR A 44 -9.06 8.16 -1.46
CA THR A 44 -9.02 7.72 -0.07
C THR A 44 -7.56 7.43 0.34
N ILE A 45 -6.63 7.70 -0.58
CA ILE A 45 -5.20 7.44 -0.41
C ILE A 45 -4.43 8.76 -0.29
N ASP A 46 -3.38 8.77 0.54
CA ASP A 46 -2.59 9.98 0.79
C ASP A 46 -1.15 9.83 0.26
N LYS A 47 -0.51 8.69 0.53
CA LYS A 47 0.89 8.46 0.15
C LYS A 47 1.10 7.11 -0.54
N LEU A 48 2.31 6.95 -1.14
CA LEU A 48 2.71 5.70 -1.82
C LEU A 48 4.23 5.51 -1.66
N GLN A 49 4.67 4.33 -1.21
CA GLN A 49 6.10 4.08 -0.94
C GLN A 49 6.58 2.77 -1.60
N ALA A 50 7.51 2.91 -2.58
CA ALA A 50 8.00 1.75 -3.36
C ALA A 50 9.48 1.46 -3.11
N THR A 51 9.87 0.19 -3.35
CA THR A 51 11.25 -0.30 -3.14
C THR A 51 12.22 0.25 -4.21
N PRO A 52 13.33 0.96 -3.81
CA PRO A 52 14.38 1.41 -4.75
C PRO A 52 15.04 0.25 -5.54
N ALA A 53 15.78 0.60 -6.60
CA ALA A 53 16.49 -0.38 -7.44
C ALA A 53 17.76 -0.91 -6.76
N SER A 54 18.10 -0.29 -5.62
CA SER A 54 19.21 -0.75 -4.78
C SER A 54 18.72 -1.63 -3.63
N SER A 55 17.40 -1.54 -3.36
CA SER A 55 16.75 -2.30 -2.30
C SER A 55 16.65 -3.79 -2.60
N GLU A 56 16.87 -4.59 -1.54
CA GLU A 56 16.71 -6.07 -1.58
C GLU A 56 15.29 -6.47 -1.93
N LYS A 57 14.37 -5.56 -1.67
CA LYS A 57 12.95 -5.82 -1.72
C LYS A 57 12.33 -5.47 -3.06
N MET A 58 11.22 -6.14 -3.37
CA MET A 58 10.37 -5.78 -4.49
C MET A 58 8.94 -5.59 -3.98
N MET A 59 8.57 -4.32 -3.74
CA MET A 59 7.28 -3.98 -3.12
C MET A 59 6.85 -2.56 -3.47
N LEU A 60 5.54 -2.34 -3.43
CA LEU A 60 4.95 -1.02 -3.67
C LEU A 60 3.85 -0.79 -2.63
N ARG A 61 4.02 0.26 -1.82
CA ARG A 61 3.08 0.55 -0.73
C ARG A 61 2.12 1.67 -1.11
N LEU A 62 0.90 1.56 -0.58
CA LEU A 62 -0.17 2.54 -0.78
C LEU A 62 -0.72 2.97 0.57
N ILE A 63 -0.33 4.18 1.00
CA ILE A 63 -0.67 4.70 2.33
C ILE A 63 -2.06 5.36 2.27
N GLY A 64 -2.91 4.98 3.21
CA GLY A 64 -4.30 5.43 3.22
C GLY A 64 -4.51 6.72 3.97
N LYS A 65 -5.65 7.36 3.71
CA LYS A 65 -6.04 8.60 4.37
C LYS A 65 -6.61 8.33 5.76
N VAL A 66 -5.94 8.90 6.75
CA VAL A 66 -6.26 8.67 8.15
C VAL A 66 -7.02 9.86 8.76
N ASP A 67 -8.04 9.54 9.56
CA ASP A 67 -8.73 10.54 10.36
C ASP A 67 -8.10 10.61 11.76
N GLU A 68 -7.10 11.46 11.90
CA GLU A 68 -6.32 11.59 13.14
C GLU A 68 -6.99 12.53 14.15
N SER A 69 -8.14 13.09 13.77
CA SER A 69 -8.94 13.95 14.66
C SER A 69 -9.79 13.13 15.64
N LYS A 70 -10.00 11.85 15.32
CA LYS A 70 -10.73 10.92 16.17
C LYS A 70 -9.80 10.27 17.22
N LYS A 71 -8.69 10.97 17.52
CA LYS A 71 -7.61 10.47 18.40
C LYS A 71 -8.10 9.86 19.71
N ARG A 72 -7.53 8.70 20.05
CA ARG A 72 -7.96 7.91 21.21
C ARG A 72 -6.94 8.06 22.37
N LYS A 73 -7.41 7.83 23.59
CA LYS A 73 -6.55 7.81 24.77
C LYS A 73 -6.72 6.49 25.52
N ASP A 74 -5.60 5.95 26.02
CA ASP A 74 -5.58 4.65 26.70
C ASP A 74 -6.08 4.73 28.15
N ASN A 75 -5.94 3.63 28.91
CA ASN A 75 -6.46 3.54 30.30
C ASN A 75 -5.92 4.64 31.23
N GLU A 76 -4.68 5.09 30.97
CA GLU A 76 -4.02 6.07 31.83
C GLU A 76 -4.31 7.51 31.38
N GLY A 77 -4.67 7.68 30.10
CA GLY A 77 -4.99 8.99 29.57
C GLY A 77 -3.93 9.55 28.63
N ASN A 78 -3.04 8.66 28.15
CA ASN A 78 -2.01 9.04 27.18
C ASN A 78 -2.56 8.95 25.76
N GLU A 79 -2.04 9.80 24.86
CA GLU A 79 -2.57 9.92 23.50
C GLU A 79 -2.17 8.72 22.64
N VAL A 80 -3.18 8.00 22.17
CA VAL A 80 -3.00 6.89 21.23
C VAL A 80 -3.87 7.13 20.01
N VAL A 81 -3.26 7.62 18.94
CA VAL A 81 -3.98 8.00 17.74
C VAL A 81 -3.89 6.89 16.67
N PRO A 82 -5.05 6.42 16.09
CA PRO A 82 -5.07 5.34 15.08
C PRO A 82 -4.24 5.68 13.84
N LYS A 83 -3.43 4.71 13.41
CA LYS A 83 -2.44 4.91 12.35
C LYS A 83 -3.02 4.63 10.95
N PRO A 84 -2.45 5.25 9.86
CA PRO A 84 -2.92 5.04 8.48
C PRO A 84 -2.70 3.63 7.96
N GLN A 85 -3.56 3.21 7.02
CA GLN A 85 -3.49 1.87 6.43
C GLN A 85 -2.64 1.86 5.16
N ARG A 86 -1.71 0.92 5.08
CA ARG A 86 -0.74 0.85 3.98
C ARG A 86 -0.89 -0.45 3.19
N HIS A 87 -1.18 -0.32 1.88
CA HIS A 87 -1.39 -1.47 1.00
C HIS A 87 -0.12 -1.75 0.17
N MET A 88 0.52 -2.91 0.43
CA MET A 88 1.79 -3.26 -0.21
C MET A 88 1.57 -4.28 -1.33
N PHE A 89 2.34 -4.12 -2.42
CA PHE A 89 2.28 -5.02 -3.58
C PHE A 89 3.71 -5.41 -4.00
N SER A 90 3.98 -6.71 -4.10
CA SER A 90 5.30 -7.20 -4.51
C SER A 90 5.45 -7.21 -6.04
N PHE A 91 6.67 -6.94 -6.50
CA PHE A 91 6.95 -6.76 -7.94
C PHE A 91 8.14 -7.62 -8.40
N ASN A 92 8.40 -7.57 -9.71
CA ASN A 92 9.53 -8.28 -10.31
C ASN A 92 10.46 -7.30 -11.06
N ASN A 93 9.98 -6.07 -11.31
CA ASN A 93 10.74 -5.04 -12.03
C ASN A 93 10.45 -3.65 -11.44
N ARG A 94 11.50 -2.81 -11.42
CA ARG A 94 11.40 -1.43 -10.91
C ARG A 94 10.81 -0.46 -11.93
N THR A 95 10.83 -0.86 -13.21
CA THR A 95 10.34 -0.02 -14.31
C THR A 95 8.79 -0.04 -14.36
N VAL A 96 8.17 -1.06 -13.73
CA VAL A 96 6.72 -1.13 -13.61
C VAL A 96 6.26 -0.26 -12.43
N MET A 97 6.70 -0.63 -11.20
CA MET A 97 6.31 0.08 -9.95
C MET A 97 6.43 1.61 -10.07
N ASP A 98 7.49 2.07 -10.74
CA ASP A 98 7.73 3.50 -10.95
C ASP A 98 6.71 4.10 -11.93
N ASN A 99 6.17 3.26 -12.84
CA ASN A 99 5.15 3.68 -13.80
C ASN A 99 3.73 3.56 -13.23
N ILE A 100 3.51 2.58 -12.31
CA ILE A 100 2.22 2.47 -11.59
C ILE A 100 2.11 3.64 -10.58
N LYS A 101 3.14 3.77 -9.71
CA LYS A 101 3.27 4.87 -8.74
C LYS A 101 3.15 6.24 -9.41
N MET A 102 3.77 6.40 -10.58
CA MET A 102 3.69 7.64 -11.38
C MET A 102 2.23 8.04 -11.66
N THR A 103 1.44 7.10 -12.22
CA THR A 103 0.02 7.34 -12.47
C THR A 103 -0.71 7.64 -11.16
N LEU A 104 -0.63 6.70 -10.18
CA LEU A 104 -1.20 6.85 -8.83
C LEU A 104 -0.92 8.25 -8.26
N GLN A 105 0.38 8.56 -8.17
CA GLN A 105 0.88 9.88 -7.69
C GLN A 105 0.22 11.08 -8.39
N GLN A 106 -0.15 10.89 -9.66
CA GLN A 106 -0.82 11.93 -10.46
C GLN A 106 -2.33 11.97 -10.17
N ILE A 107 -2.84 10.86 -9.63
CA ILE A 107 -4.24 10.73 -9.22
C ILE A 107 -4.49 11.32 -7.81
N ILE A 108 -3.59 11.05 -6.85
CA ILE A 108 -3.76 11.52 -5.45
C ILE A 108 -3.55 13.04 -5.36
N SER A 109 -2.63 13.55 -6.17
CA SER A 109 -2.34 15.00 -6.24
C SER A 109 -3.56 15.80 -6.77
N ARG A 110 -4.50 15.08 -7.40
CA ARG A 110 -5.80 15.66 -7.84
C ARG A 110 -6.76 15.79 -6.66
N TYR A 111 -6.81 14.73 -5.83
CA TYR A 111 -7.62 14.71 -4.60
C TYR A 111 -6.87 15.39 -3.44
N LYS A 112 -5.63 15.80 -3.71
CA LYS A 112 -4.79 16.52 -2.76
C LYS A 112 -5.08 18.03 -2.84
N ASP A 113 -5.42 18.48 -4.05
CA ASP A 113 -5.85 19.85 -4.30
C ASP A 113 -7.38 19.98 -4.23
N ALA A 114 -8.08 18.83 -4.44
CA ALA A 114 -9.54 18.79 -4.38
C ALA A 114 -10.01 17.81 -3.30
N ASP A 115 -9.73 18.18 -2.04
CA ASP A 115 -10.11 17.38 -0.88
C ASP A 115 -11.33 18.00 -0.19
N GLY B 1 23.09 -15.94 24.10
CA GLY B 1 21.72 -16.49 24.32
C GLY B 1 20.95 -16.66 23.04
N SER B 2 19.95 -15.78 22.81
CA SER B 2 19.08 -15.79 21.62
C SER B 2 18.27 -17.10 21.49
N PRO B 3 16.90 -17.03 21.49
CA PRO B 3 16.04 -18.24 21.40
C PRO B 3 16.03 -18.90 20.01
N GLY B 4 16.25 -18.08 18.97
CA GLY B 4 16.26 -18.59 17.60
C GLY B 4 15.02 -18.20 16.82
N TYR B 5 14.06 -19.14 16.75
CA TYR B 5 12.81 -18.91 16.03
C TYR B 5 11.60 -19.00 16.99
N PRO B 6 10.86 -17.86 17.23
CA PRO B 6 9.65 -17.88 18.10
C PRO B 6 8.53 -18.77 17.55
N ASN B 7 7.86 -19.50 18.45
CA ASN B 7 6.78 -20.41 18.07
C ASN B 7 5.46 -19.99 18.74
N GLY B 8 4.37 -20.10 18.00
CA GLY B 8 3.06 -19.75 18.51
C GLY B 8 2.12 -19.23 17.44
N LEU B 9 1.07 -18.51 17.87
CA LEU B 9 0.10 -17.93 16.94
C LEU B 9 0.06 -16.40 17.05
N LEU B 10 1.18 -15.80 17.50
CA LEU B 10 1.32 -14.35 17.59
C LEU B 10 1.51 -13.72 16.20
N SER B 11 1.56 -14.58 15.18
CA SER B 11 1.71 -14.18 13.78
C SER B 11 1.18 -15.30 12.88
N GLY B 12 0.10 -14.99 12.15
CA GLY B 12 -0.55 -15.99 11.31
C GLY B 12 -0.17 -15.85 9.85
N ASP B 13 -1.06 -15.21 9.11
CA ASP B 13 -0.88 -14.99 7.67
C ASP B 13 -1.16 -13.54 7.28
N GLU B 14 -1.47 -12.70 8.28
CA GLU B 14 -1.78 -11.29 8.07
C GLU B 14 -0.91 -10.37 8.94
N ASP B 15 0.08 -10.96 9.59
CA ASP B 15 0.92 -10.27 10.56
C ASP B 15 2.36 -10.04 10.03
N PHE B 16 2.60 -10.35 8.74
CA PHE B 16 3.94 -10.19 8.15
C PHE B 16 4.16 -8.80 7.55
N SER B 17 3.06 -8.09 7.28
CA SER B 17 3.12 -6.72 6.72
C SER B 17 3.17 -5.66 7.83
N SER B 18 3.10 -6.10 9.09
CA SER B 18 3.25 -5.21 10.25
C SER B 18 4.73 -5.07 10.61
N ILE B 19 5.50 -6.15 10.40
CA ILE B 19 6.94 -6.15 10.63
C ILE B 19 7.70 -5.78 9.35
N ALA B 20 7.08 -6.06 8.19
CA ALA B 20 7.67 -5.68 6.91
C ALA B 20 7.26 -4.25 6.50
N ASP B 21 6.59 -3.57 7.44
CA ASP B 21 6.24 -2.15 7.30
C ASP B 21 7.24 -1.30 8.10
N MET B 22 7.76 -1.90 9.18
CA MET B 22 8.87 -1.33 9.94
C MET B 22 10.18 -1.43 9.15
N ASP B 23 10.17 -2.33 8.18
CA ASP B 23 11.29 -2.56 7.26
C ASP B 23 11.46 -1.45 6.23
N PHE B 24 10.35 -0.84 5.79
CA PHE B 24 10.37 0.12 4.68
C PHE B 24 10.81 1.53 5.10
N SER B 25 10.50 1.92 6.34
CA SER B 25 10.72 3.27 6.83
C SER B 25 12.20 3.61 7.01
N ALA B 26 13.03 2.60 7.29
CA ALA B 26 14.48 2.77 7.41
C ALA B 26 15.18 2.54 6.07
N LEU B 27 14.42 1.99 5.10
CA LEU B 27 14.94 1.68 3.77
C LEU B 27 14.85 2.88 2.82
N LEU B 28 13.80 3.71 2.98
CA LEU B 28 13.59 4.88 2.12
C LEU B 28 14.30 6.11 2.66
N SER B 29 14.57 6.08 3.97
CA SER B 29 15.32 7.15 4.64
C SER B 29 16.83 6.84 4.65
N GLN B 30 17.20 5.63 5.11
CA GLN B 30 18.61 5.16 5.17
C GLN B 30 19.55 6.18 5.84
N ILE B 31 19.37 6.36 7.15
CA ILE B 31 20.19 7.30 7.93
C ILE B 31 20.80 6.56 9.14
N SER B 32 22.14 6.67 9.28
CA SER B 32 22.93 6.05 10.38
C SER B 32 22.84 4.52 10.36
N SER B 33 24.01 3.87 10.42
CA SER B 33 24.10 2.41 10.42
C SER B 33 24.56 1.90 11.80
N PRO A 1 2.00 1.71 -21.34
CA PRO A 1 3.22 2.03 -20.56
C PRO A 1 2.98 1.94 -19.06
N SER A 2 1.79 2.37 -18.62
CA SER A 2 1.45 2.44 -17.19
C SER A 2 0.04 1.87 -16.92
N HIS A 3 -0.45 2.07 -15.68
CA HIS A 3 -1.79 1.64 -15.21
C HIS A 3 -1.86 0.15 -14.91
N SER A 4 -1.37 -0.68 -15.84
CA SER A 4 -1.40 -2.14 -15.67
C SER A 4 -0.04 -2.77 -15.94
N GLY A 5 0.29 -3.76 -15.11
CA GLY A 5 1.54 -4.48 -15.23
C GLY A 5 1.45 -5.86 -14.61
N ALA A 6 2.26 -6.08 -13.57
CA ALA A 6 2.22 -7.32 -12.79
C ALA A 6 2.56 -7.06 -11.32
N ALA A 7 1.72 -7.53 -10.41
CA ALA A 7 1.92 -7.32 -8.97
C ALA A 7 1.47 -8.53 -8.15
N ILE A 8 2.12 -8.74 -6.99
CA ILE A 8 1.78 -9.82 -6.05
C ILE A 8 1.08 -9.21 -4.82
N PHE A 9 0.04 -9.90 -4.32
CA PHE A 9 -0.72 -9.45 -3.15
C PHE A 9 -1.13 -10.67 -2.31
N GLU A 10 -0.73 -10.65 -1.03
CA GLU A 10 -1.02 -11.75 -0.06
C GLU A 10 -0.49 -13.10 -0.55
N LYS A 11 0.75 -13.07 -1.11
CA LYS A 11 1.49 -14.25 -1.61
C LYS A 11 0.88 -14.86 -2.89
N VAL A 12 -0.25 -14.29 -3.35
CA VAL A 12 -0.83 -14.65 -4.64
C VAL A 12 -0.28 -13.70 -5.70
N SER A 13 0.36 -14.27 -6.72
CA SER A 13 0.88 -13.48 -7.83
C SER A 13 -0.24 -13.16 -8.81
N GLY A 14 -0.31 -11.88 -9.19
CA GLY A 14 -1.39 -11.42 -10.04
C GLY A 14 -0.98 -10.26 -10.92
N ILE A 15 -2.00 -9.59 -11.45
CA ILE A 15 -1.80 -8.44 -12.32
C ILE A 15 -2.52 -7.21 -11.73
N ILE A 16 -1.83 -6.05 -11.78
CA ILE A 16 -2.38 -4.80 -11.25
C ILE A 16 -2.93 -3.93 -12.40
N ALA A 17 -4.06 -3.28 -12.16
CA ALA A 17 -4.69 -2.39 -13.15
C ALA A 17 -5.18 -1.11 -12.49
N ILE A 18 -5.10 0.01 -13.22
CA ILE A 18 -5.61 1.29 -12.74
C ILE A 18 -6.95 1.63 -13.42
N ASN A 19 -7.85 2.19 -12.60
CA ASN A 19 -9.22 2.49 -13.00
C ASN A 19 -9.43 4.00 -13.09
N GLU A 20 -9.39 4.54 -14.32
CA GLU A 20 -9.67 5.95 -14.56
C GLU A 20 -10.84 6.07 -15.54
N ASP A 21 -11.41 7.30 -15.70
CA ASP A 21 -12.66 7.56 -16.48
C ASP A 21 -13.89 7.02 -15.74
N VAL A 22 -13.63 6.46 -14.56
CA VAL A 22 -14.63 5.90 -13.66
C VAL A 22 -14.91 6.85 -12.50
N SER A 23 -15.70 6.41 -11.52
CA SER A 23 -15.88 7.15 -10.28
C SER A 23 -14.58 6.97 -9.47
N PRO A 24 -14.25 7.82 -8.44
CA PRO A 24 -12.85 8.22 -8.22
C PRO A 24 -11.84 7.09 -8.40
N ALA A 25 -10.82 7.37 -9.22
CA ALA A 25 -9.91 6.36 -9.79
C ALA A 25 -9.39 5.38 -8.74
N GLU A 26 -9.42 4.10 -9.11
CA GLU A 26 -9.09 3.02 -8.18
C GLU A 26 -8.10 2.03 -8.76
N LEU A 27 -7.15 1.57 -7.93
CA LEU A 27 -6.12 0.63 -8.38
C LEU A 27 -6.59 -0.78 -8.02
N THR A 28 -6.94 -1.52 -9.06
CA THR A 28 -7.57 -2.82 -8.92
C THR A 28 -6.56 -3.93 -9.17
N TRP A 29 -6.15 -4.60 -8.09
CA TRP A 29 -5.31 -5.79 -8.20
C TRP A 29 -6.19 -7.01 -8.44
N ARG A 30 -5.75 -7.85 -9.37
CA ARG A 30 -6.41 -9.12 -9.63
C ARG A 30 -5.39 -10.26 -9.59
N SER A 31 -5.89 -11.48 -9.40
CA SER A 31 -5.05 -12.69 -9.44
C SER A 31 -4.59 -12.95 -10.89
N THR A 32 -3.64 -13.86 -11.11
CA THR A 32 -3.16 -14.14 -12.48
C THR A 32 -4.29 -14.55 -13.44
N ASP A 33 -5.34 -15.16 -12.88
CA ASP A 33 -6.57 -15.45 -13.63
C ASP A 33 -7.64 -14.38 -13.32
N GLY A 34 -7.57 -13.84 -12.09
CA GLY A 34 -8.47 -12.76 -11.66
C GLY A 34 -9.61 -13.25 -10.79
N ASP A 35 -9.46 -14.46 -10.22
CA ASP A 35 -10.45 -15.00 -9.27
C ASP A 35 -10.41 -14.24 -7.94
N LYS A 36 -9.23 -13.69 -7.61
CA LYS A 36 -9.05 -12.83 -6.45
C LYS A 36 -8.81 -11.39 -6.90
N VAL A 37 -9.60 -10.45 -6.35
CA VAL A 37 -9.54 -9.05 -6.78
C VAL A 37 -9.63 -8.10 -5.57
N HIS A 38 -8.68 -7.16 -5.50
CA HIS A 38 -8.65 -6.11 -4.48
C HIS A 38 -8.70 -4.73 -5.15
N THR A 39 -9.30 -3.75 -4.47
CA THR A 39 -9.50 -2.41 -5.04
C THR A 39 -8.98 -1.31 -4.11
N VAL A 40 -8.39 -0.26 -4.71
CA VAL A 40 -7.85 0.89 -3.99
C VAL A 40 -8.34 2.21 -4.64
N VAL A 41 -9.25 2.91 -3.97
CA VAL A 41 -9.73 4.23 -4.43
C VAL A 41 -8.72 5.30 -3.96
N LEU A 42 -8.09 5.99 -4.92
CA LEU A 42 -6.97 6.90 -4.61
C LEU A 42 -7.41 8.22 -3.95
N SER A 43 -8.70 8.57 -4.09
CA SER A 43 -9.26 9.72 -3.35
C SER A 43 -9.35 9.44 -1.85
N THR A 44 -8.99 8.20 -1.48
CA THR A 44 -8.93 7.77 -0.08
C THR A 44 -7.48 7.43 0.31
N ILE A 45 -6.55 7.75 -0.60
CA ILE A 45 -5.12 7.47 -0.43
C ILE A 45 -4.34 8.80 -0.33
N ASP A 46 -3.39 8.86 0.61
CA ASP A 46 -2.61 10.06 0.85
C ASP A 46 -1.16 9.91 0.36
N LYS A 47 -0.56 8.73 0.61
CA LYS A 47 0.84 8.50 0.26
C LYS A 47 1.05 7.15 -0.46
N LEU A 48 2.28 6.97 -0.99
CA LEU A 48 2.69 5.72 -1.68
C LEU A 48 4.20 5.53 -1.50
N GLN A 49 4.62 4.36 -1.00
CA GLN A 49 6.04 4.10 -0.73
C GLN A 49 6.49 2.79 -1.40
N ALA A 50 7.46 2.90 -2.35
CA ALA A 50 7.96 1.74 -3.10
C ALA A 50 9.42 1.41 -2.75
N THR A 51 9.83 0.16 -3.06
CA THR A 51 11.21 -0.31 -2.83
C THR A 51 12.17 0.23 -3.91
N PRO A 52 13.25 0.98 -3.53
CA PRO A 52 14.28 1.46 -4.48
C PRO A 52 14.94 0.33 -5.28
N ALA A 53 15.66 0.72 -6.35
CA ALA A 53 16.38 -0.23 -7.21
C ALA A 53 17.64 -0.78 -6.54
N SER A 54 18.02 -0.17 -5.40
CA SER A 54 19.15 -0.63 -4.60
C SER A 54 18.67 -1.47 -3.40
N SER A 55 17.34 -1.49 -3.18
CA SER A 55 16.72 -2.27 -2.10
C SER A 55 16.63 -3.74 -2.44
N GLU A 56 16.90 -4.58 -1.42
CA GLU A 56 16.79 -6.05 -1.51
C GLU A 56 15.36 -6.49 -1.81
N LYS A 57 14.44 -5.57 -1.60
CA LYS A 57 13.02 -5.82 -1.69
C LYS A 57 12.42 -5.38 -3.00
N MET A 58 11.28 -5.99 -3.34
CA MET A 58 10.45 -5.55 -4.45
C MET A 58 9.00 -5.48 -4.02
N MET A 59 8.55 -4.25 -3.74
CA MET A 59 7.25 -3.98 -3.16
C MET A 59 6.79 -2.55 -3.45
N LEU A 60 5.46 -2.35 -3.42
CA LEU A 60 4.86 -1.04 -3.61
C LEU A 60 3.78 -0.82 -2.56
N ARG A 61 3.96 0.21 -1.73
CA ARG A 61 3.03 0.47 -0.62
C ARG A 61 2.11 1.64 -0.93
N LEU A 62 0.86 1.50 -0.48
CA LEU A 62 -0.19 2.50 -0.71
C LEU A 62 -0.79 2.95 0.63
N ILE A 63 -0.43 4.16 1.03
CA ILE A 63 -0.80 4.71 2.35
C ILE A 63 -2.20 5.36 2.29
N GLY A 64 -3.02 5.05 3.31
CA GLY A 64 -4.42 5.48 3.32
C GLY A 64 -4.64 6.82 3.99
N LYS A 65 -5.78 7.45 3.67
CA LYS A 65 -6.16 8.75 4.24
C LYS A 65 -6.85 8.59 5.58
N VAL A 66 -6.16 9.06 6.61
CA VAL A 66 -6.64 9.01 7.99
C VAL A 66 -6.70 10.40 8.61
N ASP A 67 -7.65 10.58 9.54
CA ASP A 67 -7.77 11.80 10.31
C ASP A 67 -7.06 11.64 11.66
N GLU A 68 -5.87 12.25 11.75
CA GLU A 68 -5.02 12.14 12.95
C GLU A 68 -5.40 13.18 14.02
N SER A 69 -6.40 14.02 13.70
CA SER A 69 -6.89 15.06 14.62
C SER A 69 -7.86 14.48 15.66
N LYS A 70 -8.49 13.34 15.32
CA LYS A 70 -9.43 12.66 16.21
C LYS A 70 -8.70 11.77 17.23
N LYS A 71 -9.09 11.91 18.49
CA LYS A 71 -8.51 11.11 19.58
C LYS A 71 -9.36 9.89 19.90
N ARG A 72 -8.71 8.71 19.93
CA ARG A 72 -9.38 7.46 20.31
C ARG A 72 -8.80 6.96 21.64
N LYS A 73 -9.61 6.20 22.39
CA LYS A 73 -9.17 5.59 23.64
C LYS A 73 -9.48 4.10 23.63
N ASP A 74 -8.56 3.30 24.17
CA ASP A 74 -8.71 1.84 24.22
C ASP A 74 -9.62 1.41 25.39
N ASN A 75 -9.76 0.09 25.61
CA ASN A 75 -10.66 -0.45 26.66
C ASN A 75 -10.31 0.06 28.06
N GLU A 76 -9.01 0.30 28.30
CA GLU A 76 -8.53 0.81 29.59
C GLU A 76 -8.81 2.31 29.76
N GLY A 77 -8.83 3.05 28.64
CA GLY A 77 -9.09 4.48 28.66
C GLY A 77 -7.86 5.33 28.39
N ASN A 78 -6.81 4.71 27.83
CA ASN A 78 -5.59 5.43 27.45
C ASN A 78 -5.73 6.00 26.05
N GLU A 79 -5.04 7.13 25.80
CA GLU A 79 -5.17 7.88 24.54
C GLU A 79 -4.39 7.18 23.42
N VAL A 80 -5.15 6.61 22.48
CA VAL A 80 -4.59 5.94 21.30
C VAL A 80 -5.05 6.66 20.04
N VAL A 81 -4.09 7.17 19.26
CA VAL A 81 -4.42 7.95 18.07
C VAL A 81 -4.39 7.05 16.82
N PRO A 82 -5.48 7.04 15.97
CA PRO A 82 -5.58 6.15 14.79
C PRO A 82 -4.56 6.48 13.69
N LYS A 83 -3.82 5.45 13.30
CA LYS A 83 -2.79 5.58 12.26
C LYS A 83 -3.33 5.13 10.87
N PRO A 84 -2.72 5.63 9.74
CA PRO A 84 -3.12 5.22 8.37
C PRO A 84 -2.70 3.80 8.00
N GLN A 85 -3.54 3.18 7.18
CA GLN A 85 -3.32 1.82 6.69
C GLN A 85 -2.59 1.83 5.34
N ARG A 86 -1.64 0.93 5.17
CA ARG A 86 -0.81 0.88 3.96
C ARG A 86 -1.04 -0.43 3.20
N HIS A 87 -1.19 -0.32 1.86
CA HIS A 87 -1.41 -1.49 0.99
C HIS A 87 -0.15 -1.80 0.17
N MET A 88 0.47 -2.95 0.47
CA MET A 88 1.74 -3.35 -0.18
C MET A 88 1.50 -4.35 -1.31
N PHE A 89 2.29 -4.20 -2.38
CA PHE A 89 2.23 -5.10 -3.55
C PHE A 89 3.64 -5.45 -3.99
N SER A 90 3.95 -6.74 -4.13
CA SER A 90 5.28 -7.18 -4.58
C SER A 90 5.41 -7.14 -6.10
N PHE A 91 6.62 -6.78 -6.56
CA PHE A 91 6.89 -6.53 -7.97
C PHE A 91 8.10 -7.33 -8.46
N ASN A 92 8.35 -7.27 -9.78
CA ASN A 92 9.49 -7.98 -10.39
C ASN A 92 10.42 -7.02 -11.15
N ASN A 93 9.95 -5.78 -11.42
CA ASN A 93 10.74 -4.79 -12.16
C ASN A 93 10.41 -3.37 -11.70
N ARG A 94 11.46 -2.63 -11.32
CA ARG A 94 11.36 -1.21 -10.91
C ARG A 94 10.73 -0.31 -11.99
N THR A 95 10.75 -0.77 -13.25
CA THR A 95 10.18 0.00 -14.36
C THR A 95 8.65 -0.02 -14.32
N VAL A 96 8.05 -1.13 -13.85
CA VAL A 96 6.60 -1.24 -13.68
C VAL A 96 6.17 -0.44 -12.44
N MET A 97 6.66 -0.84 -11.25
CA MET A 97 6.35 -0.17 -9.97
C MET A 97 6.53 1.36 -10.01
N ASP A 98 7.41 1.86 -10.89
CA ASP A 98 7.57 3.31 -11.10
C ASP A 98 6.54 3.85 -12.11
N ASN A 99 6.07 2.99 -13.03
CA ASN A 99 5.03 3.35 -14.01
C ASN A 99 3.63 3.32 -13.39
N ILE A 100 3.42 2.42 -12.40
CA ILE A 100 2.16 2.37 -11.64
C ILE A 100 2.13 3.54 -10.64
N LYS A 101 3.17 3.64 -9.79
CA LYS A 101 3.32 4.71 -8.78
C LYS A 101 3.20 6.12 -9.40
N MET A 102 3.82 6.31 -10.57
CA MET A 102 3.73 7.59 -11.31
C MET A 102 2.28 7.98 -11.58
N THR A 103 1.51 7.07 -12.21
CA THR A 103 0.07 7.29 -12.44
C THR A 103 -0.64 7.60 -11.12
N LEU A 104 -0.55 6.67 -10.14
CA LEU A 104 -1.09 6.84 -8.78
C LEU A 104 -0.77 8.24 -8.24
N GLN A 105 0.54 8.53 -8.13
CA GLN A 105 1.05 9.83 -7.65
C GLN A 105 0.45 11.03 -8.41
N GLN A 106 0.07 10.80 -9.68
CA GLN A 106 -0.54 11.82 -10.52
C GLN A 106 -2.06 11.89 -10.32
N ILE A 107 -2.62 10.79 -9.77
CA ILE A 107 -4.04 10.72 -9.42
C ILE A 107 -4.32 11.32 -8.02
N ILE A 108 -3.44 11.04 -7.04
CA ILE A 108 -3.61 11.54 -5.65
C ILE A 108 -3.40 13.06 -5.58
N SER A 109 -2.48 13.55 -6.41
CA SER A 109 -2.23 15.00 -6.56
C SER A 109 -3.46 15.74 -7.14
N ARG A 110 -4.39 14.97 -7.74
CA ARG A 110 -5.67 15.49 -8.21
C ARG A 110 -6.67 15.62 -7.06
N TYR A 111 -6.65 14.64 -6.13
CA TYR A 111 -7.48 14.67 -4.92
C TYR A 111 -6.76 15.41 -3.78
N LYS A 112 -5.53 15.84 -4.06
CA LYS A 112 -4.72 16.61 -3.13
C LYS A 112 -5.03 18.11 -3.26
N ASP A 113 -5.44 18.50 -4.48
CA ASP A 113 -5.87 19.86 -4.79
C ASP A 113 -7.39 20.02 -4.62
N ALA A 114 -8.11 18.88 -4.60
CA ALA A 114 -9.57 18.86 -4.46
C ALA A 114 -10.03 19.02 -3.01
N ASP A 115 -9.08 18.88 -2.09
CA ASP A 115 -9.35 19.00 -0.65
C ASP A 115 -8.47 20.08 -0.01
N GLY B 1 -4.86 -10.10 25.79
CA GLY B 1 -6.24 -10.65 25.90
C GLY B 1 -7.01 -10.53 24.59
N SER B 2 -8.14 -9.81 24.65
CA SER B 2 -8.98 -9.60 23.47
C SER B 2 -8.86 -8.15 22.96
N PRO B 3 -8.56 -7.93 21.64
CA PRO B 3 -8.40 -6.57 21.08
C PRO B 3 -9.74 -5.81 20.90
N GLY B 4 -10.85 -6.56 20.93
CA GLY B 4 -12.17 -5.97 20.78
C GLY B 4 -12.96 -6.58 19.64
N TYR B 5 -12.88 -5.94 18.48
CA TYR B 5 -13.57 -6.41 17.27
C TYR B 5 -12.56 -6.87 16.20
N PRO B 6 -12.19 -8.20 16.17
CA PRO B 6 -11.25 -8.73 15.16
C PRO B 6 -11.86 -8.81 13.75
N ASN B 7 -11.40 -7.92 12.86
CA ASN B 7 -11.87 -7.88 11.48
C ASN B 7 -10.70 -7.53 10.54
N GLY B 8 -10.49 -8.39 9.53
CA GLY B 8 -9.42 -8.16 8.56
C GLY B 8 -8.33 -9.22 8.61
N LEU B 9 -8.58 -10.32 9.32
CA LEU B 9 -7.62 -11.42 9.45
C LEU B 9 -8.20 -12.74 8.91
N LEU B 10 -9.09 -12.63 7.92
CA LEU B 10 -9.76 -13.80 7.33
C LEU B 10 -8.86 -14.47 6.26
N SER B 11 -7.61 -14.00 6.15
CA SER B 11 -6.64 -14.53 5.18
C SER B 11 -5.34 -14.94 5.87
N GLY B 12 -4.88 -14.11 6.81
CA GLY B 12 -3.67 -14.41 7.58
C GLY B 12 -2.41 -13.75 7.03
N ASP B 13 -2.59 -12.76 6.15
CA ASP B 13 -1.45 -12.07 5.52
C ASP B 13 -1.56 -10.55 5.70
N GLU B 14 -2.62 -10.12 6.40
CA GLU B 14 -2.87 -8.69 6.63
C GLU B 14 -2.41 -8.24 8.02
N ASP B 15 -1.71 -9.13 8.71
CA ASP B 15 -1.21 -8.89 10.07
C ASP B 15 0.33 -8.74 10.08
N PHE B 16 0.97 -9.21 9.00
CA PHE B 16 2.44 -9.16 8.89
C PHE B 16 2.93 -7.90 8.17
N SER B 17 1.98 -7.09 7.67
CA SER B 17 2.29 -5.83 7.00
C SER B 17 2.45 -4.68 8.00
N SER B 18 2.21 -4.97 9.29
CA SER B 18 2.38 -4.00 10.37
C SER B 18 3.82 -4.04 10.93
N ILE B 19 4.40 -5.25 10.95
CA ILE B 19 5.79 -5.44 11.35
C ILE B 19 6.72 -5.31 10.14
N ALA B 20 6.17 -5.52 8.94
CA ALA B 20 6.89 -5.23 7.71
C ALA B 20 6.66 -3.77 7.29
N ASP B 21 5.99 -3.04 8.18
CA ASP B 21 5.81 -1.58 8.07
C ASP B 21 6.95 -0.88 8.80
N MET B 22 7.48 -1.56 9.84
CA MET B 22 8.69 -1.14 10.56
C MET B 22 9.93 -1.32 9.68
N ASP B 23 9.80 -2.18 8.68
CA ASP B 23 10.86 -2.50 7.73
C ASP B 23 11.01 -1.46 6.62
N PHE B 24 9.89 -0.78 6.26
CA PHE B 24 9.88 0.12 5.10
C PHE B 24 10.45 1.51 5.42
N SER B 25 10.52 1.86 6.71
CA SER B 25 11.01 3.18 7.14
C SER B 25 12.55 3.23 7.19
N ALA B 26 13.16 2.09 7.51
CA ALA B 26 14.63 1.95 7.49
C ALA B 26 15.11 1.48 6.11
N LEU B 27 14.14 1.19 5.23
CA LEU B 27 14.42 0.69 3.88
C LEU B 27 14.65 1.84 2.88
N LEU B 28 13.94 2.97 3.09
CA LEU B 28 14.09 4.16 2.23
C LEU B 28 15.24 5.05 2.72
N SER B 29 15.36 5.13 4.04
CA SER B 29 16.40 5.94 4.70
C SER B 29 17.72 5.17 4.76
N GLN B 30 18.56 5.36 3.74
CA GLN B 30 19.87 4.71 3.64
C GLN B 30 20.92 5.69 3.12
N ILE B 31 21.59 6.38 4.05
CA ILE B 31 22.64 7.36 3.70
C ILE B 31 24.04 6.77 3.94
N SER B 32 24.25 6.13 5.10
CA SER B 32 25.54 5.48 5.48
C SER B 32 26.73 6.46 5.44
N SER B 33 27.25 6.82 6.61
CA SER B 33 28.38 7.74 6.73
C SER B 33 29.62 7.01 7.24
N PRO A 1 -0.78 5.09 -20.23
CA PRO A 1 0.20 4.26 -21.01
C PRO A 1 0.71 3.08 -20.18
N SER A 2 0.77 3.24 -18.86
CA SER A 2 1.25 2.20 -17.95
C SER A 2 0.38 2.15 -16.68
N HIS A 3 -0.87 1.73 -16.87
CA HIS A 3 -1.84 1.58 -15.77
C HIS A 3 -1.84 0.15 -15.23
N SER A 4 -1.21 -0.76 -15.98
CA SER A 4 -1.18 -2.17 -15.62
C SER A 4 0.20 -2.79 -15.85
N GLY A 5 0.53 -3.77 -15.01
CA GLY A 5 1.79 -4.49 -15.11
C GLY A 5 1.70 -5.88 -14.52
N ALA A 6 2.41 -6.10 -13.41
CA ALA A 6 2.37 -7.36 -12.67
C ALA A 6 2.68 -7.12 -11.18
N ALA A 7 1.80 -7.61 -10.29
CA ALA A 7 1.96 -7.41 -8.85
C ALA A 7 1.46 -8.61 -8.04
N ILE A 8 2.06 -8.82 -6.86
CA ILE A 8 1.65 -9.87 -5.91
C ILE A 8 0.99 -9.22 -4.68
N PHE A 9 -0.08 -9.86 -4.18
CA PHE A 9 -0.84 -9.36 -3.03
C PHE A 9 -1.41 -10.55 -2.25
N GLU A 10 -0.94 -10.72 -1.01
CA GLU A 10 -1.31 -11.86 -0.13
C GLU A 10 -0.88 -13.20 -0.74
N LYS A 11 0.42 -13.27 -1.10
CA LYS A 11 1.12 -14.50 -1.59
C LYS A 11 0.46 -15.17 -2.82
N VAL A 12 -0.60 -14.54 -3.32
CA VAL A 12 -1.23 -14.93 -4.59
C VAL A 12 -0.77 -13.94 -5.68
N SER A 13 -0.03 -14.45 -6.66
CA SER A 13 0.52 -13.61 -7.73
C SER A 13 -0.54 -13.24 -8.75
N GLY A 14 -0.51 -11.99 -9.18
CA GLY A 14 -1.50 -11.48 -10.10
C GLY A 14 -1.00 -10.32 -10.93
N ILE A 15 -1.96 -9.58 -11.49
CA ILE A 15 -1.67 -8.43 -12.33
C ILE A 15 -2.39 -7.19 -11.75
N ILE A 16 -1.69 -6.04 -11.78
CA ILE A 16 -2.23 -4.79 -11.25
C ILE A 16 -2.74 -3.89 -12.38
N ALA A 17 -3.91 -3.29 -12.18
CA ALA A 17 -4.51 -2.38 -13.16
C ALA A 17 -5.10 -1.14 -12.49
N ILE A 18 -5.02 0.01 -13.19
CA ILE A 18 -5.58 1.27 -12.67
C ILE A 18 -6.90 1.60 -13.37
N ASN A 19 -7.89 1.93 -12.55
CA ASN A 19 -9.23 2.31 -13.02
C ASN A 19 -9.42 3.83 -13.01
N GLU A 20 -9.42 4.42 -14.22
CA GLU A 20 -9.70 5.85 -14.41
C GLU A 20 -10.89 5.98 -15.37
N ASP A 21 -11.47 7.22 -15.47
CA ASP A 21 -12.72 7.49 -16.24
C ASP A 21 -13.95 6.90 -15.51
N VAL A 22 -13.68 6.33 -14.33
CA VAL A 22 -14.68 5.71 -13.47
C VAL A 22 -15.01 6.62 -12.29
N SER A 23 -15.80 6.11 -11.32
CA SER A 23 -16.05 6.85 -10.07
C SER A 23 -14.73 6.73 -9.28
N PRO A 24 -14.44 7.60 -8.25
CA PRO A 24 -13.05 8.12 -8.09
C PRO A 24 -11.97 7.07 -8.32
N ALA A 25 -11.00 7.45 -9.17
CA ALA A 25 -10.00 6.54 -9.75
C ALA A 25 -9.34 5.65 -8.74
N GLU A 26 -9.20 4.39 -9.14
CA GLU A 26 -8.83 3.32 -8.25
C GLU A 26 -7.58 2.59 -8.75
N LEU A 27 -7.08 1.68 -7.91
CA LEU A 27 -5.99 0.77 -8.25
C LEU A 27 -6.46 -0.65 -7.96
N THR A 28 -6.68 -1.42 -9.01
CA THR A 28 -7.32 -2.72 -8.91
C THR A 28 -6.32 -3.84 -9.18
N TRP A 29 -5.99 -4.59 -8.12
CA TRP A 29 -5.20 -5.81 -8.25
C TRP A 29 -6.14 -6.98 -8.56
N ARG A 30 -5.75 -7.80 -9.53
CA ARG A 30 -6.46 -9.03 -9.85
C ARG A 30 -5.49 -10.19 -9.89
N SER A 31 -6.00 -11.41 -9.69
CA SER A 31 -5.19 -12.63 -9.74
C SER A 31 -4.70 -12.87 -11.18
N THR A 32 -3.74 -13.79 -11.38
CA THR A 32 -3.21 -14.06 -12.73
C THR A 32 -4.31 -14.45 -13.74
N ASP A 33 -5.39 -15.05 -13.22
CA ASP A 33 -6.59 -15.29 -14.02
C ASP A 33 -7.66 -14.22 -13.72
N GLY A 34 -7.59 -13.66 -12.50
CA GLY A 34 -8.50 -12.60 -12.08
C GLY A 34 -9.66 -13.09 -11.23
N ASP A 35 -9.53 -14.31 -10.68
CA ASP A 35 -10.54 -14.89 -9.78
C ASP A 35 -10.57 -14.14 -8.44
N LYS A 36 -9.42 -13.60 -8.04
CA LYS A 36 -9.31 -12.76 -6.84
C LYS A 36 -9.04 -11.32 -7.25
N VAL A 37 -9.70 -10.37 -6.58
CA VAL A 37 -9.58 -8.95 -6.95
C VAL A 37 -9.63 -8.03 -5.70
N HIS A 38 -8.71 -7.05 -5.66
CA HIS A 38 -8.65 -6.04 -4.60
C HIS A 38 -8.61 -4.65 -5.24
N THR A 39 -9.24 -3.66 -4.57
CA THR A 39 -9.36 -2.30 -5.14
C THR A 39 -8.90 -1.21 -4.16
N VAL A 40 -8.02 -0.32 -4.66
CA VAL A 40 -7.54 0.85 -3.91
C VAL A 40 -8.07 2.13 -4.58
N VAL A 41 -9.02 2.81 -3.93
CA VAL A 41 -9.54 4.10 -4.42
C VAL A 41 -8.59 5.21 -3.95
N LEU A 42 -8.06 5.98 -4.91
CA LEU A 42 -6.98 6.95 -4.60
C LEU A 42 -7.47 8.21 -3.88
N SER A 43 -8.76 8.56 -4.03
CA SER A 43 -9.37 9.67 -3.28
C SER A 43 -9.44 9.36 -1.78
N THR A 44 -9.02 8.13 -1.43
CA THR A 44 -8.95 7.66 -0.04
C THR A 44 -7.47 7.39 0.33
N ILE A 45 -6.57 7.71 -0.62
CA ILE A 45 -5.12 7.49 -0.47
C ILE A 45 -4.40 8.85 -0.41
N ASP A 46 -3.37 8.92 0.44
CA ASP A 46 -2.59 10.16 0.62
C ASP A 46 -1.15 9.98 0.13
N LYS A 47 -0.55 8.82 0.40
CA LYS A 47 0.85 8.57 0.05
C LYS A 47 1.06 7.21 -0.64
N LEU A 48 2.28 7.01 -1.18
CA LEU A 48 2.69 5.75 -1.85
C LEU A 48 4.20 5.57 -1.68
N GLN A 49 4.64 4.38 -1.25
CA GLN A 49 6.06 4.11 -0.99
C GLN A 49 6.50 2.82 -1.71
N ALA A 50 7.48 2.95 -2.62
CA ALA A 50 7.98 1.80 -3.40
C ALA A 50 9.44 1.47 -3.07
N THR A 51 9.80 0.17 -3.19
CA THR A 51 11.17 -0.33 -2.93
C THR A 51 12.17 0.21 -3.98
N PRO A 52 13.23 0.97 -3.56
CA PRO A 52 14.28 1.45 -4.49
C PRO A 52 14.98 0.32 -5.26
N ALA A 53 15.70 0.70 -6.34
CA ALA A 53 16.45 -0.26 -7.15
C ALA A 53 17.74 -0.73 -6.45
N SER A 54 18.05 -0.09 -5.32
CA SER A 54 19.16 -0.49 -4.46
C SER A 54 18.64 -1.35 -3.29
N SER A 55 17.31 -1.41 -3.13
CA SER A 55 16.66 -2.21 -2.10
C SER A 55 16.59 -3.68 -2.49
N GLU A 56 16.87 -4.55 -1.49
CA GLU A 56 16.79 -6.02 -1.65
C GLU A 56 15.37 -6.50 -1.95
N LYS A 57 14.43 -5.59 -1.71
CA LYS A 57 13.01 -5.88 -1.76
C LYS A 57 12.36 -5.50 -3.09
N MET A 58 11.28 -6.21 -3.41
CA MET A 58 10.40 -5.85 -4.52
C MET A 58 8.98 -5.69 -4.00
N MET A 59 8.58 -4.43 -3.75
CA MET A 59 7.28 -4.11 -3.15
C MET A 59 6.85 -2.69 -3.50
N LEU A 60 5.53 -2.47 -3.49
CA LEU A 60 4.94 -1.16 -3.68
C LEU A 60 3.86 -0.91 -2.64
N ARG A 61 4.04 0.13 -1.82
CA ARG A 61 3.12 0.44 -0.73
C ARG A 61 2.17 1.58 -1.09
N LEU A 62 0.95 1.50 -0.56
CA LEU A 62 -0.10 2.50 -0.78
C LEU A 62 -0.68 2.96 0.57
N ILE A 63 -0.42 4.22 0.91
CA ILE A 63 -0.80 4.79 2.22
C ILE A 63 -2.25 5.31 2.18
N GLY A 64 -2.99 5.05 3.27
CA GLY A 64 -4.38 5.47 3.37
C GLY A 64 -4.55 6.83 4.03
N LYS A 65 -5.69 7.48 3.74
CA LYS A 65 -5.99 8.82 4.26
C LYS A 65 -6.53 8.77 5.69
N VAL A 66 -5.75 9.40 6.58
CA VAL A 66 -6.07 9.50 8.00
C VAL A 66 -6.19 10.97 8.42
N ASP A 67 -7.12 11.23 9.34
CA ASP A 67 -7.30 12.55 9.93
C ASP A 67 -6.45 12.66 11.19
N GLU A 68 -5.36 13.42 11.10
CA GLU A 68 -4.41 13.57 12.21
C GLU A 68 -4.84 14.68 13.20
N SER A 69 -5.96 15.35 12.91
CA SER A 69 -6.53 16.37 13.80
C SER A 69 -7.29 15.74 14.98
N LYS A 70 -7.39 14.40 14.97
CA LYS A 70 -8.04 13.63 16.05
C LYS A 70 -7.00 13.20 17.11
N LYS A 71 -6.00 14.07 17.33
CA LYS A 71 -4.86 13.84 18.24
C LYS A 71 -5.29 13.27 19.60
N ARG A 72 -4.65 12.15 19.98
CA ARG A 72 -4.92 11.48 21.25
C ARG A 72 -3.74 11.70 22.21
N LYS A 73 -4.01 11.68 23.51
CA LYS A 73 -2.97 11.79 24.54
C LYS A 73 -3.08 10.63 25.53
N ASP A 74 -1.92 10.16 25.99
CA ASP A 74 -1.84 9.01 26.89
C ASP A 74 -2.07 9.42 28.36
N ASN A 75 -1.81 8.51 29.32
CA ASN A 75 -2.07 8.75 30.75
C ASN A 75 -1.36 9.99 31.31
N GLU A 76 -0.19 10.31 30.76
CA GLU A 76 0.64 11.43 31.27
C GLU A 76 0.31 12.75 30.58
N GLY A 77 -0.29 12.69 29.39
CA GLY A 77 -0.65 13.90 28.66
C GLY A 77 0.25 14.19 27.47
N ASN A 78 1.00 13.17 27.03
CA ASN A 78 1.87 13.30 25.86
C ASN A 78 1.09 12.95 24.59
N GLU A 79 1.43 13.64 23.49
CA GLU A 79 0.68 13.49 22.22
C GLU A 79 0.99 12.14 21.55
N VAL A 80 -0.04 11.31 21.48
CA VAL A 80 0.03 10.04 20.76
C VAL A 80 -0.94 10.06 19.59
N VAL A 81 -0.38 10.30 18.40
CA VAL A 81 -1.19 10.52 17.21
C VAL A 81 -1.42 9.20 16.42
N PRO A 82 -2.70 8.85 16.10
CA PRO A 82 -3.03 7.63 15.31
C PRO A 82 -2.48 7.70 13.88
N LYS A 83 -1.78 6.65 13.49
CA LYS A 83 -1.01 6.64 12.24
C LYS A 83 -1.80 6.03 11.07
N PRO A 84 -1.54 6.49 9.80
CA PRO A 84 -2.17 5.93 8.59
C PRO A 84 -1.70 4.51 8.24
N GLN A 85 -2.58 3.77 7.56
CA GLN A 85 -2.32 2.38 7.17
C GLN A 85 -1.69 2.30 5.77
N ARG A 86 -0.91 1.24 5.53
CA ARG A 86 -0.25 1.00 4.25
C ARG A 86 -0.88 -0.20 3.51
N HIS A 87 -0.77 -0.16 2.18
CA HIS A 87 -1.18 -1.28 1.32
C HIS A 87 0.00 -1.69 0.43
N MET A 88 0.57 -2.88 0.69
CA MET A 88 1.81 -3.28 0.03
C MET A 88 1.59 -4.39 -1.00
N PHE A 89 2.25 -4.21 -2.14
CA PHE A 89 2.25 -5.18 -3.24
C PHE A 89 3.69 -5.68 -3.46
N SER A 90 3.85 -6.77 -4.22
CA SER A 90 5.19 -7.26 -4.57
C SER A 90 5.38 -7.23 -6.09
N PHE A 91 6.61 -6.94 -6.51
CA PHE A 91 6.93 -6.73 -7.93
C PHE A 91 8.12 -7.58 -8.39
N ASN A 92 8.42 -7.50 -9.70
CA ASN A 92 9.56 -8.21 -10.29
C ASN A 92 10.49 -7.23 -11.03
N ASN A 93 10.00 -6.00 -11.27
CA ASN A 93 10.77 -4.97 -11.98
C ASN A 93 10.50 -3.58 -11.40
N ARG A 94 11.54 -2.75 -11.36
CA ARG A 94 11.45 -1.37 -10.82
C ARG A 94 10.86 -0.38 -11.83
N THR A 95 10.88 -0.75 -13.11
CA THR A 95 10.37 0.11 -14.19
C THR A 95 8.83 0.08 -14.25
N VAL A 96 8.23 -0.97 -13.65
CA VAL A 96 6.77 -1.06 -13.54
C VAL A 96 6.30 -0.22 -12.34
N MET A 97 6.74 -0.58 -11.11
CA MET A 97 6.34 0.11 -9.87
C MET A 97 6.45 1.63 -9.96
N ASP A 98 7.52 2.11 -10.61
CA ASP A 98 7.72 3.56 -10.83
C ASP A 98 6.73 4.12 -11.84
N ASN A 99 6.22 3.27 -12.73
CA ASN A 99 5.22 3.65 -13.74
C ASN A 99 3.78 3.55 -13.21
N ILE A 100 3.53 2.57 -12.32
CA ILE A 100 2.22 2.46 -11.63
C ILE A 100 2.09 3.63 -10.62
N LYS A 101 3.12 3.77 -9.75
CA LYS A 101 3.22 4.88 -8.79
C LYS A 101 3.09 6.26 -9.46
N MET A 102 3.75 6.40 -10.63
CA MET A 102 3.68 7.63 -11.44
C MET A 102 2.22 8.03 -11.73
N THR A 103 1.42 7.10 -12.29
CA THR A 103 -0.01 7.33 -12.54
C THR A 103 -0.74 7.64 -11.22
N LEU A 104 -0.64 6.70 -10.25
CA LEU A 104 -1.20 6.86 -8.89
C LEU A 104 -0.91 8.26 -8.33
N GLN A 105 0.39 8.58 -8.26
CA GLN A 105 0.89 9.90 -7.80
C GLN A 105 0.21 11.09 -8.49
N GLN A 106 -0.15 10.89 -9.77
CA GLN A 106 -0.82 11.92 -10.58
C GLN A 106 -2.32 11.96 -10.30
N ILE A 107 -2.84 10.86 -9.74
CA ILE A 107 -4.26 10.73 -9.35
C ILE A 107 -4.53 11.33 -7.96
N ILE A 108 -3.62 11.09 -6.99
CA ILE A 108 -3.78 11.58 -5.60
C ILE A 108 -3.62 13.10 -5.55
N SER A 109 -2.72 13.63 -6.38
CA SER A 109 -2.51 15.08 -6.53
C SER A 109 -3.75 15.78 -7.08
N ARG A 110 -4.66 15.01 -7.70
CA ARG A 110 -5.97 15.51 -8.16
C ARG A 110 -6.94 15.65 -6.98
N TYR A 111 -6.91 14.66 -6.07
CA TYR A 111 -7.71 14.69 -4.83
C TYR A 111 -7.00 15.45 -3.72
N LYS A 112 -5.79 15.94 -4.02
CA LYS A 112 -4.96 16.70 -3.10
C LYS A 112 -5.25 18.20 -3.25
N ASP A 113 -5.63 18.60 -4.47
CA ASP A 113 -6.01 19.97 -4.79
C ASP A 113 -7.52 20.20 -4.55
N ALA A 114 -8.32 19.15 -4.82
CA ALA A 114 -9.79 19.15 -4.61
C ALA A 114 -10.47 20.32 -5.35
N ASP A 115 -10.85 20.05 -6.61
CA ASP A 115 -11.53 21.04 -7.44
C ASP A 115 -12.98 20.61 -7.71
N GLY B 1 13.82 -32.04 3.36
CA GLY B 1 12.76 -32.18 4.39
C GLY B 1 13.31 -32.59 5.74
N SER B 2 12.97 -31.81 6.77
CA SER B 2 13.42 -32.08 8.13
C SER B 2 12.24 -32.48 9.04
N PRO B 3 12.32 -33.66 9.75
CA PRO B 3 11.23 -34.12 10.64
C PRO B 3 11.16 -33.33 11.97
N GLY B 4 9.94 -32.96 12.36
CA GLY B 4 9.73 -32.22 13.59
C GLY B 4 8.63 -31.19 13.49
N TYR B 5 8.97 -29.93 13.79
CA TYR B 5 8.01 -28.83 13.75
C TYR B 5 8.51 -27.71 12.79
N PRO B 6 8.21 -27.81 11.45
CA PRO B 6 8.65 -26.80 10.46
C PRO B 6 7.84 -25.48 10.51
N ASN B 7 7.03 -25.30 11.58
CA ASN B 7 6.19 -24.09 11.80
C ASN B 7 5.10 -23.96 10.72
N GLY B 8 4.11 -23.08 10.99
CA GLY B 8 3.00 -22.88 10.06
C GLY B 8 3.27 -21.74 9.08
N LEU B 9 4.34 -21.90 8.29
CA LEU B 9 4.73 -20.91 7.28
C LEU B 9 4.89 -21.59 5.92
N LEU B 10 4.09 -21.14 4.95
CA LEU B 10 4.20 -21.60 3.57
C LEU B 10 4.60 -20.43 2.66
N SER B 11 4.69 -19.24 3.27
CA SER B 11 5.04 -17.99 2.57
C SER B 11 5.38 -16.90 3.58
N GLY B 12 4.48 -16.65 4.54
CA GLY B 12 4.71 -15.66 5.58
C GLY B 12 4.75 -14.23 5.06
N ASP B 13 3.58 -13.71 4.67
CA ASP B 13 3.47 -12.36 4.09
C ASP B 13 2.31 -11.56 4.70
N GLU B 14 1.55 -12.20 5.58
CA GLU B 14 0.39 -11.58 6.22
C GLU B 14 0.68 -11.22 7.68
N ASP B 15 1.80 -11.71 8.17
CA ASP B 15 2.23 -11.50 9.56
C ASP B 15 3.53 -10.70 9.61
N PHE B 16 4.35 -10.83 8.56
CA PHE B 16 5.66 -10.16 8.49
C PHE B 16 5.57 -8.77 7.82
N SER B 17 4.36 -8.39 7.39
CA SER B 17 4.12 -7.07 6.82
C SER B 17 3.94 -5.99 7.92
N SER B 18 3.94 -6.45 9.18
CA SER B 18 3.86 -5.57 10.34
C SER B 18 5.26 -5.08 10.77
N ILE B 19 6.25 -5.98 10.64
CA ILE B 19 7.64 -5.65 10.91
C ILE B 19 8.34 -5.14 9.64
N ALA B 20 7.78 -5.47 8.47
CA ALA B 20 8.33 -4.99 7.20
C ALA B 20 7.84 -3.57 6.87
N ASP B 21 7.20 -2.94 7.87
CA ASP B 21 6.79 -1.54 7.81
C ASP B 21 7.88 -0.66 8.43
N MET B 22 8.63 -1.24 9.38
CA MET B 22 9.85 -0.63 9.92
C MET B 22 11.01 -0.78 8.93
N ASP B 23 10.84 -1.72 7.99
CA ASP B 23 11.80 -1.99 6.94
C ASP B 23 11.82 -0.92 5.84
N PHE B 24 10.65 -0.31 5.58
CA PHE B 24 10.48 0.60 4.45
C PHE B 24 11.04 2.00 4.71
N SER B 25 11.18 2.37 6.00
CA SER B 25 11.68 3.71 6.37
C SER B 25 13.22 3.76 6.36
N ALA B 26 13.86 2.58 6.36
CA ALA B 26 15.32 2.46 6.32
C ALA B 26 15.83 2.36 4.88
N LEU B 27 14.93 2.01 3.93
CA LEU B 27 15.29 1.80 2.53
C LEU B 27 15.26 3.11 1.73
N LEU B 28 14.30 3.99 2.05
CA LEU B 28 14.16 5.28 1.35
C LEU B 28 15.17 6.31 1.86
N SER B 29 15.61 6.10 3.10
CA SER B 29 16.63 6.95 3.74
C SER B 29 18.03 6.37 3.51
N GLN B 30 18.25 5.09 3.94
CA GLN B 30 19.53 4.37 3.79
C GLN B 30 20.73 5.16 4.36
N ILE B 31 21.14 4.79 5.57
CA ILE B 31 22.26 5.43 6.25
C ILE B 31 23.24 4.39 6.82
N SER B 32 24.55 4.71 6.74
CA SER B 32 25.67 3.86 7.23
C SER B 32 25.84 2.58 6.40
N SER B 33 24.79 1.76 6.31
CA SER B 33 24.83 0.51 5.55
C SER B 33 24.08 0.65 4.22
N PRO A 1 3.20 5.83 -19.39
CA PRO A 1 1.99 5.38 -18.65
C PRO A 1 1.53 3.99 -19.14
N SER A 2 1.37 3.07 -18.19
CA SER A 2 0.93 1.70 -18.50
C SER A 2 -0.35 1.34 -17.74
N HIS A 3 -0.46 1.84 -16.48
CA HIS A 3 -1.62 1.61 -15.58
C HIS A 3 -1.70 0.16 -15.09
N SER A 4 -1.25 -0.78 -15.92
CA SER A 4 -1.29 -2.21 -15.60
C SER A 4 0.06 -2.87 -15.87
N GLY A 5 0.43 -3.80 -14.99
CA GLY A 5 1.68 -4.52 -15.12
C GLY A 5 1.59 -5.91 -14.54
N ALA A 6 2.35 -6.14 -13.45
CA ALA A 6 2.32 -7.42 -12.72
C ALA A 6 2.66 -7.18 -11.25
N ALA A 7 1.78 -7.63 -10.36
CA ALA A 7 1.97 -7.42 -8.91
C ALA A 7 1.48 -8.60 -8.08
N ILE A 8 2.11 -8.78 -6.90
CA ILE A 8 1.72 -9.81 -5.92
C ILE A 8 1.08 -9.14 -4.70
N PHE A 9 -0.02 -9.73 -4.20
CA PHE A 9 -0.75 -9.20 -3.06
C PHE A 9 -1.21 -10.35 -2.16
N GLU A 10 -0.69 -10.36 -0.92
CA GLU A 10 -0.98 -11.40 0.09
C GLU A 10 -0.51 -12.81 -0.37
N LYS A 11 0.70 -12.84 -0.96
CA LYS A 11 1.40 -14.08 -1.39
C LYS A 11 0.75 -14.76 -2.61
N VAL A 12 -0.42 -14.25 -3.04
CA VAL A 12 -1.06 -14.71 -4.28
C VAL A 12 -0.65 -13.78 -5.43
N SER A 13 0.05 -14.35 -6.43
CA SER A 13 0.58 -13.56 -7.54
C SER A 13 -0.49 -13.24 -8.56
N GLY A 14 -0.47 -12.00 -9.05
CA GLY A 14 -1.48 -11.55 -9.98
C GLY A 14 -1.01 -10.41 -10.86
N ILE A 15 -1.97 -9.67 -11.40
CA ILE A 15 -1.70 -8.53 -12.27
C ILE A 15 -2.42 -7.28 -11.73
N ILE A 16 -1.73 -6.14 -11.77
CA ILE A 16 -2.28 -4.88 -11.25
C ILE A 16 -2.81 -4.00 -12.40
N ALA A 17 -3.98 -3.38 -12.18
CA ALA A 17 -4.59 -2.48 -13.16
C ALA A 17 -5.16 -1.23 -12.49
N ILE A 18 -4.97 -0.07 -13.12
CA ILE A 18 -5.53 1.20 -12.63
C ILE A 18 -6.85 1.52 -13.35
N ASN A 19 -7.85 1.88 -12.56
CA ASN A 19 -9.17 2.24 -13.06
C ASN A 19 -9.36 3.77 -13.06
N GLU A 20 -9.31 4.36 -14.27
CA GLU A 20 -9.60 5.78 -14.48
C GLU A 20 -10.75 5.92 -15.48
N ASP A 21 -11.33 7.16 -15.59
CA ASP A 21 -12.58 7.42 -16.38
C ASP A 21 -13.82 6.86 -15.66
N VAL A 22 -13.57 6.31 -14.49
CA VAL A 22 -14.59 5.78 -13.57
C VAL A 22 -14.86 6.77 -12.44
N SER A 23 -15.64 6.35 -11.45
CA SER A 23 -15.83 7.13 -10.22
C SER A 23 -14.52 7.00 -9.42
N PRO A 24 -14.22 7.82 -8.36
CA PRO A 24 -12.83 8.28 -8.14
C PRO A 24 -11.80 7.18 -8.35
N ALA A 25 -10.78 7.54 -9.18
CA ALA A 25 -9.85 6.57 -9.78
C ALA A 25 -9.22 5.64 -8.76
N GLU A 26 -9.09 4.39 -9.18
CA GLU A 26 -8.78 3.30 -8.30
C GLU A 26 -7.53 2.54 -8.77
N LEU A 27 -7.07 1.61 -7.92
CA LEU A 27 -6.00 0.68 -8.24
C LEU A 27 -6.49 -0.73 -7.95
N THR A 28 -6.74 -1.49 -9.02
CA THR A 28 -7.38 -2.79 -8.91
C THR A 28 -6.39 -3.92 -9.18
N TRP A 29 -6.05 -4.65 -8.12
CA TRP A 29 -5.25 -5.87 -8.24
C TRP A 29 -6.17 -7.05 -8.52
N ARG A 30 -5.78 -7.87 -9.49
CA ARG A 30 -6.47 -9.11 -9.80
C ARG A 30 -5.49 -10.27 -9.79
N SER A 31 -6.00 -11.49 -9.58
CA SER A 31 -5.16 -12.70 -9.60
C SER A 31 -4.64 -12.96 -11.03
N THR A 32 -3.69 -13.88 -11.20
CA THR A 32 -3.14 -14.19 -12.54
C THR A 32 -4.22 -14.61 -13.54
N ASP A 33 -5.31 -15.20 -13.02
CA ASP A 33 -6.51 -15.49 -13.81
C ASP A 33 -7.59 -14.41 -13.56
N GLY A 34 -7.55 -13.84 -12.34
CA GLY A 34 -8.46 -12.76 -11.95
C GLY A 34 -9.64 -13.23 -11.12
N ASP A 35 -9.51 -14.43 -10.53
CA ASP A 35 -10.55 -14.97 -9.63
C ASP A 35 -10.56 -14.20 -8.30
N LYS A 36 -9.38 -13.70 -7.89
CA LYS A 36 -9.25 -12.83 -6.72
C LYS A 36 -9.03 -11.39 -7.18
N VAL A 37 -9.70 -10.44 -6.52
CA VAL A 37 -9.61 -9.03 -6.91
C VAL A 37 -9.70 -8.08 -5.70
N HIS A 38 -8.80 -7.09 -5.67
CA HIS A 38 -8.79 -6.05 -4.63
C HIS A 38 -8.74 -4.66 -5.29
N THR A 39 -9.39 -3.67 -4.66
CA THR A 39 -9.51 -2.32 -5.24
C THR A 39 -9.07 -1.23 -4.25
N VAL A 40 -8.14 -0.37 -4.72
CA VAL A 40 -7.67 0.79 -3.97
C VAL A 40 -8.17 2.09 -4.63
N VAL A 41 -9.13 2.77 -4.00
CA VAL A 41 -9.60 4.08 -4.49
C VAL A 41 -8.63 5.17 -3.98
N LEU A 42 -8.05 5.93 -4.91
CA LEU A 42 -6.97 6.88 -4.58
C LEU A 42 -7.46 8.14 -3.85
N SER A 43 -8.74 8.49 -4.01
CA SER A 43 -9.32 9.69 -3.36
C SER A 43 -9.37 9.53 -1.84
N THR A 44 -9.13 8.30 -1.38
CA THR A 44 -8.99 7.99 0.05
C THR A 44 -7.55 7.51 0.38
N ILE A 45 -6.64 7.74 -0.58
CA ILE A 45 -5.20 7.46 -0.43
C ILE A 45 -4.44 8.79 -0.35
N ASP A 46 -3.40 8.84 0.50
CA ASP A 46 -2.64 10.06 0.72
C ASP A 46 -1.20 9.95 0.17
N LYS A 47 -0.50 8.86 0.50
CA LYS A 47 0.88 8.66 0.11
C LYS A 47 1.09 7.27 -0.50
N LEU A 48 2.28 7.05 -1.09
CA LEU A 48 2.65 5.75 -1.71
C LEU A 48 4.16 5.53 -1.53
N GLN A 49 4.55 4.32 -1.08
CA GLN A 49 5.98 4.02 -0.80
C GLN A 49 6.44 2.73 -1.48
N ALA A 50 7.38 2.86 -2.45
CA ALA A 50 7.88 1.72 -3.24
C ALA A 50 9.37 1.44 -2.98
N THR A 51 9.78 0.17 -3.23
CA THR A 51 11.18 -0.29 -3.02
C THR A 51 12.14 0.31 -4.08
N PRO A 52 13.23 1.04 -3.66
CA PRO A 52 14.26 1.54 -4.59
C PRO A 52 14.95 0.42 -5.39
N ALA A 53 15.66 0.81 -6.46
CA ALA A 53 16.41 -0.13 -7.31
C ALA A 53 17.70 -0.63 -6.63
N SER A 54 18.03 0.00 -5.49
CA SER A 54 19.15 -0.43 -4.65
C SER A 54 18.67 -1.36 -3.53
N SER A 55 17.36 -1.35 -3.29
CA SER A 55 16.73 -2.17 -2.25
C SER A 55 16.67 -3.65 -2.63
N GLU A 56 16.92 -4.51 -1.63
CA GLU A 56 16.83 -5.97 -1.77
C GLU A 56 15.40 -6.44 -2.05
N LYS A 57 14.47 -5.54 -1.77
CA LYS A 57 13.05 -5.83 -1.82
C LYS A 57 12.41 -5.45 -3.15
N MET A 58 11.28 -6.12 -3.44
CA MET A 58 10.41 -5.74 -4.55
C MET A 58 8.98 -5.60 -4.04
N MET A 59 8.58 -4.34 -3.77
CA MET A 59 7.29 -4.02 -3.15
C MET A 59 6.84 -2.60 -3.47
N LEU A 60 5.53 -2.40 -3.41
CA LEU A 60 4.92 -1.09 -3.62
C LEU A 60 3.82 -0.87 -2.59
N ARG A 61 3.97 0.15 -1.75
CA ARG A 61 3.01 0.40 -0.67
C ARG A 61 2.10 1.58 -0.98
N LEU A 62 0.83 1.42 -0.58
CA LEU A 62 -0.20 2.43 -0.78
C LEU A 62 -0.78 2.88 0.56
N ILE A 63 -0.40 4.07 0.98
CA ILE A 63 -0.75 4.62 2.29
C ILE A 63 -2.12 5.31 2.23
N GLY A 64 -2.95 5.04 3.24
CA GLY A 64 -4.33 5.51 3.25
C GLY A 64 -4.52 6.83 3.98
N LYS A 65 -5.69 7.43 3.75
CA LYS A 65 -6.06 8.70 4.38
C LYS A 65 -6.72 8.45 5.75
N VAL A 66 -6.27 9.19 6.76
CA VAL A 66 -6.70 8.97 8.14
C VAL A 66 -7.83 9.92 8.53
N ASP A 67 -8.87 9.35 9.13
CA ASP A 67 -9.93 10.11 9.78
C ASP A 67 -9.76 10.00 11.29
N GLU A 68 -9.01 10.95 11.88
CA GLU A 68 -8.67 10.89 13.31
C GLU A 68 -9.76 11.49 14.20
N SER A 69 -10.84 12.01 13.59
CA SER A 69 -11.98 12.55 14.33
C SER A 69 -12.86 11.43 14.93
N LYS A 70 -12.54 10.18 14.55
CA LYS A 70 -13.23 8.99 15.07
C LYS A 70 -12.45 8.38 16.26
N LYS A 71 -11.87 9.27 17.08
CA LYS A 71 -11.02 8.91 18.24
C LYS A 71 -11.62 7.79 19.10
N ARG A 72 -10.85 6.70 19.23
CA ARG A 72 -11.28 5.52 19.96
C ARG A 72 -10.61 5.48 21.35
N LYS A 73 -11.25 4.82 22.30
CA LYS A 73 -10.70 4.64 23.65
C LYS A 73 -10.68 3.17 24.03
N ASP A 74 -9.67 2.79 24.81
CA ASP A 74 -9.47 1.39 25.22
C ASP A 74 -10.23 1.06 26.51
N ASN A 75 -9.94 -0.11 27.12
CA ASN A 75 -10.66 -0.59 28.33
C ASN A 75 -10.60 0.38 29.51
N GLU A 76 -9.50 1.14 29.61
CA GLU A 76 -9.28 2.04 30.75
C GLU A 76 -9.81 3.46 30.48
N GLY A 77 -9.96 3.80 29.19
CA GLY A 77 -10.48 5.11 28.81
C GLY A 77 -9.41 6.06 28.31
N ASN A 78 -8.31 5.50 27.79
CA ASN A 78 -7.22 6.30 27.20
C ASN A 78 -7.44 6.42 25.70
N GLU A 79 -7.06 7.58 25.13
CA GLU A 79 -7.29 7.86 23.71
C GLU A 79 -6.36 7.04 22.81
N VAL A 80 -6.97 6.12 22.07
CA VAL A 80 -6.25 5.30 21.11
C VAL A 80 -6.74 5.64 19.70
N VAL A 81 -5.95 6.43 19.00
CA VAL A 81 -6.36 6.98 17.71
C VAL A 81 -5.91 6.05 16.54
N PRO A 82 -6.85 5.65 15.62
CA PRO A 82 -6.54 4.77 14.46
C PRO A 82 -5.53 5.37 13.49
N LYS A 83 -4.56 4.54 13.12
CA LYS A 83 -3.46 4.93 12.24
C LYS A 83 -3.76 4.57 10.75
N PRO A 84 -3.01 5.16 9.76
CA PRO A 84 -3.27 4.93 8.32
C PRO A 84 -3.07 3.48 7.88
N GLN A 85 -3.84 3.10 6.87
CA GLN A 85 -3.75 1.77 6.25
C GLN A 85 -2.82 1.80 5.05
N ARG A 86 -1.90 0.84 5.00
CA ARG A 86 -0.89 0.79 3.95
C ARG A 86 -1.00 -0.53 3.16
N HIS A 87 -1.15 -0.41 1.82
CA HIS A 87 -1.35 -1.57 0.95
C HIS A 87 -0.09 -1.87 0.13
N MET A 88 0.55 -3.02 0.41
CA MET A 88 1.81 -3.40 -0.24
C MET A 88 1.58 -4.39 -1.37
N PHE A 89 2.34 -4.21 -2.46
CA PHE A 89 2.30 -5.11 -3.63
C PHE A 89 3.72 -5.47 -4.05
N SER A 90 3.99 -6.78 -4.18
CA SER A 90 5.32 -7.24 -4.58
C SER A 90 5.48 -7.23 -6.11
N PHE A 91 6.69 -6.92 -6.56
CA PHE A 91 6.97 -6.71 -7.99
C PHE A 91 8.18 -7.53 -8.45
N ASN A 92 8.46 -7.47 -9.77
CA ASN A 92 9.61 -8.16 -10.37
C ASN A 92 10.53 -7.18 -11.12
N ASN A 93 10.03 -5.94 -11.36
CA ASN A 93 10.79 -4.91 -12.07
C ASN A 93 10.48 -3.53 -11.49
N ARG A 94 11.52 -2.67 -11.45
CA ARG A 94 11.41 -1.29 -10.93
C ARG A 94 10.78 -0.33 -11.95
N THR A 95 10.79 -0.73 -13.23
CA THR A 95 10.26 0.11 -14.32
C THR A 95 8.72 0.08 -14.34
N VAL A 96 8.12 -0.98 -13.74
CA VAL A 96 6.66 -1.07 -13.61
C VAL A 96 6.20 -0.23 -12.41
N MET A 97 6.66 -0.59 -11.18
CA MET A 97 6.28 0.11 -9.93
C MET A 97 6.38 1.63 -10.06
N ASP A 98 7.44 2.10 -10.74
CA ASP A 98 7.66 3.53 -10.95
C ASP A 98 6.66 4.11 -11.96
N ASN A 99 6.12 3.26 -12.84
CA ASN A 99 5.10 3.66 -13.82
C ASN A 99 3.68 3.57 -13.25
N ILE A 100 3.43 2.58 -12.36
CA ILE A 100 2.15 2.48 -11.62
C ILE A 100 2.06 3.65 -10.62
N LYS A 101 3.10 3.78 -9.78
CA LYS A 101 3.24 4.88 -8.80
C LYS A 101 3.13 6.26 -9.47
N MET A 102 3.76 6.41 -10.65
CA MET A 102 3.67 7.65 -11.44
C MET A 102 2.22 8.05 -11.72
N THR A 103 1.41 7.11 -12.24
CA THR A 103 -0.02 7.33 -12.46
C THR A 103 -0.72 7.65 -11.13
N LEU A 104 -0.62 6.71 -10.16
CA LEU A 104 -1.16 6.86 -8.79
C LEU A 104 -0.86 8.26 -8.24
N GLN A 105 0.44 8.57 -8.16
CA GLN A 105 0.95 9.88 -7.69
C GLN A 105 0.28 11.08 -8.36
N GLN A 106 -0.10 10.90 -9.64
CA GLN A 106 -0.75 11.95 -10.42
C GLN A 106 -2.26 11.98 -10.15
N ILE A 107 -2.79 10.87 -9.64
CA ILE A 107 -4.20 10.74 -9.25
C ILE A 107 -4.46 11.36 -7.85
N ILE A 108 -3.57 11.10 -6.88
CA ILE A 108 -3.75 11.60 -5.50
C ILE A 108 -3.56 13.12 -5.44
N SER A 109 -2.62 13.63 -6.24
CA SER A 109 -2.35 15.07 -6.33
C SER A 109 -3.55 15.87 -6.87
N ARG A 110 -4.49 15.14 -7.52
CA ARG A 110 -5.77 15.72 -7.95
C ARG A 110 -6.74 15.86 -6.77
N TYR A 111 -6.78 14.79 -5.96
CA TYR A 111 -7.58 14.77 -4.72
C TYR A 111 -6.85 15.48 -3.57
N LYS A 112 -5.64 15.98 -3.88
CA LYS A 112 -4.80 16.72 -2.92
C LYS A 112 -5.09 18.22 -3.01
N ASP A 113 -5.40 18.68 -4.23
CA ASP A 113 -5.76 20.06 -4.50
C ASP A 113 -7.25 20.31 -4.29
N ALA A 114 -8.08 19.28 -4.57
CA ALA A 114 -9.54 19.31 -4.40
C ALA A 114 -10.19 20.50 -5.13
N ASP A 115 -10.50 20.27 -6.40
CA ASP A 115 -11.15 21.28 -7.25
C ASP A 115 -12.56 20.85 -7.65
N GLY B 1 -16.01 -38.58 7.05
CA GLY B 1 -15.20 -38.80 8.27
C GLY B 1 -15.14 -37.58 9.17
N SER B 2 -16.25 -37.35 9.91
CA SER B 2 -16.41 -36.20 10.84
C SER B 2 -16.14 -34.83 10.17
N PRO B 3 -17.19 -33.97 9.97
CA PRO B 3 -17.03 -32.65 9.31
C PRO B 3 -16.34 -31.60 10.21
N GLY B 4 -15.44 -30.81 9.61
CA GLY B 4 -14.73 -29.78 10.34
C GLY B 4 -13.28 -29.63 9.90
N TYR B 5 -12.77 -28.40 9.96
CA TYR B 5 -11.39 -28.10 9.57
C TYR B 5 -10.51 -27.88 10.82
N PRO B 6 -9.68 -28.89 11.25
CA PRO B 6 -8.75 -28.74 12.39
C PRO B 6 -7.61 -27.74 12.15
N ASN B 7 -7.29 -27.51 10.87
CA ASN B 7 -6.20 -26.60 10.48
C ASN B 7 -6.74 -25.22 10.11
N GLY B 8 -6.03 -24.18 10.57
CA GLY B 8 -6.42 -22.80 10.28
C GLY B 8 -5.25 -21.84 10.37
N LEU B 9 -4.88 -21.25 9.24
CA LEU B 9 -3.75 -20.30 9.17
C LEU B 9 -4.24 -18.89 8.81
N LEU B 10 -5.52 -18.62 9.05
CA LEU B 10 -6.14 -17.33 8.69
C LEU B 10 -5.58 -16.17 9.55
N SER B 11 -4.68 -16.51 10.47
CA SER B 11 -4.04 -15.55 11.37
C SER B 11 -2.67 -16.09 11.83
N GLY B 12 -1.62 -15.69 11.11
CA GLY B 12 -0.29 -16.16 11.42
C GLY B 12 0.73 -15.86 10.32
N ASP B 13 0.26 -15.84 9.07
CA ASP B 13 1.13 -15.60 7.90
C ASP B 13 0.63 -14.41 7.07
N GLU B 14 -0.39 -13.72 7.58
CA GLU B 14 -0.98 -12.57 6.91
C GLU B 14 -0.85 -11.29 7.75
N ASP B 15 -0.07 -11.38 8.82
CA ASP B 15 0.11 -10.29 9.78
C ASP B 15 1.55 -9.74 9.76
N PHE B 16 2.37 -10.20 8.80
CA PHE B 16 3.79 -9.79 8.72
C PHE B 16 3.98 -8.38 8.12
N SER B 17 2.88 -7.81 7.61
CA SER B 17 2.92 -6.45 7.02
C SER B 17 2.86 -5.36 8.10
N SER B 18 2.70 -5.79 9.37
CA SER B 18 2.73 -4.87 10.51
C SER B 18 4.17 -4.66 11.00
N ILE B 19 4.99 -5.73 10.93
CA ILE B 19 6.41 -5.66 11.28
C ILE B 19 7.26 -5.33 10.04
N ALA B 20 6.72 -5.58 8.86
CA ALA B 20 7.39 -5.21 7.61
C ALA B 20 7.07 -3.75 7.22
N ASP B 21 6.45 -3.03 8.16
CA ASP B 21 6.15 -1.60 8.03
C ASP B 21 7.25 -0.78 8.70
N MET B 22 7.83 -1.32 9.78
CA MET B 22 9.04 -0.78 10.39
C MET B 22 10.27 -1.04 9.51
N ASP B 23 10.08 -1.97 8.56
CA ASP B 23 11.10 -2.36 7.61
C ASP B 23 11.30 -1.34 6.48
N PHE B 24 10.19 -0.73 6.02
CA PHE B 24 10.23 0.15 4.85
C PHE B 24 10.64 1.59 5.20
N SER B 25 10.35 2.02 6.44
CA SER B 25 10.60 3.40 6.88
C SER B 25 12.11 3.70 7.03
N ALA B 26 12.90 2.67 7.31
CA ALA B 26 14.36 2.79 7.41
C ALA B 26 15.04 2.53 6.06
N LEU B 27 14.28 1.93 5.12
CA LEU B 27 14.78 1.60 3.78
C LEU B 27 14.64 2.76 2.79
N LEU B 28 13.69 3.66 3.05
CA LEU B 28 13.45 4.83 2.19
C LEU B 28 14.17 6.06 2.71
N SER B 29 14.37 6.09 4.02
CA SER B 29 15.13 7.15 4.69
C SER B 29 16.62 6.80 4.76
N GLN B 30 16.91 5.53 5.09
CA GLN B 30 18.29 4.97 5.18
C GLN B 30 19.24 5.87 5.99
N ILE B 31 19.37 5.55 7.28
CA ILE B 31 20.23 6.31 8.19
C ILE B 31 21.40 5.45 8.71
N SER B 32 22.62 5.92 8.44
CA SER B 32 23.84 5.24 8.88
C SER B 32 24.65 6.14 9.81
N SER B 33 25.12 5.56 10.94
CA SER B 33 25.92 6.27 11.97
C SER B 33 25.16 7.47 12.57
N PRO A 1 4.59 5.05 -20.37
CA PRO A 1 3.39 5.20 -19.50
C PRO A 1 2.50 3.96 -19.54
N SER A 2 2.34 3.31 -18.37
CA SER A 2 1.51 2.12 -18.24
C SER A 2 0.69 2.16 -16.96
N HIS A 3 -0.62 1.92 -17.10
CA HIS A 3 -1.55 1.87 -15.96
C HIS A 3 -1.59 0.47 -15.33
N SER A 4 -0.88 -0.48 -15.95
CA SER A 4 -0.94 -1.89 -15.56
C SER A 4 0.41 -2.59 -15.74
N GLY A 5 0.58 -3.69 -15.00
CA GLY A 5 1.80 -4.48 -15.09
C GLY A 5 1.62 -5.85 -14.47
N ALA A 6 2.44 -6.14 -13.45
CA ALA A 6 2.36 -7.38 -12.70
C ALA A 6 2.68 -7.14 -11.21
N ALA A 7 1.77 -7.58 -10.32
CA ALA A 7 1.95 -7.38 -8.88
C ALA A 7 1.46 -8.57 -8.06
N ILE A 8 2.04 -8.74 -6.86
CA ILE A 8 1.63 -9.79 -5.91
C ILE A 8 0.97 -9.14 -4.68
N PHE A 9 -0.12 -9.77 -4.21
CA PHE A 9 -0.86 -9.27 -3.04
C PHE A 9 -1.38 -10.45 -2.24
N GLU A 10 -1.01 -10.51 -0.95
CA GLU A 10 -1.39 -11.61 -0.03
C GLU A 10 -0.82 -12.98 -0.49
N LYS A 11 0.43 -12.94 -1.00
CA LYS A 11 1.20 -14.13 -1.44
C LYS A 11 0.61 -14.80 -2.71
N VAL A 12 -0.55 -14.30 -3.17
CA VAL A 12 -1.13 -14.75 -4.44
C VAL A 12 -0.68 -13.79 -5.55
N SER A 13 0.03 -14.34 -6.55
CA SER A 13 0.58 -13.52 -7.63
C SER A 13 -0.48 -13.20 -8.68
N GLY A 14 -0.47 -11.95 -9.12
CA GLY A 14 -1.47 -11.47 -10.05
C GLY A 14 -0.99 -10.33 -10.92
N ILE A 15 -1.95 -9.57 -11.43
CA ILE A 15 -1.69 -8.44 -12.31
C ILE A 15 -2.38 -7.18 -11.75
N ILE A 16 -1.68 -6.05 -11.79
CA ILE A 16 -2.21 -4.79 -11.28
C ILE A 16 -2.70 -3.90 -12.45
N ALA A 17 -3.90 -3.33 -12.29
CA ALA A 17 -4.48 -2.44 -13.29
C ALA A 17 -5.12 -1.22 -12.62
N ILE A 18 -4.94 -0.03 -13.23
CA ILE A 18 -5.50 1.21 -12.69
C ILE A 18 -6.83 1.55 -13.36
N ASN A 19 -7.79 1.83 -12.50
CA ASN A 19 -9.14 2.26 -12.88
C ASN A 19 -9.28 3.80 -12.88
N GLU A 20 -9.32 4.37 -14.08
CA GLU A 20 -9.59 5.80 -14.28
C GLU A 20 -10.76 5.97 -15.27
N ASP A 21 -11.29 7.21 -15.39
CA ASP A 21 -12.50 7.54 -16.20
C ASP A 21 -13.78 7.01 -15.52
N VAL A 22 -13.58 6.41 -14.35
CA VAL A 22 -14.63 5.84 -13.52
C VAL A 22 -14.94 6.76 -12.34
N SER A 23 -15.76 6.29 -11.40
CA SER A 23 -15.99 7.01 -10.15
C SER A 23 -14.71 6.86 -9.32
N PRO A 24 -14.43 7.69 -8.25
CA PRO A 24 -13.05 8.19 -8.02
C PRO A 24 -11.98 7.13 -8.26
N ALA A 25 -11.00 7.52 -9.09
CA ALA A 25 -10.01 6.60 -9.68
C ALA A 25 -9.39 5.68 -8.68
N GLU A 26 -9.32 4.42 -9.09
CA GLU A 26 -8.96 3.33 -8.22
C GLU A 26 -7.72 2.59 -8.75
N LEU A 27 -7.21 1.68 -7.93
CA LEU A 27 -6.10 0.79 -8.29
C LEU A 27 -6.54 -0.64 -8.03
N THR A 28 -6.72 -1.41 -9.10
CA THR A 28 -7.33 -2.73 -9.00
C THR A 28 -6.29 -3.83 -9.23
N TRP A 29 -5.98 -4.57 -8.16
CA TRP A 29 -5.18 -5.79 -8.26
C TRP A 29 -6.09 -6.96 -8.60
N ARG A 30 -5.60 -7.83 -9.47
CA ARG A 30 -6.30 -9.01 -9.91
C ARG A 30 -5.34 -10.21 -9.87
N SER A 31 -5.90 -11.41 -9.81
CA SER A 31 -5.09 -12.64 -9.81
C SER A 31 -4.60 -12.93 -11.24
N THR A 32 -3.60 -13.82 -11.39
CA THR A 32 -3.04 -14.13 -12.74
C THR A 32 -4.12 -14.56 -13.75
N ASP A 33 -5.16 -15.23 -13.25
CA ASP A 33 -6.35 -15.54 -14.05
C ASP A 33 -7.45 -14.49 -13.80
N GLY A 34 -7.45 -13.93 -12.58
CA GLY A 34 -8.37 -12.87 -12.20
C GLY A 34 -9.52 -13.35 -11.33
N ASP A 35 -9.37 -14.54 -10.72
CA ASP A 35 -10.36 -15.09 -9.79
C ASP A 35 -10.41 -14.29 -8.48
N LYS A 36 -9.28 -13.63 -8.16
CA LYS A 36 -9.19 -12.75 -6.99
C LYS A 36 -8.93 -11.31 -7.44
N VAL A 37 -9.60 -10.35 -6.80
CA VAL A 37 -9.53 -8.94 -7.22
C VAL A 37 -9.65 -7.99 -6.00
N HIS A 38 -8.66 -7.09 -5.86
CA HIS A 38 -8.65 -6.08 -4.80
C HIS A 38 -8.64 -4.67 -5.42
N THR A 39 -9.28 -3.70 -4.73
CA THR A 39 -9.42 -2.34 -5.28
C THR A 39 -8.97 -1.26 -4.27
N VAL A 40 -8.12 -0.34 -4.74
CA VAL A 40 -7.63 0.80 -3.97
C VAL A 40 -8.15 2.12 -4.59
N VAL A 41 -9.11 2.77 -3.93
CA VAL A 41 -9.62 4.08 -4.38
C VAL A 41 -8.64 5.17 -3.91
N LEU A 42 -8.09 5.94 -4.86
CA LEU A 42 -7.01 6.89 -4.55
C LEU A 42 -7.48 8.17 -3.83
N SER A 43 -8.77 8.52 -3.98
CA SER A 43 -9.35 9.65 -3.24
C SER A 43 -9.44 9.35 -1.74
N THR A 44 -9.02 8.13 -1.38
CA THR A 44 -8.94 7.69 0.01
C THR A 44 -7.47 7.44 0.41
N ILE A 45 -6.56 7.67 -0.55
CA ILE A 45 -5.12 7.45 -0.39
C ILE A 45 -4.39 8.80 -0.31
N ASP A 46 -3.37 8.87 0.56
CA ASP A 46 -2.62 10.11 0.79
C ASP A 46 -1.21 10.03 0.18
N LYS A 47 -0.47 8.95 0.50
CA LYS A 47 0.90 8.78 0.04
C LYS A 47 1.10 7.37 -0.55
N LEU A 48 2.26 7.16 -1.18
CA LEU A 48 2.64 5.87 -1.79
C LEU A 48 4.15 5.68 -1.67
N GLN A 49 4.60 4.49 -1.25
CA GLN A 49 6.04 4.24 -1.05
C GLN A 49 6.47 2.92 -1.71
N ALA A 50 7.43 3.00 -2.64
CA ALA A 50 7.92 1.82 -3.38
C ALA A 50 9.39 1.51 -3.04
N THR A 51 9.76 0.22 -3.19
CA THR A 51 11.13 -0.26 -2.94
C THR A 51 12.13 0.29 -3.99
N PRO A 52 13.20 1.04 -3.56
CA PRO A 52 14.26 1.53 -4.48
C PRO A 52 14.92 0.41 -5.30
N ALA A 53 15.61 0.80 -6.39
CA ALA A 53 16.33 -0.15 -7.26
C ALA A 53 17.63 -0.65 -6.60
N SER A 54 17.99 -0.01 -5.47
CA SER A 54 19.11 -0.45 -4.63
C SER A 54 18.62 -1.38 -3.52
N SER A 55 17.30 -1.36 -3.27
CA SER A 55 16.67 -2.18 -2.24
C SER A 55 16.57 -3.65 -2.65
N GLU A 56 16.88 -4.53 -1.69
CA GLU A 56 16.76 -5.99 -1.84
C GLU A 56 15.33 -6.42 -2.14
N LYS A 57 14.40 -5.57 -1.71
CA LYS A 57 12.98 -5.84 -1.75
C LYS A 57 12.34 -5.48 -3.08
N MET A 58 11.25 -6.19 -3.39
CA MET A 58 10.38 -5.84 -4.50
C MET A 58 8.96 -5.68 -3.98
N MET A 59 8.57 -4.41 -3.73
CA MET A 59 7.27 -4.08 -3.13
C MET A 59 6.84 -2.67 -3.49
N LEU A 60 5.52 -2.45 -3.48
CA LEU A 60 4.94 -1.13 -3.69
C LEU A 60 3.86 -0.88 -2.64
N ARG A 61 4.05 0.17 -1.83
CA ARG A 61 3.15 0.47 -0.73
C ARG A 61 2.17 1.60 -1.09
N LEU A 62 0.96 1.49 -0.55
CA LEU A 62 -0.10 2.48 -0.75
C LEU A 62 -0.62 2.95 0.61
N ILE A 63 -0.19 4.15 1.01
CA ILE A 63 -0.50 4.72 2.32
C ILE A 63 -1.85 5.44 2.27
N GLY A 64 -2.70 5.17 3.27
CA GLY A 64 -4.07 5.65 3.26
C GLY A 64 -4.27 6.97 3.99
N LYS A 65 -5.47 7.54 3.81
CA LYS A 65 -5.86 8.79 4.46
C LYS A 65 -6.42 8.51 5.86
N VAL A 66 -5.99 9.31 6.84
CA VAL A 66 -6.31 9.08 8.24
C VAL A 66 -7.56 9.84 8.67
N ASP A 67 -8.44 9.14 9.37
CA ASP A 67 -9.59 9.74 10.02
C ASP A 67 -9.35 9.80 11.54
N GLU A 68 -8.68 10.88 11.97
CA GLU A 68 -8.32 11.05 13.39
C GLU A 68 -9.45 11.72 14.19
N SER A 69 -10.56 12.08 13.51
CA SER A 69 -11.74 12.68 14.16
C SER A 69 -12.54 11.63 14.95
N LYS A 70 -12.25 10.36 14.69
CA LYS A 70 -12.86 9.22 15.39
C LYS A 70 -11.97 8.72 16.53
N LYS A 71 -11.38 9.68 17.24
CA LYS A 71 -10.45 9.43 18.37
C LYS A 71 -10.97 8.35 19.33
N ARG A 72 -10.19 7.27 19.43
CA ARG A 72 -10.58 6.07 20.19
C ARG A 72 -9.83 6.05 21.53
N LYS A 73 -10.45 5.41 22.53
CA LYS A 73 -9.84 5.24 23.85
C LYS A 73 -9.84 3.76 24.25
N ASP A 74 -8.77 3.36 24.95
CA ASP A 74 -8.58 1.95 25.34
C ASP A 74 -9.31 1.62 26.66
N ASN A 75 -9.03 0.44 27.24
CA ASN A 75 -9.71 -0.04 28.47
C ASN A 75 -9.60 0.93 29.65
N GLU A 76 -8.49 1.66 29.72
CA GLU A 76 -8.22 2.56 30.85
C GLU A 76 -8.76 3.97 30.62
N GLY A 77 -8.94 4.34 29.35
CA GLY A 77 -9.48 5.65 28.99
C GLY A 77 -8.44 6.60 28.43
N ASN A 78 -7.32 6.05 27.96
CA ASN A 78 -6.26 6.84 27.32
C ASN A 78 -6.51 6.93 25.82
N GLU A 79 -6.09 8.06 25.22
CA GLU A 79 -6.35 8.32 23.80
C GLU A 79 -5.50 7.43 22.89
N VAL A 80 -6.19 6.58 22.14
CA VAL A 80 -5.55 5.73 21.13
C VAL A 80 -6.12 6.08 19.76
N VAL A 81 -5.35 6.86 19.01
CA VAL A 81 -5.82 7.40 17.73
C VAL A 81 -5.46 6.46 16.55
N PRO A 82 -6.47 6.08 15.68
CA PRO A 82 -6.23 5.18 14.53
C PRO A 82 -5.22 5.74 13.53
N LYS A 83 -4.29 4.86 13.14
CA LYS A 83 -3.18 5.21 12.27
C LYS A 83 -3.51 4.89 10.78
N PRO A 84 -2.71 5.42 9.79
CA PRO A 84 -2.97 5.20 8.36
C PRO A 84 -2.81 3.74 7.93
N GLN A 85 -3.61 3.36 6.94
CA GLN A 85 -3.57 2.01 6.36
C GLN A 85 -2.65 1.98 5.14
N ARG A 86 -1.73 1.03 5.16
CA ARG A 86 -0.70 0.92 4.10
C ARG A 86 -0.86 -0.40 3.34
N HIS A 87 -1.20 -0.28 2.04
CA HIS A 87 -1.40 -1.45 1.18
C HIS A 87 -0.14 -1.74 0.36
N MET A 88 0.51 -2.88 0.66
CA MET A 88 1.78 -3.23 0.02
C MET A 88 1.59 -4.36 -1.00
N PHE A 89 2.24 -4.17 -2.15
CA PHE A 89 2.25 -5.14 -3.24
C PHE A 89 3.69 -5.64 -3.44
N SER A 90 3.86 -6.75 -4.18
CA SER A 90 5.19 -7.24 -4.53
C SER A 90 5.38 -7.25 -6.05
N PHE A 91 6.61 -6.96 -6.48
CA PHE A 91 6.92 -6.76 -7.91
C PHE A 91 8.11 -7.62 -8.36
N ASN A 92 8.40 -7.56 -9.67
CA ASN A 92 9.54 -8.27 -10.26
C ASN A 92 10.47 -7.29 -11.00
N ASN A 93 9.98 -6.07 -11.28
CA ASN A 93 10.76 -5.04 -11.98
C ASN A 93 10.46 -3.65 -11.41
N ARG A 94 11.51 -2.79 -11.36
CA ARG A 94 11.38 -1.42 -10.85
C ARG A 94 10.80 -0.45 -11.88
N THR A 95 10.84 -0.86 -13.16
CA THR A 95 10.34 -0.04 -14.26
C THR A 95 8.79 -0.06 -14.31
N VAL A 96 8.19 -1.08 -13.68
CA VAL A 96 6.73 -1.17 -13.58
C VAL A 96 6.25 -0.30 -12.39
N MET A 97 6.69 -0.66 -11.16
CA MET A 97 6.28 0.05 -9.92
C MET A 97 6.38 1.57 -10.03
N ASP A 98 7.45 2.04 -10.70
CA ASP A 98 7.66 3.49 -10.92
C ASP A 98 6.65 4.07 -11.92
N ASN A 99 6.14 3.22 -12.82
CA ASN A 99 5.11 3.62 -13.79
C ASN A 99 3.69 3.50 -13.22
N ILE A 100 3.46 2.52 -12.31
CA ILE A 100 2.18 2.41 -11.58
C ILE A 100 2.08 3.58 -10.59
N LYS A 101 3.12 3.72 -9.73
CA LYS A 101 3.25 4.83 -8.78
C LYS A 101 3.09 6.20 -9.46
N MET A 102 3.73 6.36 -10.63
CA MET A 102 3.63 7.59 -11.44
C MET A 102 2.17 7.96 -11.73
N THR A 103 1.39 6.99 -12.26
CA THR A 103 -0.04 7.18 -12.51
C THR A 103 -0.77 7.51 -11.19
N LEU A 104 -0.68 6.59 -10.21
CA LEU A 104 -1.25 6.77 -8.85
C LEU A 104 -0.96 8.17 -8.31
N GLN A 105 0.34 8.50 -8.24
CA GLN A 105 0.84 9.82 -7.77
C GLN A 105 0.17 11.01 -8.47
N GLN A 106 -0.19 10.83 -9.74
CA GLN A 106 -0.87 11.86 -10.54
C GLN A 106 -2.37 11.91 -10.24
N ILE A 107 -2.88 10.81 -9.68
CA ILE A 107 -4.30 10.68 -9.27
C ILE A 107 -4.55 11.34 -7.89
N ILE A 108 -3.65 11.11 -6.92
CA ILE A 108 -3.82 11.63 -5.54
C ILE A 108 -3.61 13.15 -5.49
N SER A 109 -2.68 13.63 -6.31
CA SER A 109 -2.40 15.08 -6.43
C SER A 109 -3.61 15.85 -6.98
N ARG A 110 -4.57 15.11 -7.57
CA ARG A 110 -5.86 15.66 -8.01
C ARG A 110 -6.81 15.77 -6.81
N TYR A 111 -6.82 14.73 -5.97
CA TYR A 111 -7.61 14.71 -4.72
C TYR A 111 -6.88 15.46 -3.59
N LYS A 112 -5.69 15.97 -3.91
CA LYS A 112 -4.84 16.71 -2.97
C LYS A 112 -5.11 18.21 -3.07
N ASP A 113 -5.50 18.65 -4.28
CA ASP A 113 -5.88 20.03 -4.54
C ASP A 113 -7.38 20.25 -4.33
N ALA A 114 -8.19 19.20 -4.60
CA ALA A 114 -9.66 19.22 -4.44
C ALA A 114 -10.32 20.39 -5.19
N ASP A 115 -10.65 20.12 -6.45
CA ASP A 115 -11.30 21.10 -7.31
C ASP A 115 -12.69 20.61 -7.73
N GLY B 1 -8.59 -27.68 7.36
CA GLY B 1 -8.13 -27.05 8.63
C GLY B 1 -9.26 -26.86 9.63
N SER B 2 -9.66 -25.61 9.84
CA SER B 2 -10.75 -25.28 10.77
C SER B 2 -12.04 -24.95 10.01
N PRO B 3 -13.21 -25.56 10.40
CA PRO B 3 -14.50 -25.34 9.71
C PRO B 3 -15.13 -23.94 9.96
N GLY B 4 -14.58 -23.22 10.94
CA GLY B 4 -15.08 -21.89 11.27
C GLY B 4 -14.12 -20.79 10.86
N TYR B 5 -14.08 -20.48 9.55
CA TYR B 5 -13.19 -19.44 8.97
C TYR B 5 -11.70 -19.70 9.28
N PRO B 6 -10.96 -20.42 8.38
CA PRO B 6 -9.51 -20.69 8.58
C PRO B 6 -8.63 -19.44 8.50
N ASN B 7 -9.06 -18.47 7.67
CA ASN B 7 -8.31 -17.22 7.48
C ASN B 7 -8.97 -16.07 8.24
N GLY B 8 -8.12 -15.17 8.78
CA GLY B 8 -8.61 -14.02 9.52
C GLY B 8 -8.51 -12.73 8.72
N LEU B 9 -9.16 -11.67 9.23
CA LEU B 9 -9.19 -10.37 8.56
C LEU B 9 -8.28 -9.37 9.27
N LEU B 10 -8.41 -9.34 10.58
CA LEU B 10 -7.61 -8.48 11.45
C LEU B 10 -6.37 -9.23 11.93
N SER B 11 -6.38 -10.55 11.69
CA SER B 11 -5.25 -11.43 12.03
C SER B 11 -5.02 -12.41 10.88
N GLY B 12 -4.33 -11.94 9.85
CA GLY B 12 -4.08 -12.75 8.66
C GLY B 12 -2.79 -12.37 7.94
N ASP B 13 -2.88 -11.30 7.14
CA ASP B 13 -1.74 -10.83 6.34
C ASP B 13 -1.27 -9.43 6.80
N GLU B 14 -2.00 -8.86 7.76
CA GLU B 14 -1.74 -7.52 8.28
C GLU B 14 -1.04 -7.55 9.64
N ASP B 15 -0.57 -8.74 10.01
CA ASP B 15 0.12 -8.94 11.29
C ASP B 15 1.64 -8.80 11.15
N PHE B 16 2.19 -9.27 10.01
CA PHE B 16 3.64 -9.19 9.77
C PHE B 16 4.02 -8.05 8.82
N SER B 17 3.00 -7.34 8.31
CA SER B 17 3.22 -6.15 7.48
C SER B 17 3.32 -4.88 8.34
N SER B 18 2.91 -4.99 9.62
CA SER B 18 3.00 -3.88 10.59
C SER B 18 4.43 -3.64 11.04
N ILE B 19 5.21 -4.73 11.14
CA ILE B 19 6.65 -4.66 11.43
C ILE B 19 7.44 -4.42 10.13
N ALA B 20 6.78 -4.62 8.99
CA ALA B 20 7.38 -4.35 7.70
C ALA B 20 7.13 -2.90 7.26
N ASP B 21 6.58 -2.10 8.19
CA ASP B 21 6.40 -0.66 8.00
C ASP B 21 7.59 0.10 8.57
N MET B 22 8.21 -0.46 9.63
CA MET B 22 9.45 0.07 10.20
C MET B 22 10.65 -0.23 9.28
N ASP B 23 10.47 -1.22 8.41
CA ASP B 23 11.49 -1.64 7.45
C ASP B 23 11.55 -0.71 6.22
N PHE B 24 10.40 -0.09 5.88
CA PHE B 24 10.29 0.73 4.67
C PHE B 24 10.78 2.17 4.86
N SER B 25 10.67 2.69 6.08
CA SER B 25 11.00 4.09 6.38
C SER B 25 12.53 4.33 6.45
N ALA B 26 13.27 3.29 6.85
CA ALA B 26 14.73 3.35 6.88
C ALA B 26 15.34 2.86 5.56
N LEU B 27 14.46 2.35 4.67
CA LEU B 27 14.88 1.82 3.36
C LEU B 27 14.92 2.92 2.28
N LEU B 28 14.11 3.98 2.45
CA LEU B 28 14.09 5.11 1.50
C LEU B 28 15.14 6.14 1.89
N SER B 29 15.38 6.24 3.20
CA SER B 29 16.38 7.16 3.75
C SER B 29 17.78 6.53 3.76
N GLN B 30 17.87 5.26 4.21
CA GLN B 30 19.13 4.47 4.26
C GLN B 30 20.25 5.22 5.01
N ILE B 31 20.47 4.81 6.26
CA ILE B 31 21.49 5.42 7.11
C ILE B 31 22.81 4.63 7.07
N SER B 32 23.85 5.27 6.52
CA SER B 32 25.18 4.66 6.42
C SER B 32 26.22 5.51 7.12
N SER B 33 27.08 4.86 7.93
CA SER B 33 28.17 5.50 8.71
C SER B 33 27.69 6.69 9.55
N PRO A 1 3.02 6.10 -19.56
CA PRO A 1 1.90 5.55 -18.75
C PRO A 1 1.50 4.14 -19.19
N SER A 2 1.36 3.24 -18.22
CA SER A 2 0.99 1.85 -18.49
C SER A 2 -0.29 1.46 -17.75
N HIS A 3 -0.43 1.95 -16.48
CA HIS A 3 -1.59 1.69 -15.61
C HIS A 3 -1.69 0.24 -15.12
N SER A 4 -1.22 -0.70 -15.96
CA SER A 4 -1.28 -2.12 -15.64
C SER A 4 0.05 -2.81 -15.91
N GLY A 5 0.39 -3.77 -15.05
CA GLY A 5 1.62 -4.51 -15.19
C GLY A 5 1.53 -5.89 -14.56
N ALA A 6 2.32 -6.12 -13.52
CA ALA A 6 2.28 -7.37 -12.74
C ALA A 6 2.62 -7.10 -11.28
N ALA A 7 1.75 -7.55 -10.37
CA ALA A 7 1.94 -7.33 -8.93
C ALA A 7 1.47 -8.54 -8.09
N ILE A 8 2.09 -8.69 -6.92
CA ILE A 8 1.72 -9.75 -5.96
C ILE A 8 1.08 -9.09 -4.72
N PHE A 9 0.01 -9.71 -4.20
CA PHE A 9 -0.72 -9.21 -3.05
C PHE A 9 -1.16 -10.37 -2.16
N GLU A 10 -0.62 -10.40 -0.93
CA GLU A 10 -0.89 -11.49 0.06
C GLU A 10 -0.43 -12.86 -0.47
N LYS A 11 0.80 -12.86 -1.03
CA LYS A 11 1.52 -14.07 -1.47
C LYS A 11 0.88 -14.77 -2.68
N VAL A 12 -0.28 -14.27 -3.12
CA VAL A 12 -0.91 -14.71 -4.37
C VAL A 12 -0.52 -13.75 -5.51
N SER A 13 0.14 -14.30 -6.52
CA SER A 13 0.65 -13.48 -7.63
C SER A 13 -0.45 -13.16 -8.64
N GLY A 14 -0.47 -11.90 -9.08
CA GLY A 14 -1.49 -11.44 -9.98
C GLY A 14 -1.03 -10.31 -10.88
N ILE A 15 -2.01 -9.58 -11.41
CA ILE A 15 -1.76 -8.45 -12.30
C ILE A 15 -2.47 -7.20 -11.74
N ILE A 16 -1.78 -6.05 -11.79
CA ILE A 16 -2.32 -4.79 -11.26
C ILE A 16 -2.85 -3.91 -12.41
N ALA A 17 -4.01 -3.30 -12.20
CA ALA A 17 -4.62 -2.41 -13.19
C ALA A 17 -5.19 -1.15 -12.52
N ILE A 18 -5.06 -0.01 -13.20
CA ILE A 18 -5.60 1.27 -12.69
C ILE A 18 -6.90 1.62 -13.42
N ASN A 19 -7.91 1.97 -12.63
CA ASN A 19 -9.23 2.37 -13.12
C ASN A 19 -9.39 3.90 -13.09
N GLU A 20 -9.39 4.51 -14.29
CA GLU A 20 -9.65 5.94 -14.46
C GLU A 20 -10.85 6.14 -15.40
N ASP A 21 -11.39 7.38 -15.46
CA ASP A 21 -12.65 7.69 -16.21
C ASP A 21 -13.88 7.09 -15.53
N VAL A 22 -13.63 6.48 -14.38
CA VAL A 22 -14.65 5.88 -13.51
C VAL A 22 -14.96 6.82 -12.33
N SER A 23 -15.75 6.34 -11.36
CA SER A 23 -15.98 7.06 -10.11
C SER A 23 -14.67 6.89 -9.31
N PRO A 24 -14.32 7.76 -8.30
CA PRO A 24 -12.92 8.22 -8.15
C PRO A 24 -11.87 7.13 -8.38
N ALA A 25 -10.89 7.48 -9.24
CA ALA A 25 -9.92 6.55 -9.81
C ALA A 25 -9.29 5.62 -8.79
N GLU A 26 -9.19 4.37 -9.21
CA GLU A 26 -8.86 3.29 -8.32
C GLU A 26 -7.61 2.54 -8.80
N LEU A 27 -7.13 1.63 -7.96
CA LEU A 27 -6.03 0.73 -8.27
C LEU A 27 -6.47 -0.69 -7.95
N THR A 28 -6.75 -1.46 -9.01
CA THR A 28 -7.36 -2.78 -8.87
C THR A 28 -6.35 -3.90 -9.14
N TRP A 29 -6.02 -4.63 -8.08
CA TRP A 29 -5.22 -5.85 -8.20
C TRP A 29 -6.15 -7.03 -8.47
N ARG A 30 -5.77 -7.83 -9.47
CA ARG A 30 -6.47 -9.07 -9.76
C ARG A 30 -5.48 -10.22 -9.81
N SER A 31 -5.97 -11.44 -9.59
CA SER A 31 -5.12 -12.65 -9.65
C SER A 31 -4.61 -12.87 -11.08
N THR A 32 -3.65 -13.79 -11.27
CA THR A 32 -3.09 -14.06 -12.62
C THR A 32 -4.19 -14.43 -13.65
N ASP A 33 -5.27 -15.06 -13.16
CA ASP A 33 -6.47 -15.29 -13.97
C ASP A 33 -7.54 -14.22 -13.65
N GLY A 34 -7.53 -13.75 -12.39
CA GLY A 34 -8.43 -12.69 -11.95
C GLY A 34 -9.58 -13.17 -11.09
N ASP A 35 -9.46 -14.38 -10.52
CA ASP A 35 -10.46 -14.93 -9.62
C ASP A 35 -10.47 -14.18 -8.27
N LYS A 36 -9.29 -13.68 -7.88
CA LYS A 36 -9.15 -12.83 -6.69
C LYS A 36 -8.96 -11.38 -7.13
N VAL A 37 -9.63 -10.45 -6.44
CA VAL A 37 -9.58 -9.03 -6.83
C VAL A 37 -9.64 -8.09 -5.60
N HIS A 38 -8.76 -7.07 -5.62
CA HIS A 38 -8.72 -6.03 -4.58
C HIS A 38 -8.71 -4.65 -5.25
N THR A 39 -9.33 -3.66 -4.61
CA THR A 39 -9.47 -2.31 -5.20
C THR A 39 -9.02 -1.21 -4.23
N VAL A 40 -8.12 -0.35 -4.73
CA VAL A 40 -7.63 0.82 -3.99
C VAL A 40 -8.13 2.12 -4.65
N VAL A 41 -9.10 2.80 -4.01
CA VAL A 41 -9.59 4.09 -4.50
C VAL A 41 -8.62 5.19 -4.03
N LEU A 42 -8.04 5.93 -4.98
CA LEU A 42 -6.96 6.88 -4.65
C LEU A 42 -7.44 8.16 -3.96
N SER A 43 -8.73 8.49 -4.12
CA SER A 43 -9.34 9.65 -3.42
C SER A 43 -9.42 9.37 -1.91
N THR A 44 -9.03 8.16 -1.53
CA THR A 44 -8.98 7.72 -0.12
C THR A 44 -7.53 7.43 0.30
N ILE A 45 -6.59 7.67 -0.62
CA ILE A 45 -5.16 7.41 -0.42
C ILE A 45 -4.40 8.75 -0.31
N ASP A 46 -3.40 8.77 0.57
CA ASP A 46 -2.62 10.00 0.84
C ASP A 46 -1.19 9.88 0.30
N LYS A 47 -0.51 8.75 0.57
CA LYS A 47 0.88 8.57 0.11
C LYS A 47 1.09 7.19 -0.53
N LEU A 48 2.30 6.99 -1.08
CA LEU A 48 2.70 5.72 -1.71
C LEU A 48 4.21 5.53 -1.55
N GLN A 49 4.65 4.36 -1.07
CA GLN A 49 6.08 4.10 -0.85
C GLN A 49 6.52 2.82 -1.58
N ALA A 50 7.44 2.97 -2.54
CA ALA A 50 7.95 1.83 -3.32
C ALA A 50 9.42 1.53 -3.01
N THR A 51 9.80 0.23 -3.16
CA THR A 51 11.17 -0.23 -2.88
C THR A 51 12.18 0.30 -3.92
N PRO A 52 13.24 1.06 -3.51
CA PRO A 52 14.30 1.56 -4.42
C PRO A 52 14.98 0.43 -5.22
N ALA A 53 15.67 0.82 -6.31
CA ALA A 53 16.41 -0.13 -7.16
C ALA A 53 17.67 -0.65 -6.47
N SER A 54 18.02 -0.04 -5.34
CA SER A 54 19.13 -0.48 -4.49
C SER A 54 18.63 -1.40 -3.36
N SER A 55 17.32 -1.34 -3.09
CA SER A 55 16.67 -2.14 -2.06
C SER A 55 16.59 -3.63 -2.44
N GLU A 56 16.85 -4.49 -1.45
CA GLU A 56 16.76 -5.95 -1.60
C GLU A 56 15.33 -6.42 -1.90
N LYS A 57 14.39 -5.51 -1.67
CA LYS A 57 12.98 -5.77 -1.75
C LYS A 57 12.36 -5.36 -3.07
N MET A 58 11.27 -6.05 -3.42
CA MET A 58 10.41 -5.67 -4.54
C MET A 58 8.97 -5.52 -4.04
N MET A 59 8.57 -4.28 -3.77
CA MET A 59 7.26 -3.98 -3.18
C MET A 59 6.81 -2.55 -3.51
N LEU A 60 5.50 -2.33 -3.44
CA LEU A 60 4.90 -1.02 -3.65
C LEU A 60 3.81 -0.80 -2.59
N ARG A 61 4.00 0.23 -1.77
CA ARG A 61 3.09 0.50 -0.65
C ARG A 61 2.12 1.65 -0.98
N LEU A 62 0.91 1.52 -0.47
CA LEU A 62 -0.17 2.50 -0.66
C LEU A 62 -0.77 2.91 0.69
N ILE A 63 -0.44 4.12 1.13
CA ILE A 63 -0.85 4.63 2.46
C ILE A 63 -2.25 5.27 2.36
N GLY A 64 -3.09 4.98 3.37
CA GLY A 64 -4.47 5.46 3.37
C GLY A 64 -4.63 6.83 4.01
N LYS A 65 -5.80 7.46 3.77
CA LYS A 65 -6.11 8.78 4.31
C LYS A 65 -6.70 8.71 5.71
N VAL A 66 -5.93 9.25 6.66
CA VAL A 66 -6.29 9.26 8.08
C VAL A 66 -6.32 10.70 8.61
N ASP A 67 -7.16 10.91 9.63
CA ASP A 67 -7.23 12.19 10.34
C ASP A 67 -6.24 12.19 11.50
N GLU A 68 -5.12 12.87 11.29
CA GLU A 68 -4.04 12.94 12.29
C GLU A 68 -4.27 14.07 13.31
N SER A 69 -5.36 14.83 13.13
CA SER A 69 -5.72 15.94 14.04
C SER A 69 -6.49 15.44 15.28
N LYS A 70 -7.00 14.21 15.22
CA LYS A 70 -7.72 13.56 16.33
C LYS A 70 -6.73 12.90 17.31
N LYS A 71 -5.58 13.54 17.49
CA LYS A 71 -4.47 13.04 18.32
C LYS A 71 -4.92 12.49 19.68
N ARG A 72 -4.54 11.24 19.95
CA ARG A 72 -4.85 10.58 21.21
C ARG A 72 -3.64 10.66 22.15
N LYS A 73 -3.90 10.67 23.46
CA LYS A 73 -2.85 10.71 24.47
C LYS A 73 -3.05 9.58 25.47
N ASP A 74 -1.93 9.01 25.92
CA ASP A 74 -1.94 7.86 26.83
C ASP A 74 -2.06 8.30 28.32
N ASN A 75 -1.86 7.36 29.26
CA ASN A 75 -2.06 7.62 30.70
C ASN A 75 -1.21 8.80 31.24
N GLU A 76 -0.02 8.99 30.65
CA GLU A 76 0.92 10.01 31.13
C GLU A 76 0.74 11.36 30.42
N GLY A 77 0.08 11.33 29.24
CA GLY A 77 -0.17 12.55 28.49
C GLY A 77 0.74 12.73 27.29
N ASN A 78 1.36 11.62 26.84
CA ASN A 78 2.20 11.62 25.64
C ASN A 78 1.35 11.40 24.39
N GLU A 79 1.74 12.03 23.28
CA GLU A 79 0.96 12.00 22.05
C GLU A 79 1.08 10.64 21.34
N VAL A 80 -0.04 9.93 21.29
CA VAL A 80 -0.12 8.64 20.61
C VAL A 80 -1.13 8.74 19.46
N VAL A 81 -0.58 8.88 18.26
CA VAL A 81 -1.39 9.19 17.08
C VAL A 81 -1.79 7.90 16.32
N PRO A 82 -3.12 7.70 16.03
CA PRO A 82 -3.61 6.56 15.23
C PRO A 82 -3.09 6.58 13.79
N LYS A 83 -2.58 5.44 13.35
CA LYS A 83 -1.85 5.35 12.06
C LYS A 83 -2.76 4.92 10.90
N PRO A 84 -2.44 5.35 9.63
CA PRO A 84 -3.18 4.93 8.43
C PRO A 84 -2.87 3.51 7.97
N GLN A 85 -3.77 2.97 7.13
CA GLN A 85 -3.63 1.62 6.58
C GLN A 85 -2.87 1.65 5.25
N ARG A 86 -1.89 0.76 5.13
CA ARG A 86 -0.97 0.74 3.99
C ARG A 86 -1.12 -0.55 3.18
N HIS A 87 -1.25 -0.41 1.86
CA HIS A 87 -1.44 -1.57 0.96
C HIS A 87 -0.16 -1.83 0.16
N MET A 88 0.49 -2.96 0.44
CA MET A 88 1.77 -3.32 -0.19
C MET A 88 1.57 -4.35 -1.31
N PHE A 89 2.31 -4.17 -2.41
CA PHE A 89 2.27 -5.09 -3.55
C PHE A 89 3.70 -5.45 -3.98
N SER A 90 3.97 -6.75 -4.13
CA SER A 90 5.30 -7.21 -4.56
C SER A 90 5.44 -7.16 -6.09
N PHE A 91 6.64 -6.81 -6.54
CA PHE A 91 6.93 -6.58 -7.97
C PHE A 91 8.13 -7.40 -8.44
N ASN A 92 8.41 -7.32 -9.75
CA ASN A 92 9.55 -8.03 -10.35
C ASN A 92 10.48 -7.06 -11.09
N ASN A 93 9.98 -5.85 -11.40
CA ASN A 93 10.77 -4.84 -12.13
C ASN A 93 10.43 -3.43 -11.65
N ARG A 94 11.48 -2.66 -11.31
CA ARG A 94 11.34 -1.26 -10.88
C ARG A 94 10.73 -0.35 -11.95
N THR A 95 10.75 -0.80 -13.21
CA THR A 95 10.21 -0.04 -14.34
C THR A 95 8.68 -0.04 -14.36
N VAL A 96 8.06 -1.09 -13.79
CA VAL A 96 6.60 -1.17 -13.66
C VAL A 96 6.14 -0.38 -12.42
N MET A 97 6.59 -0.82 -11.23
CA MET A 97 6.28 -0.19 -9.94
C MET A 97 6.46 1.34 -9.94
N ASP A 98 7.39 1.84 -10.77
CA ASP A 98 7.57 3.29 -10.94
C ASP A 98 6.51 3.88 -11.88
N ASN A 99 6.10 3.11 -12.89
CA ASN A 99 5.08 3.51 -13.86
C ASN A 99 3.65 3.43 -13.27
N ILE A 100 3.42 2.46 -12.36
CA ILE A 100 2.15 2.38 -11.61
C ILE A 100 2.10 3.54 -10.59
N LYS A 101 3.16 3.63 -9.76
CA LYS A 101 3.34 4.74 -8.79
C LYS A 101 3.22 6.12 -9.46
N MET A 102 3.82 6.26 -10.65
CA MET A 102 3.76 7.51 -11.44
C MET A 102 2.31 7.93 -11.71
N THR A 103 1.48 7.01 -12.22
CA THR A 103 0.06 7.27 -12.45
C THR A 103 -0.64 7.59 -11.11
N LEU A 104 -0.57 6.64 -10.15
CA LEU A 104 -1.11 6.80 -8.79
C LEU A 104 -0.78 8.20 -8.23
N GLN A 105 0.52 8.49 -8.15
CA GLN A 105 1.06 9.78 -7.69
C GLN A 105 0.42 11.00 -8.37
N GLN A 106 0.01 10.81 -9.64
CA GLN A 106 -0.62 11.86 -10.43
C GLN A 106 -2.14 11.91 -10.18
N ILE A 107 -2.69 10.80 -9.67
CA ILE A 107 -4.11 10.69 -9.32
C ILE A 107 -4.40 11.29 -7.91
N ILE A 108 -3.51 11.01 -6.92
CA ILE A 108 -3.71 11.51 -5.54
C ILE A 108 -3.53 13.03 -5.48
N SER A 109 -2.60 13.54 -6.29
CA SER A 109 -2.35 14.99 -6.40
C SER A 109 -3.57 15.73 -6.99
N ARG A 110 -4.49 14.96 -7.61
CA ARG A 110 -5.77 15.49 -8.09
C ARG A 110 -6.77 15.63 -6.92
N TYR A 111 -6.77 14.63 -6.02
CA TYR A 111 -7.60 14.66 -4.80
C TYR A 111 -6.88 15.38 -3.65
N LYS A 112 -5.64 15.80 -3.92
CA LYS A 112 -4.82 16.54 -2.96
C LYS A 112 -5.11 18.05 -3.09
N ASP A 113 -5.50 18.45 -4.32
CA ASP A 113 -5.91 19.81 -4.61
C ASP A 113 -7.44 19.98 -4.51
N ALA A 114 -8.16 18.85 -4.58
CA ALA A 114 -9.63 18.84 -4.50
C ALA A 114 -10.12 18.81 -3.05
N ASP A 115 -9.19 18.65 -2.11
CA ASP A 115 -9.51 18.59 -0.68
C ASP A 115 -9.00 19.84 0.04
N GLY B 1 -4.44 -4.84 23.02
CA GLY B 1 -5.09 -3.69 22.32
C GLY B 1 -6.30 -3.16 23.09
N SER B 2 -7.42 -3.03 22.38
CA SER B 2 -8.67 -2.54 22.97
C SER B 2 -9.65 -3.69 23.25
N PRO B 3 -10.23 -3.78 24.49
CA PRO B 3 -11.17 -4.87 24.84
C PRO B 3 -12.56 -4.71 24.19
N GLY B 4 -13.08 -5.81 23.65
CA GLY B 4 -14.39 -5.80 23.02
C GLY B 4 -14.44 -6.64 21.76
N TYR B 5 -14.30 -7.97 21.93
CA TYR B 5 -14.34 -8.96 20.84
C TYR B 5 -13.28 -8.67 19.75
N PRO B 6 -12.05 -9.30 19.83
CA PRO B 6 -10.99 -9.11 18.81
C PRO B 6 -11.36 -9.71 17.44
N ASN B 7 -10.94 -9.03 16.37
CA ASN B 7 -11.22 -9.46 15.00
C ASN B 7 -9.94 -9.80 14.25
N GLY B 8 -9.99 -10.88 13.47
CA GLY B 8 -8.83 -11.32 12.69
C GLY B 8 -9.21 -11.91 11.35
N LEU B 9 -9.98 -11.15 10.56
CA LEU B 9 -10.41 -11.58 9.23
C LEU B 9 -9.91 -10.59 8.18
N LEU B 10 -10.07 -9.32 8.50
CA LEU B 10 -9.65 -8.22 7.64
C LEU B 10 -8.35 -7.60 8.17
N SER B 11 -8.07 -7.90 9.44
CA SER B 11 -6.87 -7.42 10.12
C SER B 11 -5.95 -8.59 10.53
N GLY B 12 -5.88 -9.59 9.66
CA GLY B 12 -5.07 -10.78 9.92
C GLY B 12 -3.76 -10.80 9.16
N ASP B 13 -3.67 -9.99 8.09
CA ASP B 13 -2.46 -9.90 7.27
C ASP B 13 -1.92 -8.46 7.24
N GLU B 14 -2.68 -7.55 7.89
CA GLU B 14 -2.34 -6.13 7.95
C GLU B 14 -1.66 -5.77 9.28
N ASP B 15 -1.35 -6.79 10.06
CA ASP B 15 -0.70 -6.63 11.36
C ASP B 15 0.84 -6.74 11.24
N PHE B 16 1.31 -7.35 10.15
CA PHE B 16 2.75 -7.53 9.91
C PHE B 16 3.31 -6.41 9.03
N SER B 17 2.43 -5.55 8.51
CA SER B 17 2.84 -4.40 7.70
C SER B 17 3.17 -3.17 8.56
N SER B 18 2.87 -3.27 9.87
CA SER B 18 3.18 -2.21 10.84
C SER B 18 4.65 -2.28 11.26
N ILE B 19 5.18 -3.50 11.34
CA ILE B 19 6.61 -3.73 11.59
C ILE B 19 7.40 -3.66 10.27
N ALA B 20 6.68 -3.74 9.17
CA ALA B 20 7.29 -3.59 7.85
C ALA B 20 7.38 -2.12 7.43
N ASP B 21 7.07 -1.23 8.38
CA ASP B 21 7.22 0.21 8.21
C ASP B 21 8.62 0.65 8.68
N MET B 22 9.13 -0.05 9.70
CA MET B 22 10.52 0.13 10.16
C MET B 22 11.52 -0.44 9.15
N ASP B 23 11.04 -1.36 8.31
CA ASP B 23 11.82 -1.97 7.26
C ASP B 23 11.86 -1.10 6.00
N PHE B 24 10.75 -0.38 5.73
CA PHE B 24 10.61 0.41 4.51
C PHE B 24 11.23 1.81 4.65
N SER B 25 11.27 2.34 5.88
CA SER B 25 11.78 3.70 6.14
C SER B 25 13.31 3.77 6.09
N ALA B 26 13.96 2.61 6.18
CA ALA B 26 15.42 2.51 6.11
C ALA B 26 15.90 2.28 4.67
N LEU B 27 14.97 1.92 3.78
CA LEU B 27 15.28 1.63 2.38
C LEU B 27 15.27 2.89 1.51
N LEU B 28 14.33 3.81 1.78
CA LEU B 28 14.25 5.08 1.03
C LEU B 28 15.40 6.01 1.43
N SER B 29 15.76 5.95 2.72
CA SER B 29 16.94 6.61 3.24
C SER B 29 17.98 5.56 3.65
N GLN B 30 18.55 4.91 2.63
CA GLN B 30 19.47 3.78 2.82
C GLN B 30 20.93 4.27 2.82
N ILE B 31 21.29 5.00 3.87
CA ILE B 31 22.64 5.55 4.03
C ILE B 31 23.40 4.76 5.11
N SER B 32 24.50 4.11 4.69
CA SER B 32 25.33 3.31 5.59
C SER B 32 26.75 3.88 5.66
N SER B 33 27.31 3.91 6.88
CA SER B 33 28.66 4.42 7.11
C SER B 33 29.60 3.29 7.52
N PRO A 1 -0.81 5.13 -20.51
CA PRO A 1 0.27 4.39 -21.24
C PRO A 1 0.78 3.19 -20.43
N SER A 2 0.87 3.36 -19.10
CA SER A 2 1.34 2.30 -18.21
C SER A 2 0.53 2.33 -16.90
N HIS A 3 -0.75 1.96 -17.02
CA HIS A 3 -1.67 1.90 -15.87
C HIS A 3 -1.68 0.50 -15.25
N SER A 4 -1.12 -0.46 -15.97
CA SER A 4 -1.15 -1.87 -15.58
C SER A 4 0.19 -2.55 -15.83
N GLY A 5 0.46 -3.60 -15.04
CA GLY A 5 1.69 -4.36 -15.18
C GLY A 5 1.57 -5.75 -14.57
N ALA A 6 2.33 -5.98 -13.49
CA ALA A 6 2.26 -7.24 -12.75
C ALA A 6 2.59 -7.00 -11.26
N ALA A 7 1.72 -7.49 -10.37
CA ALA A 7 1.90 -7.30 -8.93
C ALA A 7 1.42 -8.50 -8.11
N ILE A 8 2.01 -8.68 -6.93
CA ILE A 8 1.62 -9.74 -5.98
C ILE A 8 0.99 -9.10 -4.74
N PHE A 9 -0.07 -9.73 -4.22
CA PHE A 9 -0.78 -9.24 -3.04
C PHE A 9 -1.24 -10.43 -2.18
N GLU A 10 -0.78 -10.46 -0.93
CA GLU A 10 -1.09 -11.55 0.04
C GLU A 10 -0.58 -12.93 -0.44
N LYS A 11 0.63 -12.91 -1.03
CA LYS A 11 1.36 -14.11 -1.50
C LYS A 11 0.71 -14.78 -2.74
N VAL A 12 -0.44 -14.27 -3.17
CA VAL A 12 -1.08 -14.70 -4.41
C VAL A 12 -0.70 -13.74 -5.54
N SER A 13 -0.03 -14.27 -6.57
CA SER A 13 0.49 -13.45 -7.68
C SER A 13 -0.59 -13.13 -8.69
N GLY A 14 -0.55 -11.89 -9.18
CA GLY A 14 -1.55 -11.43 -10.13
C GLY A 14 -1.06 -10.28 -10.97
N ILE A 15 -2.03 -9.50 -11.47
CA ILE A 15 -1.76 -8.34 -12.31
C ILE A 15 -2.46 -7.10 -11.73
N ILE A 16 -1.75 -5.96 -11.76
CA ILE A 16 -2.29 -4.70 -11.23
C ILE A 16 -2.81 -3.81 -12.37
N ALA A 17 -3.97 -3.21 -12.16
CA ALA A 17 -4.58 -2.31 -13.14
C ALA A 17 -5.14 -1.05 -12.47
N ILE A 18 -4.96 0.10 -13.12
CA ILE A 18 -5.51 1.36 -12.62
C ILE A 18 -6.81 1.71 -13.36
N ASN A 19 -7.73 2.23 -12.58
CA ASN A 19 -9.09 2.52 -13.00
C ASN A 19 -9.33 4.04 -13.09
N GLU A 20 -9.26 4.58 -14.30
CA GLU A 20 -9.56 6.00 -14.53
C GLU A 20 -10.71 6.12 -15.55
N ASP A 21 -11.29 7.35 -15.67
CA ASP A 21 -12.52 7.61 -16.48
C ASP A 21 -13.76 7.04 -15.78
N VAL A 22 -13.52 6.48 -14.59
CA VAL A 22 -14.54 5.86 -13.74
C VAL A 22 -14.90 6.79 -12.56
N SER A 23 -15.73 6.29 -11.63
CA SER A 23 -15.98 6.99 -10.37
C SER A 23 -14.70 6.79 -9.53
N PRO A 24 -14.38 7.61 -8.47
CA PRO A 24 -12.98 8.04 -8.24
C PRO A 24 -11.96 6.92 -8.45
N ALA A 25 -10.93 7.26 -9.25
CA ALA A 25 -9.97 6.29 -9.81
C ALA A 25 -9.43 5.32 -8.76
N GLU A 26 -9.46 4.03 -9.13
CA GLU A 26 -9.13 2.95 -8.20
C GLU A 26 -8.08 2.00 -8.75
N LEU A 27 -7.18 1.57 -7.87
CA LEU A 27 -6.07 0.71 -8.23
C LEU A 27 -6.46 -0.72 -7.91
N THR A 28 -6.77 -1.45 -8.98
CA THR A 28 -7.37 -2.77 -8.88
C THR A 28 -6.36 -3.87 -9.14
N TRP A 29 -5.99 -4.60 -8.08
CA TRP A 29 -5.20 -5.82 -8.21
C TRP A 29 -6.13 -7.00 -8.50
N ARG A 30 -5.71 -7.82 -9.45
CA ARG A 30 -6.39 -9.08 -9.74
C ARG A 30 -5.39 -10.22 -9.75
N SER A 31 -5.87 -11.41 -9.40
CA SER A 31 -5.08 -12.63 -9.49
C SER A 31 -4.84 -12.98 -10.97
N THR A 32 -3.80 -13.79 -11.24
CA THR A 32 -3.34 -14.09 -12.61
C THR A 32 -4.46 -14.63 -13.53
N ASP A 33 -5.53 -15.15 -12.92
CA ASP A 33 -6.75 -15.52 -13.65
C ASP A 33 -7.84 -14.44 -13.49
N GLY A 34 -7.83 -13.78 -12.33
CA GLY A 34 -8.78 -12.72 -12.02
C GLY A 34 -9.96 -13.18 -11.19
N ASP A 35 -9.81 -14.36 -10.55
CA ASP A 35 -10.81 -14.89 -9.62
C ASP A 35 -10.73 -14.14 -8.28
N LYS A 36 -9.52 -13.66 -7.96
CA LYS A 36 -9.30 -12.80 -6.79
C LYS A 36 -9.10 -11.36 -7.25
N VAL A 37 -9.70 -10.40 -6.52
CA VAL A 37 -9.60 -8.99 -6.90
C VAL A 37 -9.64 -8.06 -5.65
N HIS A 38 -8.68 -7.12 -5.62
CA HIS A 38 -8.61 -6.09 -4.57
C HIS A 38 -8.62 -4.70 -5.21
N THR A 39 -9.25 -3.72 -4.54
CA THR A 39 -9.44 -2.39 -5.12
C THR A 39 -8.98 -1.27 -4.16
N VAL A 40 -8.14 -0.37 -4.68
CA VAL A 40 -7.67 0.81 -3.94
C VAL A 40 -8.21 2.11 -4.61
N VAL A 41 -9.18 2.77 -3.96
CA VAL A 41 -9.69 4.07 -4.42
C VAL A 41 -8.70 5.17 -3.98
N LEU A 42 -8.11 5.88 -4.95
CA LEU A 42 -7.02 6.83 -4.68
C LEU A 42 -7.51 8.14 -4.05
N SER A 43 -8.82 8.43 -4.17
CA SER A 43 -9.43 9.60 -3.51
C SER A 43 -9.47 9.39 -1.98
N THR A 44 -9.03 8.19 -1.56
CA THR A 44 -8.96 7.82 -0.14
C THR A 44 -7.50 7.57 0.28
N ILE A 45 -6.57 7.71 -0.68
CA ILE A 45 -5.13 7.47 -0.48
C ILE A 45 -4.39 8.82 -0.38
N ASP A 46 -3.31 8.84 0.42
CA ASP A 46 -2.53 10.05 0.65
C ASP A 46 -1.09 9.90 0.11
N LYS A 47 -0.43 8.78 0.44
CA LYS A 47 0.96 8.57 0.08
C LYS A 47 1.19 7.19 -0.58
N LEU A 48 2.38 7.02 -1.17
CA LEU A 48 2.78 5.76 -1.84
C LEU A 48 4.29 5.54 -1.66
N GLN A 49 4.67 4.34 -1.19
CA GLN A 49 6.07 4.04 -0.87
C GLN A 49 6.54 2.76 -1.58
N ALA A 50 7.51 2.91 -2.50
CA ALA A 50 8.03 1.78 -3.30
C ALA A 50 9.48 1.45 -2.96
N THR A 51 9.85 0.16 -3.13
CA THR A 51 11.22 -0.33 -2.87
C THR A 51 12.22 0.24 -3.88
N PRO A 52 13.28 1.00 -3.44
CA PRO A 52 14.33 1.53 -4.34
C PRO A 52 14.98 0.46 -5.22
N ALA A 53 15.61 0.89 -6.32
CA ALA A 53 16.30 -0.01 -7.25
C ALA A 53 17.61 -0.55 -6.67
N SER A 54 17.96 -0.05 -5.47
CA SER A 54 19.10 -0.56 -4.70
C SER A 54 18.64 -1.50 -3.60
N SER A 55 17.33 -1.44 -3.27
CA SER A 55 16.72 -2.28 -2.23
C SER A 55 16.63 -3.74 -2.64
N GLU A 56 16.89 -4.63 -1.66
CA GLU A 56 16.78 -6.09 -1.82
C GLU A 56 15.34 -6.53 -2.08
N LYS A 57 14.43 -5.60 -1.82
CA LYS A 57 13.01 -5.87 -1.84
C LYS A 57 12.35 -5.49 -3.17
N MET A 58 11.28 -6.22 -3.49
CA MET A 58 10.39 -5.85 -4.59
C MET A 58 8.97 -5.70 -4.05
N MET A 59 8.59 -4.44 -3.78
CA MET A 59 7.30 -4.12 -3.17
C MET A 59 6.88 -2.68 -3.48
N LEU A 60 5.56 -2.44 -3.41
CA LEU A 60 4.98 -1.11 -3.59
C LEU A 60 3.91 -0.89 -2.53
N ARG A 61 4.11 0.12 -1.68
CA ARG A 61 3.19 0.40 -0.58
C ARG A 61 2.27 1.57 -0.90
N LEU A 62 1.02 1.45 -0.44
CA LEU A 62 -0.02 2.46 -0.66
C LEU A 62 -0.60 2.93 0.68
N ILE A 63 -0.27 4.16 1.05
CA ILE A 63 -0.64 4.72 2.36
C ILE A 63 -2.02 5.40 2.27
N GLY A 64 -2.88 5.11 3.25
CA GLY A 64 -4.24 5.61 3.25
C GLY A 64 -4.39 6.95 3.98
N LYS A 65 -5.54 7.60 3.73
CA LYS A 65 -5.87 8.88 4.36
C LYS A 65 -6.41 8.69 5.78
N VAL A 66 -5.89 9.49 6.71
CA VAL A 66 -6.19 9.34 8.13
C VAL A 66 -7.34 10.25 8.56
N ASP A 67 -8.27 9.68 9.31
CA ASP A 67 -9.32 10.44 9.98
C ASP A 67 -8.99 10.53 11.47
N GLU A 68 -8.21 11.55 11.84
CA GLU A 68 -7.77 11.73 13.23
C GLU A 68 -8.79 12.52 14.07
N SER A 69 -9.89 12.96 13.43
CA SER A 69 -10.98 13.67 14.13
C SER A 69 -11.87 12.69 14.93
N LYS A 70 -11.66 11.39 14.69
CA LYS A 70 -12.36 10.32 15.40
C LYS A 70 -11.52 9.82 16.60
N LYS A 71 -10.86 10.76 17.26
CA LYS A 71 -9.93 10.50 18.39
C LYS A 71 -10.50 9.50 19.40
N ARG A 72 -9.76 8.40 19.57
CA ARG A 72 -10.16 7.31 20.45
C ARG A 72 -9.40 7.40 21.78
N LYS A 73 -10.02 6.89 22.86
CA LYS A 73 -9.41 6.87 24.18
C LYS A 73 -9.41 5.45 24.74
N ASP A 74 -8.33 5.11 25.45
CA ASP A 74 -8.14 3.77 26.00
C ASP A 74 -8.84 3.60 27.37
N ASN A 75 -8.55 2.48 28.07
CA ASN A 75 -9.21 2.15 29.35
C ASN A 75 -9.07 3.25 30.42
N GLU A 76 -7.95 3.98 30.38
CA GLU A 76 -7.64 5.00 31.40
C GLU A 76 -8.20 6.38 31.02
N GLY A 77 -8.48 6.58 29.72
CA GLY A 77 -9.02 7.84 29.24
C GLY A 77 -7.97 8.71 28.55
N ASN A 78 -6.87 8.08 28.13
CA ASN A 78 -5.79 8.77 27.41
C ASN A 78 -6.04 8.71 25.90
N GLU A 79 -5.63 9.77 25.19
CA GLU A 79 -5.89 9.90 23.75
C GLU A 79 -5.06 8.91 22.93
N VAL A 80 -5.75 7.97 22.29
CA VAL A 80 -5.13 7.01 21.38
C VAL A 80 -5.68 7.21 19.97
N VAL A 81 -4.91 7.89 19.14
CA VAL A 81 -5.37 8.30 17.82
C VAL A 81 -5.04 7.24 16.73
N PRO A 82 -6.05 6.81 15.91
CA PRO A 82 -5.86 5.80 14.83
C PRO A 82 -4.83 6.22 13.79
N LYS A 83 -3.94 5.29 13.45
CA LYS A 83 -2.82 5.54 12.53
C LYS A 83 -3.17 5.13 11.07
N PRO A 84 -2.41 5.64 10.04
CA PRO A 84 -2.69 5.34 8.63
C PRO A 84 -2.48 3.88 8.23
N GLN A 85 -3.25 3.44 7.25
CA GLN A 85 -3.15 2.10 6.68
C GLN A 85 -2.24 2.10 5.46
N ARG A 86 -1.56 0.97 5.21
CA ARG A 86 -0.65 0.85 4.06
C ARG A 86 -0.92 -0.44 3.29
N HIS A 87 -0.99 -0.35 1.96
CA HIS A 87 -1.25 -1.50 1.08
C HIS A 87 -0.01 -1.84 0.26
N MET A 88 0.60 -3.00 0.53
CA MET A 88 1.85 -3.41 -0.11
C MET A 88 1.61 -4.41 -1.26
N PHE A 89 2.34 -4.22 -2.36
CA PHE A 89 2.27 -5.11 -3.52
C PHE A 89 3.69 -5.51 -3.94
N SER A 90 3.93 -6.82 -4.12
CA SER A 90 5.26 -7.30 -4.55
C SER A 90 5.39 -7.25 -6.07
N PHE A 91 6.60 -6.94 -6.53
CA PHE A 91 6.89 -6.72 -7.95
C PHE A 91 8.06 -7.57 -8.45
N ASN A 92 8.33 -7.49 -9.76
CA ASN A 92 9.47 -8.19 -10.37
C ASN A 92 10.41 -7.20 -11.07
N ASN A 93 9.91 -5.97 -11.34
CA ASN A 93 10.69 -4.93 -12.06
C ASN A 93 10.43 -3.55 -11.47
N ARG A 94 11.49 -2.72 -11.43
CA ARG A 94 11.43 -1.35 -10.90
C ARG A 94 10.74 -0.39 -11.87
N THR A 95 10.83 -0.71 -13.18
CA THR A 95 10.28 0.15 -14.24
C THR A 95 8.74 0.11 -14.25
N VAL A 96 8.15 -0.95 -13.67
CA VAL A 96 6.70 -1.04 -13.52
C VAL A 96 6.26 -0.21 -12.30
N MET A 97 6.72 -0.60 -11.08
CA MET A 97 6.36 0.10 -9.82
C MET A 97 6.44 1.63 -9.93
N ASP A 98 7.50 2.11 -10.60
CA ASP A 98 7.69 3.55 -10.82
C ASP A 98 6.65 4.12 -11.80
N ASN A 99 6.20 3.29 -12.76
CA ASN A 99 5.19 3.70 -13.74
C ASN A 99 3.76 3.58 -13.19
N ILE A 100 3.51 2.59 -12.31
CA ILE A 100 2.22 2.48 -11.59
C ILE A 100 2.12 3.65 -10.58
N LYS A 101 3.16 3.79 -9.73
CA LYS A 101 3.29 4.89 -8.76
C LYS A 101 3.16 6.26 -9.44
N MET A 102 3.81 6.42 -10.59
CA MET A 102 3.72 7.65 -11.42
C MET A 102 2.25 8.01 -11.71
N THR A 103 1.48 7.04 -12.24
CA THR A 103 0.05 7.22 -12.49
C THR A 103 -0.68 7.54 -11.17
N LEU A 104 -0.60 6.62 -10.20
CA LEU A 104 -1.16 6.79 -8.84
C LEU A 104 -0.88 8.19 -8.29
N GLN A 105 0.41 8.52 -8.19
CA GLN A 105 0.90 9.84 -7.72
C GLN A 105 0.20 11.03 -8.40
N GLN A 106 -0.13 10.85 -9.69
CA GLN A 106 -0.79 11.89 -10.49
C GLN A 106 -2.31 11.92 -10.22
N ILE A 107 -2.83 10.81 -9.68
CA ILE A 107 -4.25 10.67 -9.33
C ILE A 107 -4.54 11.23 -7.92
N ILE A 108 -3.67 10.95 -6.94
CA ILE A 108 -3.92 11.32 -5.53
C ILE A 108 -3.93 12.84 -5.32
N SER A 109 -2.90 13.51 -5.83
CA SER A 109 -2.78 14.97 -5.66
C SER A 109 -3.89 15.74 -6.40
N ARG A 110 -4.59 15.06 -7.34
CA ARG A 110 -5.82 15.60 -7.95
C ARG A 110 -6.93 15.76 -6.91
N TYR A 111 -7.05 14.73 -6.06
CA TYR A 111 -7.99 14.74 -4.91
C TYR A 111 -7.46 15.59 -3.74
N LYS A 112 -6.18 15.98 -3.83
CA LYS A 112 -5.54 16.86 -2.83
C LYS A 112 -5.82 18.33 -3.12
N ASP A 113 -6.09 18.63 -4.39
CA ASP A 113 -6.50 19.96 -4.84
C ASP A 113 -8.02 20.07 -4.93
N ALA A 114 -8.70 18.92 -5.00
CA ALA A 114 -10.17 18.86 -5.09
C ALA A 114 -10.84 18.94 -3.72
N ASP A 115 -10.03 18.93 -2.65
CA ASP A 115 -10.53 18.96 -1.27
C ASP A 115 -10.31 20.36 -0.67
N GLY B 1 3.06 -14.36 40.23
CA GLY B 1 3.42 -13.00 39.72
C GLY B 1 2.21 -12.23 39.23
N SER B 2 2.18 -11.95 37.93
CA SER B 2 1.09 -11.20 37.31
C SER B 2 0.38 -12.05 36.22
N PRO B 3 -0.88 -12.52 36.47
CA PRO B 3 -1.67 -13.28 35.46
C PRO B 3 -1.99 -12.45 34.21
N GLY B 4 -1.95 -13.11 33.05
CA GLY B 4 -2.24 -12.44 31.78
C GLY B 4 -2.62 -13.42 30.69
N TYR B 5 -3.74 -13.12 30.01
CA TYR B 5 -4.23 -13.97 28.92
C TYR B 5 -3.81 -13.40 27.54
N PRO B 6 -2.90 -14.10 26.77
CA PRO B 6 -2.49 -13.64 25.42
C PRO B 6 -3.63 -13.61 24.40
N ASN B 7 -3.63 -12.57 23.56
CA ASN B 7 -4.65 -12.40 22.52
C ASN B 7 -4.00 -12.38 21.14
N GLY B 8 -4.59 -13.13 20.20
CA GLY B 8 -4.07 -13.19 18.83
C GLY B 8 -5.17 -13.28 17.80
N LEU B 9 -5.87 -12.15 17.58
CA LEU B 9 -6.95 -12.07 16.61
C LEU B 9 -6.66 -11.00 15.57
N LEU B 10 -6.24 -9.85 16.08
CA LEU B 10 -5.86 -8.69 15.25
C LEU B 10 -4.34 -8.65 15.07
N SER B 11 -3.65 -9.41 15.91
CA SER B 11 -2.19 -9.52 15.85
C SER B 11 -1.77 -11.00 15.84
N GLY B 12 -2.18 -11.70 14.78
CA GLY B 12 -1.90 -13.13 14.66
C GLY B 12 -1.13 -13.47 13.40
N ASP B 13 -1.78 -13.31 12.24
CA ASP B 13 -1.16 -13.64 10.94
C ASP B 13 -1.29 -12.48 9.95
N GLU B 14 -1.82 -11.34 10.44
CA GLU B 14 -2.04 -10.15 9.62
C GLU B 14 -1.14 -8.98 10.03
N ASP B 15 -0.19 -9.28 10.91
CA ASP B 15 0.71 -8.28 11.49
C ASP B 15 2.10 -8.29 10.81
N PHE B 16 2.23 -9.03 9.70
CA PHE B 16 3.52 -9.17 9.00
C PHE B 16 3.92 -7.90 8.21
N SER B 17 2.95 -7.01 8.01
CA SER B 17 3.21 -5.72 7.35
C SER B 17 3.53 -4.62 8.37
N SER B 18 3.45 -4.97 9.67
CA SER B 18 3.79 -4.04 10.75
C SER B 18 5.29 -4.14 11.09
N ILE B 19 5.86 -5.33 10.94
CA ILE B 19 7.30 -5.54 11.13
C ILE B 19 8.05 -5.31 9.81
N ALA B 20 7.33 -5.47 8.69
CA ALA B 20 7.87 -5.14 7.38
C ALA B 20 7.64 -3.66 7.05
N ASP B 21 7.17 -2.92 8.06
CA ASP B 21 7.01 -1.46 7.99
C ASP B 21 8.26 -0.78 8.56
N MET B 22 8.91 -1.47 9.52
CA MET B 22 10.23 -1.06 10.01
C MET B 22 11.33 -1.37 8.99
N ASP B 23 10.98 -2.23 8.04
CA ASP B 23 11.88 -2.64 6.96
C ASP B 23 11.97 -1.59 5.84
N PHE B 24 10.87 -0.83 5.63
CA PHE B 24 10.76 0.08 4.49
C PHE B 24 11.42 1.44 4.74
N SER B 25 11.60 1.82 6.02
CA SER B 25 12.14 3.14 6.37
C SER B 25 13.68 3.17 6.28
N ALA B 26 14.31 1.99 6.31
CA ALA B 26 15.77 1.88 6.19
C ALA B 26 16.21 1.71 4.73
N LEU B 27 15.26 1.40 3.85
CA LEU B 27 15.52 1.17 2.44
C LEU B 27 15.51 2.45 1.60
N LEU B 28 14.63 3.39 1.95
CA LEU B 28 14.49 4.66 1.20
C LEU B 28 15.68 5.59 1.47
N SER B 29 16.23 5.48 2.67
CA SER B 29 17.37 6.29 3.09
C SER B 29 18.70 5.57 2.83
N GLN B 30 18.89 4.37 3.43
CA GLN B 30 20.11 3.55 3.29
C GLN B 30 21.38 4.33 3.65
N ILE B 31 21.90 4.07 4.86
CA ILE B 31 23.11 4.73 5.36
C ILE B 31 24.29 3.75 5.30
N SER B 32 24.18 2.63 6.05
CA SER B 32 25.22 1.57 6.12
C SER B 32 26.57 2.11 6.61
N SER B 33 27.00 1.64 7.78
CA SER B 33 28.27 2.06 8.38
C SER B 33 29.27 0.89 8.42
N PRO A 1 5.29 4.48 -19.24
CA PRO A 1 3.99 4.79 -18.59
C PRO A 1 2.98 3.66 -18.79
N SER A 2 2.59 3.01 -17.68
CA SER A 2 1.65 1.90 -17.71
C SER A 2 0.72 1.94 -16.49
N HIS A 3 -0.58 1.79 -16.76
CA HIS A 3 -1.61 1.70 -15.71
C HIS A 3 -1.74 0.26 -15.21
N SER A 4 -1.05 -0.67 -15.89
CA SER A 4 -1.12 -2.09 -15.57
C SER A 4 0.22 -2.77 -15.80
N GLY A 5 0.51 -3.75 -14.95
CA GLY A 5 1.75 -4.50 -15.06
C GLY A 5 1.63 -5.90 -14.47
N ALA A 6 2.41 -6.17 -13.42
CA ALA A 6 2.35 -7.44 -12.70
C ALA A 6 2.68 -7.23 -11.22
N ALA A 7 1.78 -7.67 -10.33
CA ALA A 7 1.95 -7.45 -8.89
C ALA A 7 1.49 -8.65 -8.06
N ILE A 8 2.05 -8.78 -6.85
CA ILE A 8 1.66 -9.82 -5.89
C ILE A 8 0.99 -9.14 -4.67
N PHE A 9 -0.10 -9.75 -4.20
CA PHE A 9 -0.86 -9.23 -3.05
C PHE A 9 -1.38 -10.40 -2.23
N GLU A 10 -1.01 -10.42 -0.93
CA GLU A 10 -1.39 -11.50 0.02
C GLU A 10 -0.80 -12.86 -0.40
N LYS A 11 0.44 -12.83 -0.90
CA LYS A 11 1.23 -14.03 -1.30
C LYS A 11 0.67 -14.73 -2.55
N VAL A 12 -0.48 -14.26 -3.05
CA VAL A 12 -1.05 -14.74 -4.30
C VAL A 12 -0.65 -13.79 -5.44
N SER A 13 0.02 -14.34 -6.46
CA SER A 13 0.56 -13.53 -7.56
C SER A 13 -0.51 -13.22 -8.60
N GLY A 14 -0.45 -11.99 -9.13
CA GLY A 14 -1.45 -11.54 -10.07
C GLY A 14 -0.98 -10.39 -10.93
N ILE A 15 -1.95 -9.63 -11.45
CA ILE A 15 -1.70 -8.48 -12.31
C ILE A 15 -2.41 -7.25 -11.73
N ILE A 16 -1.72 -6.09 -11.79
CA ILE A 16 -2.26 -4.83 -11.26
C ILE A 16 -2.77 -3.92 -12.40
N ALA A 17 -3.93 -3.29 -12.18
CA ALA A 17 -4.52 -2.37 -13.16
C ALA A 17 -5.07 -1.11 -12.49
N ILE A 18 -4.98 0.04 -13.19
CA ILE A 18 -5.53 1.30 -12.69
C ILE A 18 -6.85 1.63 -13.42
N ASN A 19 -7.85 2.02 -12.65
CA ASN A 19 -9.18 2.38 -13.15
C ASN A 19 -9.38 3.91 -13.14
N GLU A 20 -9.33 4.51 -14.33
CA GLU A 20 -9.62 5.94 -14.50
C GLU A 20 -10.79 6.11 -15.48
N ASP A 21 -11.35 7.34 -15.57
CA ASP A 21 -12.60 7.64 -16.33
C ASP A 21 -13.85 7.05 -15.63
N VAL A 22 -13.59 6.46 -14.48
CA VAL A 22 -14.61 5.89 -13.60
C VAL A 22 -14.88 6.85 -12.43
N SER A 23 -15.68 6.40 -11.46
CA SER A 23 -15.86 7.14 -10.21
C SER A 23 -14.56 6.99 -9.42
N PRO A 24 -14.24 7.80 -8.36
CA PRO A 24 -12.84 8.26 -8.15
C PRO A 24 -11.81 7.15 -8.37
N ALA A 25 -10.79 7.52 -9.20
CA ALA A 25 -9.86 6.56 -9.80
C ALA A 25 -9.24 5.62 -8.78
N GLU A 26 -9.11 4.37 -9.22
CA GLU A 26 -8.81 3.27 -8.35
C GLU A 26 -7.55 2.51 -8.80
N LEU A 27 -7.11 1.57 -7.96
CA LEU A 27 -6.02 0.65 -8.27
C LEU A 27 -6.50 -0.77 -7.99
N THR A 28 -6.72 -1.53 -9.06
CA THR A 28 -7.33 -2.86 -8.95
C THR A 28 -6.30 -3.96 -9.20
N TRP A 29 -5.99 -4.71 -8.13
CA TRP A 29 -5.19 -5.93 -8.25
C TRP A 29 -6.11 -7.11 -8.56
N ARG A 30 -5.64 -7.96 -9.46
CA ARG A 30 -6.30 -9.22 -9.74
C ARG A 30 -5.29 -10.36 -9.66
N SER A 31 -5.78 -11.56 -9.39
CA SER A 31 -4.98 -12.78 -9.46
C SER A 31 -4.71 -13.12 -10.94
N THR A 32 -3.67 -13.93 -11.19
CA THR A 32 -3.17 -14.23 -12.55
C THR A 32 -4.27 -14.76 -13.50
N ASP A 33 -5.36 -15.30 -12.92
CA ASP A 33 -6.55 -15.67 -13.69
C ASP A 33 -7.64 -14.59 -13.55
N GLY A 34 -7.67 -13.94 -12.38
CA GLY A 34 -8.61 -12.86 -12.10
C GLY A 34 -9.82 -13.30 -11.30
N ASP A 35 -9.71 -14.49 -10.66
CA ASP A 35 -10.74 -14.99 -9.74
C ASP A 35 -10.69 -14.23 -8.42
N LYS A 36 -9.49 -13.77 -8.05
CA LYS A 36 -9.29 -12.92 -6.88
C LYS A 36 -9.07 -11.47 -7.34
N VAL A 37 -9.68 -10.52 -6.64
CA VAL A 37 -9.59 -9.11 -7.02
C VAL A 37 -9.68 -8.17 -5.80
N HIS A 38 -8.79 -7.16 -5.78
CA HIS A 38 -8.76 -6.13 -4.73
C HIS A 38 -8.72 -4.74 -5.38
N THR A 39 -9.37 -3.74 -4.74
CA THR A 39 -9.47 -2.40 -5.32
C THR A 39 -9.06 -1.30 -4.31
N VAL A 40 -8.15 -0.43 -4.77
CA VAL A 40 -7.69 0.74 -4.00
C VAL A 40 -8.18 2.04 -4.67
N VAL A 41 -9.16 2.72 -4.05
CA VAL A 41 -9.61 4.02 -4.54
C VAL A 41 -8.64 5.10 -4.02
N LEU A 42 -8.06 5.87 -4.94
CA LEU A 42 -6.98 6.82 -4.59
C LEU A 42 -7.47 8.09 -3.88
N SER A 43 -8.76 8.43 -4.04
CA SER A 43 -9.33 9.63 -3.39
C SER A 43 -9.40 9.47 -1.85
N THR A 44 -9.13 8.24 -1.40
CA THR A 44 -9.01 7.92 0.02
C THR A 44 -7.56 7.47 0.36
N ILE A 45 -6.64 7.72 -0.59
CA ILE A 45 -5.21 7.45 -0.43
C ILE A 45 -4.44 8.78 -0.35
N ASP A 46 -3.41 8.82 0.51
CA ASP A 46 -2.64 10.04 0.73
C ASP A 46 -1.22 9.94 0.14
N LYS A 47 -0.48 8.87 0.50
CA LYS A 47 0.89 8.71 0.08
C LYS A 47 1.12 7.28 -0.47
N LEU A 48 2.33 7.05 -1.00
CA LEU A 48 2.70 5.77 -1.65
C LEU A 48 4.21 5.55 -1.48
N GLN A 49 4.62 4.34 -1.07
CA GLN A 49 6.05 4.04 -0.81
C GLN A 49 6.51 2.76 -1.53
N ALA A 50 7.43 2.90 -2.50
CA ALA A 50 7.91 1.77 -3.32
C ALA A 50 9.40 1.48 -3.12
N THR A 51 9.80 0.21 -3.37
CA THR A 51 11.19 -0.27 -3.20
C THR A 51 12.12 0.29 -4.29
N PRO A 52 13.23 1.01 -3.92
CA PRO A 52 14.26 1.48 -4.88
C PRO A 52 14.94 0.32 -5.63
N ALA A 53 15.67 0.68 -6.71
CA ALA A 53 16.41 -0.30 -7.53
C ALA A 53 17.69 -0.80 -6.83
N SER A 54 18.04 -0.13 -5.72
CA SER A 54 19.18 -0.56 -4.89
C SER A 54 18.68 -1.40 -3.69
N SER A 55 17.35 -1.44 -3.51
CA SER A 55 16.72 -2.19 -2.42
C SER A 55 16.66 -3.69 -2.71
N GLU A 56 16.87 -4.47 -1.63
CA GLU A 56 16.74 -5.93 -1.63
C GLU A 56 15.32 -6.38 -1.99
N LYS A 57 14.39 -5.48 -1.75
CA LYS A 57 12.98 -5.76 -1.81
C LYS A 57 12.35 -5.41 -3.15
N MET A 58 11.24 -6.10 -3.45
CA MET A 58 10.38 -5.74 -4.57
C MET A 58 8.95 -5.58 -4.06
N MET A 59 8.56 -4.33 -3.79
CA MET A 59 7.27 -4.01 -3.17
C MET A 59 6.82 -2.59 -3.49
N LEU A 60 5.50 -2.37 -3.39
CA LEU A 60 4.90 -1.06 -3.58
C LEU A 60 3.82 -0.85 -2.50
N ARG A 61 4.01 0.18 -1.67
CA ARG A 61 3.08 0.46 -0.57
C ARG A 61 2.13 1.59 -0.95
N LEU A 62 0.89 1.47 -0.47
CA LEU A 62 -0.15 2.47 -0.70
C LEU A 62 -0.69 2.95 0.64
N ILE A 63 -0.25 4.15 1.03
CA ILE A 63 -0.57 4.73 2.34
C ILE A 63 -1.92 5.46 2.24
N GLY A 64 -2.80 5.18 3.21
CA GLY A 64 -4.18 5.65 3.15
C GLY A 64 -4.42 6.96 3.86
N LYS A 65 -5.57 7.58 3.54
CA LYS A 65 -6.00 8.82 4.16
C LYS A 65 -6.66 8.56 5.52
N VAL A 66 -6.06 9.16 6.55
CA VAL A 66 -6.49 8.94 7.94
C VAL A 66 -7.26 10.16 8.48
N ASP A 67 -8.37 9.88 9.15
CA ASP A 67 -9.13 10.90 9.87
C ASP A 67 -8.71 10.90 11.33
N GLU A 68 -7.55 11.53 11.59
CA GLU A 68 -6.91 11.51 12.92
C GLU A 68 -7.72 12.25 14.00
N SER A 69 -8.86 12.82 13.62
CA SER A 69 -9.80 13.45 14.57
C SER A 69 -10.67 12.39 15.30
N LYS A 70 -10.44 11.11 14.97
CA LYS A 70 -11.13 9.98 15.61
C LYS A 70 -10.36 9.47 16.85
N LYS A 71 -9.65 10.40 17.50
CA LYS A 71 -8.78 10.12 18.66
C LYS A 71 -9.47 9.23 19.71
N ARG A 72 -8.86 8.07 19.95
CA ARG A 72 -9.40 7.09 20.89
C ARG A 72 -8.60 7.11 22.20
N LYS A 73 -9.22 6.68 23.30
CA LYS A 73 -8.56 6.59 24.60
C LYS A 73 -8.74 5.19 25.18
N ASP A 74 -7.69 4.72 25.88
CA ASP A 74 -7.67 3.37 26.45
C ASP A 74 -8.33 3.33 27.85
N ASN A 75 -8.17 2.20 28.57
CA ASN A 75 -8.81 2.00 29.90
C ASN A 75 -8.45 3.09 30.92
N GLU A 76 -7.23 3.64 30.81
CA GLU A 76 -6.73 4.62 31.77
C GLU A 76 -7.11 6.06 31.39
N GLY A 77 -7.44 6.27 30.11
CA GLY A 77 -7.81 7.59 29.62
C GLY A 77 -6.67 8.29 28.89
N ASN A 78 -5.69 7.51 28.44
CA ASN A 78 -4.56 8.02 27.66
C ASN A 78 -4.88 7.99 26.17
N GLU A 79 -4.36 8.97 25.42
CA GLU A 79 -4.67 9.11 24.00
C GLU A 79 -4.00 8.03 23.16
N VAL A 80 -4.84 7.19 22.56
CA VAL A 80 -4.38 6.14 21.63
C VAL A 80 -4.98 6.40 20.25
N VAL A 81 -4.17 6.96 19.36
CA VAL A 81 -4.64 7.42 18.06
C VAL A 81 -4.44 6.34 16.97
N PRO A 82 -5.52 6.02 16.17
CA PRO A 82 -5.43 5.04 15.07
C PRO A 82 -4.55 5.53 13.91
N LYS A 83 -3.81 4.60 13.31
CA LYS A 83 -2.85 4.93 12.25
C LYS A 83 -3.46 4.76 10.84
N PRO A 84 -2.85 5.41 9.79
CA PRO A 84 -3.30 5.26 8.39
C PRO A 84 -3.11 3.84 7.86
N GLN A 85 -3.95 3.46 6.89
CA GLN A 85 -3.91 2.12 6.30
C GLN A 85 -3.02 2.07 5.05
N ARG A 86 -2.07 1.14 5.08
CA ARG A 86 -1.07 1.01 4.01
C ARG A 86 -1.25 -0.32 3.27
N HIS A 87 -1.11 -0.29 1.93
CA HIS A 87 -1.32 -1.48 1.08
C HIS A 87 -0.07 -1.79 0.25
N MET A 88 0.54 -2.97 0.48
CA MET A 88 1.77 -3.36 -0.21
C MET A 88 1.47 -4.26 -1.43
N PHE A 89 2.33 -4.18 -2.44
CA PHE A 89 2.27 -5.06 -3.62
C PHE A 89 3.69 -5.45 -4.04
N SER A 90 3.95 -6.75 -4.16
CA SER A 90 5.28 -7.24 -4.56
C SER A 90 5.42 -7.22 -6.08
N PHE A 91 6.64 -6.91 -6.54
CA PHE A 91 6.93 -6.70 -7.96
C PHE A 91 8.12 -7.54 -8.44
N ASN A 92 8.40 -7.46 -9.75
CA ASN A 92 9.54 -8.15 -10.36
C ASN A 92 10.46 -7.16 -11.09
N ASN A 93 9.95 -5.94 -11.34
CA ASN A 93 10.71 -4.89 -12.05
C ASN A 93 10.39 -3.51 -11.47
N ARG A 94 11.41 -2.64 -11.43
CA ARG A 94 11.29 -1.29 -10.87
C ARG A 94 10.66 -0.29 -11.85
N THR A 95 10.71 -0.61 -13.15
CA THR A 95 10.15 0.26 -14.19
C THR A 95 8.61 0.14 -14.23
N VAL A 96 8.07 -0.98 -13.73
CA VAL A 96 6.62 -1.17 -13.62
C VAL A 96 6.10 -0.33 -12.43
N MET A 97 6.56 -0.65 -11.19
CA MET A 97 6.16 0.09 -9.96
C MET A 97 6.26 1.61 -10.13
N ASP A 98 7.31 2.05 -10.84
CA ASP A 98 7.50 3.47 -11.16
C ASP A 98 6.52 3.98 -12.23
N ASN A 99 5.96 3.05 -13.01
CA ASN A 99 4.91 3.38 -13.99
C ASN A 99 3.51 3.35 -13.35
N ILE A 100 3.32 2.48 -12.34
CA ILE A 100 2.08 2.45 -11.55
C ILE A 100 2.07 3.64 -10.56
N LYS A 101 3.13 3.74 -9.73
CA LYS A 101 3.32 4.82 -8.74
C LYS A 101 3.17 6.21 -9.36
N MET A 102 3.77 6.42 -10.54
CA MET A 102 3.66 7.69 -11.29
C MET A 102 2.20 8.08 -11.52
N THR A 103 1.43 7.17 -12.16
CA THR A 103 0.00 7.39 -12.37
C THR A 103 -0.71 7.66 -11.04
N LEU A 104 -0.60 6.70 -10.08
CA LEU A 104 -1.14 6.85 -8.72
C LEU A 104 -0.84 8.24 -8.15
N GLN A 105 0.46 8.54 -8.04
CA GLN A 105 0.97 9.84 -7.55
C GLN A 105 0.36 11.05 -8.27
N GLN A 106 -0.03 10.84 -9.54
CA GLN A 106 -0.64 11.89 -10.37
C GLN A 106 -2.16 11.95 -10.16
N ILE A 107 -2.71 10.84 -9.65
CA ILE A 107 -4.13 10.74 -9.29
C ILE A 107 -4.42 11.37 -7.90
N ILE A 108 -3.54 11.11 -6.91
CA ILE A 108 -3.75 11.61 -5.53
C ILE A 108 -3.52 13.13 -5.45
N SER A 109 -2.57 13.62 -6.26
CA SER A 109 -2.28 15.06 -6.35
C SER A 109 -3.49 15.86 -6.90
N ARG A 110 -4.44 15.13 -7.51
CA ARG A 110 -5.73 15.70 -7.94
C ARG A 110 -6.70 15.80 -6.76
N TYR A 111 -6.72 14.74 -5.94
CA TYR A 111 -7.51 14.70 -4.70
C TYR A 111 -6.78 15.40 -3.54
N LYS A 112 -5.58 15.91 -3.85
CA LYS A 112 -4.74 16.62 -2.89
C LYS A 112 -5.02 18.13 -2.95
N ASP A 113 -5.37 18.60 -4.16
CA ASP A 113 -5.76 19.99 -4.39
C ASP A 113 -7.25 20.21 -4.15
N ALA A 114 -8.06 19.17 -4.46
CA ALA A 114 -9.52 19.19 -4.26
C ALA A 114 -10.19 20.38 -4.95
N ASP A 115 -10.53 20.19 -6.22
CA ASP A 115 -11.19 21.22 -7.04
C ASP A 115 -12.63 20.80 -7.37
N GLY B 1 8.71 -26.97 -0.54
CA GLY B 1 8.38 -25.71 0.16
C GLY B 1 6.99 -25.71 0.75
N SER B 2 6.91 -25.92 2.07
CA SER B 2 5.63 -25.96 2.79
C SER B 2 5.49 -24.77 3.75
N PRO B 3 4.68 -23.72 3.40
CA PRO B 3 4.44 -22.55 4.28
C PRO B 3 3.75 -22.91 5.60
N GLY B 4 3.96 -22.09 6.63
CA GLY B 4 3.34 -22.32 7.92
C GLY B 4 3.82 -21.33 8.98
N TYR B 5 3.46 -21.61 10.25
CA TYR B 5 3.82 -20.77 11.42
C TYR B 5 3.30 -19.32 11.27
N PRO B 6 1.99 -19.04 11.57
CA PRO B 6 1.42 -17.68 11.50
C PRO B 6 1.88 -16.77 12.65
N ASN B 7 1.99 -17.36 13.87
CA ASN B 7 2.39 -16.65 15.12
C ASN B 7 1.74 -15.26 15.27
N GLY B 8 0.53 -15.25 15.86
CA GLY B 8 -0.19 -14.00 16.09
C GLY B 8 -1.15 -13.65 14.96
N LEU B 9 -2.45 -13.83 15.22
CA LEU B 9 -3.48 -13.52 14.23
C LEU B 9 -4.49 -12.51 14.81
N LEU B 10 -4.39 -11.27 14.35
CA LEU B 10 -5.41 -10.24 14.62
C LEU B 10 -6.19 -9.98 13.33
N SER B 11 -5.69 -10.58 12.25
CA SER B 11 -6.27 -10.45 10.90
C SER B 11 -5.75 -11.57 10.01
N GLY B 12 -4.44 -11.85 10.12
CA GLY B 12 -3.81 -12.94 9.39
C GLY B 12 -3.11 -12.50 8.11
N ASP B 13 -3.55 -11.37 7.54
CA ASP B 13 -2.95 -10.84 6.31
C ASP B 13 -2.50 -9.38 6.50
N GLU B 14 -2.93 -8.80 7.62
CA GLU B 14 -2.61 -7.42 7.96
C GLU B 14 -1.78 -7.34 9.24
N ASP B 15 -1.32 -8.50 9.70
CA ASP B 15 -0.56 -8.63 10.95
C ASP B 15 0.95 -8.55 10.70
N PHE B 16 1.41 -9.06 9.54
CA PHE B 16 2.84 -9.08 9.20
C PHE B 16 3.22 -7.89 8.29
N SER B 17 2.24 -7.08 7.90
CA SER B 17 2.49 -5.86 7.12
C SER B 17 2.73 -4.65 8.03
N SER B 18 2.53 -4.84 9.34
CA SER B 18 2.80 -3.80 10.34
C SER B 18 4.25 -3.86 10.81
N ILE B 19 4.83 -5.06 10.79
CA ILE B 19 6.25 -5.26 11.11
C ILE B 19 7.09 -5.17 9.82
N ALA B 20 6.46 -5.45 8.67
CA ALA B 20 7.10 -5.25 7.37
C ALA B 20 6.92 -3.82 6.87
N ASP B 21 6.34 -2.98 7.74
CA ASP B 21 6.24 -1.54 7.54
C ASP B 21 7.41 -0.85 8.22
N MET B 22 7.90 -1.49 9.31
CA MET B 22 9.13 -1.09 10.00
C MET B 22 10.35 -1.41 9.14
N ASP B 23 10.17 -2.35 8.21
CA ASP B 23 11.19 -2.74 7.24
C ASP B 23 11.38 -1.70 6.13
N PHE B 24 10.28 -1.04 5.73
CA PHE B 24 10.31 -0.08 4.62
C PHE B 24 10.75 1.33 5.06
N SER B 25 10.52 1.65 6.34
CA SER B 25 10.77 3.01 6.86
C SER B 25 12.26 3.33 7.00
N ALA B 26 13.07 2.29 7.24
CA ALA B 26 14.53 2.45 7.32
C ALA B 26 15.20 2.28 5.95
N LEU B 27 14.41 1.79 4.98
CA LEU B 27 14.89 1.53 3.62
C LEU B 27 14.77 2.78 2.72
N LEU B 28 13.76 3.61 2.97
CA LEU B 28 13.52 4.81 2.15
C LEU B 28 14.23 6.03 2.74
N SER B 29 14.52 5.96 4.04
CA SER B 29 15.26 7.01 4.73
C SER B 29 16.77 6.69 4.80
N GLN B 30 17.30 6.15 3.69
CA GLN B 30 18.73 5.81 3.58
C GLN B 30 19.55 6.97 2.99
N ILE B 31 18.87 8.09 2.71
CA ILE B 31 19.51 9.27 2.11
C ILE B 31 19.56 10.41 3.14
N SER B 32 20.78 10.90 3.40
CA SER B 32 21.00 12.00 4.34
C SER B 32 21.53 13.24 3.63
N SER B 33 20.96 14.40 3.97
CA SER B 33 21.36 15.68 3.36
C SER B 33 22.14 16.55 4.36
N PRO A 1 2.44 1.75 -21.44
CA PRO A 1 3.02 2.07 -20.11
C PRO A 1 1.96 2.44 -19.10
N SER A 2 2.32 2.37 -17.80
CA SER A 2 1.49 2.82 -16.67
C SER A 2 0.14 2.11 -16.56
N HIS A 3 -0.50 2.27 -15.37
CA HIS A 3 -1.83 1.71 -15.03
C HIS A 3 -1.80 0.20 -14.77
N SER A 4 -1.26 -0.56 -15.71
CA SER A 4 -1.24 -2.02 -15.60
C SER A 4 0.14 -2.61 -15.86
N GLY A 5 0.45 -3.67 -15.09
CA GLY A 5 1.71 -4.37 -15.21
C GLY A 5 1.63 -5.77 -14.65
N ALA A 6 2.35 -6.00 -13.54
CA ALA A 6 2.30 -7.27 -12.80
C ALA A 6 2.64 -7.05 -11.33
N ALA A 7 1.76 -7.53 -10.43
CA ALA A 7 1.95 -7.33 -8.98
C ALA A 7 1.46 -8.52 -8.16
N ILE A 8 2.04 -8.67 -6.96
CA ILE A 8 1.62 -9.70 -5.98
C ILE A 8 0.97 -9.03 -4.78
N PHE A 9 -0.10 -9.65 -4.26
CA PHE A 9 -0.84 -9.14 -3.11
C PHE A 9 -1.30 -10.29 -2.23
N GLU A 10 -0.87 -10.27 -0.96
CA GLU A 10 -1.19 -11.33 0.05
C GLU A 10 -0.63 -12.70 -0.38
N LYS A 11 0.60 -12.68 -0.92
CA LYS A 11 1.37 -13.89 -1.33
C LYS A 11 0.79 -14.60 -2.56
N VAL A 12 -0.38 -14.13 -3.03
CA VAL A 12 -0.96 -14.65 -4.28
C VAL A 12 -0.59 -13.70 -5.44
N SER A 13 0.05 -14.25 -6.47
CA SER A 13 0.57 -13.46 -7.58
C SER A 13 -0.51 -13.16 -8.60
N GLY A 14 -0.46 -11.94 -9.14
CA GLY A 14 -1.46 -11.50 -10.09
C GLY A 14 -0.99 -10.36 -10.97
N ILE A 15 -1.96 -9.59 -11.47
CA ILE A 15 -1.69 -8.44 -12.32
C ILE A 15 -2.41 -7.20 -11.75
N ILE A 16 -1.73 -6.05 -11.82
CA ILE A 16 -2.27 -4.79 -11.30
C ILE A 16 -2.82 -3.91 -12.45
N ALA A 17 -3.99 -3.31 -12.22
CA ALA A 17 -4.63 -2.42 -13.20
C ALA A 17 -5.21 -1.18 -12.53
N ILE A 18 -5.17 -0.03 -13.23
CA ILE A 18 -5.72 1.22 -12.72
C ILE A 18 -7.04 1.57 -13.44
N ASN A 19 -8.06 1.89 -12.64
CA ASN A 19 -9.37 2.30 -13.12
C ASN A 19 -9.53 3.82 -13.10
N GLU A 20 -9.52 4.43 -14.30
CA GLU A 20 -9.78 5.86 -14.47
C GLU A 20 -10.98 6.05 -15.40
N ASP A 21 -11.52 7.31 -15.47
CA ASP A 21 -12.78 7.62 -16.21
C ASP A 21 -14.01 7.07 -15.50
N VAL A 22 -13.76 6.48 -14.34
CA VAL A 22 -14.77 5.94 -13.43
C VAL A 22 -15.03 6.91 -12.27
N SER A 23 -15.82 6.49 -11.28
CA SER A 23 -15.99 7.25 -10.05
C SER A 23 -14.69 7.05 -9.26
N PRO A 24 -14.31 7.89 -8.24
CA PRO A 24 -12.88 8.30 -8.09
C PRO A 24 -11.88 7.18 -8.34
N ALA A 25 -10.90 7.50 -9.20
CA ALA A 25 -9.97 6.52 -9.80
C ALA A 25 -9.36 5.59 -8.80
N GLU A 26 -9.25 4.34 -9.22
CA GLU A 26 -8.91 3.24 -8.33
C GLU A 26 -7.67 2.49 -8.84
N LEU A 27 -7.18 1.59 -8.00
CA LEU A 27 -6.08 0.69 -8.33
C LEU A 27 -6.53 -0.74 -8.02
N THR A 28 -6.75 -1.52 -9.07
CA THR A 28 -7.34 -2.85 -8.94
C THR A 28 -6.31 -3.95 -9.20
N TRP A 29 -5.98 -4.68 -8.13
CA TRP A 29 -5.18 -5.90 -8.26
C TRP A 29 -6.10 -7.09 -8.54
N ARG A 30 -5.66 -7.92 -9.48
CA ARG A 30 -6.33 -9.19 -9.75
C ARG A 30 -5.32 -10.32 -9.72
N SER A 31 -5.79 -11.52 -9.36
CA SER A 31 -4.97 -12.73 -9.43
C SER A 31 -4.74 -13.10 -10.90
N THR A 32 -3.69 -13.90 -11.15
CA THR A 32 -3.24 -14.23 -12.53
C THR A 32 -4.35 -14.80 -13.42
N ASP A 33 -5.42 -15.32 -12.79
CA ASP A 33 -6.63 -15.75 -13.51
C ASP A 33 -7.73 -14.67 -13.38
N GLY A 34 -7.72 -13.97 -12.24
CA GLY A 34 -8.69 -12.90 -11.97
C GLY A 34 -9.87 -13.36 -11.13
N ASP A 35 -9.70 -14.52 -10.47
CA ASP A 35 -10.70 -15.04 -9.52
C ASP A 35 -10.62 -14.27 -8.20
N LYS A 36 -9.43 -13.76 -7.88
CA LYS A 36 -9.21 -12.88 -6.74
C LYS A 36 -9.02 -11.45 -7.21
N VAL A 37 -9.64 -10.49 -6.52
CA VAL A 37 -9.56 -9.08 -6.93
C VAL A 37 -9.63 -8.12 -5.72
N HIS A 38 -8.73 -7.13 -5.70
CA HIS A 38 -8.70 -6.09 -4.66
C HIS A 38 -8.66 -4.70 -5.32
N THR A 39 -9.29 -3.71 -4.66
CA THR A 39 -9.42 -2.36 -5.24
C THR A 39 -8.97 -1.27 -4.25
N VAL A 40 -8.10 -0.37 -4.75
CA VAL A 40 -7.62 0.79 -4.00
C VAL A 40 -8.12 2.09 -4.67
N VAL A 41 -9.08 2.77 -4.03
CA VAL A 41 -9.57 4.08 -4.51
C VAL A 41 -8.58 5.16 -4.04
N LEU A 42 -8.01 5.92 -4.99
CA LEU A 42 -6.92 6.85 -4.67
C LEU A 42 -7.38 8.15 -3.99
N SER A 43 -8.67 8.49 -4.13
CA SER A 43 -9.25 9.65 -3.42
C SER A 43 -9.33 9.37 -1.91
N THR A 44 -8.96 8.14 -1.54
CA THR A 44 -8.92 7.69 -0.15
C THR A 44 -7.47 7.38 0.27
N ILE A 45 -6.53 7.67 -0.64
CA ILE A 45 -5.10 7.40 -0.45
C ILE A 45 -4.34 8.73 -0.33
N ASP A 46 -3.39 8.79 0.61
CA ASP A 46 -2.62 10.01 0.87
C ASP A 46 -1.17 9.88 0.35
N LYS A 47 -0.54 8.71 0.60
CA LYS A 47 0.87 8.50 0.23
C LYS A 47 1.09 7.16 -0.48
N LEU A 48 2.31 7.00 -1.04
CA LEU A 48 2.73 5.78 -1.77
C LEU A 48 4.25 5.60 -1.63
N GLN A 49 4.71 4.38 -1.30
CA GLN A 49 6.15 4.13 -1.09
C GLN A 49 6.60 2.85 -1.79
N ALA A 50 7.62 2.94 -2.65
CA ALA A 50 8.11 1.79 -3.44
C ALA A 50 9.57 1.42 -3.10
N THR A 51 9.86 0.10 -3.12
CA THR A 51 11.21 -0.45 -2.84
C THR A 51 12.25 0.03 -3.90
N PRO A 52 13.40 0.66 -3.47
CA PRO A 52 14.47 1.08 -4.41
C PRO A 52 15.09 -0.08 -5.19
N ALA A 53 15.85 0.26 -6.25
CA ALA A 53 16.53 -0.72 -7.11
C ALA A 53 17.71 -1.40 -6.41
N SER A 54 18.14 -0.82 -5.28
CA SER A 54 19.21 -1.40 -4.45
C SER A 54 18.63 -2.22 -3.29
N SER A 55 17.31 -2.15 -3.11
CA SER A 55 16.61 -2.86 -2.05
C SER A 55 16.41 -4.35 -2.37
N GLU A 56 16.64 -5.18 -1.33
CA GLU A 56 16.38 -6.64 -1.39
C GLU A 56 14.91 -6.94 -1.69
N LYS A 57 14.08 -5.94 -1.40
CA LYS A 57 12.65 -6.05 -1.51
C LYS A 57 12.15 -5.57 -2.87
N MET A 58 11.15 -6.29 -3.40
CA MET A 58 10.39 -5.82 -4.55
C MET A 58 8.94 -5.64 -4.13
N MET A 59 8.58 -4.39 -3.80
CA MET A 59 7.26 -4.07 -3.24
C MET A 59 6.85 -2.63 -3.51
N LEU A 60 5.54 -2.41 -3.54
CA LEU A 60 4.96 -1.08 -3.72
C LEU A 60 3.87 -0.85 -2.65
N ARG A 61 4.07 0.18 -1.83
CA ARG A 61 3.16 0.47 -0.71
C ARG A 61 2.20 1.61 -1.05
N LEU A 62 0.98 1.48 -0.52
CA LEU A 62 -0.09 2.47 -0.72
C LEU A 62 -0.67 2.89 0.65
N ILE A 63 -0.39 4.13 1.02
CA ILE A 63 -0.74 4.68 2.35
C ILE A 63 -2.16 5.30 2.30
N GLY A 64 -2.98 4.96 3.30
CA GLY A 64 -4.38 5.41 3.33
C GLY A 64 -4.57 6.76 3.98
N LYS A 65 -5.73 7.37 3.71
CA LYS A 65 -6.09 8.69 4.25
C LYS A 65 -6.73 8.58 5.63
N VAL A 66 -6.04 9.17 6.62
CA VAL A 66 -6.46 9.16 8.02
C VAL A 66 -6.63 10.59 8.53
N ASP A 67 -7.62 10.76 9.40
CA ASP A 67 -7.86 12.03 10.08
C ASP A 67 -7.12 12.00 11.43
N GLU A 68 -6.03 12.76 11.51
CA GLU A 68 -5.19 12.78 12.72
C GLU A 68 -5.70 13.77 13.77
N SER A 69 -6.80 14.48 13.45
CA SER A 69 -7.45 15.39 14.40
C SER A 69 -8.29 14.63 15.45
N LYS A 70 -8.38 13.30 15.26
CA LYS A 70 -9.08 12.41 16.21
C LYS A 70 -8.10 11.85 17.26
N LYS A 71 -7.11 12.68 17.61
CA LYS A 71 -6.04 12.36 18.58
C LYS A 71 -6.55 11.70 19.85
N ARG A 72 -5.94 10.55 20.21
CA ARG A 72 -6.31 9.80 21.40
C ARG A 72 -5.20 9.90 22.44
N LYS A 73 -5.60 9.93 23.72
CA LYS A 73 -4.65 9.95 24.84
C LYS A 73 -4.98 8.81 25.79
N ASP A 74 -3.93 8.14 26.29
CA ASP A 74 -4.08 6.96 27.14
C ASP A 74 -4.42 7.32 28.61
N ASN A 75 -4.40 6.32 29.51
CA ASN A 75 -4.83 6.50 30.92
C ASN A 75 -4.08 7.63 31.66
N GLU A 76 -2.80 7.83 31.30
CA GLU A 76 -1.95 8.83 31.98
C GLU A 76 -2.05 10.21 31.33
N GLY A 77 -2.65 10.27 30.13
CA GLY A 77 -2.78 11.51 29.40
C GLY A 77 -1.69 11.73 28.37
N ASN A 78 -1.02 10.63 27.98
CA ASN A 78 0.04 10.67 26.97
C ASN A 78 -0.56 10.51 25.57
N GLU A 79 0.08 11.15 24.59
CA GLU A 79 -0.41 11.18 23.20
C GLU A 79 -0.25 9.82 22.52
N VAL A 80 -1.39 9.26 22.10
CA VAL A 80 -1.40 8.05 21.29
C VAL A 80 -2.26 8.31 20.05
N VAL A 81 -1.58 8.59 18.94
CA VAL A 81 -2.26 9.03 17.73
C VAL A 81 -2.43 7.87 16.71
N PRO A 82 -3.69 7.61 16.24
CA PRO A 82 -3.97 6.53 15.26
C PRO A 82 -3.35 6.80 13.89
N LYS A 83 -2.55 5.84 13.43
CA LYS A 83 -1.78 6.00 12.19
C LYS A 83 -2.50 5.36 10.97
N PRO A 84 -2.18 5.84 9.72
CA PRO A 84 -2.74 5.27 8.47
C PRO A 84 -2.24 3.87 8.15
N GLN A 85 -3.09 3.11 7.44
CA GLN A 85 -2.78 1.75 6.99
C GLN A 85 -2.14 1.77 5.61
N ARG A 86 -1.17 0.88 5.40
CA ARG A 86 -0.40 0.85 4.15
C ARG A 86 -0.68 -0.45 3.38
N HIS A 87 -1.04 -0.30 2.10
CA HIS A 87 -1.31 -1.45 1.22
C HIS A 87 -0.08 -1.78 0.38
N MET A 88 0.53 -2.94 0.64
CA MET A 88 1.77 -3.33 -0.04
C MET A 88 1.50 -4.36 -1.14
N PHE A 89 2.21 -4.17 -2.25
CA PHE A 89 2.21 -5.11 -3.37
C PHE A 89 3.65 -5.60 -3.58
N SER A 90 3.83 -6.70 -4.33
CA SER A 90 5.17 -7.19 -4.65
C SER A 90 5.39 -7.25 -6.16
N PHE A 91 6.59 -6.85 -6.57
CA PHE A 91 6.93 -6.64 -7.98
C PHE A 91 8.14 -7.47 -8.41
N ASN A 92 8.47 -7.40 -9.71
CA ASN A 92 9.64 -8.09 -10.27
C ASN A 92 10.59 -7.09 -10.96
N ASN A 93 10.07 -5.88 -11.29
CA ASN A 93 10.86 -4.85 -11.98
C ASN A 93 10.54 -3.45 -11.42
N ARG A 94 11.57 -2.60 -11.35
CA ARG A 94 11.44 -1.23 -10.83
C ARG A 94 10.83 -0.26 -11.85
N THR A 95 10.86 -0.66 -13.13
CA THR A 95 10.32 0.17 -14.22
C THR A 95 8.79 0.13 -14.22
N VAL A 96 8.20 -0.98 -13.73
CA VAL A 96 6.74 -1.10 -13.62
C VAL A 96 6.24 -0.27 -12.44
N MET A 97 6.70 -0.58 -11.21
CA MET A 97 6.30 0.14 -9.98
C MET A 97 6.35 1.67 -10.13
N ASP A 98 7.41 2.17 -10.81
CA ASP A 98 7.55 3.61 -11.08
C ASP A 98 6.55 4.09 -12.15
N ASN A 99 6.04 3.16 -12.96
CA ASN A 99 5.00 3.46 -13.96
C ASN A 99 3.58 3.38 -13.35
N ILE A 100 3.42 2.54 -12.31
CA ILE A 100 2.16 2.49 -11.54
C ILE A 100 2.13 3.66 -10.54
N LYS A 101 3.19 3.75 -9.70
CA LYS A 101 3.37 4.82 -8.71
C LYS A 101 3.20 6.22 -9.31
N MET A 102 3.76 6.42 -10.52
CA MET A 102 3.60 7.69 -11.26
C MET A 102 2.11 8.00 -11.49
N THR A 103 1.38 7.11 -12.17
CA THR A 103 -0.06 7.28 -12.42
C THR A 103 -0.79 7.59 -11.10
N LEU A 104 -0.67 6.66 -10.12
CA LEU A 104 -1.19 6.82 -8.76
C LEU A 104 -0.90 8.23 -8.23
N GLN A 105 0.39 8.56 -8.17
CA GLN A 105 0.86 9.89 -7.72
C GLN A 105 0.24 11.05 -8.51
N GLN A 106 -0.07 10.80 -9.79
CA GLN A 106 -0.73 11.81 -10.65
C GLN A 106 -2.24 11.88 -10.36
N ILE A 107 -2.78 10.79 -9.77
CA ILE A 107 -4.19 10.71 -9.38
C ILE A 107 -4.43 11.33 -7.98
N ILE A 108 -3.55 11.06 -7.01
CA ILE A 108 -3.70 11.55 -5.62
C ILE A 108 -3.47 13.07 -5.54
N SER A 109 -2.53 13.55 -6.36
CA SER A 109 -2.24 15.00 -6.47
C SER A 109 -3.46 15.79 -7.00
N ARG A 110 -4.40 15.07 -7.63
CA ARG A 110 -5.69 15.64 -8.06
C ARG A 110 -6.65 15.76 -6.87
N TYR A 111 -6.68 14.71 -6.03
CA TYR A 111 -7.49 14.70 -4.80
C TYR A 111 -6.76 15.40 -3.65
N LYS A 112 -5.54 15.87 -3.96
CA LYS A 112 -4.70 16.60 -3.01
C LYS A 112 -4.99 18.10 -3.10
N ASP A 113 -5.48 18.51 -4.28
CA ASP A 113 -5.91 19.89 -4.53
C ASP A 113 -7.42 20.04 -4.35
N ALA A 114 -8.14 18.90 -4.35
CA ALA A 114 -9.60 18.88 -4.21
C ALA A 114 -10.04 19.01 -2.74
N ASP A 115 -9.08 18.93 -1.82
CA ASP A 115 -9.35 19.02 -0.39
C ASP A 115 -8.68 20.27 0.21
N GLY B 1 -12.53 -13.06 32.13
CA GLY B 1 -12.44 -11.58 31.98
C GLY B 1 -11.55 -11.17 30.82
N SER B 2 -12.17 -10.84 29.68
CA SER B 2 -11.45 -10.41 28.48
C SER B 2 -11.64 -8.91 28.23
N PRO B 3 -10.53 -8.11 28.01
CA PRO B 3 -10.62 -6.65 27.78
C PRO B 3 -11.17 -6.27 26.39
N GLY B 4 -11.15 -7.24 25.46
CA GLY B 4 -11.63 -7.00 24.10
C GLY B 4 -10.93 -7.87 23.07
N TYR B 5 -11.53 -7.94 21.87
CA TYR B 5 -10.98 -8.75 20.78
C TYR B 5 -10.56 -7.86 19.58
N PRO B 6 -9.32 -8.03 19.02
CA PRO B 6 -8.85 -7.21 17.87
C PRO B 6 -9.54 -7.60 16.55
N ASN B 7 -9.74 -6.60 15.68
CA ASN B 7 -10.40 -6.79 14.39
C ASN B 7 -9.37 -6.94 13.26
N GLY B 8 -9.63 -7.89 12.35
CA GLY B 8 -8.74 -8.13 11.23
C GLY B 8 -8.37 -9.60 11.10
N LEU B 9 -7.06 -9.88 11.13
CA LEU B 9 -6.55 -11.25 11.04
C LEU B 9 -5.52 -11.50 12.14
N LEU B 10 -5.59 -12.69 12.73
CA LEU B 10 -4.62 -13.13 13.71
C LEU B 10 -3.38 -13.70 13.00
N SER B 11 -2.37 -12.82 12.83
CA SER B 11 -1.13 -13.11 12.07
C SER B 11 -1.44 -13.31 10.57
N GLY B 12 -1.99 -12.25 9.96
CA GLY B 12 -2.41 -12.29 8.57
C GLY B 12 -1.61 -11.35 7.69
N ASP B 13 -2.14 -10.15 7.48
CA ASP B 13 -1.50 -9.13 6.64
C ASP B 13 -1.43 -7.78 7.34
N GLU B 14 -2.09 -7.68 8.49
CA GLU B 14 -2.17 -6.44 9.26
C GLU B 14 -1.24 -6.45 10.48
N ASP B 15 -0.49 -7.54 10.62
CA ASP B 15 0.40 -7.74 11.76
C ASP B 15 1.88 -7.75 11.31
N PHE B 16 2.13 -8.08 10.04
CA PHE B 16 3.49 -8.18 9.51
C PHE B 16 3.90 -6.93 8.72
N SER B 17 2.93 -6.07 8.40
CA SER B 17 3.20 -4.83 7.67
C SER B 17 3.58 -3.69 8.63
N SER B 18 3.54 -3.97 9.94
CA SER B 18 3.96 -3.00 10.97
C SER B 18 5.46 -3.09 11.22
N ILE B 19 6.00 -4.32 11.15
CA ILE B 19 7.43 -4.56 11.26
C ILE B 19 8.11 -4.43 9.88
N ALA B 20 7.32 -4.64 8.82
CA ALA B 20 7.80 -4.43 7.46
C ALA B 20 7.63 -2.95 7.05
N ASP B 21 7.23 -2.14 8.03
CA ASP B 21 7.16 -0.67 7.90
C ASP B 21 8.50 -0.08 8.35
N MET B 22 9.17 -0.79 9.28
CA MET B 22 10.53 -0.48 9.71
C MET B 22 11.56 -0.92 8.65
N ASP B 23 11.14 -1.86 7.80
CA ASP B 23 11.94 -2.36 6.70
C ASP B 23 12.01 -1.38 5.53
N PHE B 24 10.91 -0.62 5.32
CA PHE B 24 10.77 0.22 4.12
C PHE B 24 11.53 1.55 4.21
N SER B 25 11.56 2.15 5.40
CA SER B 25 12.21 3.46 5.61
C SER B 25 13.74 3.32 5.69
N ALA B 26 14.21 2.11 6.05
CA ALA B 26 15.64 1.80 6.08
C ALA B 26 16.17 1.48 4.68
N LEU B 27 15.26 1.01 3.81
CA LEU B 27 15.56 0.74 2.40
C LEU B 27 15.40 1.99 1.55
N LEU B 28 14.36 2.77 1.86
CA LEU B 28 14.00 3.98 1.12
C LEU B 28 15.03 5.09 1.35
N SER B 29 15.63 5.08 2.54
CA SER B 29 16.70 6.02 2.88
C SER B 29 17.99 5.26 3.23
N GLN B 30 18.67 4.76 2.18
CA GLN B 30 19.93 4.04 2.33
C GLN B 30 21.12 4.98 2.14
N ILE B 31 21.30 5.89 3.10
CA ILE B 31 22.39 6.87 3.07
C ILE B 31 23.51 6.53 4.06
N SER B 32 23.22 5.64 5.02
CA SER B 32 24.19 5.21 6.02
C SER B 32 24.60 3.75 5.79
N SER B 33 25.90 3.48 5.95
CA SER B 33 26.44 2.13 5.77
C SER B 33 26.92 1.56 7.12
N PRO A 1 4.71 4.83 -19.59
CA PRO A 1 3.37 5.02 -18.98
C PRO A 1 2.53 3.74 -19.08
N SER A 2 2.27 3.12 -17.92
CA SER A 2 1.47 1.89 -17.85
C SER A 2 0.55 1.91 -16.62
N HIS A 3 -0.74 1.74 -16.88
CA HIS A 3 -1.76 1.64 -15.81
C HIS A 3 -1.85 0.20 -15.29
N SER A 4 -1.12 -0.71 -15.96
CA SER A 4 -1.15 -2.14 -15.63
C SER A 4 0.20 -2.79 -15.85
N GLY A 5 0.50 -3.79 -15.02
CA GLY A 5 1.75 -4.52 -15.12
C GLY A 5 1.63 -5.90 -14.53
N ALA A 6 2.41 -6.15 -13.47
CA ALA A 6 2.35 -7.42 -12.72
C ALA A 6 2.69 -7.19 -11.26
N ALA A 7 1.80 -7.64 -10.35
CA ALA A 7 1.97 -7.42 -8.91
C ALA A 7 1.49 -8.61 -8.09
N ILE A 8 2.09 -8.77 -6.89
CA ILE A 8 1.71 -9.84 -5.95
C ILE A 8 1.01 -9.22 -4.72
N PHE A 9 -0.04 -9.90 -4.25
CA PHE A 9 -0.82 -9.46 -3.09
C PHE A 9 -1.31 -10.68 -2.30
N GLU A 10 -1.00 -10.68 -0.99
CA GLU A 10 -1.36 -11.79 -0.06
C GLU A 10 -0.74 -13.12 -0.50
N LYS A 11 0.52 -13.03 -1.00
CA LYS A 11 1.32 -14.19 -1.47
C LYS A 11 0.77 -14.83 -2.76
N VAL A 12 -0.38 -14.31 -3.24
CA VAL A 12 -0.94 -14.70 -4.53
C VAL A 12 -0.41 -13.75 -5.60
N SER A 13 0.27 -14.31 -6.60
CA SER A 13 0.81 -13.50 -7.70
C SER A 13 -0.27 -13.18 -8.71
N GLY A 14 -0.28 -11.93 -9.18
CA GLY A 14 -1.32 -11.46 -10.07
C GLY A 14 -0.89 -10.32 -10.94
N ILE A 15 -1.88 -9.59 -11.43
CA ILE A 15 -1.67 -8.44 -12.31
C ILE A 15 -2.40 -7.21 -11.74
N ILE A 16 -1.73 -6.05 -11.80
CA ILE A 16 -2.29 -4.80 -11.27
C ILE A 16 -2.79 -3.90 -12.42
N ALA A 17 -3.97 -3.29 -12.21
CA ALA A 17 -4.57 -2.39 -13.21
C ALA A 17 -5.14 -1.14 -12.55
N ILE A 18 -5.08 0.00 -13.26
CA ILE A 18 -5.62 1.27 -12.75
C ILE A 18 -6.95 1.60 -13.45
N ASN A 19 -7.94 1.93 -12.61
CA ASN A 19 -9.26 2.34 -13.06
C ASN A 19 -9.40 3.88 -13.07
N GLU A 20 -9.41 4.45 -14.27
CA GLU A 20 -9.66 5.89 -14.47
C GLU A 20 -10.85 6.05 -15.42
N ASP A 21 -11.39 7.29 -15.52
CA ASP A 21 -12.65 7.59 -16.29
C ASP A 21 -13.89 7.04 -15.55
N VAL A 22 -13.62 6.48 -14.37
CA VAL A 22 -14.63 5.90 -13.49
C VAL A 22 -14.94 6.86 -12.32
N SER A 23 -15.74 6.39 -11.35
CA SER A 23 -15.96 7.13 -10.11
C SER A 23 -14.65 6.99 -9.31
N PRO A 24 -14.30 7.87 -8.31
CA PRO A 24 -12.90 8.33 -8.16
C PRO A 24 -11.86 7.22 -8.36
N ALA A 25 -10.87 7.56 -9.22
CA ALA A 25 -9.91 6.60 -9.78
C ALA A 25 -9.30 5.68 -8.76
N GLU A 26 -9.21 4.42 -9.16
CA GLU A 26 -8.87 3.33 -8.27
C GLU A 26 -7.65 2.56 -8.78
N LEU A 27 -7.14 1.65 -7.96
CA LEU A 27 -6.18 0.64 -8.40
C LEU A 27 -6.75 -0.74 -8.08
N THR A 28 -6.89 -1.57 -9.12
CA THR A 28 -7.52 -2.88 -8.96
C THR A 28 -6.49 -3.98 -9.22
N TRP A 29 -6.10 -4.67 -8.14
CA TRP A 29 -5.27 -5.86 -8.25
C TRP A 29 -6.15 -7.08 -8.51
N ARG A 30 -5.73 -7.90 -9.44
CA ARG A 30 -6.37 -9.19 -9.70
C ARG A 30 -5.31 -10.28 -9.69
N SER A 31 -5.72 -11.49 -9.30
CA SER A 31 -4.84 -12.66 -9.33
C SER A 31 -4.54 -13.06 -10.77
N THR A 32 -3.51 -13.90 -10.99
CA THR A 32 -3.09 -14.23 -12.39
C THR A 32 -4.24 -14.75 -13.26
N ASP A 33 -5.26 -15.35 -12.61
CA ASP A 33 -6.47 -15.79 -13.30
C ASP A 33 -7.61 -14.75 -13.14
N GLY A 34 -7.60 -14.04 -12.00
CA GLY A 34 -8.55 -12.94 -11.76
C GLY A 34 -9.75 -13.36 -10.94
N ASP A 35 -9.65 -14.50 -10.23
CA ASP A 35 -10.69 -14.94 -9.29
C ASP A 35 -10.54 -14.17 -7.96
N LYS A 36 -9.31 -13.75 -7.67
CA LYS A 36 -9.01 -12.89 -6.53
C LYS A 36 -8.83 -11.45 -7.01
N VAL A 37 -9.49 -10.51 -6.35
CA VAL A 37 -9.47 -9.11 -6.78
C VAL A 37 -9.57 -8.15 -5.58
N HIS A 38 -8.70 -7.12 -5.58
CA HIS A 38 -8.70 -6.07 -4.55
C HIS A 38 -8.71 -4.69 -5.22
N THR A 39 -9.34 -3.70 -4.56
CA THR A 39 -9.48 -2.36 -5.13
C THR A 39 -9.01 -1.28 -4.16
N VAL A 40 -8.32 -0.27 -4.73
CA VAL A 40 -7.80 0.88 -3.98
C VAL A 40 -8.27 2.19 -4.64
N VAL A 41 -9.21 2.89 -3.99
CA VAL A 41 -9.66 4.20 -4.49
C VAL A 41 -8.67 5.28 -4.02
N LEU A 42 -8.06 6.00 -4.96
CA LEU A 42 -6.97 6.94 -4.63
C LEU A 42 -7.45 8.22 -3.96
N SER A 43 -8.74 8.57 -4.12
CA SER A 43 -9.34 9.73 -3.43
C SER A 43 -9.42 9.46 -1.92
N THR A 44 -9.06 8.22 -1.54
CA THR A 44 -9.01 7.79 -0.13
C THR A 44 -7.56 7.47 0.27
N ILE A 45 -6.62 7.77 -0.64
CA ILE A 45 -5.20 7.48 -0.45
C ILE A 45 -4.41 8.80 -0.33
N ASP A 46 -3.40 8.78 0.55
CA ASP A 46 -2.60 9.98 0.84
C ASP A 46 -1.15 9.83 0.33
N LYS A 47 -0.52 8.67 0.58
CA LYS A 47 0.87 8.44 0.20
C LYS A 47 1.08 7.08 -0.50
N LEU A 48 2.29 6.89 -1.07
CA LEU A 48 2.68 5.63 -1.76
C LEU A 48 4.20 5.43 -1.59
N GLN A 49 4.64 4.22 -1.19
CA GLN A 49 6.07 3.97 -0.93
C GLN A 49 6.57 2.68 -1.62
N ALA A 50 7.49 2.83 -2.59
CA ALA A 50 7.99 1.69 -3.40
C ALA A 50 9.49 1.41 -3.18
N THR A 51 9.88 0.14 -3.40
CA THR A 51 11.27 -0.33 -3.19
C THR A 51 12.23 0.23 -4.26
N PRO A 52 13.38 0.89 -3.84
CA PRO A 52 14.43 1.35 -4.78
C PRO A 52 15.07 0.21 -5.59
N ALA A 53 15.80 0.57 -6.66
CA ALA A 53 16.49 -0.39 -7.53
C ALA A 53 17.76 -0.95 -6.88
N SER A 54 18.14 -0.37 -5.73
CA SER A 54 19.25 -0.86 -4.91
C SER A 54 18.75 -1.77 -3.79
N SER A 55 17.43 -1.70 -3.53
CA SER A 55 16.77 -2.47 -2.47
C SER A 55 16.66 -3.96 -2.80
N GLU A 56 16.86 -4.79 -1.76
CA GLU A 56 16.71 -6.25 -1.84
C GLU A 56 15.26 -6.65 -2.12
N LYS A 57 14.37 -5.71 -1.82
CA LYS A 57 12.94 -5.93 -1.85
C LYS A 57 12.31 -5.55 -3.19
N MET A 58 11.18 -6.18 -3.47
CA MET A 58 10.32 -5.79 -4.59
C MET A 58 8.90 -5.59 -4.06
N MET A 59 8.53 -4.32 -3.81
CA MET A 59 7.26 -3.97 -3.16
C MET A 59 6.80 -2.55 -3.50
N LEU A 60 5.48 -2.33 -3.38
CA LEU A 60 4.87 -1.03 -3.59
C LEU A 60 3.78 -0.80 -2.54
N ARG A 61 3.95 0.25 -1.72
CA ARG A 61 3.02 0.54 -0.63
C ARG A 61 2.05 1.65 -1.01
N LEU A 62 0.82 1.55 -0.50
CA LEU A 62 -0.24 2.51 -0.74
C LEU A 62 -0.84 2.97 0.59
N ILE A 63 -0.49 4.19 1.01
CA ILE A 63 -0.86 4.74 2.32
C ILE A 63 -2.27 5.37 2.24
N GLY A 64 -3.09 5.07 3.26
CA GLY A 64 -4.48 5.50 3.26
C GLY A 64 -4.71 6.83 3.94
N LYS A 65 -5.88 7.41 3.68
CA LYS A 65 -6.28 8.69 4.27
C LYS A 65 -7.00 8.51 5.60
N VAL A 66 -6.30 8.92 6.65
CA VAL A 66 -6.81 8.84 8.01
C VAL A 66 -6.81 10.22 8.67
N ASP A 67 -7.80 10.43 9.56
CA ASP A 67 -7.88 11.63 10.37
C ASP A 67 -7.26 11.39 11.74
N GLU A 68 -6.01 11.84 11.90
CA GLU A 68 -5.29 11.71 13.18
C GLU A 68 -5.63 12.86 14.14
N SER A 69 -6.47 13.80 13.66
CA SER A 69 -6.99 14.88 14.49
C SER A 69 -8.02 14.35 15.50
N LYS A 70 -8.47 13.10 15.29
CA LYS A 70 -9.36 12.42 16.22
C LYS A 70 -8.56 11.61 17.25
N LYS A 71 -9.05 11.63 18.47
CA LYS A 71 -8.41 10.97 19.61
C LYS A 71 -9.05 9.62 19.92
N ARG A 72 -8.22 8.59 20.10
CA ARG A 72 -8.68 7.31 20.62
C ARG A 72 -7.86 6.97 21.87
N LYS A 73 -8.53 6.46 22.91
CA LYS A 73 -7.86 6.03 24.13
C LYS A 73 -8.14 4.54 24.37
N ASP A 74 -7.08 3.79 24.71
CA ASP A 74 -7.17 2.36 24.96
C ASP A 74 -7.76 2.08 26.36
N ASN A 75 -7.90 0.79 26.75
CA ASN A 75 -8.54 0.40 28.02
C ASN A 75 -7.91 1.08 29.26
N GLU A 76 -6.60 1.32 29.20
CA GLU A 76 -5.87 1.99 30.29
C GLU A 76 -6.17 3.49 30.36
N GLY A 77 -6.63 4.06 29.25
CA GLY A 77 -6.92 5.49 29.16
C GLY A 77 -5.77 6.29 28.57
N ASN A 78 -4.83 5.58 27.93
CA ASN A 78 -3.69 6.23 27.26
C ASN A 78 -4.11 6.74 25.88
N GLU A 79 -3.44 7.81 25.43
CA GLU A 79 -3.75 8.41 24.13
C GLU A 79 -3.17 7.57 23.00
N VAL A 80 -4.04 6.85 22.31
CA VAL A 80 -3.66 6.05 21.17
C VAL A 80 -4.35 6.61 19.92
N VAL A 81 -3.61 7.40 19.16
CA VAL A 81 -4.16 8.12 18.02
C VAL A 81 -4.10 7.26 16.74
N PRO A 82 -5.28 6.99 16.08
CA PRO A 82 -5.36 6.02 14.94
C PRO A 82 -4.53 6.41 13.72
N LYS A 83 -3.76 5.43 13.25
CA LYS A 83 -2.82 5.63 12.14
C LYS A 83 -3.41 5.19 10.79
N PRO A 84 -2.88 5.73 9.64
CA PRO A 84 -3.32 5.33 8.29
C PRO A 84 -2.97 3.89 7.90
N GLN A 85 -3.83 3.32 7.05
CA GLN A 85 -3.66 1.94 6.55
C GLN A 85 -2.89 1.94 5.24
N ARG A 86 -1.91 1.03 5.14
CA ARG A 86 -0.98 0.99 4.01
C ARG A 86 -1.09 -0.34 3.25
N HIS A 87 -1.15 -0.26 1.92
CA HIS A 87 -1.35 -1.44 1.05
C HIS A 87 -0.08 -1.74 0.22
N MET A 88 0.54 -2.90 0.50
CA MET A 88 1.79 -3.28 -0.19
C MET A 88 1.50 -4.21 -1.38
N PHE A 89 2.35 -4.13 -2.42
CA PHE A 89 2.26 -5.01 -3.58
C PHE A 89 3.67 -5.39 -4.03
N SER A 90 3.94 -6.70 -4.14
CA SER A 90 5.26 -7.20 -4.54
C SER A 90 5.40 -7.20 -6.07
N PHE A 91 6.61 -6.91 -6.54
CA PHE A 91 6.90 -6.72 -7.96
C PHE A 91 8.08 -7.58 -8.42
N ASN A 92 8.36 -7.53 -9.74
CA ASN A 92 9.51 -8.24 -10.33
C ASN A 92 10.46 -7.24 -11.01
N ASN A 93 9.95 -6.03 -11.32
CA ASN A 93 10.75 -4.99 -11.99
C ASN A 93 10.45 -3.60 -11.42
N ARG A 94 11.49 -2.76 -11.33
CA ARG A 94 11.35 -1.39 -10.81
C ARG A 94 10.77 -0.42 -11.85
N THR A 95 10.82 -0.81 -13.13
CA THR A 95 10.32 0.04 -14.22
C THR A 95 8.78 0.02 -14.28
N VAL A 96 8.17 -1.02 -13.71
CA VAL A 96 6.70 -1.10 -13.62
C VAL A 96 6.21 -0.26 -12.42
N MET A 97 6.63 -0.64 -11.20
CA MET A 97 6.23 0.06 -9.94
C MET A 97 6.36 1.59 -10.05
N ASP A 98 7.43 2.05 -10.70
CA ASP A 98 7.66 3.49 -10.91
C ASP A 98 6.69 4.08 -11.93
N ASN A 99 6.16 3.24 -12.83
CA ASN A 99 5.15 3.65 -13.82
C ASN A 99 3.73 3.55 -13.25
N ILE A 100 3.48 2.57 -12.35
CA ILE A 100 2.18 2.49 -11.63
C ILE A 100 2.11 3.65 -10.62
N LYS A 101 3.14 3.75 -9.76
CA LYS A 101 3.31 4.85 -8.80
C LYS A 101 3.17 6.23 -9.45
N MET A 102 3.79 6.40 -10.62
CA MET A 102 3.72 7.64 -11.41
C MET A 102 2.26 8.06 -11.68
N THR A 103 1.45 7.12 -12.23
CA THR A 103 0.02 7.37 -12.46
C THR A 103 -0.68 7.67 -11.14
N LEU A 104 -0.60 6.73 -10.17
CA LEU A 104 -1.15 6.87 -8.82
C LEU A 104 -0.83 8.26 -8.25
N GLN A 105 0.46 8.56 -8.15
CA GLN A 105 0.99 9.86 -7.66
C GLN A 105 0.33 11.07 -8.34
N GLN A 106 -0.03 10.91 -9.61
CA GLN A 106 -0.67 11.98 -10.39
C GLN A 106 -2.19 12.03 -10.13
N ILE A 107 -2.73 10.91 -9.63
CA ILE A 107 -4.16 10.80 -9.27
C ILE A 107 -4.43 11.37 -7.86
N ILE A 108 -3.54 11.11 -6.90
CA ILE A 108 -3.71 11.58 -5.50
C ILE A 108 -3.54 13.10 -5.41
N SER A 109 -2.61 13.62 -6.22
CA SER A 109 -2.36 15.07 -6.32
C SER A 109 -3.58 15.82 -6.89
N ARG A 110 -4.49 15.06 -7.53
CA ARG A 110 -5.78 15.61 -8.00
C ARG A 110 -6.78 15.74 -6.84
N TYR A 111 -6.77 14.73 -5.94
CA TYR A 111 -7.60 14.76 -4.72
C TYR A 111 -6.87 15.46 -3.57
N LYS A 112 -5.64 15.91 -3.85
CA LYS A 112 -4.82 16.63 -2.89
C LYS A 112 -5.08 18.14 -2.99
N ASP A 113 -5.44 18.57 -4.21
CA ASP A 113 -5.81 19.95 -4.50
C ASP A 113 -7.32 20.17 -4.38
N ALA A 114 -8.08 19.06 -4.35
CA ALA A 114 -9.55 19.09 -4.28
C ALA A 114 -10.06 19.46 -2.88
N ASP A 115 -9.16 19.43 -1.90
CA ASP A 115 -9.49 19.76 -0.51
C ASP A 115 -8.94 21.14 -0.11
N GLY B 1 5.67 -17.92 15.92
CA GLY B 1 6.09 -17.85 14.49
C GLY B 1 5.02 -18.34 13.55
N SER B 2 4.98 -19.67 13.33
CA SER B 2 4.00 -20.29 12.43
C SER B 2 3.04 -21.22 13.22
N PRO B 3 1.69 -21.00 13.12
CA PRO B 3 0.70 -21.84 13.84
C PRO B 3 0.52 -23.25 13.25
N GLY B 4 0.88 -23.40 11.97
CA GLY B 4 0.76 -24.69 11.29
C GLY B 4 -0.18 -24.65 10.11
N TYR B 5 -1.47 -24.78 10.38
CA TYR B 5 -2.51 -24.78 9.33
C TYR B 5 -3.29 -23.44 9.34
N PRO B 6 -3.16 -22.58 8.28
CA PRO B 6 -3.93 -21.31 8.17
C PRO B 6 -5.45 -21.54 8.07
N ASN B 7 -6.22 -20.60 8.62
CA ASN B 7 -7.69 -20.68 8.60
C ASN B 7 -8.30 -19.53 7.80
N GLY B 8 -7.67 -18.35 7.86
CA GLY B 8 -8.15 -17.19 7.14
C GLY B 8 -7.74 -15.87 7.79
N LEU B 9 -8.60 -14.86 7.67
CA LEU B 9 -8.34 -13.54 8.26
C LEU B 9 -9.39 -13.18 9.33
N LEU B 10 -9.99 -14.21 9.93
CA LEU B 10 -11.01 -14.01 10.97
C LEU B 10 -10.36 -13.78 12.35
N SER B 11 -9.04 -13.60 12.36
CA SER B 11 -8.27 -13.39 13.59
C SER B 11 -7.27 -12.24 13.43
N GLY B 12 -6.69 -12.12 12.23
CA GLY B 12 -5.72 -11.06 11.95
C GLY B 12 -4.51 -11.56 11.19
N ASP B 13 -4.57 -11.45 9.86
CA ASP B 13 -3.47 -11.86 8.99
C ASP B 13 -2.96 -10.68 8.15
N GLU B 14 -3.72 -9.58 8.20
CA GLU B 14 -3.40 -8.36 7.47
C GLU B 14 -2.77 -7.30 8.39
N ASP B 15 -2.49 -7.72 9.62
CA ASP B 15 -1.90 -6.84 10.64
C ASP B 15 -0.37 -6.99 10.68
N PHE B 16 0.18 -7.84 9.79
CA PHE B 16 1.63 -8.06 9.71
C PHE B 16 2.31 -7.06 8.76
N SER B 17 1.52 -6.18 8.15
CA SER B 17 2.04 -5.13 7.29
C SER B 17 2.45 -3.88 8.09
N SER B 18 2.15 -3.89 9.39
CA SER B 18 2.54 -2.80 10.31
C SER B 18 3.98 -2.99 10.79
N ILE B 19 4.38 -4.26 10.93
CA ILE B 19 5.77 -4.62 11.24
C ILE B 19 6.59 -4.75 9.96
N ALA B 20 5.90 -4.93 8.83
CA ALA B 20 6.55 -4.90 7.51
C ALA B 20 6.58 -3.47 6.96
N ASP B 21 6.11 -2.52 7.78
CA ASP B 21 6.18 -1.09 7.50
C ASP B 21 7.38 -0.48 8.24
N MET B 22 7.72 -1.10 9.38
CA MET B 22 8.93 -0.76 10.16
C MET B 22 10.19 -1.25 9.44
N ASP B 23 9.96 -2.19 8.51
CA ASP B 23 11.01 -2.75 7.66
C ASP B 23 11.27 -1.91 6.40
N PHE B 24 10.24 -1.19 5.92
CA PHE B 24 10.36 -0.42 4.67
C PHE B 24 11.00 0.95 4.89
N SER B 25 10.59 1.66 5.95
CA SER B 25 10.99 3.06 6.19
C SER B 25 12.50 3.24 6.39
N ALA B 26 13.16 2.22 6.97
CA ALA B 26 14.62 2.23 7.16
C ALA B 26 15.36 1.75 5.90
N LEU B 27 14.65 0.92 5.13
CA LEU B 27 15.15 0.40 3.85
C LEU B 27 14.84 1.36 2.68
N LEU B 28 13.99 2.35 2.96
CA LEU B 28 13.50 3.29 1.96
C LEU B 28 14.26 4.63 2.05
N SER B 29 14.65 4.98 3.27
CA SER B 29 15.47 6.17 3.53
C SER B 29 16.90 5.77 3.89
N GLN B 30 17.78 5.79 2.87
CA GLN B 30 19.16 5.37 3.04
C GLN B 30 20.11 6.57 2.89
N ILE B 31 20.16 7.39 3.93
CA ILE B 31 21.01 8.59 3.96
C ILE B 31 22.06 8.46 5.07
N SER B 32 23.34 8.55 4.68
CA SER B 32 24.46 8.46 5.63
C SER B 32 25.36 9.70 5.55
N SER B 33 25.61 10.17 4.31
CA SER B 33 26.45 11.35 4.08
C SER B 33 25.63 12.49 3.48
N PRO A 1 5.12 4.68 -19.43
CA PRO A 1 3.85 4.99 -18.72
C PRO A 1 2.82 3.87 -18.92
N SER A 2 2.53 3.14 -17.84
CA SER A 2 1.59 2.02 -17.87
C SER A 2 0.69 2.02 -16.64
N HIS A 3 -0.60 1.78 -16.87
CA HIS A 3 -1.60 1.68 -15.80
C HIS A 3 -1.71 0.23 -15.30
N SER A 4 -0.97 -0.68 -15.94
CA SER A 4 -1.03 -2.10 -15.60
C SER A 4 0.33 -2.77 -15.79
N GLY A 5 0.57 -3.81 -14.99
CA GLY A 5 1.81 -4.56 -15.06
C GLY A 5 1.68 -5.94 -14.45
N ALA A 6 2.45 -6.19 -13.40
CA ALA A 6 2.38 -7.45 -12.65
C ALA A 6 2.70 -7.21 -11.16
N ALA A 7 1.81 -7.68 -10.28
CA ALA A 7 1.96 -7.44 -8.83
C ALA A 7 1.49 -8.63 -7.99
N ILE A 8 2.06 -8.75 -6.78
CA ILE A 8 1.68 -9.80 -5.82
C ILE A 8 1.03 -9.14 -4.59
N PHE A 9 -0.04 -9.78 -4.09
CA PHE A 9 -0.79 -9.27 -2.93
C PHE A 9 -1.27 -10.44 -2.08
N GLU A 10 -0.77 -10.50 -0.83
CA GLU A 10 -1.08 -11.59 0.14
C GLU A 10 -0.59 -12.96 -0.35
N LYS A 11 0.64 -12.95 -0.90
CA LYS A 11 1.37 -14.17 -1.37
C LYS A 11 0.77 -14.81 -2.64
N VAL A 12 -0.41 -14.31 -3.07
CA VAL A 12 -1.02 -14.74 -4.33
C VAL A 12 -0.59 -13.77 -5.45
N SER A 13 0.10 -14.32 -6.46
CA SER A 13 0.64 -13.50 -7.55
C SER A 13 -0.41 -13.20 -8.59
N GLY A 14 -0.40 -11.96 -9.07
CA GLY A 14 -1.40 -11.51 -10.01
C GLY A 14 -0.93 -10.37 -10.89
N ILE A 15 -1.91 -9.64 -11.44
CA ILE A 15 -1.65 -8.50 -12.31
C ILE A 15 -2.39 -7.26 -11.79
N ILE A 16 -1.71 -6.11 -11.80
CA ILE A 16 -2.26 -4.86 -11.28
C ILE A 16 -2.77 -3.97 -12.44
N ALA A 17 -3.93 -3.33 -12.22
CA ALA A 17 -4.51 -2.41 -13.21
C ALA A 17 -5.07 -1.16 -12.54
N ILE A 18 -4.98 -0.02 -13.23
CA ILE A 18 -5.52 1.25 -12.71
C ILE A 18 -6.84 1.60 -13.41
N ASN A 19 -7.83 1.94 -12.59
CA ASN A 19 -9.15 2.34 -13.05
C ASN A 19 -9.32 3.87 -13.04
N GLU A 20 -9.32 4.45 -14.25
CA GLU A 20 -9.60 5.88 -14.45
C GLU A 20 -10.77 6.04 -15.42
N ASP A 21 -11.33 7.27 -15.53
CA ASP A 21 -12.57 7.56 -16.31
C ASP A 21 -13.82 7.00 -15.59
N VAL A 22 -13.55 6.43 -14.42
CA VAL A 22 -14.57 5.83 -13.55
C VAL A 22 -14.90 6.77 -12.38
N SER A 23 -15.71 6.29 -11.42
CA SER A 23 -15.95 7.02 -10.17
C SER A 23 -14.65 6.89 -9.35
N PRO A 24 -14.34 7.76 -8.32
CA PRO A 24 -12.95 8.25 -8.12
C PRO A 24 -11.89 7.17 -8.34
N ALA A 25 -10.88 7.54 -9.16
CA ALA A 25 -9.93 6.59 -9.75
C ALA A 25 -9.29 5.68 -8.74
N GLU A 26 -9.18 4.43 -9.15
CA GLU A 26 -8.84 3.34 -8.27
C GLU A 26 -7.60 2.59 -8.76
N LEU A 27 -7.12 1.67 -7.92
CA LEU A 27 -6.03 0.76 -8.26
C LEU A 27 -6.50 -0.67 -7.97
N THR A 28 -6.72 -1.43 -9.03
CA THR A 28 -7.37 -2.74 -8.92
C THR A 28 -6.38 -3.87 -9.18
N TRP A 29 -6.12 -4.66 -8.14
CA TRP A 29 -5.28 -5.87 -8.27
C TRP A 29 -6.15 -7.09 -8.55
N ARG A 30 -5.77 -7.80 -9.61
CA ARG A 30 -6.33 -9.09 -9.93
C ARG A 30 -5.32 -10.20 -9.74
N SER A 31 -5.81 -11.43 -9.66
CA SER A 31 -4.95 -12.61 -9.63
C SER A 31 -4.44 -12.88 -11.05
N THR A 32 -3.51 -13.84 -11.22
CA THR A 32 -2.96 -14.13 -12.57
C THR A 32 -4.04 -14.51 -13.59
N ASP A 33 -5.15 -15.09 -13.09
CA ASP A 33 -6.35 -15.30 -13.89
C ASP A 33 -7.40 -14.21 -13.57
N GLY A 34 -7.32 -13.66 -12.34
CA GLY A 34 -8.21 -12.60 -11.90
C GLY A 34 -9.41 -13.10 -11.11
N ASP A 35 -9.30 -14.34 -10.59
CA ASP A 35 -10.33 -14.92 -9.71
C ASP A 35 -10.37 -14.16 -8.36
N LYS A 36 -9.22 -13.58 -7.98
CA LYS A 36 -9.11 -12.72 -6.80
C LYS A 36 -8.89 -11.28 -7.25
N VAL A 37 -9.60 -10.34 -6.63
CA VAL A 37 -9.54 -8.93 -7.05
C VAL A 37 -9.65 -7.99 -5.83
N HIS A 38 -8.74 -7.00 -5.76
CA HIS A 38 -8.74 -5.98 -4.70
C HIS A 38 -8.74 -4.58 -5.34
N THR A 39 -9.36 -3.60 -4.67
CA THR A 39 -9.50 -2.25 -5.24
C THR A 39 -9.04 -1.17 -4.26
N VAL A 40 -8.14 -0.29 -4.74
CA VAL A 40 -7.65 0.87 -3.98
C VAL A 40 -8.15 2.17 -4.63
N VAL A 41 -9.12 2.84 -3.98
CA VAL A 41 -9.60 4.14 -4.46
C VAL A 41 -8.64 5.24 -3.98
N LEU A 42 -8.06 5.99 -4.92
CA LEU A 42 -6.98 6.93 -4.59
C LEU A 42 -7.45 8.20 -3.87
N SER A 43 -8.73 8.56 -4.02
CA SER A 43 -9.32 9.70 -3.26
C SER A 43 -9.42 9.37 -1.77
N THR A 44 -9.01 8.14 -1.42
CA THR A 44 -8.97 7.67 -0.04
C THR A 44 -7.50 7.39 0.38
N ILE A 45 -6.58 7.69 -0.54
CA ILE A 45 -5.14 7.42 -0.37
C ILE A 45 -4.38 8.75 -0.25
N ASP A 46 -3.37 8.77 0.63
CA ASP A 46 -2.59 9.98 0.90
C ASP A 46 -1.16 9.88 0.33
N LYS A 47 -0.47 8.76 0.60
CA LYS A 47 0.91 8.56 0.10
C LYS A 47 1.09 7.19 -0.54
N LEU A 48 2.29 6.96 -1.11
CA LEU A 48 2.65 5.69 -1.75
C LEU A 48 4.17 5.47 -1.62
N GLN A 49 4.60 4.28 -1.17
CA GLN A 49 6.02 4.02 -0.89
C GLN A 49 6.50 2.73 -1.58
N ALA A 50 7.42 2.88 -2.56
CA ALA A 50 7.92 1.73 -3.36
C ALA A 50 9.41 1.45 -3.11
N THR A 51 9.80 0.17 -3.32
CA THR A 51 11.18 -0.30 -3.07
C THR A 51 12.17 0.27 -4.11
N PRO A 52 13.25 1.00 -3.68
CA PRO A 52 14.31 1.49 -4.60
C PRO A 52 15.02 0.35 -5.35
N ALA A 53 15.73 0.71 -6.43
CA ALA A 53 16.52 -0.26 -7.21
C ALA A 53 17.79 -0.71 -6.47
N SER A 54 18.06 -0.03 -5.35
CA SER A 54 19.15 -0.41 -4.44
C SER A 54 18.65 -1.33 -3.33
N SER A 55 17.31 -1.33 -3.13
CA SER A 55 16.67 -2.18 -2.12
C SER A 55 16.60 -3.64 -2.55
N GLU A 56 16.86 -4.54 -1.58
CA GLU A 56 16.77 -5.99 -1.77
C GLU A 56 15.34 -6.44 -2.08
N LYS A 57 14.41 -5.57 -1.78
CA LYS A 57 13.00 -5.85 -1.82
C LYS A 57 12.34 -5.44 -3.13
N MET A 58 11.22 -6.11 -3.43
CA MET A 58 10.35 -5.73 -4.53
C MET A 58 8.93 -5.56 -4.03
N MET A 59 8.53 -4.29 -3.78
CA MET A 59 7.24 -3.96 -3.17
C MET A 59 6.79 -2.54 -3.54
N LEU A 60 5.47 -2.33 -3.49
CA LEU A 60 4.86 -1.02 -3.72
C LEU A 60 3.77 -0.78 -2.68
N ARG A 61 3.94 0.26 -1.86
CA ARG A 61 3.02 0.54 -0.76
C ARG A 61 2.05 1.66 -1.11
N LEU A 62 0.84 1.55 -0.55
CA LEU A 62 -0.23 2.53 -0.74
C LEU A 62 -0.79 2.95 0.62
N ILE A 63 -0.42 4.15 1.07
CA ILE A 63 -0.78 4.65 2.41
C ILE A 63 -2.17 5.32 2.35
N GLY A 64 -2.99 5.04 3.37
CA GLY A 64 -4.37 5.50 3.39
C GLY A 64 -4.56 6.85 4.06
N LYS A 65 -5.73 7.45 3.86
CA LYS A 65 -6.10 8.74 4.44
C LYS A 65 -6.78 8.56 5.80
N VAL A 66 -6.32 9.36 6.77
CA VAL A 66 -6.91 9.36 8.12
C VAL A 66 -7.50 10.71 8.48
N ASP A 67 -8.71 10.69 9.06
CA ASP A 67 -9.29 11.85 9.70
C ASP A 67 -9.07 11.73 11.21
N GLU A 68 -7.88 12.17 11.66
CA GLU A 68 -7.41 11.95 13.04
C GLU A 68 -8.29 12.65 14.10
N SER A 69 -9.33 13.38 13.65
CA SER A 69 -10.33 13.96 14.54
C SER A 69 -11.33 12.90 15.06
N LYS A 70 -11.18 11.66 14.57
CA LYS A 70 -12.00 10.52 15.01
C LYS A 70 -11.35 9.80 16.21
N LYS A 71 -10.57 10.57 16.99
CA LYS A 71 -9.81 10.05 18.16
C LYS A 71 -10.63 9.15 19.07
N ARG A 72 -10.11 7.94 19.29
CA ARG A 72 -10.76 6.95 20.13
C ARG A 72 -10.01 6.82 21.46
N LYS A 73 -10.74 6.44 22.53
CA LYS A 73 -10.14 6.22 23.85
C LYS A 73 -10.53 4.83 24.36
N ASP A 74 -9.57 4.16 24.99
CA ASP A 74 -9.76 2.77 25.45
C ASP A 74 -10.52 2.70 26.80
N ASN A 75 -10.59 1.51 27.42
CA ASN A 75 -11.40 1.27 28.63
C ASN A 75 -11.08 2.22 29.79
N GLU A 76 -9.82 2.64 29.91
CA GLU A 76 -9.37 3.48 31.03
C GLU A 76 -9.47 4.98 30.70
N GLY A 77 -9.55 5.30 29.41
CA GLY A 77 -9.67 6.69 28.97
C GLY A 77 -8.37 7.24 28.40
N ASN A 78 -7.49 6.34 27.94
CA ASN A 78 -6.24 6.73 27.29
C ASN A 78 -6.44 6.90 25.80
N GLU A 79 -5.68 7.82 25.20
CA GLU A 79 -5.85 8.19 23.79
C GLU A 79 -5.32 7.11 22.85
N VAL A 80 -6.24 6.54 22.06
CA VAL A 80 -5.89 5.58 21.02
C VAL A 80 -6.43 6.08 19.68
N VAL A 81 -5.54 6.68 18.89
CA VAL A 81 -5.92 7.31 17.63
C VAL A 81 -5.62 6.36 16.45
N PRO A 82 -6.65 6.06 15.58
CA PRO A 82 -6.50 5.11 14.45
C PRO A 82 -5.52 5.59 13.39
N LYS A 83 -4.66 4.66 12.97
CA LYS A 83 -3.58 4.95 12.03
C LYS A 83 -3.98 4.65 10.58
N PRO A 84 -3.25 5.20 9.55
CA PRO A 84 -3.55 4.93 8.14
C PRO A 84 -3.20 3.50 7.71
N GLN A 85 -3.95 3.01 6.72
CA GLN A 85 -3.75 1.67 6.17
C GLN A 85 -2.80 1.70 4.98
N ARG A 86 -1.81 0.81 5.00
CA ARG A 86 -0.78 0.76 3.95
C ARG A 86 -0.91 -0.53 3.14
N HIS A 87 -1.25 -0.38 1.84
CA HIS A 87 -1.43 -1.53 0.95
C HIS A 87 -0.16 -1.77 0.13
N MET A 88 0.50 -2.90 0.39
CA MET A 88 1.79 -3.23 -0.23
C MET A 88 1.63 -4.34 -1.27
N PHE A 89 2.30 -4.14 -2.42
CA PHE A 89 2.26 -5.09 -3.53
C PHE A 89 3.69 -5.47 -3.94
N SER A 90 3.95 -6.77 -4.06
CA SER A 90 5.29 -7.25 -4.48
C SER A 90 5.43 -7.25 -6.00
N PHE A 91 6.62 -6.89 -6.45
CA PHE A 91 6.90 -6.70 -7.89
C PHE A 91 8.10 -7.54 -8.36
N ASN A 92 8.37 -7.47 -9.66
CA ASN A 92 9.51 -8.18 -10.26
C ASN A 92 10.46 -7.22 -11.00
N ASN A 93 9.97 -6.00 -11.30
CA ASN A 93 10.76 -4.98 -12.00
C ASN A 93 10.46 -3.58 -11.46
N ARG A 94 11.51 -2.73 -11.40
CA ARG A 94 11.40 -1.35 -10.91
C ARG A 94 10.82 -0.41 -11.97
N THR A 95 10.84 -0.84 -13.23
CA THR A 95 10.33 -0.03 -14.35
C THR A 95 8.79 -0.10 -14.41
N VAL A 96 8.19 -1.12 -13.78
CA VAL A 96 6.73 -1.24 -13.68
C VAL A 96 6.22 -0.37 -12.52
N MET A 97 6.69 -0.65 -11.28
CA MET A 97 6.27 0.08 -10.06
C MET A 97 6.33 1.60 -10.24
N ASP A 98 7.39 2.08 -10.90
CA ASP A 98 7.53 3.53 -11.19
C ASP A 98 6.51 4.01 -12.24
N ASN A 99 5.97 3.07 -13.03
CA ASN A 99 4.93 3.37 -14.03
C ASN A 99 3.53 3.31 -13.42
N ILE A 100 3.35 2.47 -12.37
CA ILE A 100 2.09 2.43 -11.60
C ILE A 100 2.06 3.61 -10.61
N LYS A 101 3.12 3.71 -9.78
CA LYS A 101 3.31 4.79 -8.79
C LYS A 101 3.17 6.19 -9.39
N MET A 102 3.74 6.40 -10.59
CA MET A 102 3.63 7.67 -11.33
C MET A 102 2.16 8.05 -11.55
N THR A 103 1.40 7.16 -12.21
CA THR A 103 -0.03 7.38 -12.44
C THR A 103 -0.75 7.65 -11.11
N LEU A 104 -0.64 6.68 -10.16
CA LEU A 104 -1.20 6.82 -8.80
C LEU A 104 -0.91 8.20 -8.21
N GLN A 105 0.39 8.53 -8.11
CA GLN A 105 0.89 9.83 -7.62
C GLN A 105 0.25 11.03 -8.34
N GLN A 106 -0.09 10.83 -9.62
CA GLN A 106 -0.71 11.88 -10.44
C GLN A 106 -2.24 11.93 -10.21
N ILE A 107 -2.78 10.83 -9.66
CA ILE A 107 -4.20 10.74 -9.28
C ILE A 107 -4.46 11.36 -7.88
N ILE A 108 -3.58 11.08 -6.91
CA ILE A 108 -3.76 11.56 -5.52
C ILE A 108 -3.56 13.08 -5.42
N SER A 109 -2.56 13.58 -6.17
CA SER A 109 -2.27 15.03 -6.23
C SER A 109 -3.46 15.83 -6.77
N ARG A 110 -4.41 15.13 -7.43
CA ARG A 110 -5.69 15.72 -7.87
C ARG A 110 -6.67 15.81 -6.68
N TYR A 111 -6.73 14.74 -5.90
CA TYR A 111 -7.55 14.70 -4.67
C TYR A 111 -6.84 15.39 -3.50
N LYS A 112 -5.61 15.84 -3.75
CA LYS A 112 -4.77 16.51 -2.76
C LYS A 112 -5.03 18.03 -2.80
N ASP A 113 -5.43 18.51 -3.98
CA ASP A 113 -5.78 19.91 -4.20
C ASP A 113 -7.28 20.15 -3.99
N ALA A 114 -8.11 19.13 -4.34
CA ALA A 114 -9.57 19.16 -4.19
C ALA A 114 -10.21 20.38 -4.88
N ASP A 115 -10.55 20.19 -6.15
CA ASP A 115 -11.18 21.24 -6.96
C ASP A 115 -12.69 21.00 -7.10
N GLY B 1 8.78 -24.26 -5.84
CA GLY B 1 7.81 -24.52 -6.94
C GLY B 1 6.61 -25.33 -6.47
N SER B 2 5.60 -24.62 -5.95
CA SER B 2 4.38 -25.25 -5.45
C SER B 2 3.15 -24.76 -6.26
N PRO B 3 2.25 -25.70 -6.71
CA PRO B 3 1.05 -25.31 -7.50
C PRO B 3 -0.05 -24.62 -6.67
N GLY B 4 0.03 -24.76 -5.35
CA GLY B 4 -0.95 -24.15 -4.45
C GLY B 4 -1.35 -25.07 -3.31
N TYR B 5 -2.65 -25.06 -2.97
CA TYR B 5 -3.21 -25.88 -1.88
C TYR B 5 -2.54 -25.60 -0.51
N PRO B 6 -2.99 -24.55 0.25
CA PRO B 6 -2.43 -24.23 1.58
C PRO B 6 -2.83 -25.24 2.65
N ASN B 7 -1.83 -25.76 3.38
CA ASN B 7 -2.05 -26.72 4.46
C ASN B 7 -1.21 -26.34 5.68
N GLY B 8 -1.88 -26.17 6.83
CA GLY B 8 -1.19 -25.84 8.07
C GLY B 8 -1.68 -24.54 8.69
N LEU B 9 -1.78 -23.49 7.87
CA LEU B 9 -2.21 -22.18 8.33
C LEU B 9 -3.36 -21.64 7.49
N LEU B 10 -4.27 -20.94 8.15
CA LEU B 10 -5.38 -20.26 7.49
C LEU B 10 -5.50 -18.82 8.03
N SER B 11 -4.89 -17.87 7.29
CA SER B 11 -4.81 -16.45 7.68
C SER B 11 -4.07 -16.26 9.03
N GLY B 12 -3.15 -17.19 9.31
CA GLY B 12 -2.39 -17.16 10.56
C GLY B 12 -0.94 -16.73 10.37
N ASP B 13 -0.49 -16.67 9.12
CA ASP B 13 0.88 -16.30 8.79
C ASP B 13 0.91 -15.17 7.74
N GLU B 14 -0.27 -14.57 7.50
CA GLU B 14 -0.44 -13.49 6.54
C GLU B 14 -0.32 -12.10 7.18
N ASP B 15 0.14 -12.10 8.42
CA ASP B 15 0.28 -10.87 9.22
C ASP B 15 1.73 -10.33 9.15
N PHE B 16 2.56 -10.90 8.26
CA PHE B 16 3.98 -10.52 8.13
C PHE B 16 4.15 -9.13 7.48
N SER B 17 3.05 -8.55 6.99
CA SER B 17 3.07 -7.22 6.37
C SER B 17 3.03 -6.10 7.43
N SER B 18 2.89 -6.49 8.70
CA SER B 18 2.92 -5.53 9.82
C SER B 18 4.35 -5.30 10.30
N ILE B 19 5.18 -6.35 10.20
CA ILE B 19 6.60 -6.27 10.54
C ILE B 19 7.42 -5.91 9.29
N ALA B 20 6.90 -6.25 8.11
CA ALA B 20 7.56 -5.87 6.85
C ALA B 20 7.16 -4.45 6.42
N ASP B 21 6.39 -3.79 7.30
CA ASP B 21 6.00 -2.39 7.13
C ASP B 21 6.93 -1.50 7.97
N MET B 22 7.48 -2.10 9.05
CA MET B 22 8.55 -1.49 9.84
C MET B 22 9.89 -1.58 9.10
N ASP B 23 9.93 -2.50 8.13
CA ASP B 23 11.10 -2.73 7.28
C ASP B 23 11.31 -1.63 6.24
N PHE B 24 10.21 -1.02 5.76
CA PHE B 24 10.29 -0.05 4.66
C PHE B 24 10.82 1.33 5.09
N SER B 25 10.82 1.61 6.40
CA SER B 25 11.24 2.91 6.93
C SER B 25 12.76 3.06 6.96
N ALA B 26 13.48 1.92 6.84
CA ALA B 26 14.95 1.92 6.83
C ALA B 26 15.51 2.04 5.40
N LEU B 27 14.67 1.71 4.40
CA LEU B 27 15.07 1.73 3.00
C LEU B 27 14.90 3.11 2.35
N LEU B 28 13.79 3.79 2.68
CA LEU B 28 13.45 5.07 2.06
C LEU B 28 14.13 6.24 2.79
N SER B 29 14.59 5.95 4.00
CA SER B 29 15.38 6.89 4.79
C SER B 29 16.87 6.56 4.69
N GLN B 30 17.23 5.28 5.01
CA GLN B 30 18.61 4.76 4.97
C GLN B 30 19.61 5.66 5.71
N ILE B 31 19.91 5.28 6.96
CA ILE B 31 20.85 6.02 7.81
C ILE B 31 22.09 5.17 8.10
N SER B 32 23.27 5.70 7.72
CA SER B 32 24.53 5.01 7.94
C SER B 32 25.44 5.81 8.87
N SER B 33 26.04 5.11 9.84
CA SER B 33 26.93 5.74 10.82
C SER B 33 28.38 5.29 10.59
N PRO A 1 3.19 5.92 -19.78
CA PRO A 1 2.09 5.43 -18.92
C PRO A 1 1.63 4.03 -19.35
N SER A 2 1.41 3.16 -18.36
CA SER A 2 0.97 1.78 -18.61
C SER A 2 -0.30 1.45 -17.82
N HIS A 3 -0.36 1.92 -16.56
CA HIS A 3 -1.52 1.72 -15.64
C HIS A 3 -1.66 0.26 -15.17
N SER A 4 -1.17 -0.68 -15.97
CA SER A 4 -1.25 -2.11 -15.66
C SER A 4 0.08 -2.81 -15.92
N GLY A 5 0.43 -3.73 -15.02
CA GLY A 5 1.66 -4.49 -15.15
C GLY A 5 1.54 -5.87 -14.54
N ALA A 6 2.34 -6.14 -13.51
CA ALA A 6 2.28 -7.39 -12.76
C ALA A 6 2.62 -7.14 -11.29
N ALA A 7 1.74 -7.59 -10.38
CA ALA A 7 1.93 -7.37 -8.95
C ALA A 7 1.44 -8.57 -8.10
N ILE A 8 2.01 -8.68 -6.90
CA ILE A 8 1.61 -9.71 -5.92
C ILE A 8 0.94 -9.03 -4.72
N PHE A 9 -0.12 -9.65 -4.22
CA PHE A 9 -0.87 -9.12 -3.08
C PHE A 9 -1.34 -10.28 -2.18
N GLU A 10 -0.91 -10.25 -0.91
CA GLU A 10 -1.22 -11.31 0.08
C GLU A 10 -0.65 -12.68 -0.34
N LYS A 11 0.58 -12.66 -0.89
CA LYS A 11 1.36 -13.86 -1.28
C LYS A 11 0.81 -14.57 -2.53
N VAL A 12 -0.37 -14.13 -3.02
CA VAL A 12 -0.93 -14.62 -4.29
C VAL A 12 -0.52 -13.68 -5.42
N SER A 13 0.10 -14.25 -6.46
CA SER A 13 0.62 -13.46 -7.58
C SER A 13 -0.46 -13.18 -8.61
N GLY A 14 -0.48 -11.94 -9.09
CA GLY A 14 -1.50 -11.51 -10.03
C GLY A 14 -1.04 -10.37 -10.92
N ILE A 15 -2.01 -9.65 -11.45
CA ILE A 15 -1.76 -8.51 -12.34
C ILE A 15 -2.47 -7.25 -11.79
N ILE A 16 -1.77 -6.12 -11.84
CA ILE A 16 -2.31 -4.85 -11.32
C ILE A 16 -2.83 -3.96 -12.48
N ALA A 17 -3.98 -3.34 -12.27
CA ALA A 17 -4.56 -2.41 -13.25
C ALA A 17 -5.13 -1.16 -12.57
N ILE A 18 -4.94 0.00 -13.21
CA ILE A 18 -5.51 1.27 -12.69
C ILE A 18 -6.83 1.59 -13.41
N ASN A 19 -7.85 1.88 -12.59
CA ASN A 19 -9.17 2.24 -13.07
C ASN A 19 -9.38 3.77 -13.07
N GLU A 20 -9.37 4.37 -14.26
CA GLU A 20 -9.69 5.78 -14.45
C GLU A 20 -10.87 5.91 -15.44
N ASP A 21 -11.46 7.13 -15.54
CA ASP A 21 -12.72 7.37 -16.31
C ASP A 21 -13.95 6.80 -15.60
N VAL A 22 -13.69 6.23 -14.43
CA VAL A 22 -14.69 5.68 -13.51
C VAL A 22 -14.95 6.68 -12.37
N SER A 23 -15.72 6.24 -11.36
CA SER A 23 -15.90 7.03 -10.15
C SER A 23 -14.58 6.92 -9.36
N PRO A 24 -14.28 7.75 -8.31
CA PRO A 24 -12.89 8.23 -8.09
C PRO A 24 -11.83 7.14 -8.32
N ALA A 25 -10.83 7.51 -9.15
CA ALA A 25 -9.88 6.57 -9.75
C ALA A 25 -9.25 5.63 -8.74
N GLU A 26 -9.16 4.38 -9.17
CA GLU A 26 -8.83 3.29 -8.29
C GLU A 26 -7.59 2.53 -8.80
N LEU A 27 -7.12 1.60 -7.97
CA LEU A 27 -6.04 0.68 -8.31
C LEU A 27 -6.54 -0.74 -8.01
N THR A 28 -6.77 -1.51 -9.08
CA THR A 28 -7.38 -2.82 -8.95
C THR A 28 -6.37 -3.94 -9.23
N TRP A 29 -6.05 -4.70 -8.16
CA TRP A 29 -5.26 -5.92 -8.29
C TRP A 29 -6.19 -7.10 -8.56
N ARG A 30 -5.80 -7.91 -9.53
CA ARG A 30 -6.50 -9.16 -9.82
C ARG A 30 -5.52 -10.31 -9.84
N SER A 31 -6.02 -11.54 -9.66
CA SER A 31 -5.16 -12.74 -9.69
C SER A 31 -4.63 -12.96 -11.11
N THR A 32 -3.66 -13.87 -11.28
CA THR A 32 -3.08 -14.14 -12.62
C THR A 32 -4.16 -14.54 -13.65
N ASP A 33 -5.26 -15.15 -13.17
CA ASP A 33 -6.45 -15.41 -13.98
C ASP A 33 -7.53 -14.34 -13.69
N GLY A 34 -7.53 -13.84 -12.44
CA GLY A 34 -8.44 -12.78 -12.02
C GLY A 34 -9.61 -13.28 -11.18
N ASP A 35 -9.47 -14.50 -10.62
CA ASP A 35 -10.48 -15.06 -9.70
C ASP A 35 -10.49 -14.31 -8.36
N LYS A 36 -9.34 -13.75 -8.00
CA LYS A 36 -9.21 -12.89 -6.81
C LYS A 36 -9.00 -11.44 -7.24
N VAL A 37 -9.61 -10.51 -6.50
CA VAL A 37 -9.55 -9.09 -6.88
C VAL A 37 -9.60 -8.17 -5.63
N HIS A 38 -8.74 -7.13 -5.65
CA HIS A 38 -8.70 -6.11 -4.59
C HIS A 38 -8.65 -4.71 -5.23
N THR A 39 -9.29 -3.72 -4.59
CA THR A 39 -9.40 -2.37 -5.18
C THR A 39 -8.95 -1.28 -4.20
N VAL A 40 -8.09 -0.38 -4.70
CA VAL A 40 -7.61 0.79 -3.95
C VAL A 40 -8.11 2.08 -4.63
N VAL A 41 -9.08 2.76 -3.99
CA VAL A 41 -9.56 4.06 -4.48
C VAL A 41 -8.61 5.16 -3.99
N LEU A 42 -8.02 5.92 -4.94
CA LEU A 42 -6.95 6.87 -4.60
C LEU A 42 -7.46 8.14 -3.91
N SER A 43 -8.75 8.45 -4.06
CA SER A 43 -9.36 9.59 -3.35
C SER A 43 -9.45 9.30 -1.84
N THR A 44 -9.06 8.08 -1.48
CA THR A 44 -9.00 7.62 -0.09
C THR A 44 -7.55 7.32 0.31
N ILE A 45 -6.62 7.64 -0.60
CA ILE A 45 -5.18 7.39 -0.42
C ILE A 45 -4.43 8.73 -0.31
N ASP A 46 -3.40 8.76 0.55
CA ASP A 46 -2.64 9.98 0.81
C ASP A 46 -1.20 9.86 0.28
N LYS A 47 -0.53 8.72 0.55
CA LYS A 47 0.85 8.53 0.16
C LYS A 47 1.09 7.18 -0.53
N LEU A 48 2.29 7.02 -1.13
CA LEU A 48 2.72 5.77 -1.80
C LEU A 48 4.23 5.61 -1.65
N GLN A 49 4.70 4.39 -1.32
CA GLN A 49 6.13 4.12 -1.12
C GLN A 49 6.56 2.82 -1.82
N ALA A 50 7.49 2.92 -2.77
CA ALA A 50 7.97 1.75 -3.52
C ALA A 50 9.44 1.42 -3.18
N THR A 51 9.75 0.10 -3.17
CA THR A 51 11.12 -0.40 -2.89
C THR A 51 12.13 0.08 -3.97
N PRO A 52 13.22 0.83 -3.58
CA PRO A 52 14.27 1.28 -4.53
C PRO A 52 14.91 0.12 -5.32
N ALA A 53 15.60 0.47 -6.42
CA ALA A 53 16.30 -0.51 -7.27
C ALA A 53 17.55 -1.09 -6.58
N SER A 54 17.94 -0.47 -5.46
CA SER A 54 19.04 -0.95 -4.63
C SER A 54 18.53 -1.81 -3.47
N SER A 55 17.22 -1.70 -3.18
CA SER A 55 16.57 -2.44 -2.09
C SER A 55 16.44 -3.93 -2.39
N GLU A 56 16.72 -4.73 -1.35
CA GLU A 56 16.53 -6.19 -1.35
C GLU A 56 15.11 -6.60 -1.75
N LYS A 57 14.19 -5.72 -1.42
CA LYS A 57 12.77 -5.94 -1.55
C LYS A 57 12.22 -5.49 -2.90
N MET A 58 11.22 -6.23 -3.39
CA MET A 58 10.40 -5.77 -4.52
C MET A 58 8.96 -5.63 -4.06
N MET A 59 8.59 -4.38 -3.73
CA MET A 59 7.27 -4.07 -3.19
C MET A 59 6.86 -2.64 -3.46
N LEU A 60 5.54 -2.44 -3.58
CA LEU A 60 4.97 -1.13 -3.81
C LEU A 60 3.88 -0.86 -2.75
N ARG A 61 4.07 0.18 -1.95
CA ARG A 61 3.16 0.49 -0.84
C ARG A 61 2.19 1.64 -1.19
N LEU A 62 0.98 1.53 -0.62
CA LEU A 62 -0.08 2.52 -0.80
C LEU A 62 -0.62 2.96 0.57
N ILE A 63 -0.25 4.18 0.98
CA ILE A 63 -0.62 4.71 2.30
C ILE A 63 -2.03 5.35 2.25
N GLY A 64 -2.88 4.96 3.20
CA GLY A 64 -4.28 5.37 3.19
C GLY A 64 -4.53 6.70 3.90
N LYS A 65 -5.74 7.23 3.72
CA LYS A 65 -6.14 8.50 4.33
C LYS A 65 -6.79 8.30 5.69
N VAL A 66 -6.07 8.78 6.70
CA VAL A 66 -6.53 8.72 8.10
C VAL A 66 -6.56 10.12 8.70
N ASP A 67 -7.50 10.31 9.65
CA ASP A 67 -7.65 11.58 10.37
C ASP A 67 -6.82 11.56 11.66
N GLU A 68 -5.59 12.07 11.57
CA GLU A 68 -4.68 12.12 12.73
C GLU A 68 -4.91 13.39 13.56
N SER A 69 -5.80 14.27 13.09
CA SER A 69 -6.21 15.46 13.85
C SER A 69 -7.03 15.06 15.08
N LYS A 70 -7.56 13.83 15.05
CA LYS A 70 -8.22 13.23 16.19
C LYS A 70 -7.24 12.32 16.94
N LYS A 71 -7.17 12.50 18.24
CA LYS A 71 -6.36 11.65 19.10
C LYS A 71 -7.22 10.62 19.82
N ARG A 72 -6.64 9.42 20.04
CA ARG A 72 -7.25 8.39 20.85
C ARG A 72 -6.42 8.23 22.14
N LYS A 73 -7.05 7.76 23.22
CA LYS A 73 -6.34 7.54 24.48
C LYS A 73 -6.58 6.12 24.98
N ASP A 74 -5.54 5.53 25.58
CA ASP A 74 -5.60 4.15 26.06
C ASP A 74 -6.14 4.08 27.51
N ASN A 75 -6.05 2.89 28.15
CA ASN A 75 -6.61 2.66 29.50
C ASN A 75 -6.10 3.64 30.58
N GLU A 76 -4.85 4.12 30.41
CA GLU A 76 -4.23 4.99 31.42
C GLU A 76 -4.45 6.48 31.10
N GLY A 77 -4.81 6.77 29.84
CA GLY A 77 -5.07 8.16 29.44
C GLY A 77 -3.91 8.78 28.68
N ASN A 78 -3.10 7.94 28.02
CA ASN A 78 -1.99 8.41 27.18
C ASN A 78 -2.46 8.60 25.74
N GLU A 79 -1.95 9.65 25.09
CA GLU A 79 -2.39 10.03 23.74
C GLU A 79 -1.86 9.04 22.69
N VAL A 80 -2.74 8.14 22.27
CA VAL A 80 -2.46 7.22 21.17
C VAL A 80 -3.25 7.64 19.93
N VAL A 81 -2.57 8.32 19.02
CA VAL A 81 -3.25 8.93 17.86
C VAL A 81 -3.24 7.97 16.64
N PRO A 82 -4.44 7.67 16.03
CA PRO A 82 -4.59 6.68 14.92
C PRO A 82 -3.73 7.01 13.69
N LYS A 83 -2.98 6.00 13.26
CA LYS A 83 -2.10 6.11 12.08
C LYS A 83 -2.77 5.56 10.81
N PRO A 84 -2.33 6.00 9.59
CA PRO A 84 -2.85 5.48 8.30
C PRO A 84 -2.43 4.04 8.01
N GLN A 85 -3.27 3.34 7.23
CA GLN A 85 -3.01 1.96 6.82
C GLN A 85 -2.29 1.93 5.47
N ARG A 86 -1.31 1.02 5.36
CA ARG A 86 -0.43 0.96 4.19
C ARG A 86 -0.63 -0.34 3.42
N HIS A 87 -1.00 -0.22 2.13
CA HIS A 87 -1.28 -1.37 1.26
C HIS A 87 -0.05 -1.71 0.40
N MET A 88 0.56 -2.87 0.66
CA MET A 88 1.79 -3.27 -0.04
C MET A 88 1.51 -4.33 -1.11
N PHE A 89 2.17 -4.14 -2.25
CA PHE A 89 2.17 -5.09 -3.35
C PHE A 89 3.61 -5.58 -3.54
N SER A 90 3.79 -6.70 -4.27
CA SER A 90 5.14 -7.19 -4.59
C SER A 90 5.35 -7.28 -6.09
N PHE A 91 6.52 -6.81 -6.52
CA PHE A 91 6.84 -6.68 -7.95
C PHE A 91 8.09 -7.47 -8.33
N ASN A 92 8.42 -7.47 -9.63
CA ASN A 92 9.63 -8.13 -10.14
C ASN A 92 10.55 -7.11 -10.84
N ASN A 93 9.99 -5.96 -11.24
CA ASN A 93 10.75 -4.90 -11.92
C ASN A 93 10.37 -3.51 -11.39
N ARG A 94 11.39 -2.66 -11.21
CA ARG A 94 11.21 -1.27 -10.75
C ARG A 94 10.63 -0.36 -11.83
N THR A 95 10.75 -0.78 -13.09
CA THR A 95 10.29 0.00 -14.24
C THR A 95 8.75 -0.03 -14.35
N VAL A 96 8.13 -1.04 -13.73
CA VAL A 96 6.66 -1.10 -13.62
C VAL A 96 6.20 -0.24 -12.44
N MET A 97 6.72 -0.55 -11.23
CA MET A 97 6.35 0.17 -9.99
C MET A 97 6.44 1.68 -10.13
N ASP A 98 7.52 2.13 -10.76
CA ASP A 98 7.73 3.57 -11.01
C ASP A 98 6.76 4.13 -12.04
N ASN A 99 6.19 3.25 -12.87
CA ASN A 99 5.16 3.63 -13.86
C ASN A 99 3.75 3.59 -13.28
N ILE A 100 3.45 2.58 -12.41
CA ILE A 100 2.15 2.51 -11.70
C ILE A 100 2.07 3.68 -10.69
N LYS A 101 3.10 3.80 -9.83
CA LYS A 101 3.23 4.90 -8.85
C LYS A 101 3.12 6.27 -9.51
N MET A 102 3.77 6.43 -10.67
CA MET A 102 3.69 7.67 -11.47
C MET A 102 2.24 8.10 -11.73
N THR A 103 1.41 7.17 -12.25
CA THR A 103 -0.02 7.41 -12.47
C THR A 103 -0.70 7.72 -11.13
N LEU A 104 -0.61 6.77 -10.18
CA LEU A 104 -1.16 6.92 -8.81
C LEU A 104 -0.83 8.31 -8.24
N GLN A 105 0.48 8.61 -8.18
CA GLN A 105 1.02 9.92 -7.73
C GLN A 105 0.34 11.12 -8.39
N GLN A 106 -0.07 10.94 -9.66
CA GLN A 106 -0.74 11.99 -10.44
C GLN A 106 -2.24 12.02 -10.14
N ILE A 107 -2.76 10.91 -9.60
CA ILE A 107 -4.18 10.78 -9.21
C ILE A 107 -4.44 11.35 -7.80
N ILE A 108 -3.54 11.08 -6.83
CA ILE A 108 -3.72 11.57 -5.44
C ILE A 108 -3.56 13.10 -5.37
N SER A 109 -2.65 13.63 -6.19
CA SER A 109 -2.42 15.08 -6.31
C SER A 109 -3.66 15.80 -6.86
N ARG A 110 -4.57 15.04 -7.48
CA ARG A 110 -5.88 15.55 -7.92
C ARG A 110 -6.84 15.67 -6.72
N TYR A 111 -6.81 14.67 -5.84
CA TYR A 111 -7.61 14.67 -4.60
C TYR A 111 -6.88 15.39 -3.46
N LYS A 112 -5.68 15.90 -3.78
CA LYS A 112 -4.84 16.64 -2.84
C LYS A 112 -5.13 18.15 -2.95
N ASP A 113 -5.48 18.57 -4.18
CA ASP A 113 -5.88 19.94 -4.47
C ASP A 113 -7.39 20.13 -4.30
N ALA A 114 -8.17 19.08 -4.62
CA ALA A 114 -9.64 19.07 -4.49
C ALA A 114 -10.30 20.25 -5.22
N ASP A 115 -10.57 20.03 -6.51
CA ASP A 115 -11.22 21.04 -7.36
C ASP A 115 -12.66 20.65 -7.67
N GLY B 1 -20.73 -17.09 17.17
CA GLY B 1 -22.06 -17.73 17.00
C GLY B 1 -22.75 -17.29 15.73
N SER B 2 -23.08 -18.27 14.85
CA SER B 2 -23.76 -18.04 13.56
C SER B 2 -22.94 -17.10 12.62
N PRO B 3 -22.20 -17.66 11.61
CA PRO B 3 -21.41 -16.85 10.64
C PRO B 3 -22.27 -15.90 9.81
N GLY B 4 -21.71 -14.72 9.52
CA GLY B 4 -22.41 -13.72 8.72
C GLY B 4 -21.45 -12.80 7.99
N TYR B 5 -21.03 -11.73 8.67
CA TYR B 5 -20.10 -10.75 8.10
C TYR B 5 -18.78 -10.71 8.92
N PRO B 6 -17.70 -11.46 8.49
CA PRO B 6 -16.40 -11.44 9.19
C PRO B 6 -15.66 -10.11 9.05
N ASN B 7 -15.09 -9.63 10.15
CA ASN B 7 -14.35 -8.37 10.18
C ASN B 7 -13.05 -8.54 10.97
N GLY B 8 -11.93 -8.11 10.37
CA GLY B 8 -10.63 -8.19 11.02
C GLY B 8 -9.63 -9.03 10.27
N LEU B 9 -9.42 -10.26 10.73
CA LEU B 9 -8.47 -11.18 10.12
C LEU B 9 -9.20 -12.37 9.49
N LEU B 10 -8.97 -12.55 8.19
CA LEU B 10 -9.53 -13.69 7.46
C LEU B 10 -8.41 -14.52 6.81
N SER B 11 -7.16 -14.06 6.98
CA SER B 11 -5.98 -14.72 6.40
C SER B 11 -4.72 -14.39 7.20
N GLY B 12 -4.51 -13.08 7.45
CA GLY B 12 -3.35 -12.62 8.20
C GLY B 12 -2.31 -11.95 7.32
N ASP B 13 -2.60 -10.71 6.91
CA ASP B 13 -1.70 -9.93 6.06
C ASP B 13 -1.17 -8.69 6.80
N GLU B 14 -1.65 -8.51 8.03
CA GLU B 14 -1.32 -7.37 8.86
C GLU B 14 -0.36 -7.72 9.99
N ASP B 15 0.18 -8.94 9.92
CA ASP B 15 1.08 -9.47 10.95
C ASP B 15 2.55 -9.25 10.57
N PHE B 16 2.88 -9.40 9.28
CA PHE B 16 4.26 -9.25 8.79
C PHE B 16 4.51 -7.89 8.13
N SER B 17 3.43 -7.13 7.89
CA SER B 17 3.53 -5.78 7.31
C SER B 17 3.76 -4.72 8.39
N SER B 18 3.78 -5.16 9.67
CA SER B 18 4.10 -4.29 10.79
C SER B 18 5.62 -4.22 11.02
N ILE B 19 6.30 -5.35 10.77
CA ILE B 19 7.76 -5.42 10.85
C ILE B 19 8.39 -5.10 9.49
N ALA B 20 7.66 -5.36 8.41
CA ALA B 20 8.10 -4.99 7.07
C ALA B 20 7.72 -3.54 6.74
N ASP B 21 7.26 -2.83 7.77
CA ASP B 21 6.97 -1.40 7.71
C ASP B 21 8.16 -0.60 8.24
N MET B 22 8.87 -1.19 9.21
CA MET B 22 10.15 -0.68 9.70
C MET B 22 11.26 -0.92 8.68
N ASP B 23 10.99 -1.86 7.76
CA ASP B 23 11.89 -2.20 6.68
C ASP B 23 11.93 -1.12 5.59
N PHE B 24 10.79 -0.44 5.37
CA PHE B 24 10.64 0.51 4.26
C PHE B 24 11.25 1.88 4.56
N SER B 25 11.38 2.22 5.86
CA SER B 25 11.91 3.52 6.27
C SER B 25 13.45 3.55 6.24
N ALA B 26 14.06 2.36 6.23
CA ALA B 26 15.51 2.23 6.16
C ALA B 26 16.01 2.12 4.70
N LEU B 27 15.09 1.81 3.78
CA LEU B 27 15.40 1.60 2.38
C LEU B 27 15.39 2.91 1.58
N LEU B 28 14.42 3.80 1.88
CA LEU B 28 14.29 5.08 1.15
C LEU B 28 15.32 6.09 1.62
N SER B 29 15.72 5.96 2.88
CA SER B 29 16.75 6.80 3.48
C SER B 29 18.15 6.20 3.30
N GLN B 30 18.34 4.95 3.80
CA GLN B 30 19.62 4.21 3.72
C GLN B 30 20.81 5.04 4.24
N ILE B 31 21.23 4.75 5.48
CA ILE B 31 22.34 5.45 6.12
C ILE B 31 23.62 4.59 6.02
N SER B 32 24.57 5.07 5.22
CA SER B 32 25.85 4.38 5.02
C SER B 32 27.02 5.26 5.47
N SER B 33 28.01 4.63 6.11
CA SER B 33 29.19 5.32 6.62
C SER B 33 30.41 5.01 5.74
N PRO A 1 0.19 6.22 -18.25
CA PRO A 1 0.70 5.79 -19.57
C PRO A 1 0.50 4.28 -19.79
N SER A 2 0.70 3.49 -18.73
CA SER A 2 0.53 2.04 -18.80
C SER A 2 -0.66 1.58 -17.94
N HIS A 3 -0.72 2.10 -16.69
CA HIS A 3 -1.84 1.85 -15.73
C HIS A 3 -1.91 0.40 -15.23
N SER A 4 -1.26 -0.54 -15.95
CA SER A 4 -1.29 -1.95 -15.59
C SER A 4 0.07 -2.62 -15.81
N GLY A 5 0.36 -3.62 -14.99
CA GLY A 5 1.61 -4.35 -15.09
C GLY A 5 1.50 -5.75 -14.52
N ALA A 6 2.30 -6.03 -13.49
CA ALA A 6 2.25 -7.30 -12.76
C ALA A 6 2.61 -7.09 -11.29
N ALA A 7 1.73 -7.55 -10.39
CA ALA A 7 1.92 -7.35 -8.95
C ALA A 7 1.47 -8.56 -8.12
N ILE A 8 2.11 -8.74 -6.95
CA ILE A 8 1.75 -9.80 -6.00
C ILE A 8 1.12 -9.16 -4.75
N PHE A 9 0.06 -9.81 -4.24
CA PHE A 9 -0.66 -9.31 -3.07
C PHE A 9 -1.10 -10.49 -2.19
N GLU A 10 -0.57 -10.52 -0.97
CA GLU A 10 -0.83 -11.61 0.01
C GLU A 10 -0.31 -12.98 -0.49
N LYS A 11 0.89 -12.96 -1.08
CA LYS A 11 1.62 -14.16 -1.57
C LYS A 11 0.97 -14.81 -2.80
N VAL A 12 -0.22 -14.34 -3.19
CA VAL A 12 -0.88 -14.78 -4.42
C VAL A 12 -0.52 -13.81 -5.55
N SER A 13 0.17 -14.33 -6.57
CA SER A 13 0.67 -13.51 -7.68
C SER A 13 -0.45 -13.20 -8.67
N GLY A 14 -0.42 -11.96 -9.17
CA GLY A 14 -1.46 -11.49 -10.07
C GLY A 14 -1.01 -10.33 -10.93
N ILE A 15 -1.99 -9.58 -11.42
CA ILE A 15 -1.77 -8.43 -12.28
C ILE A 15 -2.47 -7.19 -11.70
N ILE A 16 -1.79 -6.04 -11.75
CA ILE A 16 -2.34 -4.78 -11.22
C ILE A 16 -2.88 -3.92 -12.37
N ALA A 17 -4.03 -3.28 -12.13
CA ALA A 17 -4.65 -2.37 -13.11
C ALA A 17 -5.17 -1.11 -12.43
N ILE A 18 -5.10 0.01 -13.15
CA ILE A 18 -5.62 1.29 -12.64
C ILE A 18 -6.95 1.61 -13.32
N ASN A 19 -7.89 2.12 -12.51
CA ASN A 19 -9.26 2.41 -12.93
C ASN A 19 -9.46 3.91 -13.08
N GLU A 20 -9.40 4.42 -14.30
CA GLU A 20 -9.64 5.83 -14.59
C GLU A 20 -10.80 5.96 -15.61
N ASP A 21 -11.33 7.19 -15.78
CA ASP A 21 -12.57 7.47 -16.57
C ASP A 21 -13.82 6.97 -15.81
N VAL A 22 -13.56 6.45 -14.61
CA VAL A 22 -14.58 5.93 -13.70
C VAL A 22 -14.84 6.93 -12.56
N SER A 23 -15.64 6.52 -11.58
CA SER A 23 -15.80 7.29 -10.35
C SER A 23 -14.51 7.08 -9.54
N PRO A 24 -14.16 7.91 -8.50
CA PRO A 24 -12.74 8.26 -8.26
C PRO A 24 -11.80 7.07 -8.41
N ALA A 25 -10.73 7.30 -9.21
CA ALA A 25 -9.87 6.23 -9.76
C ALA A 25 -9.42 5.24 -8.70
N GLU A 26 -9.45 3.97 -9.09
CA GLU A 26 -9.15 2.87 -8.16
C GLU A 26 -8.17 1.86 -8.74
N LEU A 27 -7.21 1.43 -7.91
CA LEU A 27 -6.18 0.49 -8.37
C LEU A 27 -6.63 -0.92 -8.00
N THR A 28 -6.95 -1.67 -9.05
CA THR A 28 -7.57 -2.98 -8.91
C THR A 28 -6.54 -4.09 -9.18
N TRP A 29 -6.13 -4.77 -8.10
CA TRP A 29 -5.29 -5.96 -8.22
C TRP A 29 -6.17 -7.18 -8.48
N ARG A 30 -5.76 -8.00 -9.44
CA ARG A 30 -6.42 -9.27 -9.70
C ARG A 30 -5.38 -10.38 -9.71
N SER A 31 -5.81 -11.58 -9.30
CA SER A 31 -4.98 -12.77 -9.39
C SER A 31 -4.78 -13.15 -10.85
N THR A 32 -3.71 -13.93 -11.14
CA THR A 32 -3.29 -14.26 -12.52
C THR A 32 -4.42 -14.86 -13.38
N ASP A 33 -5.47 -15.38 -12.72
CA ASP A 33 -6.70 -15.82 -13.41
C ASP A 33 -7.80 -14.76 -13.25
N GLY A 34 -7.79 -14.06 -12.11
CA GLY A 34 -8.76 -13.00 -11.81
C GLY A 34 -9.91 -13.47 -10.95
N ASP A 35 -9.71 -14.63 -10.28
CA ASP A 35 -10.68 -15.16 -9.32
C ASP A 35 -10.58 -14.38 -8.00
N LYS A 36 -9.39 -13.85 -7.73
CA LYS A 36 -9.16 -12.96 -6.58
C LYS A 36 -8.99 -11.52 -7.08
N VAL A 37 -9.61 -10.57 -6.39
CA VAL A 37 -9.55 -9.17 -6.80
C VAL A 37 -9.62 -8.20 -5.59
N HIS A 38 -8.72 -7.22 -5.58
CA HIS A 38 -8.67 -6.17 -4.55
C HIS A 38 -8.71 -4.78 -5.21
N THR A 39 -9.29 -3.80 -4.50
CA THR A 39 -9.50 -2.46 -5.06
C THR A 39 -8.97 -1.36 -4.13
N VAL A 40 -8.38 -0.31 -4.74
CA VAL A 40 -7.84 0.85 -4.00
C VAL A 40 -8.33 2.16 -4.65
N VAL A 41 -9.25 2.87 -3.98
CA VAL A 41 -9.71 4.20 -4.44
C VAL A 41 -8.67 5.25 -3.99
N LEU A 42 -8.06 5.95 -4.96
CA LEU A 42 -6.93 6.86 -4.65
C LEU A 42 -7.37 8.19 -4.05
N SER A 43 -8.66 8.55 -4.21
CA SER A 43 -9.21 9.76 -3.57
C SER A 43 -9.32 9.56 -2.04
N THR A 44 -8.97 8.35 -1.61
CA THR A 44 -8.94 7.97 -0.20
C THR A 44 -7.50 7.65 0.25
N ILE A 45 -6.55 7.81 -0.69
CA ILE A 45 -5.13 7.52 -0.46
C ILE A 45 -4.34 8.83 -0.32
N ASP A 46 -3.34 8.82 0.56
CA ASP A 46 -2.54 10.01 0.86
C ASP A 46 -1.10 9.88 0.36
N LYS A 47 -0.47 8.72 0.64
CA LYS A 47 0.92 8.48 0.29
C LYS A 47 1.11 7.12 -0.41
N LEU A 48 2.32 6.94 -1.00
CA LEU A 48 2.69 5.70 -1.71
C LEU A 48 4.21 5.46 -1.56
N GLN A 49 4.62 4.25 -1.14
CA GLN A 49 6.03 3.97 -0.84
C GLN A 49 6.52 2.67 -1.53
N ALA A 50 7.48 2.82 -2.48
CA ALA A 50 7.98 1.68 -3.27
C ALA A 50 9.47 1.40 -3.02
N THR A 51 9.86 0.11 -3.20
CA THR A 51 11.24 -0.37 -2.95
C THR A 51 12.24 0.21 -3.98
N PRO A 52 13.33 0.93 -3.53
CA PRO A 52 14.39 1.43 -4.42
C PRO A 52 15.07 0.32 -5.23
N ALA A 53 15.78 0.72 -6.30
CA ALA A 53 16.52 -0.22 -7.16
C ALA A 53 17.78 -0.75 -6.46
N SER A 54 18.09 -0.16 -5.30
CA SER A 54 19.19 -0.62 -4.45
C SER A 54 18.68 -1.55 -3.34
N SER A 55 17.36 -1.49 -3.10
CA SER A 55 16.70 -2.34 -2.09
C SER A 55 16.59 -3.80 -2.55
N GLU A 56 16.86 -4.72 -1.61
CA GLU A 56 16.74 -6.18 -1.83
C GLU A 56 15.30 -6.59 -2.15
N LYS A 57 14.38 -5.70 -1.80
CA LYS A 57 12.97 -5.95 -1.86
C LYS A 57 12.33 -5.46 -3.16
N MET A 58 11.20 -6.09 -3.49
CA MET A 58 10.35 -5.65 -4.58
C MET A 58 8.92 -5.51 -4.08
N MET A 59 8.54 -4.26 -3.75
CA MET A 59 7.26 -3.95 -3.12
C MET A 59 6.81 -2.53 -3.43
N LEU A 60 5.49 -2.33 -3.41
CA LEU A 60 4.87 -1.02 -3.61
C LEU A 60 3.77 -0.81 -2.58
N ARG A 61 3.92 0.21 -1.74
CA ARG A 61 2.99 0.45 -0.63
C ARG A 61 2.08 1.64 -0.91
N LEU A 62 0.84 1.53 -0.41
CA LEU A 62 -0.20 2.52 -0.64
C LEU A 62 -0.82 2.96 0.71
N ILE A 63 -0.46 4.17 1.14
CA ILE A 63 -0.87 4.70 2.45
C ILE A 63 -2.26 5.37 2.33
N GLY A 64 -3.14 5.10 3.31
CA GLY A 64 -4.51 5.58 3.27
C GLY A 64 -4.73 6.86 4.08
N LYS A 65 -5.53 7.78 3.50
CA LYS A 65 -5.86 9.08 4.12
C LYS A 65 -6.46 8.91 5.53
N VAL A 66 -5.99 9.74 6.47
CA VAL A 66 -6.40 9.64 7.87
C VAL A 66 -7.51 10.62 8.19
N ASP A 67 -8.54 10.12 8.86
CA ASP A 67 -9.60 10.96 9.42
C ASP A 67 -9.45 11.00 10.94
N GLU A 68 -8.67 11.97 11.43
CA GLU A 68 -8.41 12.12 12.87
C GLU A 68 -9.48 12.96 13.58
N SER A 69 -10.46 13.47 12.81
CA SER A 69 -11.58 14.25 13.37
C SER A 69 -12.61 13.33 14.06
N LYS A 70 -12.45 12.02 13.84
CA LYS A 70 -13.30 10.99 14.46
C LYS A 70 -12.61 10.39 15.72
N LYS A 71 -11.94 11.26 16.46
CA LYS A 71 -11.17 10.90 17.67
C LYS A 71 -11.95 9.94 18.59
N ARG A 72 -11.37 8.75 18.77
CA ARG A 72 -12.02 7.67 19.52
C ARG A 72 -11.41 7.58 20.93
N LYS A 73 -12.21 7.07 21.88
CA LYS A 73 -11.75 6.88 23.26
C LYS A 73 -12.01 5.45 23.71
N ASP A 74 -11.13 4.94 24.58
CA ASP A 74 -11.19 3.56 25.06
C ASP A 74 -12.16 3.42 26.26
N ASN A 75 -12.23 2.23 26.88
CA ASN A 75 -13.20 1.94 27.97
C ASN A 75 -13.11 2.92 29.15
N GLU A 76 -11.91 3.43 29.44
CA GLU A 76 -11.68 4.31 30.58
C GLU A 76 -11.84 5.79 30.21
N GLY A 77 -11.74 6.09 28.92
CA GLY A 77 -11.89 7.46 28.43
C GLY A 77 -10.57 8.08 27.98
N ASN A 78 -9.62 7.23 27.60
CA ASN A 78 -8.32 7.67 27.08
C ASN A 78 -8.39 7.87 25.57
N GLU A 79 -7.66 8.86 25.06
CA GLU A 79 -7.71 9.21 23.64
C GLU A 79 -6.96 8.19 22.78
N VAL A 80 -7.71 7.54 21.90
CA VAL A 80 -7.15 6.59 20.94
C VAL A 80 -7.54 7.02 19.52
N VAL A 81 -6.58 7.64 18.84
CA VAL A 81 -6.84 8.23 17.53
C VAL A 81 -6.47 7.25 16.39
N PRO A 82 -7.40 6.97 15.42
CA PRO A 82 -7.17 6.02 14.31
C PRO A 82 -6.02 6.42 13.39
N LYS A 83 -5.17 5.43 13.11
CA LYS A 83 -3.94 5.62 12.33
C LYS A 83 -4.15 5.29 10.84
N PRO A 84 -3.23 5.74 9.92
CA PRO A 84 -3.37 5.50 8.47
C PRO A 84 -3.36 4.02 8.08
N GLN A 85 -3.99 3.74 6.94
CA GLN A 85 -3.97 2.40 6.32
C GLN A 85 -2.80 2.32 5.33
N ARG A 86 -2.43 1.09 4.93
CA ARG A 86 -1.33 0.90 3.97
C ARG A 86 -1.52 -0.41 3.20
N HIS A 87 -1.20 -0.37 1.91
CA HIS A 87 -1.40 -1.53 1.00
C HIS A 87 -0.12 -1.82 0.19
N MET A 88 0.51 -2.97 0.46
CA MET A 88 1.77 -3.35 -0.19
C MET A 88 1.53 -4.34 -1.33
N PHE A 89 2.33 -4.18 -2.40
CA PHE A 89 2.28 -5.07 -3.58
C PHE A 89 3.69 -5.43 -4.02
N SER A 90 3.97 -6.73 -4.17
CA SER A 90 5.30 -7.18 -4.61
C SER A 90 5.43 -7.14 -6.14
N PHE A 91 6.64 -6.83 -6.61
CA PHE A 91 6.90 -6.61 -8.04
C PHE A 91 8.08 -7.46 -8.54
N ASN A 92 8.32 -7.38 -9.85
CA ASN A 92 9.44 -8.08 -10.49
C ASN A 92 10.37 -7.10 -11.23
N ASN A 93 9.90 -5.87 -11.45
CA ASN A 93 10.67 -4.84 -12.16
C ASN A 93 10.40 -3.45 -11.57
N ARG A 94 11.46 -2.63 -11.52
CA ARG A 94 11.39 -1.25 -11.01
C ARG A 94 10.77 -0.27 -12.02
N THR A 95 10.76 -0.66 -13.30
CA THR A 95 10.22 0.18 -14.37
C THR A 95 8.68 0.15 -14.40
N VAL A 96 8.10 -0.90 -13.81
CA VAL A 96 6.64 -0.99 -13.66
C VAL A 96 6.20 -0.15 -12.46
N MET A 97 6.65 -0.51 -11.24
CA MET A 97 6.27 0.19 -9.98
C MET A 97 6.38 1.71 -10.10
N ASP A 98 7.44 2.19 -10.76
CA ASP A 98 7.65 3.64 -10.95
C ASP A 98 6.63 4.23 -11.94
N ASN A 99 6.08 3.37 -12.83
CA ASN A 99 5.04 3.76 -13.78
C ASN A 99 3.64 3.63 -13.17
N ILE A 100 3.45 2.67 -12.24
CA ILE A 100 2.19 2.58 -11.47
C ILE A 100 2.17 3.71 -10.42
N LYS A 101 3.22 3.75 -9.57
CA LYS A 101 3.41 4.81 -8.55
C LYS A 101 3.30 6.22 -9.13
N MET A 102 3.89 6.44 -10.33
CA MET A 102 3.76 7.72 -11.03
C MET A 102 2.29 8.04 -11.35
N THR A 103 1.62 7.13 -12.09
CA THR A 103 0.19 7.29 -12.41
C THR A 103 -0.60 7.58 -11.12
N LEU A 104 -0.51 6.66 -10.14
CA LEU A 104 -1.10 6.82 -8.79
C LEU A 104 -0.83 8.23 -8.24
N GLN A 105 0.46 8.57 -8.13
CA GLN A 105 0.90 9.89 -7.64
C GLN A 105 0.31 11.05 -8.48
N GLN A 106 0.06 10.79 -9.77
CA GLN A 106 -0.57 11.77 -10.66
C GLN A 106 -2.09 11.85 -10.42
N ILE A 107 -2.64 10.79 -9.81
CA ILE A 107 -4.06 10.71 -9.44
C ILE A 107 -4.32 11.36 -8.05
N ILE A 108 -3.44 11.10 -7.07
CA ILE A 108 -3.61 11.59 -5.68
C ILE A 108 -3.34 13.09 -5.58
N SER A 109 -2.41 13.57 -6.40
CA SER A 109 -2.10 15.01 -6.49
C SER A 109 -3.29 15.81 -7.06
N ARG A 110 -4.22 15.10 -7.71
CA ARG A 110 -5.50 15.68 -8.19
C ARG A 110 -6.50 15.81 -7.03
N TYR A 111 -6.57 14.75 -6.21
CA TYR A 111 -7.41 14.75 -5.00
C TYR A 111 -6.70 15.45 -3.83
N LYS A 112 -5.45 15.85 -4.08
CA LYS A 112 -4.64 16.58 -3.10
C LYS A 112 -4.94 18.10 -3.22
N ASP A 113 -5.27 18.53 -4.44
CA ASP A 113 -5.69 19.89 -4.72
C ASP A 113 -7.22 20.02 -4.74
N ALA A 114 -7.90 18.88 -4.99
CA ALA A 114 -9.35 18.84 -5.06
C ALA A 114 -9.91 17.73 -4.16
N ASP A 115 -9.87 17.98 -2.85
CA ASP A 115 -10.40 17.07 -1.85
C ASP A 115 -11.77 17.56 -1.33
N GLY B 1 7.85 -24.23 25.98
CA GLY B 1 8.05 -23.18 24.93
C GLY B 1 7.12 -23.34 23.75
N SER B 2 7.67 -23.83 22.63
CA SER B 2 6.89 -24.04 21.40
C SER B 2 6.72 -25.54 21.12
N PRO B 3 5.44 -26.04 20.94
CA PRO B 3 5.18 -27.47 20.68
C PRO B 3 5.53 -27.91 19.25
N GLY B 4 5.59 -26.95 18.32
CA GLY B 4 5.90 -27.26 16.93
C GLY B 4 4.89 -26.67 15.95
N TYR B 5 3.63 -26.52 16.41
CA TYR B 5 2.51 -25.98 15.60
C TYR B 5 2.25 -26.84 14.33
N PRO B 6 1.39 -27.90 14.42
CA PRO B 6 1.04 -28.74 13.25
C PRO B 6 0.18 -28.01 12.21
N ASN B 7 -0.79 -27.22 12.71
CA ASN B 7 -1.68 -26.45 11.84
C ASN B 7 -1.76 -24.98 12.27
N GLY B 8 -1.65 -24.08 11.29
CA GLY B 8 -1.70 -22.65 11.57
C GLY B 8 -0.38 -21.96 11.26
N LEU B 9 -0.43 -20.96 10.36
CA LEU B 9 0.76 -20.19 9.89
C LEU B 9 1.79 -21.12 9.21
N LEU B 10 1.96 -20.91 7.92
CA LEU B 10 2.98 -21.64 7.15
C LEU B 10 3.88 -20.64 6.41
N SER B 11 3.56 -19.35 6.57
CA SER B 11 4.27 -18.26 5.88
C SER B 11 4.13 -16.95 6.68
N GLY B 12 2.89 -16.45 6.81
CA GLY B 12 2.63 -15.24 7.58
C GLY B 12 2.87 -13.98 6.77
N ASP B 13 1.82 -13.52 6.10
CA ASP B 13 1.91 -12.33 5.24
C ASP B 13 0.86 -11.28 5.63
N GLU B 14 -0.03 -11.67 6.54
CA GLU B 14 -1.11 -10.82 7.01
C GLU B 14 -0.85 -10.31 8.43
N ASP B 15 0.19 -10.85 9.03
CA ASP B 15 0.57 -10.51 10.41
C ASP B 15 1.96 -9.85 10.45
N PHE B 16 2.80 -10.15 9.44
CA PHE B 16 4.18 -9.67 9.40
C PHE B 16 4.32 -8.38 8.58
N SER B 17 3.21 -7.92 7.99
CA SER B 17 3.20 -6.63 7.27
C SER B 17 3.02 -5.44 8.22
N SER B 18 2.84 -5.75 9.51
CA SER B 18 2.79 -4.73 10.57
C SER B 18 4.21 -4.40 11.05
N ILE B 19 5.09 -5.41 11.02
CA ILE B 19 6.51 -5.23 11.33
C ILE B 19 7.32 -4.95 10.05
N ALA B 20 6.75 -5.30 8.89
CA ALA B 20 7.40 -5.02 7.61
C ALA B 20 7.12 -3.58 7.15
N ASP B 21 6.47 -2.82 8.02
CA ASP B 21 6.28 -1.38 7.87
C ASP B 21 7.46 -0.65 8.51
N MET B 22 8.07 -1.31 9.50
CA MET B 22 9.34 -0.89 10.10
C MET B 22 10.52 -1.23 9.18
N ASP B 23 10.27 -2.21 8.28
CA ASP B 23 11.24 -2.64 7.28
C ASP B 23 11.42 -1.60 6.16
N PHE B 24 10.33 -0.91 5.79
CA PHE B 24 10.35 0.02 4.66
C PHE B 24 10.86 1.41 5.05
N SER B 25 10.83 1.73 6.36
CA SER B 25 11.24 3.05 6.86
C SER B 25 12.77 3.21 6.87
N ALA B 26 13.48 2.08 6.79
CA ALA B 26 14.95 2.09 6.76
C ALA B 26 15.50 2.14 5.33
N LEU B 27 14.68 1.72 4.36
CA LEU B 27 15.08 1.65 2.94
C LEU B 27 14.89 2.98 2.21
N LEU B 28 13.86 3.74 2.62
CA LEU B 28 13.51 4.99 1.94
C LEU B 28 14.25 6.18 2.56
N SER B 29 14.81 5.94 3.76
CA SER B 29 15.67 6.92 4.43
C SER B 29 17.15 6.47 4.38
N GLN B 30 17.57 5.98 3.20
CA GLN B 30 18.93 5.49 2.99
C GLN B 30 19.91 6.61 2.62
N ILE B 31 19.41 7.86 2.63
CA ILE B 31 20.23 9.03 2.30
C ILE B 31 20.66 9.78 3.57
N SER B 32 21.98 9.79 3.82
CA SER B 32 22.54 10.46 4.99
C SER B 32 23.61 11.47 4.59
N SER B 33 23.62 12.62 5.28
CA SER B 33 24.57 13.69 5.01
C SER B 33 25.66 13.76 6.09
N PRO A 1 3.78 5.33 -20.47
CA PRO A 1 2.74 5.28 -19.43
C PRO A 1 1.98 3.95 -19.45
N SER A 2 1.91 3.30 -18.28
CA SER A 2 1.20 2.03 -18.14
C SER A 2 0.37 2.01 -16.86
N HIS A 3 -0.93 1.75 -17.03
CA HIS A 3 -1.87 1.63 -15.91
C HIS A 3 -1.91 0.20 -15.38
N SER A 4 -1.15 -0.70 -16.03
CA SER A 4 -1.15 -2.11 -15.69
C SER A 4 0.21 -2.76 -15.92
N GLY A 5 0.50 -3.79 -15.12
CA GLY A 5 1.75 -4.52 -15.24
C GLY A 5 1.65 -5.91 -14.62
N ALA A 6 2.39 -6.12 -13.53
CA ALA A 6 2.33 -7.37 -12.77
C ALA A 6 2.65 -7.12 -11.30
N ALA A 7 1.80 -7.62 -10.39
CA ALA A 7 1.96 -7.41 -8.95
C ALA A 7 1.50 -8.61 -8.13
N ILE A 8 2.09 -8.75 -6.93
CA ILE A 8 1.69 -9.79 -5.97
C ILE A 8 1.05 -9.12 -4.74
N PHE A 9 -0.02 -9.74 -4.23
CA PHE A 9 -0.77 -9.23 -3.08
C PHE A 9 -1.24 -10.40 -2.21
N GLU A 10 -0.79 -10.40 -0.95
CA GLU A 10 -1.10 -11.47 0.04
C GLU A 10 -0.59 -12.85 -0.42
N LYS A 11 0.65 -12.85 -0.97
CA LYS A 11 1.38 -14.07 -1.41
C LYS A 11 0.78 -14.73 -2.66
N VAL A 12 -0.39 -14.26 -3.10
CA VAL A 12 -1.01 -14.73 -4.34
C VAL A 12 -0.63 -13.77 -5.48
N SER A 13 0.05 -14.33 -6.51
CA SER A 13 0.58 -13.53 -7.61
C SER A 13 -0.50 -13.22 -8.65
N GLY A 14 -0.47 -11.98 -9.16
CA GLY A 14 -1.47 -11.53 -10.10
C GLY A 14 -0.99 -10.39 -10.96
N ILE A 15 -1.95 -9.62 -11.47
CA ILE A 15 -1.68 -8.47 -12.34
C ILE A 15 -2.40 -7.23 -11.77
N ILE A 16 -1.72 -6.07 -11.83
CA ILE A 16 -2.26 -4.81 -11.30
C ILE A 16 -2.77 -3.93 -12.45
N ALA A 17 -3.95 -3.32 -12.25
CA ALA A 17 -4.56 -2.43 -13.24
C ALA A 17 -5.13 -1.18 -12.57
N ILE A 18 -5.08 -0.04 -13.28
CA ILE A 18 -5.63 1.22 -12.75
C ILE A 18 -6.96 1.56 -13.43
N ASN A 19 -7.94 1.91 -12.59
CA ASN A 19 -9.27 2.31 -13.02
C ASN A 19 -9.41 3.84 -13.04
N GLU A 20 -9.38 4.41 -14.24
CA GLU A 20 -9.65 5.84 -14.46
C GLU A 20 -10.82 5.99 -15.45
N ASP A 21 -11.37 7.22 -15.58
CA ASP A 21 -12.62 7.50 -16.35
C ASP A 21 -13.86 6.99 -15.60
N VAL A 22 -13.60 6.44 -14.41
CA VAL A 22 -14.61 5.90 -13.51
C VAL A 22 -14.88 6.87 -12.36
N SER A 23 -15.66 6.44 -11.37
CA SER A 23 -15.86 7.21 -10.14
C SER A 23 -14.54 7.06 -9.35
N PRO A 24 -14.24 7.89 -8.29
CA PRO A 24 -12.85 8.34 -8.06
C PRO A 24 -11.82 7.23 -8.28
N ALA A 25 -10.80 7.57 -9.09
CA ALA A 25 -9.88 6.58 -9.70
C ALA A 25 -9.27 5.65 -8.68
N GLU A 26 -9.17 4.40 -9.11
CA GLU A 26 -8.83 3.30 -8.23
C GLU A 26 -7.62 2.53 -8.76
N LEU A 27 -7.11 1.61 -7.95
CA LEU A 27 -6.15 0.61 -8.39
C LEU A 27 -6.71 -0.78 -8.08
N THR A 28 -6.84 -1.60 -9.12
CA THR A 28 -7.46 -2.91 -9.00
C THR A 28 -6.43 -4.02 -9.26
N TRP A 29 -6.05 -4.72 -8.19
CA TRP A 29 -5.24 -5.92 -8.31
C TRP A 29 -6.14 -7.12 -8.57
N ARG A 30 -5.74 -7.93 -9.53
CA ARG A 30 -6.39 -9.20 -9.79
C ARG A 30 -5.36 -10.32 -9.74
N SER A 31 -5.82 -11.52 -9.39
CA SER A 31 -4.99 -12.73 -9.43
C SER A 31 -4.67 -13.10 -10.89
N THR A 32 -3.63 -13.90 -11.13
CA THR A 32 -3.18 -14.21 -12.52
C THR A 32 -4.34 -14.70 -13.43
N ASP A 33 -5.35 -15.34 -12.82
CA ASP A 33 -6.55 -15.77 -13.53
C ASP A 33 -7.69 -14.75 -13.38
N GLY A 34 -7.65 -14.00 -12.26
CA GLY A 34 -8.64 -12.96 -11.98
C GLY A 34 -9.80 -13.45 -11.12
N ASP A 35 -9.60 -14.61 -10.47
CA ASP A 35 -10.57 -15.15 -9.51
C ASP A 35 -10.54 -14.35 -8.20
N LYS A 36 -9.37 -13.80 -7.88
CA LYS A 36 -9.20 -12.91 -6.74
C LYS A 36 -9.04 -11.47 -7.24
N VAL A 37 -9.66 -10.51 -6.57
CA VAL A 37 -9.61 -9.10 -6.98
C VAL A 37 -9.70 -8.14 -5.78
N HIS A 38 -8.74 -7.20 -5.72
CA HIS A 38 -8.71 -6.16 -4.68
C HIS A 38 -8.71 -4.76 -5.33
N THR A 39 -9.33 -3.78 -4.65
CA THR A 39 -9.45 -2.43 -5.20
C THR A 39 -8.98 -1.36 -4.20
N VAL A 40 -8.32 -0.32 -4.75
CA VAL A 40 -7.80 0.82 -3.98
C VAL A 40 -8.27 2.14 -4.62
N VAL A 41 -9.20 2.83 -3.97
CA VAL A 41 -9.64 4.15 -4.44
C VAL A 41 -8.65 5.20 -3.94
N LEU A 42 -8.04 5.94 -4.87
CA LEU A 42 -6.94 6.87 -4.54
C LEU A 42 -7.40 8.15 -3.84
N SER A 43 -8.68 8.53 -4.01
CA SER A 43 -9.24 9.74 -3.37
C SER A 43 -9.27 9.60 -1.84
N THR A 44 -9.05 8.37 -1.36
CA THR A 44 -8.92 8.08 0.06
C THR A 44 -7.49 7.57 0.39
N ILE A 45 -6.56 7.80 -0.55
CA ILE A 45 -5.13 7.48 -0.38
C ILE A 45 -4.34 8.79 -0.27
N ASP A 46 -3.35 8.79 0.65
CA ASP A 46 -2.55 10.00 0.92
C ASP A 46 -1.13 9.88 0.33
N LYS A 47 -0.45 8.74 0.57
CA LYS A 47 0.93 8.55 0.08
C LYS A 47 1.10 7.17 -0.57
N LEU A 48 2.31 6.96 -1.11
CA LEU A 48 2.70 5.69 -1.76
C LEU A 48 4.22 5.51 -1.60
N GLN A 49 4.65 4.35 -1.08
CA GLN A 49 6.08 4.10 -0.84
C GLN A 49 6.54 2.82 -1.55
N ALA A 50 7.46 2.98 -2.52
CA ALA A 50 7.97 1.85 -3.31
C ALA A 50 9.44 1.54 -3.00
N THR A 51 9.81 0.25 -3.13
CA THR A 51 11.18 -0.24 -2.84
C THR A 51 12.20 0.29 -3.88
N PRO A 52 13.26 1.04 -3.45
CA PRO A 52 14.32 1.53 -4.37
C PRO A 52 14.99 0.41 -5.17
N ALA A 53 15.70 0.80 -6.25
CA ALA A 53 16.43 -0.14 -7.11
C ALA A 53 17.69 -0.70 -6.41
N SER A 54 18.04 -0.09 -5.28
CA SER A 54 19.14 -0.57 -4.44
C SER A 54 18.63 -1.48 -3.31
N SER A 55 17.32 -1.41 -3.06
CA SER A 55 16.66 -2.21 -2.01
C SER A 55 16.57 -3.69 -2.39
N GLU A 56 16.81 -4.53 -1.37
CA GLU A 56 16.67 -6.00 -1.46
C GLU A 56 15.27 -6.42 -1.88
N LYS A 57 14.34 -5.53 -1.62
CA LYS A 57 12.92 -5.81 -1.73
C LYS A 57 12.31 -5.37 -3.05
N MET A 58 11.24 -6.07 -3.42
CA MET A 58 10.39 -5.66 -4.54
C MET A 58 8.95 -5.53 -4.05
N MET A 59 8.55 -4.28 -3.77
CA MET A 59 7.25 -3.98 -3.17
C MET A 59 6.80 -2.55 -3.50
N LEU A 60 5.49 -2.33 -3.44
CA LEU A 60 4.89 -1.01 -3.65
C LEU A 60 3.80 -0.79 -2.60
N ARG A 61 3.98 0.24 -1.77
CA ARG A 61 3.05 0.51 -0.66
C ARG A 61 2.09 1.65 -0.99
N LEU A 62 0.88 1.53 -0.47
CA LEU A 62 -0.19 2.52 -0.67
C LEU A 62 -0.77 2.93 0.69
N ILE A 63 -0.47 4.17 1.11
CA ILE A 63 -0.85 4.68 2.44
C ILE A 63 -2.23 5.36 2.37
N GLY A 64 -3.05 5.15 3.40
CA GLY A 64 -4.44 5.62 3.40
C GLY A 64 -4.64 6.99 4.04
N LYS A 65 -5.73 7.66 3.65
CA LYS A 65 -6.10 8.97 4.19
C LYS A 65 -6.85 8.85 5.50
N VAL A 66 -6.20 9.30 6.57
CA VAL A 66 -6.75 9.23 7.92
C VAL A 66 -6.80 10.61 8.57
N ASP A 67 -7.86 10.82 9.36
CA ASP A 67 -8.03 12.03 10.17
C ASP A 67 -7.69 11.68 11.63
N GLU A 68 -6.54 12.17 12.10
CA GLU A 68 -6.04 11.83 13.44
C GLU A 68 -6.60 12.74 14.55
N SER A 69 -7.42 13.73 14.16
CA SER A 69 -8.06 14.64 15.14
C SER A 69 -9.34 14.00 15.74
N LYS A 70 -9.62 12.75 15.34
CA LYS A 70 -10.75 11.99 15.86
C LYS A 70 -10.29 10.98 16.95
N LYS A 71 -9.27 11.40 17.70
CA LYS A 71 -8.65 10.57 18.77
C LYS A 71 -9.71 9.91 19.67
N ARG A 72 -9.73 8.57 19.65
CA ARG A 72 -10.76 7.79 20.31
C ARG A 72 -10.23 7.21 21.63
N LYS A 73 -11.15 6.93 22.56
CA LYS A 73 -10.82 6.30 23.85
C LYS A 73 -11.68 5.06 24.06
N ASP A 74 -11.06 4.04 24.67
CA ASP A 74 -11.73 2.74 24.89
C ASP A 74 -12.58 2.75 26.18
N ASN A 75 -13.04 1.56 26.61
CA ASN A 75 -13.95 1.42 27.77
C ASN A 75 -13.36 2.01 29.07
N GLU A 76 -12.04 1.98 29.21
CA GLU A 76 -11.37 2.42 30.44
C GLU A 76 -10.99 3.90 30.39
N GLY A 77 -10.86 4.45 29.16
CA GLY A 77 -10.54 5.86 28.99
C GLY A 77 -9.10 6.08 28.55
N ASN A 78 -8.49 5.06 27.93
CA ASN A 78 -7.14 5.16 27.37
C ASN A 78 -7.22 5.57 25.91
N GLU A 79 -6.22 6.35 25.45
CA GLU A 79 -6.22 6.90 24.10
C GLU A 79 -5.93 5.82 23.06
N VAL A 80 -6.94 5.54 22.23
CA VAL A 80 -6.81 4.58 21.13
C VAL A 80 -6.96 5.33 19.81
N VAL A 81 -5.82 5.60 19.17
CA VAL A 81 -5.80 6.45 17.99
C VAL A 81 -5.85 5.60 16.69
N PRO A 82 -6.87 5.85 15.81
CA PRO A 82 -7.02 5.14 14.52
C PRO A 82 -5.87 5.42 13.55
N LYS A 83 -5.24 4.33 13.11
CA LYS A 83 -4.05 4.40 12.26
C LYS A 83 -4.38 4.26 10.76
N PRO A 84 -3.55 4.86 9.83
CA PRO A 84 -3.74 4.69 8.38
C PRO A 84 -3.32 3.32 7.86
N GLN A 85 -4.03 2.87 6.83
CA GLN A 85 -3.79 1.56 6.21
C GLN A 85 -2.81 1.68 5.05
N ARG A 86 -1.84 0.76 5.02
CA ARG A 86 -0.80 0.75 3.99
C ARG A 86 -0.90 -0.54 3.17
N HIS A 87 -1.24 -0.39 1.87
CA HIS A 87 -1.43 -1.54 0.98
C HIS A 87 -0.17 -1.82 0.16
N MET A 88 0.47 -2.96 0.44
CA MET A 88 1.75 -3.32 -0.20
C MET A 88 1.53 -4.34 -1.33
N PHE A 89 2.31 -4.17 -2.41
CA PHE A 89 2.25 -5.07 -3.57
C PHE A 89 3.67 -5.44 -4.00
N SER A 90 3.95 -6.73 -4.17
CA SER A 90 5.28 -7.20 -4.60
C SER A 90 5.43 -7.13 -6.12
N PHE A 91 6.64 -6.78 -6.57
CA PHE A 91 6.92 -6.53 -7.98
C PHE A 91 8.13 -7.35 -8.46
N ASN A 92 8.42 -7.25 -9.77
CA ASN A 92 9.54 -7.96 -10.38
C ASN A 92 10.50 -7.01 -11.11
N ASN A 93 10.03 -5.78 -11.39
CA ASN A 93 10.85 -4.77 -12.10
C ASN A 93 10.50 -3.37 -11.62
N ARG A 94 11.54 -2.58 -11.28
CA ARG A 94 11.39 -1.18 -10.83
C ARG A 94 10.78 -0.27 -11.90
N THR A 95 10.82 -0.72 -13.17
CA THR A 95 10.28 0.06 -14.30
C THR A 95 8.74 0.02 -14.35
N VAL A 96 8.15 -1.04 -13.78
CA VAL A 96 6.68 -1.14 -13.67
C VAL A 96 6.21 -0.36 -12.44
N MET A 97 6.65 -0.80 -11.25
CA MET A 97 6.31 -0.16 -9.95
C MET A 97 6.46 1.38 -9.96
N ASP A 98 7.40 1.88 -10.78
CA ASP A 98 7.58 3.33 -10.95
C ASP A 98 6.51 3.92 -11.89
N ASN A 99 6.13 3.13 -12.91
CA ASN A 99 5.11 3.53 -13.88
C ASN A 99 3.69 3.42 -13.31
N ILE A 100 3.47 2.46 -12.39
CA ILE A 100 2.20 2.35 -11.66
C ILE A 100 2.11 3.49 -10.62
N LYS A 101 3.16 3.61 -9.79
CA LYS A 101 3.31 4.72 -8.81
C LYS A 101 3.16 6.09 -9.48
N MET A 102 3.78 6.25 -10.67
CA MET A 102 3.71 7.49 -11.45
C MET A 102 2.26 7.92 -11.71
N THR A 103 1.44 7.00 -12.26
CA THR A 103 0.01 7.26 -12.49
C THR A 103 -0.69 7.57 -11.16
N LEU A 104 -0.60 6.63 -10.18
CA LEU A 104 -1.15 6.79 -8.83
C LEU A 104 -0.84 8.19 -8.27
N GLN A 105 0.46 8.49 -8.21
CA GLN A 105 0.99 9.80 -7.75
C GLN A 105 0.34 11.00 -8.44
N GLN A 106 -0.05 10.81 -9.70
CA GLN A 106 -0.70 11.85 -10.51
C GLN A 106 -2.21 11.91 -10.22
N ILE A 107 -2.74 10.81 -9.68
CA ILE A 107 -4.16 10.69 -9.29
C ILE A 107 -4.43 11.30 -7.88
N ILE A 108 -3.57 10.99 -6.90
CA ILE A 108 -3.78 11.46 -5.51
C ILE A 108 -3.70 12.99 -5.42
N SER A 109 -2.76 13.57 -6.17
CA SER A 109 -2.60 15.04 -6.20
C SER A 109 -3.74 15.75 -6.93
N ARG A 110 -4.55 14.99 -7.69
CA ARG A 110 -5.84 15.49 -8.20
C ARG A 110 -6.82 15.67 -7.03
N TYR A 111 -6.68 14.79 -6.02
CA TYR A 111 -7.48 14.86 -4.79
C TYR A 111 -6.78 15.70 -3.69
N LYS A 112 -5.54 16.15 -3.98
CA LYS A 112 -4.80 17.07 -3.10
C LYS A 112 -5.23 18.52 -3.34
N ASP A 113 -5.53 18.81 -4.61
CA ASP A 113 -6.01 20.13 -5.04
C ASP A 113 -7.53 20.24 -4.90
N ALA A 114 -8.24 19.12 -5.17
CA ALA A 114 -9.71 19.03 -5.07
C ALA A 114 -10.43 20.15 -5.84
N ASP A 115 -10.60 19.92 -7.16
CA ASP A 115 -11.24 20.85 -8.10
C ASP A 115 -10.80 22.32 -7.90
N GLY B 1 8.63 15.53 12.77
CA GLY B 1 8.00 16.81 13.19
C GLY B 1 8.08 17.03 14.68
N SER B 2 6.99 16.71 15.40
CA SER B 2 6.93 16.84 16.85
C SER B 2 7.13 15.48 17.54
N PRO B 3 8.31 15.23 18.23
CA PRO B 3 8.56 13.97 18.97
C PRO B 3 7.54 13.69 20.08
N GLY B 4 7.17 12.41 20.21
CA GLY B 4 6.22 12.00 21.23
C GLY B 4 5.06 11.19 20.64
N TYR B 5 5.33 9.91 20.38
CA TYR B 5 4.33 9.01 19.79
C TYR B 5 3.96 7.89 20.78
N PRO B 6 2.70 7.86 21.33
CA PRO B 6 2.24 6.78 22.25
C PRO B 6 2.20 5.41 21.56
N ASN B 7 2.53 4.36 22.33
CA ASN B 7 2.55 2.99 21.82
C ASN B 7 1.43 2.16 22.47
N GLY B 8 0.73 1.38 21.64
CA GLY B 8 -0.35 0.53 22.11
C GLY B 8 -0.26 -0.89 21.59
N LEU B 9 -0.09 -1.01 20.26
CA LEU B 9 0.04 -2.31 19.60
C LEU B 9 1.49 -2.53 19.15
N LEU B 10 2.07 -3.63 19.63
CA LEU B 10 3.44 -4.01 19.25
C LEU B 10 3.46 -5.44 18.70
N SER B 11 2.44 -6.21 19.07
CA SER B 11 2.24 -7.58 18.60
C SER B 11 0.74 -7.91 18.61
N GLY B 12 -0.03 -7.17 17.80
CA GLY B 12 -1.48 -7.32 17.78
C GLY B 12 -1.96 -8.11 16.57
N ASP B 13 -2.35 -7.39 15.51
CA ASP B 13 -2.88 -8.01 14.29
C ASP B 13 -2.24 -7.42 13.03
N GLU B 14 -1.67 -6.23 13.18
CA GLU B 14 -1.02 -5.51 12.09
C GLU B 14 0.51 -5.67 12.11
N ASP B 15 0.96 -6.66 12.88
CA ASP B 15 2.38 -6.91 13.12
C ASP B 15 3.12 -7.48 11.87
N PHE B 16 2.44 -7.49 10.71
CA PHE B 16 3.04 -7.99 9.47
C PHE B 16 3.55 -6.84 8.60
N SER B 17 2.76 -5.78 8.50
CA SER B 17 3.12 -4.58 7.76
C SER B 17 3.60 -3.46 8.69
N SER B 18 3.54 -3.71 10.01
CA SER B 18 4.06 -2.78 11.02
C SER B 18 5.53 -3.07 11.32
N ILE B 19 5.91 -4.35 11.21
CA ILE B 19 7.31 -4.77 11.32
C ILE B 19 8.02 -4.63 9.98
N ALA B 20 7.25 -4.73 8.90
CA ALA B 20 7.75 -4.46 7.56
C ALA B 20 7.61 -2.97 7.22
N ASP B 21 7.21 -2.20 8.24
CA ASP B 21 7.17 -0.74 8.18
C ASP B 21 8.51 -0.18 8.65
N MET B 22 9.15 -0.93 9.58
CA MET B 22 10.52 -0.65 10.01
C MET B 22 11.54 -1.03 8.93
N ASP B 23 11.09 -1.90 8.01
CA ASP B 23 11.87 -2.34 6.88
C ASP B 23 11.93 -1.30 5.76
N PHE B 24 10.83 -0.57 5.57
CA PHE B 24 10.66 0.34 4.43
C PHE B 24 11.27 1.73 4.68
N SER B 25 11.35 2.13 5.95
CA SER B 25 11.83 3.48 6.32
C SER B 25 13.36 3.59 6.27
N ALA B 26 14.05 2.43 6.30
CA ALA B 26 15.51 2.39 6.21
C ALA B 26 15.99 2.25 4.76
N LEU B 27 15.06 1.93 3.84
CA LEU B 27 15.38 1.72 2.44
C LEU B 27 15.35 3.02 1.62
N LEU B 28 14.45 3.95 1.99
CA LEU B 28 14.29 5.22 1.26
C LEU B 28 15.32 6.25 1.72
N SER B 29 15.80 6.06 2.96
CA SER B 29 16.85 6.92 3.53
C SER B 29 18.23 6.27 3.35
N GLN B 30 18.36 5.00 3.79
CA GLN B 30 19.61 4.21 3.68
C GLN B 30 20.84 4.95 4.24
N ILE B 31 21.13 4.69 5.53
CA ILE B 31 22.30 5.27 6.25
C ILE B 31 22.24 6.82 6.24
N SER B 32 21.39 7.38 7.12
CA SER B 32 21.19 8.84 7.27
C SER B 32 20.67 9.53 5.99
N SER B 33 21.55 9.67 4.99
CA SER B 33 21.18 10.30 3.71
C SER B 33 21.67 9.46 2.54
N PRO A 1 -0.24 5.93 -19.30
CA PRO A 1 0.50 5.27 -20.42
C PRO A 1 0.52 3.75 -20.27
N SER A 2 0.65 3.27 -19.03
CA SER A 2 0.68 1.84 -18.75
C SER A 2 -0.51 1.40 -17.89
N HIS A 3 -0.59 1.96 -16.65
CA HIS A 3 -1.69 1.69 -15.68
C HIS A 3 -1.70 0.25 -15.15
N SER A 4 -1.22 -0.70 -15.97
CA SER A 4 -1.25 -2.11 -15.62
C SER A 4 0.10 -2.78 -15.86
N GLY A 5 0.44 -3.74 -14.99
CA GLY A 5 1.67 -4.48 -15.11
C GLY A 5 1.54 -5.87 -14.50
N ALA A 6 2.36 -6.13 -13.47
CA ALA A 6 2.31 -7.39 -12.72
C ALA A 6 2.64 -7.14 -11.25
N ALA A 7 1.76 -7.61 -10.35
CA ALA A 7 1.94 -7.38 -8.91
C ALA A 7 1.47 -8.59 -8.07
N ILE A 8 2.05 -8.70 -6.86
CA ILE A 8 1.66 -9.74 -5.89
C ILE A 8 1.00 -9.08 -4.68
N PHE A 9 -0.06 -9.72 -4.16
CA PHE A 9 -0.81 -9.21 -3.01
C PHE A 9 -1.27 -10.37 -2.14
N GLU A 10 -0.76 -10.40 -0.90
CA GLU A 10 -1.07 -11.47 0.09
C GLU A 10 -0.54 -12.84 -0.37
N LYS A 11 0.69 -12.83 -0.92
CA LYS A 11 1.43 -14.04 -1.35
C LYS A 11 0.86 -14.71 -2.61
N VAL A 12 -0.32 -14.24 -3.06
CA VAL A 12 -0.91 -14.70 -4.33
C VAL A 12 -0.50 -13.73 -5.45
N SER A 13 0.15 -14.28 -6.48
CA SER A 13 0.67 -13.47 -7.58
C SER A 13 -0.42 -13.16 -8.60
N GLY A 14 -0.43 -11.92 -9.07
CA GLY A 14 -1.46 -11.46 -9.98
C GLY A 14 -1.00 -10.34 -10.88
N ILE A 15 -1.98 -9.59 -11.39
CA ILE A 15 -1.75 -8.46 -12.28
C ILE A 15 -2.45 -7.21 -11.74
N ILE A 16 -1.75 -6.07 -11.78
CA ILE A 16 -2.29 -4.81 -11.27
C ILE A 16 -2.81 -3.93 -12.42
N ALA A 17 -3.98 -3.34 -12.23
CA ALA A 17 -4.60 -2.43 -13.21
C ALA A 17 -5.19 -1.20 -12.54
N ILE A 18 -4.99 -0.02 -13.16
CA ILE A 18 -5.55 1.23 -12.64
C ILE A 18 -6.88 1.56 -13.36
N ASN A 19 -7.88 1.89 -12.56
CA ASN A 19 -9.20 2.27 -13.03
C ASN A 19 -9.37 3.80 -13.06
N GLU A 20 -9.30 4.38 -14.26
CA GLU A 20 -9.58 5.80 -14.49
C GLU A 20 -10.72 5.94 -15.49
N ASP A 21 -11.28 7.18 -15.63
CA ASP A 21 -12.52 7.44 -16.44
C ASP A 21 -13.76 6.92 -15.71
N VAL A 22 -13.53 6.37 -14.52
CA VAL A 22 -14.55 5.82 -13.64
C VAL A 22 -14.89 6.79 -12.50
N SER A 23 -15.71 6.34 -11.54
CA SER A 23 -15.95 7.11 -10.31
C SER A 23 -14.66 6.96 -9.48
N PRO A 24 -14.35 7.79 -8.42
CA PRO A 24 -12.96 8.25 -8.18
C PRO A 24 -11.92 7.17 -8.39
N ALA A 25 -10.89 7.53 -9.19
CA ALA A 25 -9.94 6.57 -9.77
C ALA A 25 -9.31 5.66 -8.75
N GLU A 26 -9.19 4.41 -9.17
CA GLU A 26 -8.86 3.32 -8.28
C GLU A 26 -7.61 2.56 -8.76
N LEU A 27 -7.14 1.64 -7.91
CA LEU A 27 -6.04 0.73 -8.24
C LEU A 27 -6.51 -0.70 -7.95
N THR A 28 -6.72 -1.47 -9.01
CA THR A 28 -7.30 -2.80 -8.89
C THR A 28 -6.25 -3.89 -9.12
N TRP A 29 -5.92 -4.61 -8.04
CA TRP A 29 -5.11 -5.83 -8.15
C TRP A 29 -6.02 -7.01 -8.44
N ARG A 30 -5.57 -7.84 -9.36
CA ARG A 30 -6.29 -9.04 -9.76
C ARG A 30 -5.34 -10.23 -9.74
N SER A 31 -5.90 -11.44 -9.68
CA SER A 31 -5.09 -12.66 -9.68
C SER A 31 -4.61 -12.97 -11.11
N THR A 32 -3.62 -13.85 -11.27
CA THR A 32 -3.07 -14.16 -12.62
C THR A 32 -4.16 -14.62 -13.60
N ASP A 33 -5.19 -15.28 -13.08
CA ASP A 33 -6.40 -15.62 -13.85
C ASP A 33 -7.50 -14.58 -13.60
N GLY A 34 -7.51 -14.03 -12.39
CA GLY A 34 -8.44 -12.96 -12.00
C GLY A 34 -9.56 -13.43 -11.10
N ASP A 35 -9.39 -14.60 -10.47
CA ASP A 35 -10.35 -15.14 -9.50
C ASP A 35 -10.35 -14.32 -8.21
N LYS A 36 -9.22 -13.65 -7.94
CA LYS A 36 -9.08 -12.75 -6.80
C LYS A 36 -8.92 -11.32 -7.29
N VAL A 37 -9.56 -10.36 -6.61
CA VAL A 37 -9.55 -8.95 -7.04
C VAL A 37 -9.65 -8.00 -5.82
N HIS A 38 -8.72 -7.03 -5.77
CA HIS A 38 -8.67 -6.01 -4.71
C HIS A 38 -8.66 -4.62 -5.35
N THR A 39 -9.31 -3.64 -4.70
CA THR A 39 -9.45 -2.29 -5.27
C THR A 39 -9.03 -1.20 -4.27
N VAL A 40 -8.14 -0.30 -4.74
CA VAL A 40 -7.67 0.85 -3.97
C VAL A 40 -8.17 2.16 -4.63
N VAL A 41 -9.15 2.83 -3.99
CA VAL A 41 -9.63 4.13 -4.48
C VAL A 41 -8.68 5.23 -3.99
N LEU A 42 -8.09 5.98 -4.93
CA LEU A 42 -7.01 6.92 -4.59
C LEU A 42 -7.49 8.19 -3.87
N SER A 43 -8.78 8.55 -4.03
CA SER A 43 -9.37 9.67 -3.28
C SER A 43 -9.46 9.34 -1.78
N THR A 44 -9.05 8.11 -1.44
CA THR A 44 -9.00 7.63 -0.06
C THR A 44 -7.54 7.34 0.35
N ILE A 45 -6.61 7.66 -0.57
CA ILE A 45 -5.17 7.41 -0.39
C ILE A 45 -4.44 8.76 -0.27
N ASP A 46 -3.41 8.80 0.59
CA ASP A 46 -2.64 10.01 0.85
C ASP A 46 -1.20 9.89 0.32
N LYS A 47 -0.56 8.73 0.55
CA LYS A 47 0.83 8.51 0.16
C LYS A 47 1.05 7.17 -0.56
N LEU A 48 2.27 7.01 -1.13
CA LEU A 48 2.68 5.78 -1.83
C LEU A 48 4.20 5.62 -1.70
N GLN A 49 4.68 4.41 -1.34
CA GLN A 49 6.12 4.18 -1.14
C GLN A 49 6.56 2.87 -1.80
N ALA A 50 7.52 2.96 -2.74
CA ALA A 50 8.01 1.79 -3.49
C ALA A 50 9.47 1.46 -3.14
N THR A 51 9.80 0.14 -3.18
CA THR A 51 11.17 -0.35 -2.91
C THR A 51 12.19 0.17 -3.95
N PRO A 52 13.28 0.88 -3.51
CA PRO A 52 14.36 1.34 -4.42
C PRO A 52 15.01 0.19 -5.22
N ALA A 53 15.75 0.56 -6.28
CA ALA A 53 16.48 -0.41 -7.12
C ALA A 53 17.73 -0.95 -6.42
N SER A 54 18.08 -0.34 -5.27
CA SER A 54 19.17 -0.81 -4.42
C SER A 54 18.62 -1.68 -3.28
N SER A 55 17.29 -1.69 -3.12
CA SER A 55 16.60 -2.48 -2.10
C SER A 55 16.47 -3.95 -2.49
N GLU A 56 16.71 -4.82 -1.50
CA GLU A 56 16.55 -6.28 -1.63
C GLU A 56 15.10 -6.66 -1.95
N LYS A 57 14.20 -5.78 -1.52
CA LYS A 57 12.78 -5.98 -1.61
C LYS A 57 12.21 -5.52 -2.95
N MET A 58 11.23 -6.26 -3.45
CA MET A 58 10.43 -5.84 -4.60
C MET A 58 8.99 -5.66 -4.16
N MET A 59 8.61 -4.40 -3.85
CA MET A 59 7.30 -4.08 -3.29
C MET A 59 6.89 -2.64 -3.57
N LEU A 60 5.57 -2.42 -3.56
CA LEU A 60 4.98 -1.10 -3.75
C LEU A 60 3.92 -0.86 -2.68
N ARG A 61 4.12 0.18 -1.86
CA ARG A 61 3.21 0.47 -0.76
C ARG A 61 2.24 1.62 -1.10
N LEU A 62 1.02 1.49 -0.56
CA LEU A 62 -0.05 2.47 -0.76
C LEU A 62 -0.60 2.92 0.60
N ILE A 63 -0.25 4.14 0.99
CA ILE A 63 -0.61 4.69 2.31
C ILE A 63 -2.01 5.33 2.26
N GLY A 64 -2.86 4.92 3.21
CA GLY A 64 -4.25 5.35 3.24
C GLY A 64 -4.48 6.67 3.97
N LYS A 65 -5.69 7.22 3.80
CA LYS A 65 -6.06 8.50 4.42
C LYS A 65 -6.64 8.32 5.82
N VAL A 66 -5.86 8.78 6.78
CA VAL A 66 -6.24 8.79 8.19
C VAL A 66 -6.19 10.21 8.75
N ASP A 67 -7.06 10.48 9.72
CA ASP A 67 -7.10 11.78 10.41
C ASP A 67 -6.15 11.77 11.60
N GLU A 68 -4.97 12.37 11.40
CA GLU A 68 -3.91 12.42 12.42
C GLU A 68 -4.10 13.59 13.40
N SER A 69 -5.13 14.41 13.15
CA SER A 69 -5.45 15.56 14.01
C SER A 69 -6.25 15.13 15.25
N LYS A 70 -6.91 13.96 15.17
CA LYS A 70 -7.68 13.42 16.28
C LYS A 70 -6.78 12.64 17.25
N LYS A 71 -6.89 12.97 18.52
CA LYS A 71 -6.11 12.34 19.59
C LYS A 71 -6.88 11.21 20.27
N ARG A 72 -6.29 10.01 20.26
CA ARG A 72 -6.82 8.88 21.01
C ARG A 72 -5.87 8.57 22.17
N LYS A 73 -6.42 8.19 23.32
CA LYS A 73 -5.62 7.85 24.50
C LYS A 73 -6.00 6.46 25.00
N ASP A 74 -4.98 5.73 25.49
CA ASP A 74 -5.16 4.35 25.95
C ASP A 74 -5.71 4.28 27.39
N ASN A 75 -5.72 3.09 28.00
CA ASN A 75 -6.29 2.87 29.35
C ASN A 75 -5.64 3.75 30.43
N GLU A 76 -4.35 4.08 30.26
CA GLU A 76 -3.60 4.83 31.27
C GLU A 76 -3.69 6.35 31.04
N GLY A 77 -3.98 6.75 29.79
CA GLY A 77 -4.12 8.15 29.45
C GLY A 77 -2.94 8.71 28.66
N ASN A 78 -2.14 7.80 28.08
CA ASN A 78 -1.03 8.19 27.21
C ASN A 78 -1.51 8.36 25.77
N GLU A 79 -0.90 9.29 25.04
CA GLU A 79 -1.33 9.65 23.69
C GLU A 79 -1.03 8.53 22.69
N VAL A 80 -2.09 8.01 22.07
CA VAL A 80 -1.97 7.05 20.98
C VAL A 80 -2.71 7.59 19.77
N VAL A 81 -1.95 8.18 18.85
CA VAL A 81 -2.53 8.85 17.69
C VAL A 81 -2.69 7.86 16.50
N PRO A 82 -3.94 7.71 15.93
CA PRO A 82 -4.25 6.69 14.91
C PRO A 82 -3.38 6.77 13.66
N LYS A 83 -2.81 5.63 13.29
CA LYS A 83 -1.88 5.50 12.19
C LYS A 83 -2.57 5.08 10.87
N PRO A 84 -2.15 5.66 9.69
CA PRO A 84 -2.70 5.26 8.38
C PRO A 84 -2.36 3.83 7.98
N GLN A 85 -3.24 3.24 7.15
CA GLN A 85 -3.08 1.86 6.66
C GLN A 85 -2.32 1.85 5.33
N ARG A 86 -1.38 0.91 5.23
CA ARG A 86 -0.45 0.86 4.07
C ARG A 86 -0.64 -0.45 3.29
N HIS A 87 -1.00 -0.32 2.01
CA HIS A 87 -1.25 -1.47 1.12
C HIS A 87 0.00 -1.80 0.28
N MET A 88 0.60 -2.95 0.53
CA MET A 88 1.84 -3.34 -0.17
C MET A 88 1.57 -4.35 -1.29
N PHE A 89 2.28 -4.17 -2.41
CA PHE A 89 2.22 -5.08 -3.56
C PHE A 89 3.64 -5.48 -3.97
N SER A 90 3.89 -6.78 -4.13
CA SER A 90 5.22 -7.25 -4.52
C SER A 90 5.38 -7.32 -6.05
N PHE A 91 6.57 -6.93 -6.51
CA PHE A 91 6.86 -6.74 -7.93
C PHE A 91 8.05 -7.58 -8.39
N ASN A 92 8.33 -7.53 -9.70
CA ASN A 92 9.49 -8.22 -10.29
C ASN A 92 10.41 -7.23 -11.02
N ASN A 93 9.90 -6.01 -11.30
CA ASN A 93 10.66 -4.98 -12.02
C ASN A 93 10.39 -3.59 -11.43
N ARG A 94 11.43 -2.74 -11.41
CA ARG A 94 11.35 -1.39 -10.83
C ARG A 94 10.72 -0.37 -11.80
N THR A 95 10.76 -0.67 -13.10
CA THR A 95 10.23 0.22 -14.13
C THR A 95 8.68 0.14 -14.20
N VAL A 96 8.11 -0.96 -13.68
CA VAL A 96 6.66 -1.09 -13.57
C VAL A 96 6.17 -0.27 -12.36
N MET A 97 6.62 -0.64 -11.14
CA MET A 97 6.24 0.07 -9.89
C MET A 97 6.37 1.59 -10.00
N ASP A 98 7.45 2.03 -10.68
CA ASP A 98 7.70 3.45 -10.94
C ASP A 98 6.74 4.04 -11.98
N ASN A 99 6.14 3.17 -12.81
CA ASN A 99 5.11 3.58 -13.77
C ASN A 99 3.70 3.53 -13.15
N ILE A 100 3.42 2.53 -12.30
CA ILE A 100 2.12 2.44 -11.58
C ILE A 100 2.03 3.60 -10.58
N LYS A 101 3.04 3.73 -9.71
CA LYS A 101 3.17 4.83 -8.73
C LYS A 101 3.05 6.20 -9.41
N MET A 102 3.71 6.35 -10.58
CA MET A 102 3.65 7.58 -11.39
C MET A 102 2.19 8.00 -11.67
N THR A 103 1.38 7.07 -12.22
CA THR A 103 -0.04 7.32 -12.47
C THR A 103 -0.76 7.64 -11.15
N LEU A 104 -0.69 6.71 -10.18
CA LEU A 104 -1.24 6.87 -8.82
C LEU A 104 -0.92 8.27 -8.26
N GLN A 105 0.38 8.57 -8.19
CA GLN A 105 0.90 9.87 -7.73
C GLN A 105 0.25 11.08 -8.44
N GLN A 106 -0.14 10.87 -9.70
CA GLN A 106 -0.78 11.92 -10.50
C GLN A 106 -2.30 11.97 -10.22
N ILE A 107 -2.84 10.87 -9.67
CA ILE A 107 -4.24 10.77 -9.28
C ILE A 107 -4.50 11.39 -7.88
N ILE A 108 -3.61 11.12 -6.90
CA ILE A 108 -3.78 11.62 -5.52
C ILE A 108 -3.58 13.14 -5.44
N SER A 109 -2.65 13.64 -6.25
CA SER A 109 -2.37 15.08 -6.35
C SER A 109 -3.59 15.87 -6.90
N ARG A 110 -4.51 15.13 -7.55
CA ARG A 110 -5.81 15.70 -7.99
C ARG A 110 -6.78 15.81 -6.81
N TYR A 111 -6.79 14.76 -5.98
CA TYR A 111 -7.58 14.71 -4.75
C TYR A 111 -6.89 15.45 -3.60
N LYS A 112 -5.67 15.93 -3.88
CA LYS A 112 -4.85 16.66 -2.92
C LYS A 112 -5.15 18.16 -3.01
N ASP A 113 -5.53 18.61 -4.21
CA ASP A 113 -5.93 19.99 -4.46
C ASP A 113 -7.44 20.19 -4.22
N ALA A 114 -8.24 19.14 -4.54
CA ALA A 114 -9.70 19.14 -4.34
C ALA A 114 -10.38 20.33 -5.03
N ASP A 115 -10.75 20.12 -6.29
CA ASP A 115 -11.42 21.14 -7.10
C ASP A 115 -12.90 20.80 -7.31
N GLY B 1 15.60 -17.83 8.36
CA GLY B 1 14.48 -16.86 8.27
C GLY B 1 13.88 -16.55 9.62
N SER B 2 14.12 -15.32 10.10
CA SER B 2 13.60 -14.88 11.40
C SER B 2 12.52 -13.78 11.21
N PRO B 3 11.28 -13.98 11.77
CA PRO B 3 10.20 -12.99 11.64
C PRO B 3 10.38 -11.73 12.50
N GLY B 4 11.15 -11.86 13.59
CA GLY B 4 11.41 -10.75 14.49
C GLY B 4 10.96 -11.02 15.91
N TYR B 5 9.64 -11.11 16.10
CA TYR B 5 9.06 -11.36 17.42
C TYR B 5 8.34 -12.73 17.44
N PRO B 6 8.79 -13.72 18.29
CA PRO B 6 8.11 -15.03 18.44
C PRO B 6 6.67 -14.91 18.94
N ASN B 7 5.78 -15.78 18.40
CA ASN B 7 4.33 -15.80 18.72
C ASN B 7 3.64 -14.49 18.31
N GLY B 8 2.70 -14.61 17.36
CA GLY B 8 1.96 -13.46 16.87
C GLY B 8 0.91 -13.83 15.84
N LEU B 9 -0.23 -14.33 16.32
CA LEU B 9 -1.35 -14.72 15.45
C LEU B 9 -2.62 -13.89 15.76
N LEU B 10 -2.42 -12.65 16.21
CA LEU B 10 -3.53 -11.75 16.54
C LEU B 10 -4.14 -11.14 15.25
N SER B 11 -3.59 -11.54 14.10
CA SER B 11 -4.08 -11.10 12.78
C SER B 11 -3.94 -12.24 11.76
N GLY B 12 -2.73 -12.80 11.65
CA GLY B 12 -2.51 -13.96 10.82
C GLY B 12 -1.85 -13.66 9.48
N ASP B 13 -2.31 -12.60 8.81
CA ASP B 13 -1.81 -12.24 7.47
C ASP B 13 -1.31 -10.80 7.40
N GLU B 14 -1.44 -10.09 8.52
CA GLU B 14 -1.03 -8.69 8.62
C GLU B 14 0.09 -8.51 9.66
N ASP B 15 0.67 -9.63 10.07
CA ASP B 15 1.71 -9.66 11.10
C ASP B 15 3.12 -9.44 10.51
N PHE B 16 3.29 -9.73 9.21
CA PHE B 16 4.59 -9.59 8.55
C PHE B 16 4.78 -8.22 7.89
N SER B 17 3.67 -7.49 7.73
CA SER B 17 3.70 -6.13 7.16
C SER B 17 3.93 -5.06 8.24
N SER B 18 3.98 -5.51 9.51
CA SER B 18 4.30 -4.62 10.63
C SER B 18 5.81 -4.51 10.85
N ILE B 19 6.51 -5.63 10.58
CA ILE B 19 7.98 -5.67 10.65
C ILE B 19 8.58 -5.31 9.30
N ALA B 20 7.84 -5.58 8.22
CA ALA B 20 8.27 -5.17 6.88
C ALA B 20 7.85 -3.72 6.58
N ASP B 21 7.35 -3.05 7.63
CA ASP B 21 7.00 -1.63 7.59
C ASP B 21 8.16 -0.79 8.17
N MET B 22 8.86 -1.37 9.14
CA MET B 22 10.12 -0.82 9.67
C MET B 22 11.25 -1.00 8.66
N ASP B 23 11.03 -1.91 7.71
CA ASP B 23 11.96 -2.20 6.63
C ASP B 23 11.97 -1.09 5.57
N PHE B 24 10.81 -0.45 5.35
CA PHE B 24 10.64 0.50 4.24
C PHE B 24 11.23 1.89 4.55
N SER B 25 11.36 2.23 5.83
CA SER B 25 11.86 3.55 6.25
C SER B 25 13.40 3.62 6.22
N ALA B 26 14.04 2.45 6.22
CA ALA B 26 15.50 2.35 6.15
C ALA B 26 16.00 2.26 4.71
N LEU B 27 15.09 1.87 3.79
CA LEU B 27 15.43 1.66 2.38
C LEU B 27 15.40 2.96 1.57
N LEU B 28 14.46 3.85 1.91
CA LEU B 28 14.32 5.14 1.19
C LEU B 28 15.30 6.16 1.76
N SER B 29 15.66 5.97 3.03
CA SER B 29 16.64 6.81 3.72
C SER B 29 18.04 6.14 3.73
N GLN B 30 18.41 5.57 2.58
CA GLN B 30 19.73 4.94 2.40
C GLN B 30 20.81 5.95 2.03
N ILE B 31 20.40 7.20 1.81
CA ILE B 31 21.27 8.28 1.43
C ILE B 31 21.61 9.14 2.67
N SER B 32 22.91 9.24 2.97
CA SER B 32 23.39 10.03 4.11
C SER B 32 24.07 11.31 3.64
N SER B 33 24.89 11.21 2.59
CA SER B 33 25.60 12.36 2.03
C SER B 33 25.19 12.62 0.58
N PRO A 1 4.34 5.36 -19.85
CA PRO A 1 3.35 5.24 -18.76
C PRO A 1 2.38 4.08 -19.01
N SER A 2 2.19 3.25 -17.98
CA SER A 2 1.28 2.11 -18.06
C SER A 2 0.40 2.04 -16.80
N HIS A 3 -0.89 1.81 -17.01
CA HIS A 3 -1.88 1.70 -15.93
C HIS A 3 -1.97 0.27 -15.39
N SER A 4 -1.21 -0.65 -16.01
CA SER A 4 -1.24 -2.07 -15.64
C SER A 4 0.12 -2.72 -15.83
N GLY A 5 0.40 -3.69 -14.97
CA GLY A 5 1.66 -4.41 -15.02
C GLY A 5 1.54 -5.81 -14.46
N ALA A 6 2.36 -6.10 -13.45
CA ALA A 6 2.30 -7.38 -12.73
C ALA A 6 2.65 -7.18 -11.26
N ALA A 7 1.74 -7.57 -10.36
CA ALA A 7 1.93 -7.36 -8.93
C ALA A 7 1.45 -8.56 -8.09
N ILE A 8 2.03 -8.70 -6.90
CA ILE A 8 1.64 -9.75 -5.94
C ILE A 8 1.01 -9.09 -4.71
N PHE A 9 -0.07 -9.70 -4.20
CA PHE A 9 -0.80 -9.20 -3.04
C PHE A 9 -1.29 -10.37 -2.19
N GLU A 10 -0.83 -10.40 -0.93
CA GLU A 10 -1.15 -11.50 0.04
C GLU A 10 -0.61 -12.86 -0.42
N LYS A 11 0.62 -12.82 -0.96
CA LYS A 11 1.39 -14.02 -1.41
C LYS A 11 0.80 -14.70 -2.67
N VAL A 12 -0.37 -14.24 -3.11
CA VAL A 12 -0.96 -14.71 -4.37
C VAL A 12 -0.54 -13.76 -5.51
N SER A 13 0.10 -14.31 -6.54
CA SER A 13 0.62 -13.51 -7.64
C SER A 13 -0.47 -13.19 -8.66
N GLY A 14 -0.48 -11.93 -9.10
CA GLY A 14 -1.50 -11.48 -10.02
C GLY A 14 -1.04 -10.34 -10.90
N ILE A 15 -2.02 -9.61 -11.44
CA ILE A 15 -1.76 -8.46 -12.31
C ILE A 15 -2.47 -7.22 -11.74
N ILE A 16 -1.78 -6.07 -11.78
CA ILE A 16 -2.32 -4.82 -11.25
C ILE A 16 -2.86 -3.94 -12.39
N ALA A 17 -4.00 -3.28 -12.13
CA ALA A 17 -4.62 -2.39 -13.11
C ALA A 17 -5.12 -1.10 -12.44
N ILE A 18 -5.03 0.01 -13.18
CA ILE A 18 -5.53 1.30 -12.69
C ILE A 18 -6.85 1.65 -13.39
N ASN A 19 -7.77 2.20 -12.59
CA ASN A 19 -9.12 2.52 -13.01
C ASN A 19 -9.33 4.03 -13.10
N GLU A 20 -9.24 4.58 -14.31
CA GLU A 20 -9.52 6.00 -14.54
C GLU A 20 -10.65 6.15 -15.57
N ASP A 21 -11.21 7.38 -15.70
CA ASP A 21 -12.43 7.66 -16.51
C ASP A 21 -13.69 7.08 -15.84
N VAL A 22 -13.48 6.53 -14.66
CA VAL A 22 -14.51 5.94 -13.80
C VAL A 22 -14.87 6.90 -12.66
N SER A 23 -15.71 6.44 -11.72
CA SER A 23 -15.94 7.17 -10.47
C SER A 23 -14.68 6.95 -9.62
N PRO A 24 -14.37 7.76 -8.55
CA PRO A 24 -12.95 8.15 -8.27
C PRO A 24 -11.97 7.00 -8.44
N ALA A 25 -10.90 7.28 -9.22
CA ALA A 25 -10.00 6.28 -9.77
C ALA A 25 -9.51 5.27 -8.74
N GLU A 26 -9.47 4.00 -9.14
CA GLU A 26 -9.16 2.90 -8.23
C GLU A 26 -8.12 1.94 -8.79
N LEU A 27 -7.22 1.52 -7.90
CA LEU A 27 -6.10 0.66 -8.26
C LEU A 27 -6.51 -0.78 -7.93
N THR A 28 -6.81 -1.51 -8.99
CA THR A 28 -7.42 -2.82 -8.88
C THR A 28 -6.39 -3.93 -9.15
N TRP A 29 -6.03 -4.65 -8.08
CA TRP A 29 -5.23 -5.87 -8.21
C TRP A 29 -6.14 -7.05 -8.50
N ARG A 30 -5.72 -7.86 -9.46
CA ARG A 30 -6.41 -9.10 -9.76
C ARG A 30 -5.43 -10.27 -9.72
N SER A 31 -5.97 -11.50 -9.65
CA SER A 31 -5.14 -12.70 -9.69
C SER A 31 -4.61 -12.91 -11.12
N THR A 32 -3.66 -13.83 -11.33
CA THR A 32 -3.09 -14.07 -12.67
C THR A 32 -4.17 -14.43 -13.71
N ASP A 33 -5.27 -15.04 -13.23
CA ASP A 33 -6.47 -15.26 -14.06
C ASP A 33 -7.54 -14.20 -13.75
N GLY A 34 -7.52 -13.71 -12.50
CA GLY A 34 -8.42 -12.67 -12.05
C GLY A 34 -9.60 -13.18 -11.24
N ASP A 35 -9.48 -14.41 -10.72
CA ASP A 35 -10.49 -15.00 -9.83
C ASP A 35 -10.50 -14.26 -8.47
N LYS A 36 -9.34 -13.71 -8.09
CA LYS A 36 -9.22 -12.88 -6.90
C LYS A 36 -8.99 -11.43 -7.31
N VAL A 37 -9.59 -10.50 -6.56
CA VAL A 37 -9.53 -9.07 -6.92
C VAL A 37 -9.58 -8.15 -5.67
N HIS A 38 -8.70 -7.15 -5.66
CA HIS A 38 -8.67 -6.12 -4.60
C HIS A 38 -8.68 -4.72 -5.24
N THR A 39 -9.29 -3.74 -4.56
CA THR A 39 -9.48 -2.40 -5.14
C THR A 39 -9.01 -1.29 -4.18
N VAL A 40 -8.18 -0.37 -4.72
CA VAL A 40 -7.72 0.81 -3.98
C VAL A 40 -8.23 2.12 -4.64
N VAL A 41 -9.19 2.79 -3.99
CA VAL A 41 -9.68 4.11 -4.45
C VAL A 41 -8.67 5.18 -3.98
N LEU A 42 -8.12 5.95 -4.92
CA LEU A 42 -6.99 6.85 -4.60
C LEU A 42 -7.44 8.17 -3.95
N SER A 43 -8.73 8.53 -4.08
CA SER A 43 -9.29 9.69 -3.35
C SER A 43 -9.39 9.38 -1.84
N THR A 44 -8.99 8.14 -1.48
CA THR A 44 -8.94 7.70 -0.09
C THR A 44 -7.47 7.40 0.31
N ILE A 45 -6.55 7.69 -0.61
CA ILE A 45 -5.11 7.45 -0.43
C ILE A 45 -4.36 8.79 -0.34
N ASP A 46 -3.39 8.85 0.58
CA ASP A 46 -2.61 10.08 0.82
C ASP A 46 -1.16 9.95 0.32
N LYS A 47 -0.52 8.81 0.59
CA LYS A 47 0.87 8.59 0.21
C LYS A 47 1.08 7.24 -0.49
N LEU A 48 2.28 7.09 -1.10
CA LEU A 48 2.67 5.85 -1.81
C LEU A 48 4.20 5.68 -1.70
N GLN A 49 4.64 4.52 -1.20
CA GLN A 49 6.08 4.29 -0.97
C GLN A 49 6.52 2.95 -1.58
N ALA A 50 7.52 3.00 -2.47
CA ALA A 50 8.01 1.80 -3.17
C ALA A 50 9.46 1.45 -2.82
N THR A 51 9.79 0.15 -2.98
CA THR A 51 11.17 -0.37 -2.77
C THR A 51 12.16 0.21 -3.82
N PRO A 52 13.24 0.96 -3.37
CA PRO A 52 14.28 1.49 -4.30
C PRO A 52 14.86 0.43 -5.25
N ALA A 53 15.58 0.89 -6.28
CA ALA A 53 16.23 -0.02 -7.25
C ALA A 53 17.50 -0.67 -6.66
N SER A 54 17.85 -0.26 -5.44
CA SER A 54 18.97 -0.84 -4.69
C SER A 54 18.49 -1.80 -3.60
N SER A 55 17.21 -1.69 -3.24
CA SER A 55 16.59 -2.53 -2.19
C SER A 55 16.55 -4.01 -2.58
N GLU A 56 16.73 -4.87 -1.56
CA GLU A 56 16.60 -6.34 -1.69
C GLU A 56 15.16 -6.73 -2.01
N LYS A 57 14.26 -5.84 -1.62
CA LYS A 57 12.82 -6.04 -1.71
C LYS A 57 12.25 -5.56 -3.03
N MET A 58 11.26 -6.30 -3.52
CA MET A 58 10.44 -5.87 -4.65
C MET A 58 9.00 -5.70 -4.19
N MET A 59 8.65 -4.45 -3.86
CA MET A 59 7.34 -4.13 -3.29
C MET A 59 6.93 -2.68 -3.54
N LEU A 60 5.62 -2.43 -3.37
CA LEU A 60 5.04 -1.10 -3.56
C LEU A 60 3.96 -0.85 -2.51
N ARG A 61 4.15 0.19 -1.69
CA ARG A 61 3.22 0.49 -0.58
C ARG A 61 2.27 1.62 -0.95
N LEU A 62 1.04 1.52 -0.42
CA LEU A 62 -0.01 2.51 -0.65
C LEU A 62 -0.58 2.98 0.68
N ILE A 63 -0.21 4.21 1.07
CA ILE A 63 -0.58 4.78 2.37
C ILE A 63 -1.97 5.43 2.27
N GLY A 64 -2.79 5.22 3.30
CA GLY A 64 -4.18 5.65 3.26
C GLY A 64 -4.44 6.97 3.96
N LYS A 65 -5.60 7.56 3.65
CA LYS A 65 -6.05 8.82 4.26
C LYS A 65 -6.68 8.55 5.63
N VAL A 66 -6.23 9.31 6.64
CA VAL A 66 -6.58 9.04 8.03
C VAL A 66 -7.82 9.82 8.46
N ASP A 67 -8.69 9.12 9.19
CA ASP A 67 -9.83 9.73 9.86
C ASP A 67 -9.56 9.78 11.37
N GLU A 68 -8.87 10.84 11.81
CA GLU A 68 -8.49 10.99 13.23
C GLU A 68 -9.59 11.67 14.06
N SER A 69 -10.69 12.05 13.40
CA SER A 69 -11.86 12.64 14.11
C SER A 69 -12.69 11.58 14.84
N LYS A 70 -12.24 10.32 14.73
CA LYS A 70 -12.89 9.17 15.38
C LYS A 70 -12.01 8.63 16.53
N LYS A 71 -11.35 9.55 17.24
CA LYS A 71 -10.38 9.25 18.30
C LYS A 71 -10.90 8.17 19.27
N ARG A 72 -10.13 7.08 19.38
CA ARG A 72 -10.51 5.91 20.15
C ARG A 72 -9.77 5.87 21.48
N LYS A 73 -10.37 5.23 22.49
CA LYS A 73 -9.75 5.07 23.81
C LYS A 73 -9.74 3.60 24.21
N ASP A 74 -8.65 3.17 24.83
CA ASP A 74 -8.45 1.77 25.22
C ASP A 74 -9.18 1.41 26.54
N ASN A 75 -8.93 0.20 27.08
CA ASN A 75 -9.62 -0.30 28.28
C ASN A 75 -9.48 0.63 29.50
N GLU A 76 -8.35 1.33 29.60
CA GLU A 76 -8.06 2.19 30.75
C GLU A 76 -8.55 3.62 30.54
N GLY A 77 -8.82 3.99 29.28
CA GLY A 77 -9.34 5.31 28.95
C GLY A 77 -8.27 6.25 28.41
N ASN A 78 -7.16 5.68 27.93
CA ASN A 78 -6.09 6.47 27.29
C ASN A 78 -6.36 6.63 25.80
N GLU A 79 -5.89 7.76 25.25
CA GLU A 79 -6.17 8.11 23.84
C GLU A 79 -5.34 7.23 22.88
N VAL A 80 -6.06 6.44 22.09
CA VAL A 80 -5.44 5.61 21.06
C VAL A 80 -6.03 5.97 19.70
N VAL A 81 -5.26 6.76 18.95
CA VAL A 81 -5.74 7.32 17.69
C VAL A 81 -5.35 6.42 16.48
N PRO A 82 -6.33 6.01 15.61
CA PRO A 82 -6.07 5.14 14.45
C PRO A 82 -5.09 5.73 13.44
N LYS A 83 -4.14 4.89 13.01
CA LYS A 83 -3.07 5.30 12.09
C LYS A 83 -3.43 4.97 10.63
N PRO A 84 -2.72 5.57 9.61
CA PRO A 84 -3.00 5.31 8.19
C PRO A 84 -2.83 3.85 7.79
N GLN A 85 -3.63 3.43 6.81
CA GLN A 85 -3.57 2.07 6.27
C GLN A 85 -2.66 2.01 5.04
N ARG A 86 -1.71 1.08 5.07
CA ARG A 86 -0.71 0.96 4.00
C ARG A 86 -0.88 -0.37 3.26
N HIS A 87 -1.01 -0.30 1.92
CA HIS A 87 -1.23 -1.47 1.08
C HIS A 87 0.02 -1.78 0.25
N MET A 88 0.63 -2.96 0.49
CA MET A 88 1.86 -3.35 -0.21
C MET A 88 1.54 -4.26 -1.42
N PHE A 89 2.38 -4.16 -2.46
CA PHE A 89 2.29 -5.05 -3.64
C PHE A 89 3.70 -5.46 -4.07
N SER A 90 3.94 -6.77 -4.21
CA SER A 90 5.26 -7.27 -4.62
C SER A 90 5.41 -7.30 -6.14
N PHE A 91 6.61 -6.95 -6.59
CA PHE A 91 6.90 -6.75 -8.02
C PHE A 91 8.10 -7.60 -8.47
N ASN A 92 8.38 -7.54 -9.79
CA ASN A 92 9.56 -8.20 -10.37
C ASN A 92 10.41 -7.20 -11.18
N ASN A 93 9.89 -5.97 -11.38
CA ASN A 93 10.56 -4.93 -12.17
C ASN A 93 10.33 -3.53 -11.57
N ARG A 94 11.36 -2.69 -11.65
CA ARG A 94 11.35 -1.32 -11.08
C ARG A 94 10.64 -0.32 -11.98
N THR A 95 10.70 -0.54 -13.30
CA THR A 95 10.09 0.37 -14.29
C THR A 95 8.55 0.25 -14.29
N VAL A 96 8.04 -0.87 -13.74
CA VAL A 96 6.59 -1.03 -13.55
C VAL A 96 6.16 -0.21 -12.32
N MET A 97 6.68 -0.58 -11.12
CA MET A 97 6.34 0.13 -9.86
C MET A 97 6.45 1.66 -9.99
N ASP A 98 7.49 2.11 -10.71
CA ASP A 98 7.69 3.53 -11.00
C ASP A 98 6.64 4.10 -11.97
N ASN A 99 6.06 3.24 -12.80
CA ASN A 99 4.97 3.62 -13.73
C ASN A 99 3.58 3.52 -13.06
N ILE A 100 3.40 2.53 -12.16
CA ILE A 100 2.16 2.41 -11.37
C ILE A 100 2.13 3.55 -10.33
N LYS A 101 3.17 3.64 -9.48
CA LYS A 101 3.35 4.72 -8.50
C LYS A 101 3.18 6.11 -9.11
N MET A 102 3.79 6.34 -10.29
CA MET A 102 3.66 7.62 -11.00
C MET A 102 2.21 7.97 -11.31
N THR A 103 1.52 7.09 -12.08
CA THR A 103 0.10 7.28 -12.41
C THR A 103 -0.70 7.56 -11.14
N LEU A 104 -0.62 6.64 -10.17
CA LEU A 104 -1.22 6.80 -8.83
C LEU A 104 -0.96 8.20 -8.28
N GLN A 105 0.33 8.55 -8.17
CA GLN A 105 0.78 9.87 -7.70
C GLN A 105 0.17 11.03 -8.52
N GLN A 106 -0.09 10.78 -9.81
CA GLN A 106 -0.72 11.76 -10.70
C GLN A 106 -2.23 11.84 -10.45
N ILE A 107 -2.78 10.78 -9.83
CA ILE A 107 -4.20 10.69 -9.44
C ILE A 107 -4.45 11.37 -8.07
N ILE A 108 -3.57 11.10 -7.08
CA ILE A 108 -3.74 11.60 -5.69
C ILE A 108 -3.51 13.11 -5.60
N SER A 109 -2.56 13.60 -6.40
CA SER A 109 -2.28 15.05 -6.50
C SER A 109 -3.50 15.82 -7.07
N ARG A 110 -4.41 15.08 -7.73
CA ARG A 110 -5.71 15.63 -8.17
C ARG A 110 -6.68 15.74 -7.00
N TYR A 111 -6.72 14.68 -6.16
CA TYR A 111 -7.53 14.66 -4.94
C TYR A 111 -6.83 15.39 -3.79
N LYS A 112 -5.62 15.90 -4.08
CA LYS A 112 -4.81 16.64 -3.11
C LYS A 112 -5.09 18.15 -3.22
N ASP A 113 -5.38 18.59 -4.44
CA ASP A 113 -5.76 19.97 -4.73
C ASP A 113 -7.28 20.18 -4.64
N ALA A 114 -8.04 19.12 -5.00
CA ALA A 114 -9.52 19.13 -4.98
C ALA A 114 -10.11 20.28 -5.82
N ASP A 115 -10.34 19.99 -7.10
CA ASP A 115 -10.92 20.95 -8.03
C ASP A 115 -12.33 20.49 -8.47
N GLY B 1 6.85 5.79 14.89
CA GLY B 1 6.16 4.51 14.54
C GLY B 1 5.11 4.14 15.55
N SER B 2 5.56 3.53 16.68
CA SER B 2 4.67 3.07 17.78
C SER B 2 3.68 1.98 17.32
N PRO B 3 3.69 0.75 17.94
CA PRO B 3 2.79 -0.35 17.56
C PRO B 3 1.33 -0.13 17.99
N GLY B 4 0.39 -0.55 17.12
CA GLY B 4 -1.02 -0.41 17.42
C GLY B 4 -1.76 -1.75 17.35
N TYR B 5 -2.83 -1.87 18.14
CA TYR B 5 -3.62 -3.10 18.20
C TYR B 5 -4.99 -2.91 17.51
N PRO B 6 -5.15 -3.36 16.22
CA PRO B 6 -6.45 -3.29 15.49
C PRO B 6 -7.52 -4.19 16.11
N ASN B 7 -8.79 -3.81 15.90
CA ASN B 7 -9.94 -4.56 16.43
C ASN B 7 -10.35 -5.71 15.50
N GLY B 8 -9.91 -5.63 14.23
CA GLY B 8 -10.19 -6.68 13.26
C GLY B 8 -8.92 -7.26 12.67
N LEU B 9 -8.84 -8.60 12.63
CA LEU B 9 -7.65 -9.35 12.15
C LEU B 9 -6.38 -8.99 12.95
N LEU B 10 -5.97 -9.94 13.77
CA LEU B 10 -4.70 -9.87 14.48
C LEU B 10 -3.86 -11.12 14.15
N SER B 11 -4.42 -11.98 13.27
CA SER B 11 -3.78 -13.25 12.91
C SER B 11 -4.25 -13.73 11.52
N GLY B 12 -4.33 -12.78 10.58
CA GLY B 12 -4.79 -13.10 9.24
C GLY B 12 -3.68 -13.06 8.21
N ASP B 13 -3.55 -11.92 7.52
CA ASP B 13 -2.54 -11.74 6.47
C ASP B 13 -1.89 -10.36 6.53
N GLU B 14 -2.53 -9.45 7.26
CA GLU B 14 -2.07 -8.06 7.38
C GLU B 14 -1.33 -7.80 8.70
N ASP B 15 -0.98 -8.89 9.38
CA ASP B 15 -0.28 -8.85 10.66
C ASP B 15 1.25 -8.79 10.45
N PHE B 16 1.70 -9.20 9.25
CA PHE B 16 3.14 -9.20 8.92
C PHE B 16 3.54 -7.91 8.19
N SER B 17 2.56 -7.07 7.88
CA SER B 17 2.81 -5.77 7.22
C SER B 17 3.06 -4.67 8.27
N SER B 18 2.95 -5.01 9.56
CA SER B 18 3.24 -4.10 10.66
C SER B 18 4.71 -4.13 11.04
N ILE B 19 5.31 -5.33 10.93
CA ILE B 19 6.75 -5.52 11.14
C ILE B 19 7.53 -5.25 9.85
N ALA B 20 6.84 -5.43 8.71
CA ALA B 20 7.42 -5.06 7.42
C ALA B 20 7.12 -3.58 7.10
N ASP B 21 6.60 -2.88 8.11
CA ASP B 21 6.39 -1.43 8.07
C ASP B 21 7.63 -0.72 8.65
N MET B 22 8.31 -1.42 9.59
CA MET B 22 9.60 -0.98 10.11
C MET B 22 10.72 -1.23 9.08
N ASP B 23 10.43 -2.10 8.11
CA ASP B 23 11.35 -2.43 7.04
C ASP B 23 11.41 -1.34 5.96
N PHE B 24 10.27 -0.65 5.76
CA PHE B 24 10.14 0.32 4.66
C PHE B 24 10.74 1.70 5.00
N SER B 25 10.95 1.96 6.29
CA SER B 25 11.52 3.24 6.75
C SER B 25 13.05 3.23 6.73
N ALA B 26 13.64 2.03 6.75
CA ALA B 26 15.10 1.87 6.71
C ALA B 26 15.61 1.73 5.27
N LEU B 27 14.70 1.44 4.34
CA LEU B 27 15.04 1.23 2.92
C LEU B 27 15.10 2.53 2.13
N LEU B 28 14.25 3.50 2.49
CA LEU B 28 14.21 4.80 1.81
C LEU B 28 15.24 5.75 2.41
N SER B 29 15.60 5.48 3.67
CA SER B 29 16.65 6.21 4.38
C SER B 29 17.92 5.35 4.50
N GLN B 30 18.44 4.95 3.34
CA GLN B 30 19.66 4.11 3.27
C GLN B 30 20.94 4.96 3.12
N ILE B 31 20.76 6.29 3.12
CA ILE B 31 21.90 7.22 3.01
C ILE B 31 22.05 8.00 4.32
N SER B 32 23.24 7.91 4.92
CA SER B 32 23.54 8.58 6.19
C SER B 32 24.52 9.74 5.97
N SER B 33 24.24 10.86 6.63
CA SER B 33 25.09 12.05 6.54
C SER B 33 25.68 12.41 7.90
N PRO A 1 5.14 4.66 -19.83
CA PRO A 1 4.11 4.83 -18.78
C PRO A 1 2.94 3.88 -18.99
N SER A 2 2.63 3.07 -17.95
CA SER A 2 1.56 2.09 -18.02
C SER A 2 0.70 2.12 -16.75
N HIS A 3 -0.61 1.93 -16.92
CA HIS A 3 -1.56 1.86 -15.81
C HIS A 3 -1.64 0.45 -15.21
N SER A 4 -0.99 -0.50 -15.90
CA SER A 4 -1.05 -1.92 -15.53
C SER A 4 0.28 -2.62 -15.78
N GLY A 5 0.56 -3.64 -14.97
CA GLY A 5 1.78 -4.42 -15.10
C GLY A 5 1.63 -5.80 -14.51
N ALA A 6 2.41 -6.06 -13.45
CA ALA A 6 2.33 -7.33 -12.71
C ALA A 6 2.68 -7.11 -11.24
N ALA A 7 1.79 -7.57 -10.34
CA ALA A 7 1.96 -7.38 -8.89
C ALA A 7 1.47 -8.59 -8.09
N ILE A 8 2.07 -8.78 -6.90
CA ILE A 8 1.67 -9.83 -5.97
C ILE A 8 1.03 -9.18 -4.72
N PHE A 9 -0.08 -9.78 -4.26
CA PHE A 9 -0.82 -9.28 -3.10
C PHE A 9 -1.30 -10.45 -2.25
N GLU A 10 -0.88 -10.48 -0.98
CA GLU A 10 -1.22 -11.56 -0.02
C GLU A 10 -0.67 -12.94 -0.48
N LYS A 11 0.55 -12.91 -1.04
CA LYS A 11 1.30 -14.11 -1.49
C LYS A 11 0.68 -14.79 -2.73
N VAL A 12 -0.48 -14.30 -3.17
CA VAL A 12 -1.10 -14.75 -4.42
C VAL A 12 -0.68 -13.80 -5.55
N SER A 13 0.00 -14.36 -6.57
CA SER A 13 0.55 -13.56 -7.66
C SER A 13 -0.52 -13.22 -8.69
N GLY A 14 -0.50 -11.97 -9.14
CA GLY A 14 -1.50 -11.49 -10.08
C GLY A 14 -1.01 -10.33 -10.93
N ILE A 15 -1.97 -9.58 -11.46
CA ILE A 15 -1.69 -8.42 -12.30
C ILE A 15 -2.41 -7.17 -11.74
N ILE A 16 -1.70 -6.04 -11.76
CA ILE A 16 -2.24 -4.78 -11.23
C ILE A 16 -2.74 -3.88 -12.37
N ALA A 17 -3.93 -3.31 -12.20
CA ALA A 17 -4.53 -2.41 -13.19
C ALA A 17 -5.17 -1.19 -12.52
N ILE A 18 -5.00 -0.02 -13.12
CA ILE A 18 -5.60 1.23 -12.61
C ILE A 18 -6.88 1.57 -13.37
N ASN A 19 -7.88 1.93 -12.58
CA ASN A 19 -9.20 2.33 -13.07
C ASN A 19 -9.36 3.86 -13.07
N GLU A 20 -9.35 4.44 -14.27
CA GLU A 20 -9.62 5.88 -14.47
C GLU A 20 -10.80 6.04 -15.44
N ASP A 21 -11.36 7.28 -15.54
CA ASP A 21 -12.60 7.57 -16.31
C ASP A 21 -13.86 6.97 -15.62
N VAL A 22 -13.61 6.39 -14.46
CA VAL A 22 -14.63 5.82 -13.58
C VAL A 22 -14.92 6.78 -12.42
N SER A 23 -15.71 6.32 -11.45
CA SER A 23 -15.92 7.07 -10.21
C SER A 23 -14.61 6.93 -9.41
N PRO A 24 -14.32 7.76 -8.35
CA PRO A 24 -12.94 8.24 -8.13
C PRO A 24 -11.88 7.16 -8.35
N ALA A 25 -10.88 7.52 -9.18
CA ALA A 25 -9.93 6.57 -9.77
C ALA A 25 -9.30 5.65 -8.76
N GLU A 26 -9.20 4.39 -9.17
CA GLU A 26 -8.86 3.31 -8.27
C GLU A 26 -7.61 2.57 -8.76
N LEU A 27 -7.12 1.67 -7.92
CA LEU A 27 -6.02 0.77 -8.24
C LEU A 27 -6.46 -0.67 -7.95
N THR A 28 -6.70 -1.43 -9.00
CA THR A 28 -7.33 -2.74 -8.89
C THR A 28 -6.32 -3.86 -9.16
N TRP A 29 -6.00 -4.62 -8.11
CA TRP A 29 -5.21 -5.83 -8.24
C TRP A 29 -6.15 -7.01 -8.54
N ARG A 30 -5.75 -7.82 -9.51
CA ARG A 30 -6.45 -9.06 -9.82
C ARG A 30 -5.47 -10.21 -9.84
N SER A 31 -5.98 -11.43 -9.64
CA SER A 31 -5.16 -12.65 -9.69
C SER A 31 -4.68 -12.90 -11.12
N THR A 32 -3.71 -13.80 -11.32
CA THR A 32 -3.17 -14.08 -12.68
C THR A 32 -4.28 -14.49 -13.68
N ASP A 33 -5.35 -15.11 -13.15
CA ASP A 33 -6.55 -15.39 -13.94
C ASP A 33 -7.63 -14.33 -13.64
N GLY A 34 -7.56 -13.74 -12.43
CA GLY A 34 -8.47 -12.69 -12.02
C GLY A 34 -9.63 -13.18 -11.17
N ASP A 35 -9.48 -14.38 -10.59
CA ASP A 35 -10.49 -14.96 -9.69
C ASP A 35 -10.52 -14.19 -8.35
N LYS A 36 -9.35 -13.65 -7.95
CA LYS A 36 -9.24 -12.81 -6.76
C LYS A 36 -8.97 -11.37 -7.18
N VAL A 37 -9.68 -10.42 -6.55
CA VAL A 37 -9.58 -9.00 -6.94
C VAL A 37 -9.65 -8.07 -5.71
N HIS A 38 -8.75 -7.07 -5.68
CA HIS A 38 -8.72 -6.04 -4.63
C HIS A 38 -8.70 -4.65 -5.28
N THR A 39 -9.32 -3.66 -4.63
CA THR A 39 -9.44 -2.31 -5.21
C THR A 39 -8.98 -1.21 -4.22
N VAL A 40 -8.10 -0.34 -4.71
CA VAL A 40 -7.61 0.82 -3.96
C VAL A 40 -8.12 2.13 -4.61
N VAL A 41 -9.08 2.81 -3.97
CA VAL A 41 -9.58 4.11 -4.46
C VAL A 41 -8.61 5.20 -3.99
N LEU A 42 -8.05 5.97 -4.93
CA LEU A 42 -6.97 6.91 -4.61
C LEU A 42 -7.44 8.18 -3.89
N SER A 43 -8.71 8.57 -4.07
CA SER A 43 -9.29 9.71 -3.32
C SER A 43 -9.38 9.40 -1.82
N THR A 44 -8.99 8.16 -1.46
CA THR A 44 -8.94 7.70 -0.08
C THR A 44 -7.48 7.39 0.31
N ILE A 45 -6.55 7.67 -0.62
CA ILE A 45 -5.12 7.43 -0.44
C ILE A 45 -4.38 8.77 -0.35
N ASP A 46 -3.36 8.83 0.53
CA ASP A 46 -2.61 10.05 0.77
C ASP A 46 -1.16 9.94 0.26
N LYS A 47 -0.50 8.80 0.52
CA LYS A 47 0.90 8.60 0.07
C LYS A 47 1.09 7.23 -0.59
N LEU A 48 2.30 7.02 -1.15
CA LEU A 48 2.69 5.76 -1.80
C LEU A 48 4.20 5.55 -1.65
N GLN A 49 4.60 4.38 -1.13
CA GLN A 49 6.03 4.10 -0.87
C GLN A 49 6.48 2.82 -1.59
N ALA A 50 7.43 2.94 -2.53
CA ALA A 50 7.94 1.79 -3.29
C ALA A 50 9.39 1.46 -2.95
N THR A 51 9.77 0.17 -3.08
CA THR A 51 11.14 -0.30 -2.83
C THR A 51 12.13 0.29 -3.87
N PRO A 52 13.16 1.10 -3.42
CA PRO A 52 14.19 1.67 -4.32
C PRO A 52 14.86 0.62 -5.22
N ALA A 53 15.47 1.10 -6.32
CA ALA A 53 16.19 0.22 -7.27
C ALA A 53 17.51 -0.30 -6.67
N SER A 54 17.84 0.19 -5.48
CA SER A 54 18.99 -0.30 -4.71
C SER A 54 18.55 -1.26 -3.60
N SER A 55 17.25 -1.22 -3.27
CA SER A 55 16.66 -2.08 -2.24
C SER A 55 16.58 -3.54 -2.66
N GLU A 56 16.94 -4.43 -1.73
CA GLU A 56 16.86 -5.90 -1.91
C GLU A 56 15.45 -6.36 -2.24
N LYS A 57 14.50 -5.58 -1.76
CA LYS A 57 13.08 -5.89 -1.82
C LYS A 57 12.43 -5.50 -3.13
N MET A 58 11.34 -6.20 -3.46
CA MET A 58 10.45 -5.81 -4.55
C MET A 58 9.02 -5.68 -4.01
N MET A 59 8.63 -4.42 -3.74
CA MET A 59 7.33 -4.12 -3.13
C MET A 59 6.88 -2.70 -3.45
N LEU A 60 5.56 -2.48 -3.40
CA LEU A 60 4.97 -1.16 -3.61
C LEU A 60 3.88 -0.92 -2.56
N ARG A 61 4.06 0.12 -1.75
CA ARG A 61 3.15 0.41 -0.63
C ARG A 61 2.21 1.58 -0.93
N LEU A 62 0.99 1.47 -0.41
CA LEU A 62 -0.07 2.45 -0.62
C LEU A 62 -0.69 2.88 0.73
N ILE A 63 -0.35 4.09 1.17
CA ILE A 63 -0.79 4.62 2.47
C ILE A 63 -2.19 5.26 2.32
N GLY A 64 -3.00 5.14 3.37
CA GLY A 64 -4.38 5.59 3.31
C GLY A 64 -4.61 6.93 3.99
N LYS A 65 -5.73 7.57 3.62
CA LYS A 65 -6.16 8.84 4.21
C LYS A 65 -6.84 8.62 5.56
N VAL A 66 -6.42 9.40 6.56
CA VAL A 66 -6.88 9.21 7.94
C VAL A 66 -8.02 10.15 8.28
N ASP A 67 -9.06 9.58 8.89
CA ASP A 67 -10.13 10.36 9.50
C ASP A 67 -9.99 10.30 11.02
N GLU A 68 -9.18 11.21 11.57
CA GLU A 68 -8.90 11.25 13.01
C GLU A 68 -9.96 12.05 13.79
N SER A 69 -10.94 12.61 13.07
CA SER A 69 -12.05 13.35 13.69
C SER A 69 -13.07 12.39 14.35
N LYS A 70 -12.95 11.10 14.02
CA LYS A 70 -13.78 10.04 14.60
C LYS A 70 -13.05 9.35 15.78
N LYS A 71 -12.37 10.19 16.57
CA LYS A 71 -11.60 9.75 17.76
C LYS A 71 -12.37 8.74 18.62
N ARG A 72 -11.80 7.53 18.70
CA ARG A 72 -12.43 6.42 19.41
C ARG A 72 -11.79 6.22 20.77
N LYS A 73 -12.60 5.80 21.75
CA LYS A 73 -12.11 5.49 23.10
C LYS A 73 -12.55 4.08 23.49
N ASP A 74 -11.63 3.34 24.11
CA ASP A 74 -11.86 1.92 24.46
C ASP A 74 -12.75 1.75 25.70
N ASN A 75 -12.89 0.51 26.22
CA ASN A 75 -13.79 0.20 27.35
C ASN A 75 -13.54 1.05 28.60
N GLU A 76 -12.27 1.44 28.82
CA GLU A 76 -11.88 2.19 30.02
C GLU A 76 -12.03 3.70 29.83
N GLY A 77 -12.11 4.13 28.56
CA GLY A 77 -12.25 5.54 28.24
C GLY A 77 -10.93 6.17 27.80
N ASN A 78 -10.00 5.32 27.35
CA ASN A 78 -8.69 5.79 26.88
C ASN A 78 -8.71 6.03 25.37
N GLU A 79 -7.90 7.00 24.92
CA GLU A 79 -7.87 7.42 23.52
C GLU A 79 -7.28 6.33 22.61
N VAL A 80 -8.10 5.88 21.67
CA VAL A 80 -7.64 4.96 20.62
C VAL A 80 -8.05 5.53 19.27
N VAL A 81 -7.08 6.17 18.60
CA VAL A 81 -7.35 6.90 17.37
C VAL A 81 -7.02 6.04 16.13
N PRO A 82 -7.98 5.88 15.16
CA PRO A 82 -7.79 5.04 13.96
C PRO A 82 -6.61 5.48 13.09
N LYS A 83 -5.77 4.50 12.75
CA LYS A 83 -4.53 4.73 12.01
C LYS A 83 -4.72 4.55 10.49
N PRO A 84 -3.78 5.09 9.62
CA PRO A 84 -3.91 4.98 8.16
C PRO A 84 -3.81 3.55 7.63
N GLN A 85 -4.51 3.29 6.52
CA GLN A 85 -4.51 1.98 5.86
C GLN A 85 -3.45 1.93 4.77
N ARG A 86 -2.49 1.06 4.97
CA ARG A 86 -1.34 0.91 4.08
C ARG A 86 -1.37 -0.44 3.36
N HIS A 87 -1.17 -0.38 2.05
CA HIS A 87 -1.32 -1.55 1.17
C HIS A 87 -0.02 -1.85 0.42
N MET A 88 0.60 -2.99 0.74
CA MET A 88 1.87 -3.38 0.11
C MET A 88 1.66 -4.44 -0.97
N PHE A 89 2.33 -4.24 -2.11
CA PHE A 89 2.32 -5.17 -3.23
C PHE A 89 3.74 -5.68 -3.45
N SER A 90 3.90 -6.75 -4.24
CA SER A 90 5.23 -7.25 -4.61
C SER A 90 5.42 -7.22 -6.12
N PHE A 91 6.64 -6.92 -6.55
CA PHE A 91 6.95 -6.69 -7.97
C PHE A 91 8.16 -7.52 -8.43
N ASN A 92 8.45 -7.43 -9.73
CA ASN A 92 9.60 -8.12 -10.32
C ASN A 92 10.55 -7.12 -11.03
N ASN A 93 10.03 -5.91 -11.33
CA ASN A 93 10.80 -4.88 -12.03
C ASN A 93 10.49 -3.47 -11.48
N ARG A 94 11.53 -2.63 -11.43
CA ARG A 94 11.44 -1.26 -10.90
C ARG A 94 10.74 -0.31 -11.87
N THR A 95 10.84 -0.62 -13.17
CA THR A 95 10.27 0.22 -14.24
C THR A 95 8.73 0.09 -14.30
N VAL A 96 8.18 -1.00 -13.71
CA VAL A 96 6.73 -1.15 -13.60
C VAL A 96 6.22 -0.33 -12.40
N MET A 97 6.68 -0.67 -11.18
CA MET A 97 6.27 0.03 -9.94
C MET A 97 6.25 1.55 -10.10
N ASP A 98 7.37 2.10 -10.61
CA ASP A 98 7.49 3.57 -10.82
C ASP A 98 6.49 4.08 -11.86
N ASN A 99 6.06 3.20 -12.78
CA ASN A 99 5.05 3.54 -13.81
C ASN A 99 3.63 3.44 -13.25
N ILE A 100 3.40 2.50 -12.32
CA ILE A 100 2.13 2.43 -11.57
C ILE A 100 2.09 3.62 -10.59
N LYS A 101 3.17 3.76 -9.79
CA LYS A 101 3.42 4.92 -8.90
C LYS A 101 3.12 6.25 -9.59
N MET A 102 3.72 6.41 -10.78
CA MET A 102 3.58 7.62 -11.60
C MET A 102 2.11 7.96 -11.84
N THR A 103 1.33 6.98 -12.36
CA THR A 103 -0.11 7.15 -12.56
C THR A 103 -0.79 7.50 -11.23
N LEU A 104 -0.69 6.58 -10.24
CA LEU A 104 -1.23 6.77 -8.88
C LEU A 104 -0.93 8.18 -8.35
N GLN A 105 0.37 8.51 -8.34
CA GLN A 105 0.88 9.82 -7.88
C GLN A 105 0.22 11.01 -8.60
N GLN A 106 -0.14 10.83 -9.88
CA GLN A 106 -0.86 11.85 -10.65
C GLN A 106 -2.34 11.93 -10.27
N ILE A 107 -2.86 10.83 -9.71
CA ILE A 107 -4.26 10.72 -9.30
C ILE A 107 -4.51 11.35 -7.91
N ILE A 108 -3.60 11.11 -6.95
CA ILE A 108 -3.76 11.62 -5.57
C ILE A 108 -3.54 13.13 -5.49
N SER A 109 -2.61 13.62 -6.32
CA SER A 109 -2.33 15.06 -6.43
C SER A 109 -3.54 15.83 -6.99
N ARG A 110 -4.47 15.09 -7.62
CA ARG A 110 -5.77 15.64 -8.06
C ARG A 110 -6.74 15.76 -6.89
N TYR A 111 -6.74 14.73 -6.03
CA TYR A 111 -7.55 14.72 -4.79
C TYR A 111 -6.81 15.43 -3.65
N LYS A 112 -5.61 15.93 -3.96
CA LYS A 112 -4.79 16.67 -3.01
C LYS A 112 -5.07 18.17 -3.14
N ASP A 113 -5.40 18.58 -4.38
CA ASP A 113 -5.79 19.95 -4.69
C ASP A 113 -7.32 20.08 -4.75
N ALA A 114 -8.00 18.95 -5.01
CA ALA A 114 -9.46 18.92 -5.14
C ALA A 114 -10.04 17.70 -4.42
N ASP A 115 -10.14 17.82 -3.09
CA ASP A 115 -10.72 16.77 -2.25
C ASP A 115 -12.16 17.09 -1.86
N GLY B 1 16.17 -5.95 22.81
CA GLY B 1 14.71 -6.09 23.06
C GLY B 1 14.40 -6.36 24.52
N SER B 2 13.70 -5.41 25.15
CA SER B 2 13.32 -5.54 26.57
C SER B 2 11.81 -5.83 26.70
N PRO B 3 11.41 -6.94 27.40
CA PRO B 3 9.98 -7.30 27.56
C PRO B 3 9.23 -6.39 28.55
N GLY B 4 7.99 -6.03 28.19
CA GLY B 4 7.17 -5.19 29.05
C GLY B 4 6.07 -4.47 28.29
N TYR B 5 5.45 -5.19 27.34
CA TYR B 5 4.36 -4.63 26.52
C TYR B 5 3.13 -5.56 26.54
N PRO B 6 2.09 -5.30 27.41
CA PRO B 6 0.87 -6.13 27.47
C PRO B 6 -0.01 -6.04 26.21
N ASN B 7 -0.05 -4.83 25.61
CA ASN B 7 -0.85 -4.59 24.40
C ASN B 7 0.06 -4.42 23.18
N GLY B 8 -0.31 -5.07 22.07
CA GLY B 8 0.46 -4.99 20.84
C GLY B 8 0.21 -6.16 19.91
N LEU B 9 0.01 -7.35 20.48
CA LEU B 9 -0.22 -8.57 19.70
C LEU B 9 -1.72 -8.94 19.65
N LEU B 10 -2.58 -7.93 19.88
CA LEU B 10 -4.03 -8.14 19.90
C LEU B 10 -4.55 -8.54 18.50
N SER B 11 -3.64 -8.48 17.52
CA SER B 11 -3.93 -8.82 16.13
C SER B 11 -2.66 -9.40 15.48
N GLY B 12 -2.68 -10.71 15.23
CA GLY B 12 -1.50 -11.39 14.70
C GLY B 12 -1.51 -11.53 13.19
N ASP B 13 -2.04 -10.53 12.48
CA ASP B 13 -2.07 -10.51 11.02
C ASP B 13 -1.70 -9.13 10.48
N GLU B 14 -1.84 -8.11 11.34
CA GLU B 14 -1.56 -6.73 10.99
C GLU B 14 -0.30 -6.20 11.69
N ASP B 15 0.36 -7.10 12.39
CA ASP B 15 1.56 -6.78 13.18
C ASP B 15 2.85 -7.10 12.39
N PHE B 16 2.70 -7.60 11.16
CA PHE B 16 3.84 -7.97 10.32
C PHE B 16 4.25 -6.85 9.37
N SER B 17 3.28 -6.02 8.99
CA SER B 17 3.54 -4.85 8.13
C SER B 17 3.71 -3.57 8.96
N SER B 18 3.47 -3.67 10.27
CA SER B 18 3.73 -2.57 11.21
C SER B 18 5.22 -2.54 11.59
N ILE B 19 5.87 -3.72 11.53
CA ILE B 19 7.32 -3.83 11.69
C ILE B 19 8.01 -3.70 10.32
N ALA B 20 7.22 -3.88 9.25
CA ALA B 20 7.73 -3.70 7.89
C ALA B 20 7.65 -2.23 7.45
N ASP B 21 7.18 -1.40 8.38
CA ASP B 21 7.23 0.06 8.24
C ASP B 21 8.57 0.56 8.79
N MET B 22 9.16 -0.26 9.68
CA MET B 22 10.51 -0.05 10.20
C MET B 22 11.57 -0.43 9.16
N ASP B 23 11.18 -1.33 8.24
CA ASP B 23 12.03 -1.78 7.15
C ASP B 23 11.96 -0.84 5.93
N PHE B 24 10.78 -0.24 5.71
CA PHE B 24 10.55 0.58 4.52
C PHE B 24 11.03 2.04 4.70
N SER B 25 11.23 2.45 5.95
CA SER B 25 11.68 3.82 6.26
C SER B 25 13.21 3.95 6.19
N ALA B 26 13.91 2.80 6.25
CA ALA B 26 15.37 2.77 6.19
C ALA B 26 15.87 2.62 4.74
N LEU B 27 14.97 2.22 3.83
CA LEU B 27 15.31 2.00 2.43
C LEU B 27 15.23 3.29 1.59
N LEU B 28 14.28 4.17 1.92
CA LEU B 28 14.07 5.41 1.16
C LEU B 28 15.09 6.48 1.54
N SER B 29 15.53 6.43 2.80
CA SER B 29 16.54 7.35 3.32
C SER B 29 17.95 6.75 3.18
N GLN B 30 18.15 5.53 3.75
CA GLN B 30 19.43 4.79 3.71
C GLN B 30 20.62 5.65 4.19
N ILE B 31 21.02 5.42 5.44
CA ILE B 31 22.15 6.12 6.04
C ILE B 31 23.21 5.13 6.55
N SER B 32 24.46 5.35 6.10
CA SER B 32 25.58 4.49 6.47
C SER B 32 26.62 5.24 7.31
N SER B 33 26.74 6.56 7.07
CA SER B 33 27.70 7.45 7.77
C SER B 33 29.16 7.00 7.56
N PRO A 1 -0.50 2.35 -20.68
CA PRO A 1 0.97 2.57 -20.75
C PRO A 1 1.64 2.34 -19.39
N SER A 2 1.04 2.89 -18.32
CA SER A 2 1.59 2.80 -16.97
C SER A 2 0.49 2.50 -15.93
N HIS A 3 -0.63 1.94 -16.40
CA HIS A 3 -1.77 1.67 -15.52
C HIS A 3 -1.82 0.19 -15.10
N SER A 4 -1.33 -0.70 -15.98
CA SER A 4 -1.36 -2.14 -15.70
C SER A 4 -0.01 -2.79 -15.99
N GLY A 5 0.38 -3.70 -15.09
CA GLY A 5 1.62 -4.43 -15.22
C GLY A 5 1.52 -5.82 -14.63
N ALA A 6 2.30 -6.06 -13.56
CA ALA A 6 2.25 -7.31 -12.81
C ALA A 6 2.58 -7.06 -11.34
N ALA A 7 1.73 -7.58 -10.43
CA ALA A 7 1.92 -7.38 -8.99
C ALA A 7 1.45 -8.58 -8.17
N ILE A 8 2.04 -8.73 -6.98
CA ILE A 8 1.67 -9.78 -6.02
C ILE A 8 1.02 -9.13 -4.79
N PHE A 9 -0.07 -9.73 -4.30
CA PHE A 9 -0.81 -9.22 -3.14
C PHE A 9 -1.26 -10.37 -2.27
N GLU A 10 -0.76 -10.40 -1.02
CA GLU A 10 -1.06 -11.46 -0.03
C GLU A 10 -0.53 -12.84 -0.49
N LYS A 11 0.69 -12.82 -1.07
CA LYS A 11 1.44 -14.02 -1.51
C LYS A 11 0.84 -14.71 -2.75
N VAL A 12 -0.35 -14.25 -3.18
CA VAL A 12 -0.96 -14.72 -4.43
C VAL A 12 -0.55 -13.78 -5.57
N SER A 13 0.10 -14.34 -6.59
CA SER A 13 0.62 -13.55 -7.71
C SER A 13 -0.47 -13.24 -8.72
N GLY A 14 -0.49 -11.98 -9.16
CA GLY A 14 -1.51 -11.52 -10.09
C GLY A 14 -1.05 -10.38 -10.96
N ILE A 15 -2.03 -9.62 -11.47
CA ILE A 15 -1.77 -8.48 -12.33
C ILE A 15 -2.47 -7.23 -11.77
N ILE A 16 -1.77 -6.08 -11.83
CA ILE A 16 -2.31 -4.82 -11.31
C ILE A 16 -2.84 -3.95 -12.46
N ALA A 17 -4.01 -3.35 -12.26
CA ALA A 17 -4.63 -2.46 -13.24
C ALA A 17 -5.22 -1.23 -12.57
N ILE A 18 -5.08 -0.06 -13.20
CA ILE A 18 -5.64 1.19 -12.68
C ILE A 18 -6.97 1.52 -13.37
N ASN A 19 -7.97 1.79 -12.54
CA ASN A 19 -9.31 2.19 -12.98
C ASN A 19 -9.47 3.72 -12.98
N GLU A 20 -9.45 4.33 -14.17
CA GLU A 20 -9.74 5.75 -14.35
C GLU A 20 -10.94 5.91 -15.29
N ASP A 21 -11.50 7.15 -15.39
CA ASP A 21 -12.76 7.43 -16.14
C ASP A 21 -13.99 6.86 -15.42
N VAL A 22 -13.73 6.29 -14.25
CA VAL A 22 -14.73 5.74 -13.36
C VAL A 22 -15.03 6.72 -12.20
N SER A 23 -15.82 6.28 -11.22
CA SER A 23 -16.01 7.06 -9.99
C SER A 23 -14.70 6.90 -9.20
N PRO A 24 -14.33 7.79 -8.21
CA PRO A 24 -12.92 8.24 -8.07
C PRO A 24 -11.89 7.13 -8.28
N ALA A 25 -10.92 7.45 -9.16
CA ALA A 25 -9.95 6.50 -9.72
C ALA A 25 -9.34 5.59 -8.68
N GLU A 26 -9.23 4.33 -9.09
CA GLU A 26 -8.87 3.25 -8.20
C GLU A 26 -7.67 2.48 -8.74
N LEU A 27 -7.14 1.57 -7.90
CA LEU A 27 -6.17 0.58 -8.35
C LEU A 27 -6.73 -0.82 -8.06
N THR A 28 -6.87 -1.62 -9.12
CA THR A 28 -7.48 -2.94 -9.01
C THR A 28 -6.47 -4.03 -9.28
N TRP A 29 -6.08 -4.75 -8.21
CA TRP A 29 -5.27 -5.95 -8.33
C TRP A 29 -6.18 -7.14 -8.60
N ARG A 30 -5.76 -7.98 -9.54
CA ARG A 30 -6.44 -9.23 -9.83
C ARG A 30 -5.46 -10.38 -9.77
N SER A 31 -5.99 -11.61 -9.72
CA SER A 31 -5.16 -12.82 -9.76
C SER A 31 -4.63 -13.01 -11.19
N THR A 32 -3.63 -13.89 -11.39
CA THR A 32 -3.06 -14.11 -12.74
C THR A 32 -4.13 -14.47 -13.80
N ASP A 33 -5.22 -15.12 -13.34
CA ASP A 33 -6.41 -15.34 -14.17
C ASP A 33 -7.51 -14.30 -13.83
N GLY A 34 -7.53 -13.88 -12.57
CA GLY A 34 -8.42 -12.82 -12.10
C GLY A 34 -9.60 -13.32 -11.27
N ASP A 35 -9.48 -14.54 -10.73
CA ASP A 35 -10.49 -15.10 -9.81
C ASP A 35 -10.51 -14.34 -8.48
N LYS A 36 -9.35 -13.81 -8.08
CA LYS A 36 -9.23 -12.94 -6.90
C LYS A 36 -9.03 -11.50 -7.35
N VAL A 37 -9.63 -10.56 -6.61
CA VAL A 37 -9.57 -9.14 -6.98
C VAL A 37 -9.61 -8.22 -5.74
N HIS A 38 -8.75 -7.18 -5.75
CA HIS A 38 -8.70 -6.17 -4.69
C HIS A 38 -8.65 -4.77 -5.31
N THR A 39 -9.27 -3.78 -4.62
CA THR A 39 -9.37 -2.42 -5.16
C THR A 39 -8.89 -1.35 -4.14
N VAL A 40 -8.19 -0.34 -4.67
CA VAL A 40 -7.70 0.81 -3.89
C VAL A 40 -8.17 2.12 -4.55
N VAL A 41 -9.14 2.81 -3.93
CA VAL A 41 -9.59 4.12 -4.41
C VAL A 41 -8.58 5.19 -3.95
N LEU A 42 -8.01 5.94 -4.91
CA LEU A 42 -6.92 6.87 -4.60
C LEU A 42 -7.39 8.18 -3.95
N SER A 43 -8.68 8.53 -4.13
CA SER A 43 -9.25 9.72 -3.46
C SER A 43 -9.35 9.49 -1.95
N THR A 44 -8.98 8.26 -1.53
CA THR A 44 -8.94 7.87 -0.13
C THR A 44 -7.49 7.57 0.31
N ILE A 45 -6.56 7.78 -0.62
CA ILE A 45 -5.13 7.54 -0.41
C ILE A 45 -4.40 8.89 -0.35
N ASP A 46 -3.44 8.99 0.58
CA ASP A 46 -2.68 10.23 0.79
C ASP A 46 -1.26 10.13 0.21
N LYS A 47 -0.53 9.05 0.54
CA LYS A 47 0.83 8.87 0.13
C LYS A 47 1.07 7.46 -0.45
N LEU A 48 2.29 7.22 -0.97
CA LEU A 48 2.68 5.93 -1.60
C LEU A 48 4.18 5.71 -1.40
N GLN A 49 4.59 4.47 -1.06
CA GLN A 49 6.02 4.17 -0.80
C GLN A 49 6.46 2.88 -1.50
N ALA A 50 7.44 2.98 -2.42
CA ALA A 50 7.96 1.82 -3.16
C ALA A 50 9.41 1.47 -2.78
N THR A 51 9.77 0.18 -2.92
CA THR A 51 11.14 -0.33 -2.61
C THR A 51 12.18 0.16 -3.64
N PRO A 52 13.27 0.88 -3.18
CA PRO A 52 14.38 1.31 -4.08
C PRO A 52 15.02 0.15 -4.85
N ALA A 53 15.78 0.50 -5.91
CA ALA A 53 16.49 -0.48 -6.74
C ALA A 53 17.69 -1.11 -6.01
N SER A 54 18.07 -0.49 -4.87
CA SER A 54 19.13 -1.00 -4.01
C SER A 54 18.57 -1.85 -2.86
N SER A 55 17.26 -1.71 -2.62
CA SER A 55 16.55 -2.43 -1.56
C SER A 55 16.45 -3.93 -1.85
N GLU A 56 16.50 -4.71 -0.75
CA GLU A 56 16.35 -6.19 -0.79
C GLU A 56 14.98 -6.63 -1.29
N LYS A 57 14.14 -5.65 -1.53
CA LYS A 57 12.72 -5.87 -1.69
C LYS A 57 12.20 -5.40 -3.03
N MET A 58 11.19 -6.13 -3.53
CA MET A 58 10.41 -5.70 -4.67
C MET A 58 8.96 -5.56 -4.26
N MET A 59 8.57 -4.33 -3.92
CA MET A 59 7.24 -4.04 -3.37
C MET A 59 6.83 -2.59 -3.60
N LEU A 60 5.52 -2.36 -3.55
CA LEU A 60 4.93 -1.04 -3.71
C LEU A 60 3.87 -0.83 -2.64
N ARG A 61 4.06 0.19 -1.80
CA ARG A 61 3.15 0.44 -0.68
C ARG A 61 2.23 1.63 -0.95
N LEU A 62 0.99 1.50 -0.46
CA LEU A 62 -0.04 2.52 -0.64
C LEU A 62 -0.60 2.97 0.72
N ILE A 63 -0.24 4.19 1.11
CA ILE A 63 -0.61 4.77 2.41
C ILE A 63 -2.00 5.42 2.32
N GLY A 64 -2.87 5.07 3.29
CA GLY A 64 -4.26 5.54 3.28
C GLY A 64 -4.47 6.84 4.03
N LYS A 65 -5.68 7.38 3.89
CA LYS A 65 -6.05 8.67 4.50
C LYS A 65 -6.69 8.49 5.88
N VAL A 66 -6.08 9.12 6.88
CA VAL A 66 -6.61 9.13 8.24
C VAL A 66 -6.86 10.56 8.71
N ASP A 67 -7.86 10.69 9.59
CA ASP A 67 -8.17 11.96 10.25
C ASP A 67 -7.38 12.07 11.55
N GLU A 68 -6.33 12.90 11.52
CA GLU A 68 -5.42 13.06 12.66
C GLU A 68 -5.93 14.11 13.67
N SER A 69 -7.09 14.73 13.37
CA SER A 69 -7.70 15.74 14.24
C SER A 69 -8.54 15.10 15.37
N LYS A 70 -8.87 13.82 15.20
CA LYS A 70 -9.67 13.05 16.17
C LYS A 70 -8.78 12.42 17.27
N LYS A 71 -7.70 13.12 17.62
CA LYS A 71 -6.70 12.67 18.60
C LYS A 71 -7.34 12.12 19.88
N ARG A 72 -7.05 10.84 20.19
CA ARG A 72 -7.65 10.16 21.32
C ARG A 72 -6.68 10.14 22.51
N LYS A 73 -7.24 10.11 23.73
CA LYS A 73 -6.45 10.00 24.95
C LYS A 73 -6.93 8.83 25.80
N ASP A 74 -5.98 8.13 26.42
CA ASP A 74 -6.27 6.93 27.21
C ASP A 74 -6.72 7.28 28.65
N ASN A 75 -6.82 6.26 29.54
CA ASN A 75 -7.32 6.44 30.92
C ASN A 75 -6.53 7.49 31.73
N GLU A 76 -5.24 7.63 31.43
CA GLU A 76 -4.36 8.53 32.19
C GLU A 76 -4.33 9.95 31.59
N GLY A 77 -4.80 10.06 30.35
CA GLY A 77 -4.81 11.36 29.65
C GLY A 77 -3.62 11.53 28.72
N ASN A 78 -2.97 10.42 28.38
CA ASN A 78 -1.84 10.42 27.45
C ASN A 78 -2.34 10.34 26.00
N GLU A 79 -1.63 11.02 25.09
CA GLU A 79 -2.06 11.14 23.70
C GLU A 79 -1.86 9.82 22.94
N VAL A 80 -2.97 9.25 22.48
CA VAL A 80 -2.95 8.03 21.69
C VAL A 80 -3.67 8.29 20.36
N VAL A 81 -2.87 8.50 19.33
CA VAL A 81 -3.36 8.95 18.04
C VAL A 81 -3.54 7.78 17.04
N PRO A 82 -4.75 7.64 16.39
CA PRO A 82 -4.98 6.65 15.33
C PRO A 82 -4.26 7.03 14.03
N LYS A 83 -3.40 6.12 13.59
CA LYS A 83 -2.51 6.38 12.47
C LYS A 83 -3.06 5.87 11.12
N PRO A 84 -2.53 6.40 9.96
CA PRO A 84 -2.95 5.97 8.61
C PRO A 84 -2.64 4.50 8.30
N GLN A 85 -3.41 3.95 7.36
CA GLN A 85 -3.25 2.56 6.91
C GLN A 85 -2.28 2.47 5.75
N ARG A 86 -1.76 1.27 5.47
CA ARG A 86 -0.72 1.08 4.45
C ARG A 86 -0.91 -0.27 3.72
N HIS A 87 -0.99 -0.19 2.40
CA HIS A 87 -1.13 -1.37 1.52
C HIS A 87 0.23 -1.70 0.88
N MET A 88 0.44 -2.96 0.46
CA MET A 88 1.69 -3.36 -0.21
C MET A 88 1.43 -4.33 -1.37
N PHE A 89 2.20 -4.17 -2.44
CA PHE A 89 2.13 -5.04 -3.63
C PHE A 89 3.54 -5.42 -4.06
N SER A 90 3.81 -6.71 -4.27
CA SER A 90 5.15 -7.17 -4.67
C SER A 90 5.31 -7.15 -6.19
N PHE A 91 6.51 -6.75 -6.61
CA PHE A 91 6.82 -6.51 -8.02
C PHE A 91 8.02 -7.34 -8.48
N ASN A 92 8.33 -7.27 -9.79
CA ASN A 92 9.45 -7.99 -10.37
C ASN A 92 10.42 -7.03 -11.08
N ASN A 93 9.97 -5.79 -11.37
CA ASN A 93 10.79 -4.80 -12.06
C ASN A 93 10.46 -3.39 -11.57
N ARG A 94 11.52 -2.65 -11.19
CA ARG A 94 11.43 -1.25 -10.74
C ARG A 94 10.82 -0.31 -11.79
N THR A 95 10.84 -0.73 -13.06
CA THR A 95 10.31 0.08 -14.17
C THR A 95 8.78 0.06 -14.19
N VAL A 96 8.16 -1.05 -13.75
CA VAL A 96 6.70 -1.14 -13.64
C VAL A 96 6.22 -0.35 -12.41
N MET A 97 6.67 -0.78 -11.21
CA MET A 97 6.34 -0.13 -9.92
C MET A 97 6.53 1.40 -9.94
N ASP A 98 7.50 1.89 -10.72
CA ASP A 98 7.72 3.34 -10.88
C ASP A 98 6.75 3.95 -11.90
N ASN A 99 6.22 3.12 -12.80
CA ASN A 99 5.23 3.56 -13.79
C ASN A 99 3.80 3.49 -13.24
N ILE A 100 3.53 2.49 -12.37
CA ILE A 100 2.24 2.40 -11.66
C ILE A 100 2.14 3.56 -10.64
N LYS A 101 3.18 3.69 -9.79
CA LYS A 101 3.30 4.78 -8.81
C LYS A 101 3.21 6.16 -9.47
N MET A 102 3.84 6.30 -10.64
CA MET A 102 3.77 7.53 -11.45
C MET A 102 2.31 7.93 -11.74
N THR A 103 1.49 6.98 -12.21
CA THR A 103 0.06 7.21 -12.44
C THR A 103 -0.64 7.55 -11.11
N LEU A 104 -0.53 6.64 -10.12
CA LEU A 104 -1.07 6.83 -8.76
C LEU A 104 -0.76 8.25 -8.25
N GLN A 105 0.53 8.55 -8.19
CA GLN A 105 1.06 9.87 -7.75
C GLN A 105 0.41 11.05 -8.49
N GLN A 106 0.00 10.82 -9.74
CA GLN A 106 -0.65 11.85 -10.57
C GLN A 106 -2.17 11.88 -10.31
N ILE A 107 -2.70 10.77 -9.77
CA ILE A 107 -4.12 10.66 -9.40
C ILE A 107 -4.40 11.30 -8.01
N ILE A 108 -3.51 11.08 -7.03
CA ILE A 108 -3.70 11.63 -5.66
C ILE A 108 -3.50 13.15 -5.64
N SER A 109 -2.56 13.62 -6.48
CA SER A 109 -2.27 15.05 -6.63
C SER A 109 -3.48 15.83 -7.20
N ARG A 110 -4.43 15.09 -7.79
CA ARG A 110 -5.71 15.65 -8.24
C ARG A 110 -6.68 15.79 -7.07
N TYR A 111 -6.69 14.76 -6.21
CA TYR A 111 -7.49 14.75 -4.96
C TYR A 111 -6.77 15.50 -3.83
N LYS A 112 -5.55 15.97 -4.15
CA LYS A 112 -4.72 16.73 -3.22
C LYS A 112 -5.04 18.23 -3.34
N ASP A 113 -5.46 18.63 -4.54
CA ASP A 113 -5.91 19.99 -4.83
C ASP A 113 -7.43 20.13 -4.64
N ALA A 114 -8.12 18.98 -4.60
CA ALA A 114 -9.57 18.93 -4.42
C ALA A 114 -9.98 19.06 -2.94
N ASP A 115 -8.98 19.09 -2.06
CA ASP A 115 -9.21 19.21 -0.62
C ASP A 115 -8.86 20.63 -0.12
N GLY B 1 12.39 -22.12 17.23
CA GLY B 1 12.56 -23.56 17.60
C GLY B 1 11.31 -24.37 17.33
N SER B 2 10.42 -24.41 18.32
CA SER B 2 9.16 -25.16 18.22
C SER B 2 7.94 -24.21 18.17
N PRO B 3 7.29 -24.03 16.98
CA PRO B 3 6.07 -23.18 16.87
C PRO B 3 4.88 -23.71 17.68
N GLY B 4 4.05 -22.78 18.17
CA GLY B 4 2.88 -23.16 18.96
C GLY B 4 1.74 -22.17 18.81
N TYR B 5 0.69 -22.59 18.08
CA TYR B 5 -0.52 -21.78 17.82
C TYR B 5 -0.19 -20.42 17.14
N PRO B 6 -0.23 -20.34 15.77
CA PRO B 6 0.06 -19.08 15.04
C PRO B 6 -1.02 -18.01 15.25
N ASN B 7 -0.60 -16.75 15.22
CA ASN B 7 -1.52 -15.61 15.39
C ASN B 7 -1.75 -14.88 14.05
N GLY B 8 -3.02 -14.54 13.79
CA GLY B 8 -3.39 -13.89 12.55
C GLY B 8 -4.33 -14.73 11.70
N LEU B 9 -5.64 -14.49 11.86
CA LEU B 9 -6.66 -15.27 11.16
C LEU B 9 -7.53 -14.38 10.27
N LEU B 10 -8.50 -15.02 9.58
CA LEU B 10 -9.45 -14.38 8.64
C LEU B 10 -8.75 -13.75 7.42
N SER B 11 -7.43 -13.58 7.52
CA SER B 11 -6.62 -13.01 6.44
C SER B 11 -5.28 -13.72 6.32
N GLY B 12 -4.50 -13.71 7.42
CA GLY B 12 -3.21 -14.41 7.46
C GLY B 12 -2.06 -13.65 6.81
N ASP B 13 -2.32 -12.41 6.39
CA ASP B 13 -1.32 -11.59 5.70
C ASP B 13 -1.22 -10.18 6.32
N GLU B 14 -2.04 -9.92 7.33
CA GLU B 14 -2.09 -8.63 8.01
C GLU B 14 -1.26 -8.62 9.30
N ASP B 15 -0.52 -9.69 9.51
CA ASP B 15 0.30 -9.88 10.70
C ASP B 15 1.79 -9.62 10.40
N PHE B 16 2.19 -9.81 9.12
CA PHE B 16 3.59 -9.65 8.71
C PHE B 16 3.87 -8.28 8.09
N SER B 17 2.80 -7.56 7.72
CA SER B 17 2.93 -6.21 7.15
C SER B 17 3.01 -5.14 8.24
N SER B 18 2.90 -5.56 9.51
CA SER B 18 3.08 -4.68 10.66
C SER B 18 4.57 -4.57 11.03
N ILE B 19 5.29 -5.69 10.90
CA ILE B 19 6.74 -5.73 11.14
C ILE B 19 7.51 -5.43 9.85
N ALA B 20 6.86 -5.62 8.71
CA ALA B 20 7.43 -5.23 7.43
C ALA B 20 7.12 -3.76 7.10
N ASP B 21 6.56 -3.07 8.11
CA ASP B 21 6.28 -1.63 8.04
C ASP B 21 7.45 -0.84 8.65
N MET B 22 8.11 -1.44 9.65
CA MET B 22 9.37 -0.93 10.20
C MET B 22 10.52 -1.17 9.23
N ASP B 23 10.29 -2.09 8.28
CA ASP B 23 11.25 -2.44 7.25
C ASP B 23 11.32 -1.41 6.12
N PHE B 24 10.18 -0.73 5.86
CA PHE B 24 10.06 0.17 4.71
C PHE B 24 10.64 1.57 4.99
N SER B 25 10.83 1.91 6.27
CA SER B 25 11.36 3.22 6.67
C SER B 25 12.90 3.21 6.68
N ALA B 26 13.50 2.02 6.74
CA ALA B 26 14.96 1.86 6.73
C ALA B 26 15.50 1.68 5.31
N LEU B 27 14.61 1.37 4.37
CA LEU B 27 14.98 1.14 2.97
C LEU B 27 15.05 2.42 2.14
N LEU B 28 14.19 3.40 2.46
CA LEU B 28 14.13 4.66 1.71
C LEU B 28 15.20 5.64 2.19
N SER B 29 15.53 5.54 3.47
CA SER B 29 16.58 6.37 4.08
C SER B 29 17.95 5.67 3.99
N GLN B 30 18.03 4.42 4.50
CA GLN B 30 19.27 3.59 4.50
C GLN B 30 20.49 4.35 5.06
N ILE B 31 20.77 4.12 6.34
CA ILE B 31 21.91 4.76 7.02
C ILE B 31 22.99 3.71 7.31
N SER B 32 24.15 3.87 6.67
CA SER B 32 25.27 2.94 6.84
C SER B 32 26.48 3.64 7.47
N SER B 33 27.07 2.98 8.48
CA SER B 33 28.24 3.52 9.19
C SER B 33 29.40 2.53 9.13
N PRO A 1 4.75 4.57 -19.93
CA PRO A 1 3.47 4.93 -19.28
C PRO A 1 2.45 3.80 -19.37
N SER A 2 2.17 3.16 -18.23
CA SER A 2 1.21 2.06 -18.16
C SER A 2 0.40 2.12 -16.87
N HIS A 3 -0.92 1.96 -17.00
CA HIS A 3 -1.84 1.92 -15.86
C HIS A 3 -1.88 0.52 -15.23
N SER A 4 -1.28 -0.45 -15.93
CA SER A 4 -1.36 -1.85 -15.56
C SER A 4 0.00 -2.54 -15.72
N GLY A 5 0.18 -3.64 -14.99
CA GLY A 5 1.41 -4.41 -15.06
C GLY A 5 1.27 -5.75 -14.38
N ALA A 6 2.26 -6.08 -13.52
CA ALA A 6 2.21 -7.30 -12.72
C ALA A 6 2.54 -7.01 -11.26
N ALA A 7 1.70 -7.51 -10.34
CA ALA A 7 1.89 -7.27 -8.90
C ALA A 7 1.50 -8.50 -8.08
N ILE A 8 2.14 -8.65 -6.92
CA ILE A 8 1.85 -9.75 -5.99
C ILE A 8 1.23 -9.18 -4.71
N PHE A 9 0.12 -9.79 -4.26
CA PHE A 9 -0.61 -9.33 -3.07
C PHE A 9 -1.03 -10.53 -2.23
N GLU A 10 -0.49 -10.59 -1.00
CA GLU A 10 -0.73 -11.71 -0.06
C GLU A 10 -0.17 -13.05 -0.59
N LYS A 11 1.02 -12.96 -1.21
CA LYS A 11 1.79 -14.12 -1.74
C LYS A 11 1.13 -14.79 -2.96
N VAL A 12 -0.07 -14.34 -3.34
CA VAL A 12 -0.71 -14.76 -4.59
C VAL A 12 -0.33 -13.77 -5.70
N SER A 13 0.44 -14.26 -6.69
CA SER A 13 0.92 -13.42 -7.78
C SER A 13 -0.20 -13.09 -8.76
N GLY A 14 -0.29 -11.81 -9.11
CA GLY A 14 -1.38 -11.34 -9.94
C GLY A 14 -0.98 -10.21 -10.86
N ILE A 15 -2.00 -9.48 -11.32
CA ILE A 15 -1.84 -8.36 -12.24
C ILE A 15 -2.53 -7.11 -11.68
N ILE A 16 -1.83 -5.97 -11.73
CA ILE A 16 -2.35 -4.70 -11.21
C ILE A 16 -2.85 -3.82 -12.36
N ALA A 17 -4.06 -3.26 -12.19
CA ALA A 17 -4.66 -2.37 -13.19
C ALA A 17 -5.33 -1.16 -12.52
N ILE A 18 -5.10 0.03 -13.09
CA ILE A 18 -5.70 1.27 -12.57
C ILE A 18 -6.98 1.60 -13.34
N ASN A 19 -7.99 1.96 -12.57
CA ASN A 19 -9.30 2.34 -13.08
C ASN A 19 -9.47 3.87 -13.09
N GLU A 20 -9.40 4.45 -14.30
CA GLU A 20 -9.69 5.88 -14.51
C GLU A 20 -10.86 6.02 -15.48
N ASP A 21 -11.42 7.25 -15.60
CA ASP A 21 -12.67 7.53 -16.39
C ASP A 21 -13.91 7.01 -15.64
N VAL A 22 -13.66 6.44 -14.46
CA VAL A 22 -14.67 5.89 -13.57
C VAL A 22 -14.94 6.86 -12.40
N SER A 23 -15.74 6.41 -11.43
CA SER A 23 -15.93 7.16 -10.19
C SER A 23 -14.63 6.98 -9.38
N PRO A 24 -14.28 7.83 -8.37
CA PRO A 24 -12.88 8.26 -8.20
C PRO A 24 -11.85 7.15 -8.42
N ALA A 25 -10.87 7.48 -9.29
CA ALA A 25 -9.91 6.51 -9.85
C ALA A 25 -9.30 5.60 -8.80
N GLU A 26 -9.24 4.34 -9.19
CA GLU A 26 -8.91 3.27 -8.28
C GLU A 26 -7.66 2.52 -8.75
N LEU A 27 -7.19 1.61 -7.89
CA LEU A 27 -6.07 0.72 -8.20
C LEU A 27 -6.50 -0.72 -7.89
N THR A 28 -6.77 -1.47 -8.96
CA THR A 28 -7.36 -2.80 -8.84
C THR A 28 -6.32 -3.90 -9.09
N TRP A 29 -6.00 -4.64 -8.02
CA TRP A 29 -5.18 -5.85 -8.14
C TRP A 29 -6.09 -7.04 -8.46
N ARG A 30 -5.62 -7.86 -9.38
CA ARG A 30 -6.30 -9.10 -9.75
C ARG A 30 -5.30 -10.26 -9.70
N SER A 31 -5.81 -11.49 -9.75
CA SER A 31 -4.93 -12.67 -9.80
C SER A 31 -4.37 -12.83 -11.23
N THR A 32 -3.41 -13.74 -11.43
CA THR A 32 -2.82 -13.95 -12.77
C THR A 32 -3.88 -14.29 -13.84
N ASP A 33 -4.97 -14.95 -13.41
CA ASP A 33 -6.15 -15.14 -14.25
C ASP A 33 -7.20 -14.05 -13.91
N GLY A 34 -7.19 -13.63 -12.64
CA GLY A 34 -8.02 -12.54 -12.16
C GLY A 34 -9.24 -13.01 -11.38
N ASP A 35 -9.21 -14.26 -10.89
CA ASP A 35 -10.26 -14.81 -10.03
C ASP A 35 -10.29 -14.13 -8.65
N LYS A 36 -9.12 -13.66 -8.20
CA LYS A 36 -9.00 -12.88 -6.97
C LYS A 36 -8.79 -11.41 -7.33
N VAL A 37 -9.42 -10.51 -6.57
CA VAL A 37 -9.40 -9.07 -6.90
C VAL A 37 -9.46 -8.18 -5.64
N HIS A 38 -8.69 -7.08 -5.67
CA HIS A 38 -8.68 -6.07 -4.61
C HIS A 38 -8.66 -4.66 -5.24
N THR A 39 -9.29 -3.68 -4.58
CA THR A 39 -9.43 -2.33 -5.15
C THR A 39 -8.97 -1.23 -4.16
N VAL A 40 -8.13 -0.31 -4.68
CA VAL A 40 -7.66 0.85 -3.92
C VAL A 40 -8.14 2.15 -4.59
N VAL A 41 -9.12 2.85 -3.98
CA VAL A 41 -9.58 4.15 -4.48
C VAL A 41 -8.59 5.24 -4.02
N LEU A 42 -8.02 5.97 -4.98
CA LEU A 42 -6.93 6.92 -4.68
C LEU A 42 -7.39 8.23 -4.02
N SER A 43 -8.66 8.61 -4.24
CA SER A 43 -9.21 9.81 -3.59
C SER A 43 -9.32 9.61 -2.07
N THR A 44 -8.97 8.39 -1.63
CA THR A 44 -8.97 8.00 -0.21
C THR A 44 -7.54 7.68 0.26
N ILE A 45 -6.58 7.75 -0.67
CA ILE A 45 -5.16 7.48 -0.42
C ILE A 45 -4.39 8.82 -0.31
N ASP A 46 -3.39 8.85 0.58
CA ASP A 46 -2.60 10.06 0.80
C ASP A 46 -1.16 9.94 0.27
N LYS A 47 -0.49 8.80 0.55
CA LYS A 47 0.90 8.57 0.09
C LYS A 47 1.08 7.19 -0.54
N LEU A 48 2.30 6.96 -1.08
CA LEU A 48 2.68 5.68 -1.70
C LEU A 48 4.19 5.48 -1.53
N GLN A 49 4.60 4.29 -1.03
CA GLN A 49 6.02 4.03 -0.74
C GLN A 49 6.52 2.74 -1.43
N ALA A 50 7.45 2.89 -2.39
CA ALA A 50 7.95 1.75 -3.18
C ALA A 50 9.44 1.46 -2.91
N THR A 51 9.85 0.21 -3.21
CA THR A 51 11.24 -0.25 -2.98
C THR A 51 12.21 0.33 -4.04
N PRO A 52 13.33 1.02 -3.61
CA PRO A 52 14.39 1.50 -4.54
C PRO A 52 15.02 0.38 -5.36
N ALA A 53 15.71 0.76 -6.45
CA ALA A 53 16.40 -0.19 -7.33
C ALA A 53 17.69 -0.74 -6.69
N SER A 54 18.06 -0.16 -5.54
CA SER A 54 19.19 -0.64 -4.74
C SER A 54 18.71 -1.57 -3.62
N SER A 55 17.39 -1.49 -3.33
CA SER A 55 16.76 -2.30 -2.29
C SER A 55 16.64 -3.78 -2.67
N GLU A 56 16.87 -4.64 -1.68
CA GLU A 56 16.74 -6.10 -1.81
C GLU A 56 15.30 -6.52 -2.10
N LYS A 57 14.39 -5.60 -1.81
CA LYS A 57 12.96 -5.84 -1.86
C LYS A 57 12.33 -5.43 -3.19
N MET A 58 11.20 -6.07 -3.49
CA MET A 58 10.34 -5.66 -4.60
C MET A 58 8.92 -5.50 -4.09
N MET A 59 8.53 -4.25 -3.82
CA MET A 59 7.25 -3.93 -3.19
C MET A 59 6.79 -2.51 -3.51
N LEU A 60 5.47 -2.29 -3.38
CA LEU A 60 4.85 -0.98 -3.58
C LEU A 60 3.77 -0.78 -2.53
N ARG A 61 3.93 0.25 -1.67
CA ARG A 61 2.99 0.49 -0.58
C ARG A 61 2.06 1.65 -0.90
N LEU A 62 0.82 1.53 -0.41
CA LEU A 62 -0.24 2.52 -0.63
C LEU A 62 -0.83 2.95 0.71
N ILE A 63 -0.50 4.17 1.12
CA ILE A 63 -0.87 4.69 2.45
C ILE A 63 -2.29 5.30 2.40
N GLY A 64 -3.13 4.87 3.36
CA GLY A 64 -4.51 5.35 3.44
C GLY A 64 -4.63 6.67 4.21
N LYS A 65 -5.74 7.37 3.97
CA LYS A 65 -6.00 8.68 4.58
C LYS A 65 -6.52 8.57 6.01
N VAL A 66 -5.73 9.11 6.94
CA VAL A 66 -6.07 9.13 8.35
C VAL A 66 -6.09 10.57 8.87
N ASP A 67 -7.03 10.84 9.78
CA ASP A 67 -7.15 12.14 10.45
C ASP A 67 -6.46 12.06 11.81
N GLU A 68 -5.18 12.45 11.85
CA GLU A 68 -4.33 12.32 13.05
C GLU A 68 -4.79 13.20 14.23
N SER A 69 -5.85 14.00 14.01
CA SER A 69 -6.46 14.82 15.06
C SER A 69 -7.41 14.00 15.96
N LYS A 70 -7.49 12.69 15.68
CA LYS A 70 -8.33 11.75 16.47
C LYS A 70 -7.51 11.11 17.61
N LYS A 71 -6.49 11.83 18.07
CA LYS A 71 -5.55 11.38 19.13
C LYS A 71 -6.29 10.78 20.34
N ARG A 72 -6.01 9.50 20.60
CA ARG A 72 -6.70 8.74 21.65
C ARG A 72 -5.77 8.55 22.86
N LYS A 73 -6.37 8.37 24.04
CA LYS A 73 -5.62 8.11 25.27
C LYS A 73 -6.14 6.84 25.95
N ASP A 74 -5.22 6.07 26.55
CA ASP A 74 -5.55 4.80 27.20
C ASP A 74 -6.02 5.01 28.65
N ASN A 75 -6.18 3.91 29.42
CA ASN A 75 -6.69 3.97 30.81
C ASN A 75 -5.84 4.85 31.73
N GLU A 76 -4.53 4.92 31.46
CA GLU A 76 -3.59 5.67 32.32
C GLU A 76 -3.47 7.14 31.88
N GLY A 77 -3.89 7.42 30.64
CA GLY A 77 -3.87 8.79 30.11
C GLY A 77 -2.68 9.07 29.20
N ASN A 78 -2.01 8.00 28.75
CA ASN A 78 -0.90 8.12 27.79
C ASN A 78 -1.44 8.20 26.36
N GLU A 79 -0.73 8.95 25.50
CA GLU A 79 -1.20 9.21 24.14
C GLU A 79 -1.03 7.98 23.25
N VAL A 80 -2.17 7.42 22.81
CA VAL A 80 -2.19 6.29 21.89
C VAL A 80 -2.82 6.73 20.58
N VAL A 81 -1.96 6.99 19.60
CA VAL A 81 -2.38 7.58 18.33
C VAL A 81 -2.64 6.51 17.26
N PRO A 82 -3.85 6.50 16.60
CA PRO A 82 -4.17 5.54 15.52
C PRO A 82 -3.37 5.81 14.25
N LYS A 83 -2.72 4.77 13.76
CA LYS A 83 -1.82 4.88 12.61
C LYS A 83 -2.53 4.54 11.29
N PRO A 84 -2.11 5.16 10.14
CA PRO A 84 -2.68 4.85 8.81
C PRO A 84 -2.30 3.48 8.28
N GLN A 85 -3.23 2.90 7.51
CA GLN A 85 -3.05 1.57 6.92
C GLN A 85 -2.46 1.68 5.52
N ARG A 86 -1.48 0.82 5.24
CA ARG A 86 -0.76 0.83 3.96
C ARG A 86 -1.02 -0.46 3.19
N HIS A 87 -1.19 -0.35 1.86
CA HIS A 87 -1.41 -1.51 1.01
C HIS A 87 -0.15 -1.82 0.19
N MET A 88 0.50 -2.96 0.49
CA MET A 88 1.76 -3.33 -0.15
C MET A 88 1.54 -4.35 -1.26
N PHE A 89 2.26 -4.15 -2.37
CA PHE A 89 2.23 -5.08 -3.51
C PHE A 89 3.66 -5.42 -3.93
N SER A 90 3.97 -6.71 -4.01
CA SER A 90 5.29 -7.17 -4.45
C SER A 90 5.39 -7.17 -5.98
N PHE A 91 6.52 -6.67 -6.46
CA PHE A 91 6.74 -6.47 -7.89
C PHE A 91 7.88 -7.34 -8.41
N ASN A 92 8.10 -7.28 -9.73
CA ASN A 92 9.13 -8.09 -10.38
C ASN A 92 10.12 -7.20 -11.15
N ASN A 93 9.75 -5.93 -11.38
CA ASN A 93 10.61 -4.96 -12.08
C ASN A 93 10.31 -3.53 -11.61
N ARG A 94 11.39 -2.78 -11.29
CA ARG A 94 11.29 -1.37 -10.85
C ARG A 94 10.67 -0.44 -11.91
N THR A 95 10.68 -0.88 -13.17
CA THR A 95 10.15 -0.07 -14.29
C THR A 95 8.61 -0.06 -14.29
N VAL A 96 8.00 -1.14 -13.78
CA VAL A 96 6.53 -1.22 -13.66
C VAL A 96 6.08 -0.42 -12.43
N MET A 97 6.53 -0.85 -11.24
CA MET A 97 6.22 -0.19 -9.95
C MET A 97 6.41 1.34 -9.98
N ASP A 98 7.37 1.81 -10.77
CA ASP A 98 7.61 3.26 -10.95
C ASP A 98 6.61 3.88 -11.94
N ASN A 99 6.08 3.04 -12.85
CA ASN A 99 5.06 3.49 -13.83
C ASN A 99 3.65 3.40 -13.24
N ILE A 100 3.41 2.43 -12.33
CA ILE A 100 2.14 2.35 -11.58
C ILE A 100 2.09 3.50 -10.56
N LYS A 101 3.15 3.61 -9.73
CA LYS A 101 3.34 4.73 -8.77
C LYS A 101 3.19 6.09 -9.45
N MET A 102 3.80 6.23 -10.65
CA MET A 102 3.70 7.45 -11.46
C MET A 102 2.23 7.84 -11.73
N THR A 103 1.43 6.88 -12.23
CA THR A 103 -0.01 7.09 -12.44
C THR A 103 -0.70 7.46 -11.12
N LEU A 104 -0.62 6.54 -10.14
CA LEU A 104 -1.17 6.73 -8.78
C LEU A 104 -0.84 8.13 -8.24
N GLN A 105 0.47 8.42 -8.17
CA GLN A 105 1.00 9.73 -7.71
C GLN A 105 0.35 10.94 -8.40
N GLN A 106 -0.04 10.75 -9.66
CA GLN A 106 -0.67 11.82 -10.46
C GLN A 106 -2.18 11.89 -10.18
N ILE A 107 -2.73 10.79 -9.65
CA ILE A 107 -4.14 10.68 -9.27
C ILE A 107 -4.40 11.23 -7.83
N ILE A 108 -3.44 11.04 -6.91
CA ILE A 108 -3.61 11.52 -5.51
C ILE A 108 -3.37 13.03 -5.42
N SER A 109 -2.33 13.51 -6.09
CA SER A 109 -2.07 14.96 -6.22
C SER A 109 -3.21 15.66 -6.98
N ARG A 110 -3.93 14.84 -7.76
CA ARG A 110 -5.16 15.23 -8.44
C ARG A 110 -6.31 15.45 -7.43
N TYR A 111 -6.36 14.59 -6.41
CA TYR A 111 -7.33 14.73 -5.30
C TYR A 111 -6.76 15.57 -4.14
N LYS A 112 -5.48 15.93 -4.26
CA LYS A 112 -4.79 16.76 -3.26
C LYS A 112 -5.01 18.24 -3.58
N ASP A 113 -5.16 18.55 -4.87
CA ASP A 113 -5.45 19.89 -5.36
C ASP A 113 -6.97 20.13 -5.44
N ALA A 114 -7.73 19.07 -5.77
CA ALA A 114 -9.20 19.11 -5.85
C ALA A 114 -9.71 20.24 -6.76
N ASP A 115 -9.77 19.93 -8.07
CA ASP A 115 -10.21 20.86 -9.13
C ASP A 115 -9.58 22.27 -8.99
N GLY B 1 -21.01 -28.73 4.02
CA GLY B 1 -21.05 -27.55 3.12
C GLY B 1 -20.74 -26.25 3.85
N SER B 2 -21.79 -25.50 4.18
CA SER B 2 -21.66 -24.22 4.88
C SER B 2 -22.30 -24.29 6.28
N PRO B 3 -21.58 -23.85 7.36
CA PRO B 3 -22.11 -23.89 8.75
C PRO B 3 -23.22 -22.86 9.03
N GLY B 4 -23.30 -21.82 8.19
CA GLY B 4 -24.30 -20.79 8.35
C GLY B 4 -23.82 -19.43 7.88
N TYR B 5 -22.84 -18.85 8.60
CA TYR B 5 -22.28 -17.56 8.26
C TYR B 5 -20.81 -17.68 7.79
N PRO B 6 -20.50 -17.40 6.48
CA PRO B 6 -19.10 -17.42 5.96
C PRO B 6 -18.22 -16.33 6.62
N ASN B 7 -16.96 -16.69 6.88
CA ASN B 7 -16.00 -15.78 7.50
C ASN B 7 -14.84 -15.45 6.55
N GLY B 8 -14.40 -14.19 6.57
CA GLY B 8 -13.30 -13.74 5.74
C GLY B 8 -11.99 -13.66 6.50
N LEU B 9 -10.87 -13.92 5.80
CA LEU B 9 -9.54 -13.90 6.42
C LEU B 9 -8.78 -12.62 6.06
N LEU B 10 -9.53 -11.58 5.66
CA LEU B 10 -8.93 -10.32 5.19
C LEU B 10 -8.38 -9.48 6.37
N SER B 11 -8.31 -10.10 7.56
CA SER B 11 -7.82 -9.43 8.77
C SER B 11 -6.71 -10.24 9.45
N GLY B 12 -6.64 -11.54 9.12
CA GLY B 12 -5.63 -12.42 9.70
C GLY B 12 -4.32 -12.45 8.92
N ASP B 13 -4.34 -11.86 7.72
CA ASP B 13 -3.16 -11.80 6.85
C ASP B 13 -2.74 -10.34 6.60
N GLU B 14 -3.52 -9.42 7.16
CA GLU B 14 -3.29 -7.99 7.01
C GLU B 14 -2.67 -7.36 8.25
N ASP B 15 -2.28 -8.21 9.19
CA ASP B 15 -1.68 -7.78 10.47
C ASP B 15 -0.15 -7.93 10.44
N PHE B 16 0.37 -8.61 9.41
CA PHE B 16 1.82 -8.83 9.25
C PHE B 16 2.48 -7.72 8.43
N SER B 17 1.67 -6.81 7.88
CA SER B 17 2.17 -5.65 7.14
C SER B 17 2.43 -4.46 8.08
N SER B 18 2.02 -4.61 9.36
CA SER B 18 2.26 -3.60 10.39
C SER B 18 3.69 -3.72 10.94
N ILE B 19 4.21 -4.95 10.96
CA ILE B 19 5.61 -5.22 11.33
C ILE B 19 6.51 -5.12 10.09
N ALA B 20 5.91 -5.22 8.91
CA ALA B 20 6.61 -4.97 7.67
C ALA B 20 6.53 -3.48 7.28
N ASP B 21 6.01 -2.68 8.22
CA ASP B 21 5.95 -1.22 8.12
C ASP B 21 7.18 -0.59 8.76
N MET B 22 7.67 -1.25 9.84
CA MET B 22 8.96 -0.91 10.46
C MET B 22 10.12 -1.33 9.56
N ASP B 23 9.81 -2.20 8.59
CA ASP B 23 10.78 -2.72 7.64
C ASP B 23 11.10 -1.69 6.54
N PHE B 24 10.06 -0.96 6.09
CA PHE B 24 10.20 -0.04 4.95
C PHE B 24 10.74 1.34 5.36
N SER B 25 10.45 1.75 6.62
CA SER B 25 10.77 3.10 7.10
C SER B 25 12.28 3.31 7.28
N ALA B 26 13.02 2.23 7.49
CA ALA B 26 14.48 2.28 7.61
C ALA B 26 15.17 2.10 6.26
N LEU B 27 14.41 1.61 5.28
CA LEU B 27 14.93 1.33 3.92
C LEU B 27 14.85 2.57 3.01
N LEU B 28 13.80 3.39 3.18
CA LEU B 28 13.61 4.61 2.37
C LEU B 28 14.40 5.77 2.95
N SER B 29 14.67 5.68 4.25
CA SER B 29 15.51 6.65 4.95
C SER B 29 16.94 6.11 5.11
N GLN B 30 17.64 6.02 3.98
CA GLN B 30 19.02 5.51 3.95
C GLN B 30 20.03 6.67 3.83
N ILE B 31 20.16 7.42 4.93
CA ILE B 31 21.11 8.54 5.00
C ILE B 31 22.17 8.34 6.09
N SER B 32 21.74 7.73 7.21
CA SER B 32 22.63 7.46 8.35
C SER B 32 22.80 5.96 8.56
N SER B 33 24.04 5.54 8.85
CA SER B 33 24.37 4.14 9.07
C SER B 33 24.76 3.90 10.54
#